data_6G03
#
_entry.id   6G03
#
_entity_poly.entity_id   1
_entity_poly.type   'polypeptide(L)'
_entity_poly.pdbx_seq_one_letter_code
;SGSHMSTQYIDETAFVQAEQGKTNLMFSDEKQQARFELGVSMVIYKWDALDVAVENSWGGPDSAEKRDWITGIVVDLFKN
EKVVDAALIEETLLYAMIDEFETNVEDDSALPIAVEVINIYNDCFNLNYNKVEKLYLEWQEKQRTKKSKRVVHIEG
;
_entity_poly.pdbx_strand_id   A
#
# COMPACT_ATOMS: atom_id res chain seq x y z
N SER A 1 -11.49 -19.77 9.40
CA SER A 1 -11.95 -20.98 8.69
C SER A 1 -11.47 -22.24 9.41
N GLY A 2 -12.12 -23.37 9.14
CA GLY A 2 -11.78 -24.65 9.77
C GLY A 2 -10.48 -25.25 9.22
N SER A 3 -9.90 -24.64 8.19
CA SER A 3 -8.66 -25.11 7.59
C SER A 3 -7.92 -23.96 6.91
N HIS A 4 -6.62 -24.15 6.67
CA HIS A 4 -5.79 -23.14 6.04
C HIS A 4 -6.11 -23.02 4.56
N MET A 5 -6.01 -21.81 4.02
CA MET A 5 -6.27 -21.50 2.62
C MET A 5 -5.39 -20.34 2.16
N SER A 6 -5.30 -20.14 0.85
CA SER A 6 -4.53 -19.04 0.28
C SER A 6 -5.15 -17.70 0.65
N THR A 7 -4.35 -16.63 0.64
CA THR A 7 -4.81 -15.29 1.00
C THR A 7 -4.12 -14.17 0.24
N GLN A 8 -4.58 -12.93 0.46
CA GLN A 8 -4.12 -11.74 -0.26
C GLN A 8 -2.66 -11.39 0.05
N TYR A 9 -2.02 -12.10 0.97
CA TYR A 9 -0.66 -11.81 1.39
C TYR A 9 0.08 -13.06 1.89
N ILE A 10 1.35 -12.89 2.28
CA ILE A 10 2.18 -13.97 2.76
C ILE A 10 1.73 -14.45 4.14
N ASP A 11 1.88 -13.58 5.15
CA ASP A 11 1.49 -13.92 6.52
C ASP A 11 1.30 -12.63 7.31
N GLU A 12 1.08 -11.50 6.62
CA GLU A 12 0.93 -10.15 7.19
C GLU A 12 2.10 -9.75 8.08
N THR A 13 3.22 -10.48 8.02
CA THR A 13 4.46 -10.13 8.70
C THR A 13 5.69 -10.13 7.80
N ALA A 14 5.49 -10.29 6.49
CA ALA A 14 6.57 -10.25 5.51
C ALA A 14 7.27 -8.89 5.52
N PHE A 15 8.49 -8.84 4.97
CA PHE A 15 9.28 -7.62 4.93
C PHE A 15 10.25 -7.77 3.76
N VAL A 16 11.00 -6.70 3.50
CA VAL A 16 12.00 -6.66 2.43
C VAL A 16 13.18 -5.87 2.96
N GLN A 17 14.38 -6.18 2.44
CA GLN A 17 15.61 -5.53 2.86
C GLN A 17 16.59 -5.45 1.70
N ALA A 18 17.66 -4.67 1.88
CA ALA A 18 18.70 -4.51 0.88
C ALA A 18 19.34 -5.86 0.54
N GLU A 19 19.95 -5.95 -0.65
CA GLU A 19 20.53 -7.18 -1.17
C GLU A 19 21.72 -7.65 -0.32
N GLN A 20 22.67 -6.74 -0.04
CA GLN A 20 23.85 -7.06 0.77
C GLN A 20 24.59 -5.81 1.23
N GLY A 21 24.39 -4.67 0.55
CA GLY A 21 25.10 -3.44 0.88
C GLY A 21 24.55 -2.24 0.10
N LYS A 22 23.31 -2.35 -0.39
CA LYS A 22 22.67 -1.30 -1.19
C LYS A 22 22.36 -0.08 -0.32
N THR A 23 22.35 -0.26 1.00
CA THR A 23 21.97 0.77 1.96
C THR A 23 20.57 1.35 1.84
N ASN A 24 19.82 0.91 0.82
CA ASN A 24 18.47 1.36 0.54
C ASN A 24 17.71 0.28 -0.22
N LEU A 25 16.38 0.35 -0.19
CA LEU A 25 15.53 -0.56 -0.95
C LEU A 25 15.23 0.03 -2.33
N MET A 26 15.67 1.27 -2.59
CA MET A 26 15.53 1.86 -3.91
C MET A 26 16.36 1.07 -4.91
N PHE A 27 15.77 0.76 -6.06
CA PHE A 27 16.41 -0.06 -7.07
C PHE A 27 17.51 0.61 -7.89
N SER A 28 18.39 -0.20 -8.48
CA SER A 28 19.48 0.30 -9.31
C SER A 28 18.98 0.63 -10.72
N ASP A 29 17.78 0.17 -11.07
CA ASP A 29 17.15 0.42 -12.36
C ASP A 29 16.00 1.41 -12.30
N GLU A 30 15.85 2.22 -13.36
CA GLU A 30 14.81 3.25 -13.40
C GLU A 30 13.42 2.62 -13.54
N LYS A 31 13.34 1.41 -14.09
CA LYS A 31 12.07 0.73 -14.27
C LYS A 31 11.60 0.15 -12.94
N GLN A 32 12.53 -0.40 -12.15
CA GLN A 32 12.19 -0.99 -10.88
C GLN A 32 11.83 0.08 -9.85
N GLN A 33 12.47 1.25 -9.95
CA GLN A 33 12.22 2.34 -9.02
C GLN A 33 10.89 3.02 -9.32
N ALA A 34 10.58 3.23 -10.60
CA ALA A 34 9.36 3.92 -11.00
C ALA A 34 8.12 3.04 -10.81
N ARG A 35 8.21 1.76 -11.18
CA ARG A 35 7.07 0.86 -11.02
C ARG A 35 6.79 0.57 -9.55
N PHE A 36 7.80 0.72 -8.69
CA PHE A 36 7.57 0.56 -7.27
C PHE A 36 6.69 1.65 -6.66
N GLU A 37 6.82 2.89 -7.16
CA GLU A 37 6.02 3.99 -6.66
C GLU A 37 4.57 3.86 -7.14
N LEU A 38 4.37 3.29 -8.33
CA LEU A 38 3.03 3.06 -8.85
C LEU A 38 2.35 1.94 -8.06
N GLY A 39 3.09 0.90 -7.71
CA GLY A 39 2.52 -0.24 -7.01
C GLY A 39 2.09 0.12 -5.60
N VAL A 40 2.89 0.95 -4.90
CA VAL A 40 2.54 1.35 -3.55
C VAL A 40 1.30 2.26 -3.60
N SER A 41 1.17 3.06 -4.65
CA SER A 41 0.02 3.95 -4.79
C SER A 41 -1.28 3.16 -4.88
N MET A 42 -1.28 2.08 -5.67
CA MET A 42 -2.46 1.25 -5.82
C MET A 42 -2.84 0.51 -4.53
N VAL A 43 -1.91 0.35 -3.59
CA VAL A 43 -2.19 -0.35 -2.34
C VAL A 43 -2.90 0.57 -1.37
N ILE A 44 -2.63 1.88 -1.43
CA ILE A 44 -3.30 2.83 -0.55
C ILE A 44 -4.76 3.02 -0.99
N TYR A 45 -5.03 2.82 -2.30
CA TYR A 45 -6.38 2.89 -2.83
C TYR A 45 -7.32 1.73 -2.47
N LYS A 46 -6.78 0.57 -2.09
CA LYS A 46 -7.60 -0.56 -1.67
C LYS A 46 -7.86 -0.52 -0.16
N TRP A 47 -7.31 0.47 0.55
CA TRP A 47 -7.50 0.57 1.99
C TRP A 47 -8.88 1.13 2.28
N ASP A 48 -9.65 0.43 3.11
CA ASP A 48 -11.00 0.84 3.48
C ASP A 48 -11.11 2.10 4.32
N ALA A 49 -10.25 2.22 5.35
CA ALA A 49 -10.34 3.35 6.27
C ALA A 49 -10.03 4.66 5.55
N LEU A 50 -9.24 4.62 4.46
CA LEU A 50 -8.96 5.81 3.68
C LEU A 50 -10.11 6.09 2.72
N ASP A 51 -10.66 5.04 2.11
CA ASP A 51 -11.76 5.16 1.16
C ASP A 51 -13.01 5.80 1.76
N VAL A 52 -13.34 5.45 3.00
CA VAL A 52 -14.50 6.02 3.68
C VAL A 52 -14.20 7.41 4.23
N ALA A 53 -12.93 7.74 4.45
CA ALA A 53 -12.56 9.04 4.98
C ALA A 53 -12.70 10.14 3.93
N VAL A 54 -12.44 9.81 2.66
CA VAL A 54 -12.59 10.76 1.57
C VAL A 54 -14.05 10.83 1.11
N GLU A 55 -14.83 9.78 1.35
CA GLU A 55 -16.24 9.74 0.94
C GLU A 55 -17.16 10.37 1.98
N ASN A 56 -16.86 10.19 3.28
CA ASN A 56 -17.64 10.81 4.34
C ASN A 56 -17.04 12.18 4.72
N SER A 57 -15.92 12.56 4.09
CA SER A 57 -15.26 13.84 4.32
C SER A 57 -14.99 14.10 5.80
N TRP A 58 -14.25 13.19 6.44
CA TRP A 58 -13.86 13.32 7.84
C TRP A 58 -12.91 14.51 8.06
N GLY A 59 -12.52 15.19 6.98
CA GLY A 59 -11.61 16.32 7.01
C GLY A 59 -12.08 17.43 6.08
N GLY A 60 -11.13 18.17 5.51
CA GLY A 60 -11.42 19.28 4.62
C GLY A 60 -11.89 18.78 3.25
N PRO A 61 -12.25 19.71 2.35
CA PRO A 61 -12.69 19.40 1.00
C PRO A 61 -11.55 18.87 0.15
N ASP A 62 -10.31 18.99 0.64
CA ASP A 62 -9.13 18.48 -0.04
C ASP A 62 -8.86 17.01 0.25
N SER A 63 -9.83 16.31 0.83
CA SER A 63 -9.69 14.92 1.23
C SER A 63 -9.33 14.01 0.05
N ALA A 64 -9.73 14.40 -1.17
CA ALA A 64 -9.40 13.65 -2.37
C ALA A 64 -7.97 13.90 -2.83
N GLU A 65 -7.31 14.91 -2.26
CA GLU A 65 -5.93 15.25 -2.59
C GLU A 65 -4.97 14.76 -1.50
N LYS A 66 -5.45 14.59 -0.26
CA LYS A 66 -4.62 14.13 0.84
C LYS A 66 -4.19 12.68 0.67
N ARG A 67 -4.98 11.88 -0.06
CA ARG A 67 -4.68 10.47 -0.28
C ARG A 67 -3.44 10.29 -1.18
N ASP A 68 -3.03 11.36 -1.89
CA ASP A 68 -1.83 11.32 -2.71
C ASP A 68 -0.53 11.40 -1.92
N TRP A 69 -0.61 11.86 -0.67
CA TRP A 69 0.54 11.98 0.21
C TRP A 69 0.76 10.73 1.06
N ILE A 70 -0.29 9.93 1.26
CA ILE A 70 -0.21 8.73 2.06
C ILE A 70 0.67 7.67 1.40
N THR A 71 0.76 7.68 0.07
CA THR A 71 1.62 6.75 -0.64
C THR A 71 3.05 7.29 -0.68
N GLY A 72 3.22 8.61 -0.64
CA GLY A 72 4.53 9.22 -0.74
C GLY A 72 5.39 8.94 0.48
N ILE A 73 4.78 8.99 1.67
CA ILE A 73 5.49 8.75 2.92
C ILE A 73 5.80 7.25 3.10
N VAL A 74 5.04 6.37 2.43
CA VAL A 74 5.29 4.94 2.51
C VAL A 74 6.49 4.59 1.63
N VAL A 75 6.63 5.26 0.49
CA VAL A 75 7.78 5.06 -0.39
C VAL A 75 9.01 5.67 0.28
N ASP A 76 8.81 6.69 1.12
CA ASP A 76 9.89 7.34 1.83
C ASP A 76 10.62 6.47 2.86
N LEU A 77 10.04 5.31 3.19
CA LEU A 77 10.68 4.36 4.09
C LEU A 77 11.74 3.56 3.34
N PHE A 78 11.52 3.37 2.03
CA PHE A 78 12.37 2.55 1.19
C PHE A 78 13.64 3.26 0.72
N LYS A 79 13.63 4.60 0.80
CA LYS A 79 14.75 5.43 0.37
C LYS A 79 15.51 6.03 1.56
N ASN A 80 15.10 5.71 2.80
CA ASN A 80 15.76 6.20 4.00
C ASN A 80 16.18 5.06 4.95
N GLU A 81 15.87 3.81 4.59
CA GLU A 81 16.23 2.65 5.40
C GLU A 81 16.66 1.49 4.50
N LYS A 82 17.47 0.58 5.04
CA LYS A 82 17.95 -0.60 4.32
C LYS A 82 17.03 -1.79 4.53
N VAL A 83 15.87 -1.59 5.17
CA VAL A 83 14.89 -2.65 5.39
C VAL A 83 13.59 -1.98 5.82
N VAL A 84 12.46 -2.57 5.40
CA VAL A 84 11.12 -2.12 5.76
C VAL A 84 10.23 -3.34 5.92
N ASP A 85 9.34 -3.34 6.90
CA ASP A 85 8.43 -4.46 7.14
C ASP A 85 6.99 -3.96 7.26
N ALA A 86 6.04 -4.90 7.29
CA ALA A 86 4.63 -4.55 7.38
C ALA A 86 4.28 -3.98 8.76
N ALA A 87 5.21 -4.00 9.72
CA ALA A 87 4.94 -3.55 11.07
C ALA A 87 5.13 -2.06 11.24
N LEU A 88 6.19 -1.46 10.65
CA LEU A 88 6.38 -0.03 10.77
C LEU A 88 5.61 0.73 9.70
N ILE A 89 5.12 0.03 8.67
CA ILE A 89 4.24 0.64 7.68
C ILE A 89 2.85 0.84 8.27
N GLU A 90 2.38 -0.13 9.07
CA GLU A 90 1.07 -0.06 9.71
C GLU A 90 0.88 1.23 10.49
N GLU A 91 1.84 1.61 11.33
CA GLU A 91 1.71 2.81 12.13
C GLU A 91 1.84 4.06 11.27
N THR A 92 2.58 3.99 10.17
CA THR A 92 2.74 5.13 9.27
C THR A 92 1.46 5.42 8.49
N LEU A 93 0.67 4.38 8.18
CA LEU A 93 -0.60 4.53 7.51
C LEU A 93 -1.61 5.15 8.47
N LEU A 94 -1.64 4.67 9.71
CA LEU A 94 -2.55 5.16 10.74
C LEU A 94 -2.24 6.61 11.07
N TYR A 95 -1.00 6.91 11.46
CA TYR A 95 -0.63 8.26 11.84
C TYR A 95 -0.77 9.32 10.76
N ALA A 96 -0.66 8.91 9.49
CA ALA A 96 -0.78 9.85 8.37
C ALA A 96 -2.23 10.23 8.13
N MET A 97 -3.18 9.30 8.31
CA MET A 97 -4.57 9.63 8.08
C MET A 97 -5.18 10.24 9.34
N ILE A 98 -4.56 10.04 10.50
CA ILE A 98 -5.01 10.69 11.73
C ILE A 98 -4.69 12.18 11.65
N ASP A 99 -3.57 12.52 11.00
CA ASP A 99 -3.14 13.89 10.80
C ASP A 99 -3.89 14.64 9.70
N GLU A 100 -4.86 13.98 9.06
CA GLU A 100 -5.66 14.57 7.98
C GLU A 100 -7.14 14.24 8.10
N PHE A 101 -7.51 13.28 8.96
CA PHE A 101 -8.89 12.87 9.16
C PHE A 101 -9.28 12.65 10.62
N GLU A 102 -8.30 12.66 11.53
CA GLU A 102 -8.52 12.51 12.97
C GLU A 102 -9.33 11.25 13.31
N THR A 103 -9.21 10.21 12.49
CA THR A 103 -10.03 9.01 12.63
C THR A 103 -9.63 8.19 13.86
N ASN A 104 -8.38 8.26 14.29
CA ASN A 104 -7.87 7.48 15.41
C ASN A 104 -8.08 5.96 15.18
N VAL A 105 -8.31 5.57 13.92
CA VAL A 105 -8.66 4.21 13.50
C VAL A 105 -7.93 3.12 14.28
N GLU A 106 -8.68 2.09 14.68
CA GLU A 106 -8.18 0.94 15.41
C GLU A 106 -8.75 -0.36 14.83
N ASP A 107 -9.42 -0.26 13.68
CA ASP A 107 -10.07 -1.40 13.03
C ASP A 107 -9.13 -2.44 12.42
N ASP A 108 -7.82 -2.28 12.61
CA ASP A 108 -6.81 -3.17 12.03
C ASP A 108 -6.85 -3.30 10.51
N SER A 109 -7.51 -2.34 9.84
CA SER A 109 -7.68 -2.34 8.40
C SER A 109 -6.36 -2.08 7.68
N ALA A 110 -5.34 -1.56 8.38
CA ALA A 110 -4.06 -1.23 7.78
C ALA A 110 -3.11 -2.42 7.74
N LEU A 111 -3.44 -3.52 8.42
CA LEU A 111 -2.56 -4.69 8.49
C LEU A 111 -2.40 -5.35 7.11
N PRO A 112 -3.49 -5.68 6.39
CA PRO A 112 -3.39 -6.30 5.07
C PRO A 112 -2.88 -5.29 4.04
N ILE A 113 -2.96 -3.99 4.34
CA ILE A 113 -2.47 -2.96 3.45
C ILE A 113 -0.96 -2.81 3.59
N ALA A 114 -0.44 -2.94 4.82
CA ALA A 114 0.97 -2.75 5.08
C ALA A 114 1.80 -3.84 4.41
N VAL A 115 1.29 -5.08 4.41
CA VAL A 115 2.00 -6.19 3.77
C VAL A 115 1.84 -6.14 2.26
N GLU A 116 0.77 -5.51 1.76
CA GLU A 116 0.61 -5.35 0.33
C GLU A 116 1.66 -4.39 -0.24
N VAL A 117 2.15 -3.46 0.58
CA VAL A 117 3.21 -2.55 0.16
C VAL A 117 4.50 -3.34 0.03
N ILE A 118 4.69 -4.37 0.87
CA ILE A 118 5.89 -5.19 0.84
C ILE A 118 5.93 -6.02 -0.44
N ASN A 119 4.76 -6.43 -0.93
CA ASN A 119 4.67 -7.26 -2.11
C ASN A 119 5.09 -6.52 -3.38
N ILE A 120 4.97 -5.19 -3.38
CA ILE A 120 5.34 -4.39 -4.55
C ILE A 120 6.84 -4.45 -4.79
N TYR A 121 7.65 -4.51 -3.72
CA TYR A 121 9.09 -4.59 -3.87
C TYR A 121 9.58 -5.87 -4.51
N ASN A 122 8.91 -6.98 -4.17
CA ASN A 122 9.24 -8.29 -4.70
C ASN A 122 8.71 -8.46 -6.12
N ASP A 123 7.66 -7.73 -6.49
CA ASP A 123 7.09 -7.76 -7.82
C ASP A 123 7.99 -6.94 -8.76
N CYS A 124 8.67 -5.93 -8.22
CA CYS A 124 9.59 -5.12 -9.00
C CYS A 124 10.96 -5.80 -9.11
N PHE A 125 11.22 -6.81 -8.29
CA PHE A 125 12.50 -7.51 -8.28
C PHE A 125 12.67 -8.63 -9.30
N ASN A 126 11.55 -9.25 -9.71
CA ASN A 126 11.54 -10.32 -10.69
C ASN A 126 11.10 -9.83 -12.06
N LEU A 127 10.84 -8.53 -12.19
CA LEU A 127 10.42 -7.88 -13.44
C LEU A 127 9.14 -8.47 -14.02
N ASN A 128 8.43 -9.29 -13.24
CA ASN A 128 7.16 -9.86 -13.66
C ASN A 128 6.05 -8.81 -13.60
N TYR A 129 6.18 -7.83 -12.70
CA TYR A 129 5.28 -6.70 -12.58
C TYR A 129 3.79 -7.03 -12.47
N ASN A 130 3.45 -8.27 -12.10
CA ASN A 130 2.09 -8.79 -12.20
C ASN A 130 1.12 -8.06 -11.26
N LYS A 131 1.60 -7.54 -10.13
CA LYS A 131 0.72 -6.94 -9.15
C LYS A 131 0.51 -5.45 -9.40
N VAL A 132 1.56 -4.75 -9.83
CA VAL A 132 1.45 -3.33 -10.13
C VAL A 132 0.68 -3.10 -11.44
N GLU A 133 0.77 -4.04 -12.38
CA GLU A 133 0.09 -3.92 -13.65
C GLU A 133 -1.41 -4.11 -13.51
N LYS A 134 -1.84 -5.11 -12.73
CA LYS A 134 -3.26 -5.45 -12.64
C LYS A 134 -4.00 -4.45 -11.76
N LEU A 135 -3.38 -3.97 -10.69
CA LEU A 135 -4.06 -3.04 -9.80
C LEU A 135 -4.26 -1.69 -10.49
N TYR A 136 -3.39 -1.34 -11.44
CA TYR A 136 -3.54 -0.11 -12.19
C TYR A 136 -4.75 -0.07 -13.14
N LEU A 137 -5.25 -1.25 -13.51
CA LEU A 137 -6.40 -1.37 -14.38
C LEU A 137 -7.68 -1.46 -13.56
N GLU A 138 -7.61 -2.19 -12.45
CA GLU A 138 -8.73 -2.38 -11.54
C GLU A 138 -9.01 -1.10 -10.73
N TRP A 139 -8.09 -0.14 -10.79
CA TRP A 139 -8.21 1.14 -10.12
C TRP A 139 -8.97 2.18 -10.94
N GLN A 140 -9.00 2.02 -12.26
CA GLN A 140 -9.63 2.99 -13.16
C GLN A 140 -11.13 3.06 -12.94
N GLU A 141 -11.75 1.96 -12.50
CA GLU A 141 -13.19 1.92 -12.28
C GLU A 141 -13.53 2.43 -10.88
N LYS A 142 -12.52 2.56 -10.00
CA LYS A 142 -12.75 3.03 -8.65
C LYS A 142 -12.91 4.54 -8.60
N GLN A 143 -12.47 5.24 -9.66
CA GLN A 143 -12.50 6.70 -9.68
C GLN A 143 -13.44 7.25 -10.75
N ARG A 144 -13.75 6.47 -11.79
CA ARG A 144 -14.63 6.94 -12.87
C ARG A 144 -16.10 6.84 -12.46
N THR A 145 -16.40 6.00 -11.45
CA THR A 145 -17.75 5.76 -11.00
C THR A 145 -17.87 5.39 -9.51
N LYS A 146 -16.75 5.51 -8.78
CA LYS A 146 -16.70 5.20 -7.35
C LYS A 146 -17.16 3.79 -7.04
N LYS A 147 -16.88 2.83 -7.92
CA LYS A 147 -17.25 1.44 -7.72
C LYS A 147 -16.48 0.85 -6.55
N SER A 148 -17.11 -0.05 -5.81
CA SER A 148 -16.46 -0.72 -4.68
C SER A 148 -17.08 -2.08 -4.45
N LYS A 149 -16.36 -2.94 -3.71
CA LYS A 149 -16.83 -4.30 -3.40
C LYS A 149 -16.15 -4.80 -2.12
N ARG A 150 -16.85 -5.66 -1.37
CA ARG A 150 -16.39 -6.16 -0.09
C ARG A 150 -15.45 -7.36 -0.22
N VAL A 151 -15.26 -7.89 -1.44
CA VAL A 151 -14.40 -9.05 -1.66
C VAL A 151 -12.91 -8.77 -1.46
N VAL A 152 -12.57 -7.50 -1.19
CA VAL A 152 -11.21 -7.09 -0.88
C VAL A 152 -10.78 -7.61 0.50
N HIS A 153 -11.77 -7.96 1.33
CA HIS A 153 -11.54 -8.48 2.67
C HIS A 153 -10.94 -9.89 2.65
N ILE A 154 -10.37 -10.29 3.77
CA ILE A 154 -9.75 -11.61 3.93
C ILE A 154 -10.83 -12.70 3.90
N GLU A 155 -10.45 -13.91 3.50
CA GLU A 155 -11.39 -15.03 3.36
C GLU A 155 -11.89 -15.53 4.71
N GLY A 156 -11.36 -15.00 5.82
CA GLY A 156 -11.78 -15.35 7.16
C GLY A 156 -11.41 -16.80 7.50
N SER A 1 -4.62 -11.38 12.43
CA SER A 1 -4.22 -12.73 11.98
C SER A 1 -5.32 -13.74 12.23
N GLY A 2 -5.21 -14.90 11.59
CA GLY A 2 -6.18 -15.99 11.71
C GLY A 2 -5.87 -17.10 10.71
N SER A 3 -6.68 -18.15 10.71
CA SER A 3 -6.50 -19.27 9.81
C SER A 3 -6.74 -18.82 8.36
N HIS A 4 -5.86 -19.27 7.45
CA HIS A 4 -5.96 -18.95 6.03
C HIS A 4 -5.17 -19.96 5.20
N MET A 5 -5.56 -20.11 3.93
CA MET A 5 -4.89 -21.00 2.99
C MET A 5 -4.64 -20.29 1.65
N SER A 6 -5.26 -19.12 1.45
CA SER A 6 -5.05 -18.31 0.26
C SER A 6 -5.42 -16.86 0.52
N THR A 7 -4.56 -15.93 0.10
CA THR A 7 -4.80 -14.50 0.26
C THR A 7 -3.92 -13.67 -0.69
N GLN A 8 -4.20 -12.36 -0.77
CA GLN A 8 -3.51 -11.45 -1.67
C GLN A 8 -2.09 -11.13 -1.24
N TYR A 9 -1.57 -11.81 -0.20
CA TYR A 9 -0.26 -11.53 0.35
C TYR A 9 0.36 -12.79 0.99
N ILE A 10 1.57 -12.65 1.54
CA ILE A 10 2.29 -13.74 2.17
C ILE A 10 1.63 -14.15 3.48
N ASP A 11 1.82 -13.35 4.53
CA ASP A 11 1.36 -13.64 5.89
C ASP A 11 1.06 -12.42 6.77
N GLU A 12 0.94 -11.25 6.15
CA GLU A 12 0.74 -9.95 6.81
C GLU A 12 1.81 -9.62 7.84
N THR A 13 2.93 -10.36 7.81
CA THR A 13 4.11 -10.09 8.64
C THR A 13 5.42 -10.10 7.85
N ALA A 14 5.31 -10.24 6.52
CA ALA A 14 6.46 -10.22 5.62
C ALA A 14 7.20 -8.88 5.66
N PHE A 15 8.41 -8.84 5.11
CA PHE A 15 9.21 -7.63 5.06
C PHE A 15 10.18 -7.79 3.89
N VAL A 16 10.94 -6.72 3.62
CA VAL A 16 11.93 -6.68 2.56
C VAL A 16 13.11 -5.87 3.08
N GLN A 17 14.30 -6.17 2.57
CA GLN A 17 15.53 -5.52 2.98
C GLN A 17 16.51 -5.43 1.82
N ALA A 18 17.60 -4.69 2.02
CA ALA A 18 18.66 -4.51 1.03
C ALA A 18 19.25 -5.86 0.60
N GLU A 19 19.99 -5.86 -0.52
CA GLU A 19 20.51 -7.08 -1.12
C GLU A 19 21.41 -7.85 -0.16
N GLN A 20 22.30 -7.15 0.55
CA GLN A 20 23.18 -7.76 1.54
C GLN A 20 23.75 -6.71 2.49
N GLY A 21 23.80 -5.44 2.07
CA GLY A 21 24.33 -4.37 2.89
C GLY A 21 24.10 -2.99 2.26
N LYS A 22 23.25 -2.91 1.23
CA LYS A 22 22.97 -1.67 0.51
C LYS A 22 22.29 -0.70 1.47
N THR A 23 22.44 0.60 1.22
CA THR A 23 21.84 1.62 2.05
C THR A 23 20.34 1.86 1.86
N ASN A 24 19.76 1.28 0.80
CA ASN A 24 18.37 1.49 0.45
C ASN A 24 17.75 0.29 -0.25
N LEU A 25 16.41 0.25 -0.27
CA LEU A 25 15.64 -0.74 -1.02
C LEU A 25 15.38 -0.24 -2.44
N MET A 26 15.81 0.99 -2.76
CA MET A 26 15.62 1.55 -4.09
C MET A 26 16.39 0.76 -5.14
N PHE A 27 15.84 0.69 -6.34
CA PHE A 27 16.39 -0.09 -7.44
C PHE A 27 17.47 0.59 -8.27
N SER A 28 18.28 -0.21 -8.97
CA SER A 28 19.37 0.30 -9.80
C SER A 28 18.84 0.75 -11.18
N ASP A 29 17.67 0.23 -11.57
CA ASP A 29 17.07 0.55 -12.87
C ASP A 29 15.90 1.54 -12.77
N GLU A 30 15.72 2.34 -13.82
CA GLU A 30 14.68 3.36 -13.83
C GLU A 30 13.30 2.74 -13.97
N LYS A 31 13.22 1.54 -14.56
CA LYS A 31 11.94 0.85 -14.73
C LYS A 31 11.50 0.26 -13.39
N GLN A 32 12.45 -0.28 -12.63
CA GLN A 32 12.16 -0.87 -11.35
C GLN A 32 11.83 0.20 -10.31
N GLN A 33 12.54 1.33 -10.36
CA GLN A 33 12.32 2.40 -9.40
C GLN A 33 10.95 3.04 -9.63
N ALA A 34 10.57 3.25 -10.90
CA ALA A 34 9.32 3.90 -11.23
C ALA A 34 8.12 2.97 -11.02
N ARG A 35 8.27 1.68 -11.32
CA ARG A 35 7.18 0.74 -11.11
C ARG A 35 6.91 0.51 -9.64
N PHE A 36 7.93 0.68 -8.78
CA PHE A 36 7.71 0.54 -7.35
C PHE A 36 6.83 1.63 -6.74
N GLU A 37 6.97 2.88 -7.20
CA GLU A 37 6.19 3.98 -6.66
C GLU A 37 4.74 3.91 -7.14
N LEU A 38 4.51 3.33 -8.33
CA LEU A 38 3.14 3.13 -8.81
C LEU A 38 2.46 2.03 -8.01
N GLY A 39 3.22 0.98 -7.66
CA GLY A 39 2.65 -0.15 -6.96
C GLY A 39 2.19 0.24 -5.56
N VAL A 40 2.96 1.08 -4.86
CA VAL A 40 2.59 1.51 -3.52
C VAL A 40 1.37 2.43 -3.60
N SER A 41 1.27 3.22 -4.66
CA SER A 41 0.16 4.16 -4.81
C SER A 41 -1.17 3.44 -5.00
N MET A 42 -1.16 2.27 -5.65
CA MET A 42 -2.37 1.50 -5.87
C MET A 42 -2.79 0.72 -4.63
N VAL A 43 -1.90 0.57 -3.64
CA VAL A 43 -2.22 -0.18 -2.43
C VAL A 43 -2.93 0.75 -1.44
N ILE A 44 -2.64 2.05 -1.47
CA ILE A 44 -3.33 2.98 -0.60
C ILE A 44 -4.75 3.19 -1.09
N TYR A 45 -4.98 3.02 -2.40
CA TYR A 45 -6.31 3.11 -2.99
C TYR A 45 -7.27 1.96 -2.72
N LYS A 46 -6.77 0.86 -2.12
CA LYS A 46 -7.61 -0.26 -1.74
C LYS A 46 -7.87 -0.28 -0.23
N TRP A 47 -7.33 0.70 0.51
CA TRP A 47 -7.52 0.74 1.95
C TRP A 47 -8.91 1.30 2.29
N ASP A 48 -9.67 0.55 3.09
CA ASP A 48 -11.02 0.91 3.48
C ASP A 48 -11.12 2.17 4.35
N ALA A 49 -10.25 2.30 5.34
CA ALA A 49 -10.33 3.42 6.27
C ALA A 49 -10.05 4.73 5.56
N LEU A 50 -9.29 4.69 4.46
CA LEU A 50 -9.02 5.89 3.68
C LEU A 50 -10.19 6.17 2.73
N ASP A 51 -10.78 5.11 2.16
CA ASP A 51 -11.91 5.23 1.25
C ASP A 51 -13.20 5.77 1.88
N VAL A 52 -13.40 5.52 3.18
CA VAL A 52 -14.55 6.07 3.89
C VAL A 52 -14.27 7.47 4.41
N ALA A 53 -13.00 7.83 4.58
CA ALA A 53 -12.63 9.15 5.10
C ALA A 53 -12.87 10.23 4.05
N VAL A 54 -12.67 9.89 2.77
CA VAL A 54 -12.89 10.81 1.67
C VAL A 54 -14.38 10.85 1.29
N GLU A 55 -15.12 9.77 1.55
CA GLU A 55 -16.53 9.70 1.21
C GLU A 55 -17.42 10.33 2.28
N ASN A 56 -17.07 10.17 3.56
CA ASN A 56 -17.79 10.79 4.65
C ASN A 56 -17.23 12.18 4.97
N SER A 57 -16.16 12.59 4.27
CA SER A 57 -15.56 13.90 4.42
C SER A 57 -15.19 14.18 5.88
N TRP A 58 -14.35 13.31 6.46
CA TRP A 58 -13.85 13.47 7.82
C TRP A 58 -12.93 14.68 7.96
N GLY A 59 -12.71 15.41 6.86
CA GLY A 59 -11.85 16.59 6.82
C GLY A 59 -12.37 17.59 5.79
N GLY A 60 -11.45 18.33 5.17
CA GLY A 60 -11.80 19.35 4.18
C GLY A 60 -12.15 18.74 2.84
N PRO A 61 -12.51 19.57 1.85
CA PRO A 61 -12.87 19.12 0.51
C PRO A 61 -11.66 18.54 -0.23
N ASP A 62 -10.46 18.81 0.27
CA ASP A 62 -9.23 18.27 -0.29
C ASP A 62 -8.94 16.82 0.14
N SER A 63 -9.94 16.16 0.76
CA SER A 63 -9.78 14.80 1.26
C SER A 63 -9.46 13.81 0.14
N ALA A 64 -9.79 14.16 -1.11
CA ALA A 64 -9.47 13.34 -2.26
C ALA A 64 -8.01 13.54 -2.70
N GLU A 65 -7.36 14.59 -2.20
CA GLU A 65 -5.98 14.92 -2.56
C GLU A 65 -5.00 14.49 -1.47
N LYS A 66 -5.48 14.32 -0.24
CA LYS A 66 -4.61 13.94 0.88
C LYS A 66 -4.10 12.51 0.74
N ARG A 67 -4.83 11.63 0.05
CA ARG A 67 -4.42 10.24 -0.12
C ARG A 67 -3.18 10.13 -1.01
N ASP A 68 -2.89 11.18 -1.80
CA ASP A 68 -1.70 11.17 -2.64
C ASP A 68 -0.40 11.41 -1.87
N TRP A 69 -0.50 11.82 -0.60
CA TRP A 69 0.64 11.97 0.28
C TRP A 69 0.86 10.73 1.16
N ILE A 70 -0.20 9.95 1.37
CA ILE A 70 -0.13 8.74 2.17
C ILE A 70 0.73 7.69 1.48
N THR A 71 0.80 7.72 0.15
CA THR A 71 1.65 6.79 -0.59
C THR A 71 3.08 7.33 -0.62
N GLY A 72 3.25 8.66 -0.56
CA GLY A 72 4.57 9.27 -0.66
C GLY A 72 5.42 8.96 0.56
N ILE A 73 4.82 9.01 1.75
CA ILE A 73 5.54 8.74 2.99
C ILE A 73 5.83 7.24 3.14
N VAL A 74 5.06 6.39 2.46
CA VAL A 74 5.30 4.95 2.49
C VAL A 74 6.45 4.61 1.56
N VAL A 75 6.55 5.30 0.42
CA VAL A 75 7.66 5.11 -0.51
C VAL A 75 8.91 5.68 0.14
N ASP A 76 8.77 6.69 1.00
CA ASP A 76 9.89 7.29 1.71
C ASP A 76 10.62 6.38 2.68
N LEU A 77 10.01 5.24 3.03
CA LEU A 77 10.64 4.27 3.90
C LEU A 77 11.67 3.46 3.11
N PHE A 78 11.43 3.29 1.82
CA PHE A 78 12.28 2.48 0.95
C PHE A 78 13.52 3.20 0.44
N LYS A 79 13.52 4.54 0.52
CA LYS A 79 14.61 5.37 0.05
C LYS A 79 15.30 6.13 1.18
N ASN A 80 15.00 5.77 2.43
CA ASN A 80 15.68 6.34 3.59
C ASN A 80 16.11 5.27 4.60
N GLU A 81 15.77 4.00 4.35
CA GLU A 81 16.14 2.88 5.20
C GLU A 81 16.52 1.67 4.35
N LYS A 82 17.32 0.76 4.93
CA LYS A 82 17.79 -0.44 4.25
C LYS A 82 16.92 -1.66 4.53
N VAL A 83 15.77 -1.47 5.16
CA VAL A 83 14.80 -2.54 5.40
C VAL A 83 13.49 -1.91 5.84
N VAL A 84 12.38 -2.54 5.43
CA VAL A 84 11.03 -2.09 5.78
C VAL A 84 10.16 -3.34 5.95
N ASP A 85 9.23 -3.31 6.90
CA ASP A 85 8.35 -4.44 7.15
C ASP A 85 6.90 -3.97 7.25
N ALA A 86 5.95 -4.90 7.29
CA ALA A 86 4.54 -4.55 7.38
C ALA A 86 4.18 -4.00 8.76
N ALA A 87 5.13 -4.03 9.72
CA ALA A 87 4.86 -3.59 11.07
C ALA A 87 5.05 -2.08 11.24
N LEU A 88 6.10 -1.49 10.66
CA LEU A 88 6.29 -0.05 10.78
C LEU A 88 5.51 0.71 9.72
N ILE A 89 5.03 0.02 8.68
CA ILE A 89 4.16 0.64 7.69
C ILE A 89 2.77 0.82 8.28
N GLU A 90 2.31 -0.14 9.08
CA GLU A 90 1.00 -0.09 9.72
C GLU A 90 0.81 1.18 10.52
N GLU A 91 1.78 1.54 11.37
CA GLU A 91 1.64 2.74 12.19
C GLU A 91 1.78 4.00 11.36
N THR A 92 2.55 3.95 10.26
CA THR A 92 2.71 5.11 9.39
C THR A 92 1.44 5.41 8.61
N LEU A 93 0.66 4.37 8.25
CA LEU A 93 -0.61 4.53 7.58
C LEU A 93 -1.62 5.15 8.55
N LEU A 94 -1.66 4.63 9.78
CA LEU A 94 -2.58 5.10 10.80
C LEU A 94 -2.27 6.55 11.16
N TYR A 95 -1.03 6.82 11.57
CA TYR A 95 -0.66 8.17 11.98
C TYR A 95 -0.77 9.25 10.91
N ALA A 96 -0.64 8.87 9.64
CA ALA A 96 -0.72 9.83 8.56
C ALA A 96 -2.16 10.22 8.26
N MET A 97 -3.13 9.31 8.44
CA MET A 97 -4.51 9.66 8.20
C MET A 97 -5.15 10.24 9.47
N ILE A 98 -4.54 10.02 10.63
CA ILE A 98 -4.99 10.66 11.86
C ILE A 98 -4.64 12.14 11.80
N ASP A 99 -3.50 12.45 11.18
CA ASP A 99 -3.05 13.82 10.98
C ASP A 99 -3.76 14.57 9.86
N GLU A 100 -4.76 13.93 9.23
CA GLU A 100 -5.52 14.54 8.15
C GLU A 100 -7.02 14.27 8.29
N PHE A 101 -7.42 13.32 9.15
CA PHE A 101 -8.82 12.98 9.34
C PHE A 101 -9.21 12.75 10.81
N GLU A 102 -8.22 12.70 11.70
CA GLU A 102 -8.44 12.50 13.14
C GLU A 102 -9.28 11.26 13.43
N THR A 103 -9.19 10.24 12.58
CA THR A 103 -10.03 9.05 12.68
C THR A 103 -9.69 8.20 13.90
N ASN A 104 -8.43 8.25 14.36
CA ASN A 104 -7.97 7.42 15.48
C ASN A 104 -8.19 5.93 15.21
N VAL A 105 -8.37 5.56 13.94
CA VAL A 105 -8.73 4.22 13.48
C VAL A 105 -8.03 3.09 14.26
N GLU A 106 -8.81 2.07 14.62
CA GLU A 106 -8.35 0.90 15.33
C GLU A 106 -8.90 -0.38 14.69
N ASP A 107 -9.51 -0.26 13.51
CA ASP A 107 -10.14 -1.37 12.82
C ASP A 107 -9.18 -2.43 12.26
N ASP A 108 -7.86 -2.25 12.46
CA ASP A 108 -6.85 -3.14 11.94
C ASP A 108 -6.86 -3.34 10.43
N SER A 109 -7.53 -2.45 9.70
CA SER A 109 -7.65 -2.53 8.26
C SER A 109 -6.37 -2.14 7.55
N ALA A 110 -5.38 -1.60 8.28
CA ALA A 110 -4.10 -1.22 7.69
C ALA A 110 -3.13 -2.40 7.61
N LEU A 111 -3.43 -3.51 8.30
CA LEU A 111 -2.54 -4.67 8.31
C LEU A 111 -2.41 -5.31 6.92
N PRO A 112 -3.52 -5.63 6.23
CA PRO A 112 -3.45 -6.21 4.90
C PRO A 112 -2.95 -5.21 3.87
N ILE A 113 -3.00 -3.91 4.20
CA ILE A 113 -2.51 -2.86 3.32
C ILE A 113 -1.00 -2.73 3.47
N ALA A 114 -0.49 -2.92 4.68
CA ALA A 114 0.92 -2.76 4.96
C ALA A 114 1.74 -3.85 4.26
N VAL A 115 1.23 -5.08 4.23
CA VAL A 115 1.91 -6.18 3.57
C VAL A 115 1.78 -6.09 2.06
N GLU A 116 0.73 -5.44 1.55
CA GLU A 116 0.60 -5.25 0.12
C GLU A 116 1.67 -4.31 -0.41
N VAL A 117 2.18 -3.42 0.45
CA VAL A 117 3.26 -2.53 0.08
C VAL A 117 4.56 -3.33 0.00
N ILE A 118 4.68 -4.39 0.81
CA ILE A 118 5.86 -5.24 0.81
C ILE A 118 5.89 -6.08 -0.46
N ASN A 119 4.71 -6.44 -0.98
CA ASN A 119 4.61 -7.26 -2.17
C ASN A 119 5.06 -6.51 -3.42
N ILE A 120 5.02 -5.17 -3.38
CA ILE A 120 5.43 -4.36 -4.52
C ILE A 120 6.93 -4.53 -4.77
N TYR A 121 7.72 -4.68 -3.70
CA TYR A 121 9.16 -4.81 -3.83
C TYR A 121 9.64 -6.14 -4.41
N ASN A 122 9.00 -7.23 -3.99
CA ASN A 122 9.40 -8.56 -4.39
C ASN A 122 9.07 -8.82 -5.86
N ASP A 123 7.88 -8.41 -6.31
CA ASP A 123 7.50 -8.54 -7.71
C ASP A 123 8.12 -7.51 -8.65
N CYS A 124 8.61 -6.40 -8.09
CA CYS A 124 9.38 -5.44 -8.86
C CYS A 124 10.77 -6.01 -9.12
N PHE A 125 11.26 -6.87 -8.21
CA PHE A 125 12.51 -7.58 -8.35
C PHE A 125 12.48 -8.78 -9.29
N ASN A 126 11.29 -9.37 -9.47
CA ASN A 126 11.10 -10.52 -10.34
C ASN A 126 10.86 -10.08 -11.78
N LEU A 127 10.73 -8.76 -11.99
CA LEU A 127 10.47 -8.17 -13.30
C LEU A 127 9.19 -8.69 -13.95
N ASN A 128 8.37 -9.42 -13.19
CA ASN A 128 7.11 -9.95 -13.69
C ASN A 128 6.06 -8.85 -13.68
N TYR A 129 6.28 -7.83 -12.83
CA TYR A 129 5.45 -6.65 -12.68
C TYR A 129 3.96 -6.90 -12.45
N ASN A 130 3.58 -8.14 -12.13
CA ASN A 130 2.18 -8.53 -12.10
C ASN A 130 1.41 -7.82 -10.99
N LYS A 131 2.07 -7.55 -9.86
CA LYS A 131 1.41 -6.95 -8.71
C LYS A 131 1.09 -5.48 -8.96
N VAL A 132 2.04 -4.72 -9.51
CA VAL A 132 1.83 -3.30 -9.78
C VAL A 132 0.93 -3.14 -11.01
N GLU A 133 1.01 -4.08 -11.96
CA GLU A 133 0.28 -3.96 -13.21
C GLU A 133 -1.21 -4.25 -13.02
N LYS A 134 -1.55 -5.23 -12.17
CA LYS A 134 -2.93 -5.63 -11.99
C LYS A 134 -3.66 -4.65 -11.07
N LEU A 135 -2.99 -4.10 -10.06
CA LEU A 135 -3.63 -3.18 -9.15
C LEU A 135 -3.94 -1.86 -9.84
N TYR A 136 -3.21 -1.54 -10.91
CA TYR A 136 -3.51 -0.37 -11.73
C TYR A 136 -4.81 -0.46 -12.52
N LEU A 137 -5.28 -1.69 -12.75
CA LEU A 137 -6.54 -1.95 -13.44
C LEU A 137 -7.69 -1.95 -12.46
N GLU A 138 -7.45 -2.51 -11.27
CA GLU A 138 -8.44 -2.59 -10.21
C GLU A 138 -8.71 -1.22 -9.60
N TRP A 139 -7.91 -0.22 -9.98
CA TRP A 139 -8.08 1.16 -9.56
C TRP A 139 -8.98 1.96 -10.50
N GLN A 140 -9.07 1.53 -11.76
CA GLN A 140 -9.86 2.25 -12.76
C GLN A 140 -11.35 2.19 -12.42
N GLU A 141 -11.80 1.11 -11.75
CA GLU A 141 -13.20 0.97 -11.41
C GLU A 141 -13.56 1.90 -10.25
N LYS A 142 -12.54 2.31 -9.48
CA LYS A 142 -12.74 3.13 -8.30
C LYS A 142 -12.96 4.59 -8.68
N GLN A 143 -12.65 4.96 -9.94
CA GLN A 143 -12.79 6.34 -10.39
C GLN A 143 -13.82 6.49 -11.50
N ARG A 144 -14.09 5.42 -12.26
CA ARG A 144 -15.04 5.49 -13.37
C ARG A 144 -16.49 5.45 -12.88
N THR A 145 -16.70 4.97 -11.65
CA THR A 145 -18.03 4.84 -11.07
C THR A 145 -18.07 4.99 -9.55
N LYS A 146 -16.93 5.30 -8.94
CA LYS A 146 -16.80 5.49 -7.48
C LYS A 146 -17.20 4.27 -6.66
N LYS A 147 -17.06 3.06 -7.23
CA LYS A 147 -17.34 1.81 -6.53
C LYS A 147 -16.10 0.93 -6.48
N SER A 148 -16.09 -0.05 -5.57
CA SER A 148 -14.97 -0.97 -5.41
C SER A 148 -15.46 -2.30 -4.85
N LYS A 149 -14.78 -3.39 -5.20
CA LYS A 149 -15.13 -4.72 -4.72
C LYS A 149 -14.76 -4.91 -3.26
N ARG A 150 -15.56 -5.72 -2.56
CA ARG A 150 -15.33 -6.07 -1.16
C ARG A 150 -14.40 -7.29 -1.05
N VAL A 151 -14.01 -7.87 -2.19
CA VAL A 151 -13.14 -9.04 -2.24
C VAL A 151 -11.72 -8.76 -1.75
N VAL A 152 -11.42 -7.51 -1.39
CA VAL A 152 -10.14 -7.15 -0.81
C VAL A 152 -9.97 -7.72 0.59
N HIS A 153 -11.09 -8.09 1.22
CA HIS A 153 -11.11 -8.65 2.55
C HIS A 153 -10.56 -10.09 2.56
N ILE A 154 -10.18 -10.57 3.74
CA ILE A 154 -9.63 -11.91 3.92
C ILE A 154 -10.74 -12.95 3.70
N GLU A 155 -10.35 -14.17 3.34
CA GLU A 155 -11.29 -15.27 3.10
C GLU A 155 -11.91 -15.79 4.40
N GLY A 156 -11.47 -15.26 5.55
CA GLY A 156 -11.96 -15.69 6.86
C GLY A 156 -13.38 -15.17 7.12
N SER A 1 -2.59 -14.89 4.19
CA SER A 1 -2.04 -15.89 5.10
C SER A 1 -1.95 -17.25 4.44
N GLY A 2 -0.89 -17.48 3.64
CA GLY A 2 -0.70 -18.74 2.95
C GLY A 2 0.55 -18.72 2.08
N SER A 3 0.89 -19.87 1.50
CA SER A 3 2.03 -20.03 0.62
C SER A 3 1.79 -21.20 -0.34
N HIS A 4 2.37 -21.14 -1.54
CA HIS A 4 2.17 -22.14 -2.59
C HIS A 4 0.68 -22.35 -2.93
N MET A 5 -0.18 -21.42 -2.51
CA MET A 5 -1.62 -21.47 -2.73
C MET A 5 -2.15 -20.04 -2.86
N SER A 6 -3.38 -19.90 -3.34
CA SER A 6 -3.99 -18.58 -3.50
C SER A 6 -4.19 -17.90 -2.14
N THR A 7 -3.79 -16.63 -2.05
CA THR A 7 -3.91 -15.83 -0.85
C THR A 7 -3.79 -14.34 -1.15
N GLN A 8 -4.31 -13.49 -0.26
CA GLN A 8 -4.19 -12.04 -0.46
C GLN A 8 -2.79 -11.55 -0.10
N TYR A 9 -2.07 -12.29 0.76
CA TYR A 9 -0.73 -11.91 1.18
C TYR A 9 -0.03 -13.07 1.88
N ILE A 10 1.26 -12.90 2.19
CA ILE A 10 2.07 -13.92 2.83
C ILE A 10 1.56 -14.25 4.23
N ASP A 11 1.81 -13.36 5.18
CA ASP A 11 1.49 -13.55 6.60
C ASP A 11 1.23 -12.28 7.40
N GLU A 12 0.99 -11.16 6.70
CA GLU A 12 0.78 -9.82 7.28
C GLU A 12 1.92 -9.38 8.22
N THR A 13 3.05 -10.10 8.18
CA THR A 13 4.28 -9.75 8.90
C THR A 13 5.55 -9.84 8.05
N ALA A 14 5.38 -10.07 6.74
CA ALA A 14 6.49 -10.14 5.81
C ALA A 14 7.23 -8.80 5.75
N PHE A 15 8.44 -8.81 5.16
CA PHE A 15 9.25 -7.60 5.07
C PHE A 15 10.18 -7.78 3.88
N VAL A 16 10.95 -6.72 3.59
CA VAL A 16 11.93 -6.68 2.52
C VAL A 16 13.10 -5.87 3.02
N GLN A 17 14.29 -6.17 2.50
CA GLN A 17 15.52 -5.51 2.90
C GLN A 17 16.50 -5.42 1.74
N ALA A 18 17.59 -4.67 1.94
CA ALA A 18 18.65 -4.49 0.97
C ALA A 18 19.27 -5.84 0.56
N GLU A 19 20.02 -5.85 -0.55
CA GLU A 19 20.57 -7.08 -1.11
C GLU A 19 21.45 -7.82 -0.11
N GLN A 20 22.31 -7.10 0.60
CA GLN A 20 23.16 -7.67 1.63
C GLN A 20 23.72 -6.60 2.58
N GLY A 21 23.80 -5.35 2.11
CA GLY A 21 24.32 -4.24 2.90
C GLY A 21 24.10 -2.89 2.24
N LYS A 22 23.24 -2.83 1.21
CA LYS A 22 22.98 -1.61 0.47
C LYS A 22 22.29 -0.60 1.41
N THR A 23 22.44 0.69 1.13
CA THR A 23 21.82 1.72 1.96
C THR A 23 20.32 1.93 1.76
N ASN A 24 19.74 1.34 0.71
CA ASN A 24 18.34 1.55 0.36
C ASN A 24 17.73 0.35 -0.34
N LEU A 25 16.39 0.31 -0.36
CA LEU A 25 15.62 -0.69 -1.08
C LEU A 25 15.38 -0.21 -2.51
N MET A 26 15.78 1.03 -2.83
CA MET A 26 15.61 1.57 -4.17
C MET A 26 16.45 0.79 -5.17
N PHE A 27 15.93 0.63 -6.39
CA PHE A 27 16.53 -0.19 -7.42
C PHE A 27 17.68 0.42 -8.21
N SER A 28 18.49 -0.43 -8.83
CA SER A 28 19.62 -0.03 -9.66
C SER A 28 19.17 0.29 -11.09
N ASP A 29 17.85 0.27 -11.33
CA ASP A 29 17.27 0.52 -12.64
C ASP A 29 16.00 1.37 -12.54
N GLU A 30 15.80 2.29 -13.49
CA GLU A 30 14.70 3.24 -13.43
C GLU A 30 13.35 2.55 -13.61
N LYS A 31 13.33 1.41 -14.31
CA LYS A 31 12.09 0.71 -14.60
C LYS A 31 11.60 -0.01 -13.35
N GLN A 32 12.52 -0.51 -12.53
CA GLN A 32 12.16 -1.20 -11.30
C GLN A 32 11.76 -0.19 -10.23
N GLN A 33 12.35 1.00 -10.28
CA GLN A 33 12.10 2.03 -9.28
C GLN A 33 10.77 2.73 -9.57
N ALA A 34 10.46 3.00 -10.84
CA ALA A 34 9.23 3.68 -11.21
C ALA A 34 8.02 2.77 -11.04
N ARG A 35 8.17 1.48 -11.34
CA ARG A 35 7.08 0.53 -11.16
C ARG A 35 6.80 0.29 -9.67
N PHE A 36 7.81 0.46 -8.82
CA PHE A 36 7.57 0.35 -7.39
C PHE A 36 6.69 1.43 -6.79
N GLU A 37 6.90 2.68 -7.21
CA GLU A 37 6.12 3.80 -6.69
C GLU A 37 4.66 3.72 -7.15
N LEU A 38 4.41 3.20 -8.35
CA LEU A 38 3.05 3.02 -8.83
C LEU A 38 2.38 1.89 -8.05
N GLY A 39 3.13 0.85 -7.71
CA GLY A 39 2.57 -0.30 -7.01
C GLY A 39 2.10 0.09 -5.61
N VAL A 40 2.86 0.95 -4.91
CA VAL A 40 2.45 1.38 -3.58
C VAL A 40 1.23 2.30 -3.66
N SER A 41 1.13 3.11 -4.72
CA SER A 41 0.00 4.00 -4.88
C SER A 41 -1.31 3.23 -5.01
N MET A 42 -1.26 2.04 -5.63
CA MET A 42 -2.46 1.24 -5.82
C MET A 42 -2.81 0.43 -4.56
N VAL A 43 -1.93 0.39 -3.55
CA VAL A 43 -2.21 -0.33 -2.31
C VAL A 43 -2.90 0.62 -1.32
N ILE A 44 -2.61 1.91 -1.39
CA ILE A 44 -3.29 2.87 -0.53
C ILE A 44 -4.71 3.12 -1.06
N TYR A 45 -4.88 3.00 -2.38
CA TYR A 45 -6.17 3.14 -3.03
C TYR A 45 -7.16 1.98 -2.86
N LYS A 46 -6.75 0.92 -2.14
CA LYS A 46 -7.64 -0.19 -1.80
C LYS A 46 -7.91 -0.22 -0.29
N TRP A 47 -7.33 0.71 0.48
CA TRP A 47 -7.53 0.74 1.92
C TRP A 47 -8.89 1.33 2.25
N ASP A 48 -9.70 0.58 3.00
CA ASP A 48 -11.05 1.00 3.35
C ASP A 48 -11.15 2.22 4.24
N ALA A 49 -10.34 2.29 5.29
CA ALA A 49 -10.43 3.39 6.24
C ALA A 49 -10.05 4.72 5.58
N LEU A 50 -9.23 4.66 4.52
CA LEU A 50 -8.86 5.87 3.79
C LEU A 50 -9.95 6.24 2.79
N ASP A 51 -10.51 5.25 2.11
CA ASP A 51 -11.54 5.48 1.12
C ASP A 51 -12.87 5.99 1.66
N VAL A 52 -13.18 5.72 2.93
CA VAL A 52 -14.36 6.28 3.57
C VAL A 52 -14.07 7.67 4.14
N ALA A 53 -12.79 7.99 4.39
CA ALA A 53 -12.42 9.29 4.94
C ALA A 53 -12.52 10.36 3.87
N VAL A 54 -12.25 10.00 2.61
CA VAL A 54 -12.34 10.92 1.49
C VAL A 54 -13.78 11.05 1.00
N GLU A 55 -14.60 10.02 1.23
CA GLU A 55 -15.98 10.03 0.79
C GLU A 55 -16.91 10.69 1.81
N ASN A 56 -16.64 10.51 3.11
CA ASN A 56 -17.39 11.18 4.16
C ASN A 56 -16.79 12.55 4.50
N SER A 57 -15.67 12.90 3.85
CA SER A 57 -15.01 14.18 4.02
C SER A 57 -14.70 14.47 5.49
N TRP A 58 -13.94 13.57 6.13
CA TRP A 58 -13.58 13.66 7.53
C TRP A 58 -12.65 14.84 7.87
N GLY A 59 -12.22 15.63 6.87
CA GLY A 59 -11.30 16.73 7.13
C GLY A 59 -11.47 17.93 6.20
N GLY A 60 -12.28 17.81 5.14
CA GLY A 60 -12.53 18.90 4.22
C GLY A 60 -12.67 18.41 2.78
N PRO A 61 -12.95 19.32 1.84
CA PRO A 61 -13.10 19.02 0.42
C PRO A 61 -11.76 18.64 -0.22
N ASP A 62 -10.65 18.90 0.48
CA ASP A 62 -9.32 18.54 0.02
C ASP A 62 -8.91 17.12 0.40
N SER A 63 -9.84 16.34 0.95
CA SER A 63 -9.59 14.98 1.41
C SER A 63 -9.08 14.09 0.29
N ALA A 64 -9.40 14.42 -0.97
CA ALA A 64 -8.92 13.66 -2.11
C ALA A 64 -7.45 13.97 -2.40
N GLU A 65 -6.96 15.13 -1.94
CA GLU A 65 -5.58 15.55 -2.15
C GLU A 65 -4.68 14.98 -1.06
N LYS A 66 -5.25 14.66 0.10
CA LYS A 66 -4.49 14.10 1.21
C LYS A 66 -4.13 12.64 0.97
N ARG A 67 -4.97 11.90 0.24
CA ARG A 67 -4.72 10.49 -0.04
C ARG A 67 -3.51 10.30 -0.94
N ASP A 68 -3.16 11.33 -1.71
CA ASP A 68 -2.01 11.28 -2.62
C ASP A 68 -0.71 11.38 -1.81
N TRP A 69 -0.80 11.85 -0.56
CA TRP A 69 0.37 11.97 0.30
C TRP A 69 0.60 10.74 1.18
N ILE A 70 -0.45 9.96 1.45
CA ILE A 70 -0.35 8.77 2.27
C ILE A 70 0.53 7.73 1.59
N THR A 71 0.58 7.73 0.25
CA THR A 71 1.43 6.82 -0.49
C THR A 71 2.87 7.32 -0.62
N GLY A 72 3.07 8.63 -0.54
CA GLY A 72 4.39 9.22 -0.70
C GLY A 72 5.28 8.91 0.50
N ILE A 73 4.70 8.97 1.70
CA ILE A 73 5.41 8.71 2.94
C ILE A 73 5.73 7.22 3.09
N VAL A 74 4.96 6.36 2.44
CA VAL A 74 5.22 4.93 2.48
C VAL A 74 6.37 4.59 1.54
N VAL A 75 6.44 5.27 0.40
CA VAL A 75 7.54 5.08 -0.55
C VAL A 75 8.81 5.66 0.08
N ASP A 76 8.66 6.68 0.93
CA ASP A 76 9.78 7.30 1.61
C ASP A 76 10.53 6.39 2.59
N LEU A 77 9.93 5.26 2.96
CA LEU A 77 10.58 4.30 3.83
C LEU A 77 11.61 3.49 3.04
N PHE A 78 11.36 3.29 1.75
CA PHE A 78 12.20 2.49 0.88
C PHE A 78 13.43 3.21 0.36
N LYS A 79 13.43 4.54 0.44
CA LYS A 79 14.52 5.38 -0.05
C LYS A 79 15.22 6.13 1.09
N ASN A 80 14.91 5.80 2.34
CA ASN A 80 15.61 6.36 3.49
C ASN A 80 16.03 5.29 4.50
N GLU A 81 15.72 4.02 4.23
CA GLU A 81 16.09 2.89 5.08
C GLU A 81 16.50 1.70 4.23
N LYS A 82 17.30 0.80 4.80
CA LYS A 82 17.79 -0.39 4.12
C LYS A 82 16.92 -1.61 4.42
N VAL A 83 15.75 -1.43 5.05
CA VAL A 83 14.81 -2.51 5.29
C VAL A 83 13.48 -1.88 5.73
N VAL A 84 12.38 -2.50 5.34
CA VAL A 84 11.03 -2.07 5.70
C VAL A 84 10.17 -3.30 5.88
N ASP A 85 9.24 -3.27 6.85
CA ASP A 85 8.36 -4.42 7.11
C ASP A 85 6.91 -3.96 7.22
N ALA A 86 5.98 -4.92 7.27
CA ALA A 86 4.57 -4.59 7.37
C ALA A 86 4.21 -4.03 8.74
N ALA A 87 5.15 -4.01 9.69
CA ALA A 87 4.87 -3.55 11.04
C ALA A 87 5.04 -2.05 11.19
N LEU A 88 6.10 -1.45 10.62
CA LEU A 88 6.29 -0.01 10.73
C LEU A 88 5.47 0.74 9.67
N ILE A 89 4.99 0.04 8.64
CA ILE A 89 4.09 0.64 7.66
C ILE A 89 2.69 0.77 8.26
N GLU A 90 2.26 -0.23 9.03
CA GLU A 90 0.94 -0.25 9.64
C GLU A 90 0.69 0.93 10.56
N GLU A 91 1.72 1.43 11.25
CA GLU A 91 1.55 2.59 12.11
C GLU A 91 1.68 3.89 11.30
N THR A 92 2.44 3.88 10.20
CA THR A 92 2.61 5.06 9.38
C THR A 92 1.32 5.38 8.63
N LEU A 93 0.57 4.34 8.24
CA LEU A 93 -0.70 4.51 7.58
C LEU A 93 -1.72 5.13 8.54
N LEU A 94 -1.75 4.63 9.78
CA LEU A 94 -2.66 5.13 10.80
C LEU A 94 -2.32 6.56 11.15
N TYR A 95 -1.08 6.82 11.56
CA TYR A 95 -0.69 8.17 11.98
C TYR A 95 -0.81 9.25 10.92
N ALA A 96 -0.68 8.87 9.64
CA ALA A 96 -0.77 9.84 8.56
C ALA A 96 -2.22 10.24 8.31
N MET A 97 -3.18 9.32 8.48
CA MET A 97 -4.57 9.66 8.25
C MET A 97 -5.19 10.23 9.53
N ILE A 98 -4.58 9.99 10.70
CA ILE A 98 -5.02 10.61 11.93
C ILE A 98 -4.66 12.09 11.92
N ASP A 99 -3.51 12.40 11.31
CA ASP A 99 -3.05 13.76 11.16
C ASP A 99 -3.76 14.58 10.06
N GLU A 100 -4.76 13.97 9.41
CA GLU A 100 -5.52 14.62 8.34
C GLU A 100 -7.02 14.36 8.46
N PHE A 101 -7.43 13.36 9.26
CA PHE A 101 -8.84 13.02 9.43
C PHE A 101 -9.23 12.73 10.88
N GLU A 102 -8.25 12.66 11.79
CA GLU A 102 -8.48 12.43 13.21
C GLU A 102 -9.32 11.18 13.48
N THR A 103 -9.23 10.18 12.60
CA THR A 103 -10.08 9.00 12.68
C THR A 103 -9.73 8.14 13.89
N ASN A 104 -8.48 8.18 14.37
CA ASN A 104 -8.02 7.35 15.48
C ASN A 104 -8.25 5.86 15.21
N VAL A 105 -8.45 5.50 13.94
CA VAL A 105 -8.81 4.15 13.50
C VAL A 105 -8.10 3.03 14.27
N GLU A 106 -8.89 2.01 14.64
CA GLU A 106 -8.42 0.83 15.37
C GLU A 106 -8.99 -0.44 14.72
N ASP A 107 -9.59 -0.31 13.54
CA ASP A 107 -10.22 -1.42 12.84
C ASP A 107 -9.26 -2.47 12.28
N ASP A 108 -7.96 -2.28 12.50
CA ASP A 108 -6.92 -3.18 12.00
C ASP A 108 -6.91 -3.38 10.48
N SER A 109 -7.59 -2.51 9.74
CA SER A 109 -7.70 -2.61 8.31
C SER A 109 -6.39 -2.21 7.61
N ALA A 110 -5.43 -1.65 8.34
CA ALA A 110 -4.16 -1.25 7.77
C ALA A 110 -3.16 -2.42 7.74
N LEU A 111 -3.45 -3.51 8.45
CA LEU A 111 -2.55 -4.66 8.50
C LEU A 111 -2.42 -5.33 7.13
N PRO A 112 -3.51 -5.69 6.45
CA PRO A 112 -3.43 -6.31 5.12
C PRO A 112 -2.94 -5.30 4.08
N ILE A 113 -3.04 -4.00 4.36
CA ILE A 113 -2.57 -2.96 3.45
C ILE A 113 -1.06 -2.81 3.59
N ALA A 114 -0.52 -2.95 4.80
CA ALA A 114 0.89 -2.78 5.04
C ALA A 114 1.71 -3.88 4.37
N VAL A 115 1.20 -5.12 4.39
CA VAL A 115 1.90 -6.23 3.75
C VAL A 115 1.74 -6.19 2.24
N GLU A 116 0.68 -5.55 1.74
CA GLU A 116 0.52 -5.40 0.31
C GLU A 116 1.58 -4.46 -0.27
N VAL A 117 2.12 -3.55 0.54
CA VAL A 117 3.19 -2.66 0.11
C VAL A 117 4.48 -3.47 -0.01
N ILE A 118 4.65 -4.48 0.85
CA ILE A 118 5.84 -5.31 0.84
C ILE A 118 5.86 -6.19 -0.42
N ASN A 119 4.68 -6.57 -0.92
CA ASN A 119 4.57 -7.43 -2.08
C ASN A 119 5.00 -6.70 -3.36
N ILE A 120 4.92 -5.38 -3.38
CA ILE A 120 5.30 -4.60 -4.56
C ILE A 120 6.81 -4.68 -4.78
N TYR A 121 7.60 -4.73 -3.71
CA TYR A 121 9.05 -4.76 -3.85
C TYR A 121 9.60 -6.03 -4.48
N ASN A 122 9.03 -7.18 -4.10
CA ASN A 122 9.49 -8.47 -4.57
C ASN A 122 9.15 -8.66 -6.05
N ASP A 123 7.99 -8.15 -6.48
CA ASP A 123 7.60 -8.20 -7.89
C ASP A 123 8.21 -7.13 -8.78
N CYS A 124 8.91 -6.16 -8.19
CA CYS A 124 9.72 -5.21 -8.93
C CYS A 124 11.16 -5.71 -9.04
N PHE A 125 11.49 -6.79 -8.32
CA PHE A 125 12.80 -7.42 -8.35
C PHE A 125 12.97 -8.56 -9.36
N ASN A 126 11.86 -9.22 -9.70
CA ASN A 126 11.84 -10.31 -10.66
C ASN A 126 11.39 -9.84 -12.04
N LEU A 127 11.11 -8.53 -12.17
CA LEU A 127 10.71 -7.88 -13.41
C LEU A 127 9.43 -8.46 -14.02
N ASN A 128 8.66 -9.25 -13.27
CA ASN A 128 7.41 -9.80 -13.80
C ASN A 128 6.33 -8.72 -13.84
N TYR A 129 6.49 -7.70 -12.99
CA TYR A 129 5.62 -6.55 -12.88
C TYR A 129 4.12 -6.83 -12.75
N ASN A 130 3.77 -8.08 -12.44
CA ASN A 130 2.37 -8.53 -12.51
C ASN A 130 1.52 -7.86 -11.44
N LYS A 131 2.08 -7.57 -10.27
CA LYS A 131 1.29 -7.06 -9.15
C LYS A 131 1.00 -5.57 -9.29
N VAL A 132 1.96 -4.79 -9.81
CA VAL A 132 1.75 -3.36 -10.01
C VAL A 132 0.87 -3.16 -11.24
N GLU A 133 0.96 -4.05 -12.23
CA GLU A 133 0.23 -3.89 -13.47
C GLU A 133 -1.25 -4.21 -13.29
N LYS A 134 -1.58 -5.21 -12.48
CA LYS A 134 -2.96 -5.64 -12.31
C LYS A 134 -3.72 -4.71 -11.36
N LEU A 135 -3.05 -4.18 -10.33
CA LEU A 135 -3.73 -3.31 -9.38
C LEU A 135 -4.09 -1.98 -10.03
N TYR A 136 -3.35 -1.58 -11.07
CA TYR A 136 -3.67 -0.39 -11.83
C TYR A 136 -4.96 -0.48 -12.65
N LEU A 137 -5.39 -1.72 -12.94
CA LEU A 137 -6.63 -1.99 -13.65
C LEU A 137 -7.79 -2.09 -12.67
N GLU A 138 -7.52 -2.70 -11.51
CA GLU A 138 -8.52 -2.88 -10.46
C GLU A 138 -8.82 -1.55 -9.76
N TRP A 139 -8.02 -0.51 -10.05
CA TRP A 139 -8.21 0.82 -9.54
C TRP A 139 -9.15 1.66 -10.40
N GLN A 140 -9.28 1.30 -11.68
CA GLN A 140 -10.11 2.06 -12.61
C GLN A 140 -11.59 1.98 -12.24
N GLU A 141 -12.00 0.89 -11.58
CA GLU A 141 -13.40 0.74 -11.20
C GLU A 141 -13.69 1.54 -9.93
N LYS A 142 -12.65 1.86 -9.17
CA LYS A 142 -12.82 2.54 -7.88
C LYS A 142 -13.08 4.02 -8.08
N GLN A 143 -12.81 4.55 -9.29
CA GLN A 143 -12.96 5.97 -9.55
C GLN A 143 -14.09 6.25 -10.56
N ARG A 144 -14.48 5.25 -11.36
CA ARG A 144 -15.52 5.44 -12.37
C ARG A 144 -16.92 5.36 -11.76
N THR A 145 -17.03 4.79 -10.55
CA THR A 145 -18.30 4.61 -9.87
C THR A 145 -18.22 4.63 -8.35
N LYS A 146 -17.04 4.94 -7.80
CA LYS A 146 -16.81 5.01 -6.36
C LYS A 146 -17.20 3.74 -5.60
N LYS A 147 -17.05 2.57 -6.23
CA LYS A 147 -17.32 1.28 -5.60
C LYS A 147 -16.18 0.30 -5.92
N SER A 148 -16.08 -0.76 -5.13
CA SER A 148 -15.02 -1.74 -5.27
C SER A 148 -15.48 -3.12 -4.78
N LYS A 149 -14.83 -4.18 -5.27
CA LYS A 149 -15.13 -5.54 -4.87
C LYS A 149 -14.80 -5.78 -3.41
N ARG A 150 -15.57 -6.67 -2.75
CA ARG A 150 -15.33 -7.05 -1.37
C ARG A 150 -14.18 -8.04 -1.26
N VAL A 151 -13.69 -8.54 -2.41
CA VAL A 151 -12.58 -9.49 -2.47
C VAL A 151 -11.24 -8.89 -2.05
N VAL A 152 -11.21 -7.58 -1.78
CA VAL A 152 -10.02 -6.89 -1.30
C VAL A 152 -9.70 -7.35 0.13
N HIS A 153 -10.71 -7.87 0.83
CA HIS A 153 -10.57 -8.39 2.18
C HIS A 153 -9.81 -9.71 2.19
N ILE A 154 -9.34 -10.12 3.37
CA ILE A 154 -8.56 -11.33 3.54
C ILE A 154 -9.36 -12.56 3.12
N GLU A 155 -8.68 -13.60 2.66
CA GLU A 155 -9.32 -14.83 2.19
C GLU A 155 -9.95 -15.64 3.33
N GLY A 156 -9.76 -15.19 4.57
CA GLY A 156 -10.32 -15.84 5.75
C GLY A 156 -9.62 -17.17 6.03
N SER A 1 6.63 -25.68 8.10
CA SER A 1 5.70 -26.70 8.63
C SER A 1 4.27 -26.19 8.66
N GLY A 2 3.31 -27.11 8.74
CA GLY A 2 1.90 -26.76 8.77
C GLY A 2 1.39 -26.29 7.41
N SER A 3 0.14 -25.83 7.36
CA SER A 3 -0.47 -25.33 6.14
C SER A 3 -1.62 -24.38 6.47
N HIS A 4 -2.00 -23.54 5.51
CA HIS A 4 -3.08 -22.57 5.68
C HIS A 4 -3.68 -22.22 4.31
N MET A 5 -4.89 -21.67 4.31
CA MET A 5 -5.58 -21.28 3.09
C MET A 5 -4.88 -20.12 2.41
N SER A 6 -5.04 -19.99 1.09
CA SER A 6 -4.45 -18.90 0.33
C SER A 6 -5.12 -17.58 0.70
N THR A 7 -4.38 -16.47 0.53
CA THR A 7 -4.89 -15.14 0.84
C THR A 7 -4.17 -14.04 0.07
N GLN A 8 -4.59 -12.79 0.30
CA GLN A 8 -4.10 -11.60 -0.39
C GLN A 8 -2.60 -11.35 -0.14
N TYR A 9 -2.00 -12.04 0.83
CA TYR A 9 -0.62 -11.80 1.23
C TYR A 9 0.07 -13.05 1.78
N ILE A 10 1.32 -12.90 2.22
CA ILE A 10 2.12 -13.99 2.76
C ILE A 10 1.62 -14.43 4.14
N ASP A 11 1.78 -13.57 5.15
CA ASP A 11 1.35 -13.90 6.51
C ASP A 11 1.21 -12.59 7.31
N GLU A 12 1.02 -11.46 6.64
CA GLU A 12 0.92 -10.12 7.23
C GLU A 12 2.10 -9.76 8.14
N THR A 13 3.21 -10.52 8.05
CA THR A 13 4.46 -10.23 8.75
C THR A 13 5.69 -10.19 7.84
N ALA A 14 5.47 -10.35 6.53
CA ALA A 14 6.55 -10.30 5.55
C ALA A 14 7.25 -8.94 5.58
N PHE A 15 8.46 -8.88 5.03
CA PHE A 15 9.24 -7.65 4.98
C PHE A 15 10.21 -7.79 3.80
N VAL A 16 10.97 -6.73 3.55
CA VAL A 16 11.95 -6.67 2.48
C VAL A 16 13.13 -5.86 2.99
N GLN A 17 14.32 -6.19 2.47
CA GLN A 17 15.55 -5.54 2.90
C GLN A 17 16.53 -5.46 1.73
N ALA A 18 17.62 -4.70 1.93
CA ALA A 18 18.68 -4.52 0.95
C ALA A 18 19.29 -5.85 0.53
N GLU A 19 20.04 -5.85 -0.59
CA GLU A 19 20.58 -7.07 -1.17
C GLU A 19 21.44 -7.86 -0.19
N GLN A 20 22.31 -7.16 0.55
CA GLN A 20 23.15 -7.78 1.57
C GLN A 20 23.71 -6.74 2.55
N GLY A 21 23.79 -5.48 2.14
CA GLY A 21 24.30 -4.41 2.98
C GLY A 21 24.11 -3.03 2.35
N LYS A 22 23.27 -2.92 1.31
CA LYS A 22 23.02 -1.67 0.60
C LYS A 22 22.33 -0.71 1.55
N THR A 23 22.49 0.60 1.33
CA THR A 23 21.88 1.61 2.19
C THR A 23 20.39 1.86 2.00
N ASN A 24 19.81 1.31 0.93
CA ASN A 24 18.41 1.56 0.59
C ASN A 24 17.77 0.38 -0.15
N LEU A 25 16.44 0.39 -0.19
CA LEU A 25 15.65 -0.57 -0.96
C LEU A 25 15.37 0.00 -2.37
N MET A 26 15.80 1.25 -2.62
CA MET A 26 15.64 1.86 -3.94
C MET A 26 16.38 1.08 -5.02
N PHE A 27 15.96 1.23 -6.28
CA PHE A 27 16.57 0.50 -7.39
C PHE A 27 17.35 1.46 -8.27
N SER A 28 17.00 2.74 -8.24
CA SER A 28 17.66 3.78 -9.03
C SER A 28 17.59 3.43 -10.51
N ASP A 29 16.49 2.78 -10.90
CA ASP A 29 16.26 2.34 -12.26
C ASP A 29 14.86 2.68 -12.76
N GLU A 30 14.74 3.25 -13.96
CA GLU A 30 13.48 3.77 -14.46
C GLU A 30 12.46 2.66 -14.69
N LYS A 31 12.90 1.39 -14.69
CA LYS A 31 12.01 0.26 -14.83
C LYS A 31 11.57 -0.29 -13.48
N GLN A 32 12.49 -0.39 -12.52
CA GLN A 32 12.21 -1.04 -11.24
C GLN A 32 11.72 -0.04 -10.19
N GLN A 33 12.25 1.18 -10.20
CA GLN A 33 11.92 2.18 -9.20
C GLN A 33 10.59 2.87 -9.52
N ALA A 34 10.32 3.08 -10.80
CA ALA A 34 9.09 3.76 -11.22
C ALA A 34 7.88 2.84 -11.04
N ARG A 35 8.04 1.54 -11.32
CA ARG A 35 6.95 0.58 -11.14
C ARG A 35 6.68 0.33 -9.67
N PHE A 36 7.70 0.48 -8.81
CA PHE A 36 7.49 0.33 -7.39
C PHE A 36 6.63 1.43 -6.75
N GLU A 37 6.84 2.67 -7.18
CA GLU A 37 6.10 3.80 -6.65
C GLU A 37 4.64 3.78 -7.12
N LEU A 38 4.39 3.22 -8.30
CA LEU A 38 3.02 3.05 -8.78
C LEU A 38 2.36 1.92 -7.98
N GLY A 39 3.10 0.86 -7.68
CA GLY A 39 2.55 -0.29 -6.99
C GLY A 39 2.14 0.07 -5.56
N VAL A 40 2.94 0.89 -4.87
CA VAL A 40 2.61 1.30 -3.52
C VAL A 40 1.37 2.19 -3.55
N SER A 41 1.24 3.02 -4.59
CA SER A 41 0.10 3.93 -4.69
C SER A 41 -1.20 3.16 -4.85
N MET A 42 -1.19 2.07 -5.63
CA MET A 42 -2.39 1.28 -5.85
C MET A 42 -2.79 0.50 -4.60
N VAL A 43 -1.89 0.37 -3.62
CA VAL A 43 -2.19 -0.35 -2.39
C VAL A 43 -2.87 0.59 -1.40
N ILE A 44 -2.57 1.90 -1.47
CA ILE A 44 -3.23 2.85 -0.60
C ILE A 44 -4.67 3.09 -1.08
N TYR A 45 -4.91 2.92 -2.38
CA TYR A 45 -6.25 3.04 -2.94
C TYR A 45 -7.23 1.90 -2.64
N LYS A 46 -6.75 0.77 -2.12
CA LYS A 46 -7.62 -0.33 -1.73
C LYS A 46 -7.92 -0.31 -0.23
N TRP A 47 -7.33 0.64 0.52
CA TRP A 47 -7.52 0.70 1.95
C TRP A 47 -8.91 1.25 2.29
N ASP A 48 -9.68 0.49 3.09
CA ASP A 48 -11.02 0.87 3.47
C ASP A 48 -11.13 2.12 4.34
N ALA A 49 -10.24 2.25 5.34
CA ALA A 49 -10.30 3.37 6.25
C ALA A 49 -10.04 4.68 5.53
N LEU A 50 -9.28 4.63 4.42
CA LEU A 50 -9.04 5.82 3.61
C LEU A 50 -10.22 6.05 2.67
N ASP A 51 -10.82 4.95 2.16
CA ASP A 51 -11.98 5.03 1.29
C ASP A 51 -13.21 5.65 1.94
N VAL A 52 -13.43 5.41 3.24
CA VAL A 52 -14.54 6.02 3.95
C VAL A 52 -14.17 7.43 4.40
N ALA A 53 -12.87 7.74 4.50
CA ALA A 53 -12.44 9.06 4.93
C ALA A 53 -12.64 10.10 3.83
N VAL A 54 -12.51 9.68 2.56
CA VAL A 54 -12.73 10.56 1.43
C VAL A 54 -14.20 10.60 1.03
N GLU A 55 -14.95 9.53 1.30
CA GLU A 55 -16.37 9.48 0.97
C GLU A 55 -17.21 10.26 1.98
N ASN A 56 -16.78 10.28 3.24
CA ASN A 56 -17.41 11.06 4.29
C ASN A 56 -16.70 12.40 4.50
N SER A 57 -15.62 12.62 3.73
CA SER A 57 -14.85 13.86 3.73
C SER A 57 -14.37 14.28 5.12
N TRP A 58 -13.83 13.33 5.89
CA TRP A 58 -13.35 13.59 7.24
C TRP A 58 -12.24 14.64 7.27
N GLY A 59 -11.51 14.79 6.15
CA GLY A 59 -10.40 15.71 6.08
C GLY A 59 -10.80 17.06 5.48
N GLY A 60 -12.05 17.19 5.04
CA GLY A 60 -12.55 18.39 4.37
C GLY A 60 -12.66 18.16 2.87
N PRO A 61 -12.86 19.22 2.09
CA PRO A 61 -13.04 19.14 0.65
C PRO A 61 -11.75 18.69 -0.06
N ASP A 62 -10.62 18.66 0.65
CA ASP A 62 -9.34 18.22 0.11
C ASP A 62 -9.02 16.76 0.41
N SER A 63 -10.02 16.00 0.88
CA SER A 63 -9.83 14.60 1.26
C SER A 63 -9.36 13.75 0.10
N ALA A 64 -9.64 14.16 -1.14
CA ALA A 64 -9.22 13.44 -2.33
C ALA A 64 -7.77 13.77 -2.70
N GLU A 65 -7.25 14.89 -2.19
CA GLU A 65 -5.89 15.33 -2.47
C GLU A 65 -4.93 14.86 -1.39
N LYS A 66 -5.45 14.64 -0.17
CA LYS A 66 -4.67 14.19 0.97
C LYS A 66 -4.17 12.76 0.81
N ARG A 67 -4.90 11.95 0.05
CA ARG A 67 -4.56 10.54 -0.19
C ARG A 67 -3.25 10.41 -0.95
N ASP A 68 -2.92 11.39 -1.81
CA ASP A 68 -1.70 11.35 -2.60
C ASP A 68 -0.42 11.50 -1.79
N TRP A 69 -0.54 11.94 -0.53
CA TRP A 69 0.60 12.05 0.37
C TRP A 69 0.81 10.79 1.21
N ILE A 70 -0.24 9.98 1.37
CA ILE A 70 -0.18 8.76 2.17
C ILE A 70 0.69 7.71 1.49
N THR A 71 0.79 7.74 0.15
CA THR A 71 1.64 6.81 -0.58
C THR A 71 3.06 7.34 -0.61
N GLY A 72 3.24 8.66 -0.55
CA GLY A 72 4.56 9.27 -0.65
C GLY A 72 5.42 8.95 0.56
N ILE A 73 4.82 9.00 1.75
CA ILE A 73 5.52 8.71 3.00
C ILE A 73 5.83 7.22 3.15
N VAL A 74 5.06 6.36 2.46
CA VAL A 74 5.31 4.92 2.50
C VAL A 74 6.51 4.60 1.61
N VAL A 75 6.65 5.29 0.48
CA VAL A 75 7.81 5.10 -0.40
C VAL A 75 9.03 5.69 0.30
N ASP A 76 8.84 6.70 1.16
CA ASP A 76 9.92 7.31 1.90
C ASP A 76 10.63 6.39 2.89
N LEU A 77 10.02 5.25 3.21
CA LEU A 77 10.66 4.26 4.07
C LEU A 77 11.70 3.48 3.29
N PHE A 78 11.46 3.30 1.99
CA PHE A 78 12.31 2.53 1.11
C PHE A 78 13.57 3.26 0.64
N LYS A 79 13.60 4.58 0.84
CA LYS A 79 14.73 5.43 0.42
C LYS A 79 15.40 6.11 1.61
N ASN A 80 15.03 5.74 2.84
CA ASN A 80 15.68 6.24 4.05
C ASN A 80 16.08 5.12 5.01
N GLU A 81 15.78 3.86 4.65
CA GLU A 81 16.14 2.69 5.44
C GLU A 81 16.55 1.55 4.52
N LYS A 82 17.38 0.64 5.04
CA LYS A 82 17.86 -0.52 4.30
C LYS A 82 16.98 -1.75 4.54
N VAL A 83 15.83 -1.56 5.18
CA VAL A 83 14.86 -2.63 5.39
C VAL A 83 13.55 -1.99 5.83
N VAL A 84 12.42 -2.59 5.42
CA VAL A 84 11.08 -2.14 5.78
C VAL A 84 10.20 -3.37 5.94
N ASP A 85 9.28 -3.35 6.90
CA ASP A 85 8.39 -4.49 7.14
C ASP A 85 6.95 -4.00 7.26
N ALA A 86 6.00 -4.94 7.29
CA ALA A 86 4.59 -4.58 7.40
C ALA A 86 4.24 -4.03 8.78
N ALA A 87 5.18 -4.06 9.74
CA ALA A 87 4.90 -3.63 11.10
C ALA A 87 5.09 -2.12 11.26
N LEU A 88 6.14 -1.53 10.69
CA LEU A 88 6.33 -0.08 10.80
C LEU A 88 5.55 0.67 9.74
N ILE A 89 5.06 -0.02 8.71
CA ILE A 89 4.20 0.60 7.71
C ILE A 89 2.80 0.78 8.30
N GLU A 90 2.34 -0.18 9.10
CA GLU A 90 1.02 -0.13 9.73
C GLU A 90 0.84 1.15 10.53
N GLU A 91 1.81 1.51 11.37
CA GLU A 91 1.66 2.70 12.20
C GLU A 91 1.80 3.97 11.35
N THR A 92 2.57 3.91 10.25
CA THR A 92 2.73 5.07 9.39
C THR A 92 1.45 5.37 8.61
N LEU A 93 0.69 4.35 8.25
CA LEU A 93 -0.59 4.52 7.57
C LEU A 93 -1.59 5.14 8.54
N LEU A 94 -1.63 4.63 9.77
CA LEU A 94 -2.55 5.10 10.79
C LEU A 94 -2.23 6.56 11.14
N TYR A 95 -0.99 6.83 11.56
CA TYR A 95 -0.61 8.16 11.97
C TYR A 95 -0.71 9.25 10.90
N ALA A 96 -0.58 8.85 9.63
CA ALA A 96 -0.67 9.80 8.53
C ALA A 96 -2.11 10.23 8.28
N MET A 97 -3.08 9.33 8.45
CA MET A 97 -4.47 9.70 8.23
C MET A 97 -5.09 10.26 9.50
N ILE A 98 -4.48 10.01 10.66
CA ILE A 98 -4.94 10.62 11.90
C ILE A 98 -4.57 12.10 11.90
N ASP A 99 -3.43 12.43 11.29
CA ASP A 99 -2.95 13.79 11.18
C ASP A 99 -3.60 14.63 10.09
N GLU A 100 -4.52 14.03 9.31
CA GLU A 100 -5.18 14.73 8.21
C GLU A 100 -6.68 14.38 8.09
N PHE A 101 -7.15 13.36 8.83
CA PHE A 101 -8.55 12.99 8.84
C PHE A 101 -9.07 12.77 10.27
N GLU A 102 -8.17 12.78 11.27
CA GLU A 102 -8.51 12.66 12.69
C GLU A 102 -9.37 11.44 13.00
N THR A 103 -9.18 10.34 12.26
CA THR A 103 -10.03 9.16 12.40
C THR A 103 -9.71 8.38 13.68
N ASN A 104 -8.47 8.45 14.17
CA ASN A 104 -8.04 7.67 15.33
C ASN A 104 -8.25 6.16 15.10
N VAL A 105 -8.45 5.75 13.85
CA VAL A 105 -8.81 4.39 13.42
C VAL A 105 -8.21 3.27 14.26
N GLU A 106 -9.06 2.28 14.57
CA GLU A 106 -8.72 1.12 15.39
C GLU A 106 -9.22 -0.18 14.74
N ASP A 107 -9.74 -0.09 13.52
CA ASP A 107 -10.32 -1.23 12.82
C ASP A 107 -9.33 -2.26 12.28
N ASP A 108 -8.04 -2.07 12.53
CA ASP A 108 -6.99 -2.94 12.02
C ASP A 108 -6.98 -3.12 10.50
N SER A 109 -7.62 -2.19 9.78
CA SER A 109 -7.76 -2.25 8.34
C SER A 109 -6.41 -2.01 7.63
N ALA A 110 -5.40 -1.50 8.34
CA ALA A 110 -4.11 -1.19 7.75
C ALA A 110 -3.18 -2.40 7.72
N LEU A 111 -3.53 -3.48 8.42
CA LEU A 111 -2.69 -4.67 8.50
C LEU A 111 -2.53 -5.34 7.13
N PRO A 112 -3.61 -5.64 6.39
CA PRO A 112 -3.50 -6.25 5.08
C PRO A 112 -2.95 -5.27 4.05
N ILE A 113 -3.02 -3.96 4.33
CA ILE A 113 -2.52 -2.94 3.44
C ILE A 113 -1.00 -2.79 3.60
N ALA A 114 -0.49 -2.95 4.83
CA ALA A 114 0.92 -2.77 5.09
C ALA A 114 1.75 -3.85 4.43
N VAL A 115 1.25 -5.09 4.42
CA VAL A 115 1.96 -6.19 3.79
C VAL A 115 1.80 -6.16 2.27
N GLU A 116 0.74 -5.53 1.77
CA GLU A 116 0.56 -5.38 0.34
C GLU A 116 1.60 -4.44 -0.24
N VAL A 117 2.12 -3.50 0.56
CA VAL A 117 3.18 -2.60 0.14
C VAL A 117 4.48 -3.40 0.01
N ILE A 118 4.65 -4.41 0.87
CA ILE A 118 5.85 -5.24 0.85
C ILE A 118 5.87 -6.11 -0.41
N ASN A 119 4.70 -6.52 -0.89
CA ASN A 119 4.59 -7.39 -2.05
C ASN A 119 4.99 -6.68 -3.34
N ILE A 120 4.93 -5.33 -3.36
CA ILE A 120 5.29 -4.56 -4.53
C ILE A 120 6.80 -4.69 -4.80
N TYR A 121 7.61 -4.77 -3.74
CA TYR A 121 9.05 -4.82 -3.88
C TYR A 121 9.61 -6.12 -4.44
N ASN A 122 8.95 -7.23 -4.11
CA ASN A 122 9.40 -8.54 -4.53
C ASN A 122 9.03 -8.83 -5.98
N ASP A 123 7.98 -8.20 -6.49
CA ASP A 123 7.55 -8.40 -7.88
C ASP A 123 8.11 -7.42 -8.90
N CYS A 124 8.53 -6.22 -8.47
CA CYS A 124 9.17 -5.27 -9.37
C CYS A 124 10.64 -5.66 -9.59
N PHE A 125 11.18 -6.53 -8.73
CA PHE A 125 12.53 -7.05 -8.85
C PHE A 125 12.69 -8.23 -9.79
N ASN A 126 11.61 -8.99 -10.01
CA ASN A 126 11.58 -10.12 -10.92
C ASN A 126 11.15 -9.69 -12.32
N LEU A 127 10.92 -8.38 -12.50
CA LEU A 127 10.53 -7.76 -13.75
C LEU A 127 9.23 -8.32 -14.34
N ASN A 128 8.49 -9.11 -13.57
CA ASN A 128 7.22 -9.66 -14.04
C ASN A 128 6.14 -8.57 -13.99
N TYR A 129 6.34 -7.58 -13.10
CA TYR A 129 5.48 -6.43 -12.89
C TYR A 129 3.99 -6.77 -12.69
N ASN A 130 3.67 -8.03 -12.41
CA ASN A 130 2.28 -8.49 -12.41
C ASN A 130 1.47 -7.85 -11.28
N LYS A 131 2.11 -7.55 -10.15
CA LYS A 131 1.42 -7.05 -8.98
C LYS A 131 1.02 -5.59 -9.14
N VAL A 132 1.91 -4.76 -9.71
CA VAL A 132 1.62 -3.35 -9.93
C VAL A 132 0.74 -3.19 -11.17
N GLU A 133 0.87 -4.09 -12.15
CA GLU A 133 0.16 -3.96 -13.41
C GLU A 133 -1.32 -4.27 -13.25
N LYS A 134 -1.66 -5.23 -12.40
CA LYS A 134 -3.05 -5.65 -12.21
C LYS A 134 -3.79 -4.70 -11.28
N LEU A 135 -3.11 -4.18 -10.26
CA LEU A 135 -3.77 -3.30 -9.30
C LEU A 135 -4.09 -1.95 -9.96
N TYR A 136 -3.36 -1.59 -11.01
CA TYR A 136 -3.68 -0.39 -11.78
C TYR A 136 -4.98 -0.48 -12.57
N LEU A 137 -5.43 -1.70 -12.86
CA LEU A 137 -6.69 -1.94 -13.56
C LEU A 137 -7.84 -1.97 -12.56
N GLU A 138 -7.58 -2.55 -11.39
CA GLU A 138 -8.56 -2.65 -10.31
C GLU A 138 -8.77 -1.29 -9.63
N TRP A 139 -7.97 -0.29 -10.01
CA TRP A 139 -8.08 1.07 -9.53
C TRP A 139 -9.01 1.93 -10.40
N GLN A 140 -9.18 1.54 -11.67
CA GLN A 140 -10.01 2.29 -12.60
C GLN A 140 -11.47 2.26 -12.17
N GLU A 141 -11.91 1.16 -11.56
CA GLU A 141 -13.30 1.02 -11.13
C GLU A 141 -13.55 1.90 -9.89
N LYS A 142 -12.48 2.22 -9.16
CA LYS A 142 -12.59 3.00 -7.93
C LYS A 142 -12.82 4.47 -8.24
N GLN A 143 -12.65 4.88 -9.51
CA GLN A 143 -12.85 6.26 -9.90
C GLN A 143 -13.90 6.41 -11.01
N ARG A 144 -14.10 5.39 -11.84
CA ARG A 144 -15.06 5.47 -12.93
C ARG A 144 -16.49 5.22 -12.41
N THR A 145 -16.60 4.54 -11.26
CA THR A 145 -17.88 4.20 -10.65
C THR A 145 -17.81 4.06 -9.13
N LYS A 146 -16.68 4.44 -8.53
CA LYS A 146 -16.44 4.40 -7.09
C LYS A 146 -16.64 3.01 -6.50
N LYS A 147 -16.45 1.96 -7.30
CA LYS A 147 -16.62 0.58 -6.87
C LYS A 147 -15.27 -0.07 -6.54
N SER A 148 -15.28 -1.02 -5.59
CA SER A 148 -14.09 -1.76 -5.22
C SER A 148 -14.48 -3.10 -4.59
N LYS A 149 -13.59 -4.10 -4.71
CA LYS A 149 -13.83 -5.42 -4.13
C LYS A 149 -13.69 -5.40 -2.62
N ARG A 150 -14.42 -6.28 -1.93
CA ARG A 150 -14.38 -6.42 -0.48
C ARG A 150 -13.37 -7.48 -0.04
N VAL A 151 -12.73 -8.15 -0.99
CA VAL A 151 -11.76 -9.21 -0.72
C VAL A 151 -10.46 -8.71 -0.09
N VAL A 152 -10.35 -7.40 0.15
CA VAL A 152 -9.19 -6.80 0.80
C VAL A 152 -9.12 -7.23 2.27
N HIS A 153 -10.23 -7.72 2.81
CA HIS A 153 -10.31 -8.17 4.19
C HIS A 153 -9.55 -9.49 4.38
N ILE A 154 -9.24 -9.81 5.63
CA ILE A 154 -8.56 -11.06 5.98
C ILE A 154 -9.50 -12.24 5.71
N GLU A 155 -8.94 -13.41 5.42
CA GLU A 155 -9.71 -14.60 5.06
C GLU A 155 -10.43 -15.21 6.26
N GLY A 156 -10.26 -14.64 7.46
CA GLY A 156 -10.90 -15.13 8.68
C GLY A 156 -10.30 -16.45 9.12
N SER A 1 -0.05 -17.78 4.89
CA SER A 1 0.99 -18.67 4.35
C SER A 1 1.00 -18.65 2.83
N GLY A 2 -0.15 -18.94 2.20
CA GLY A 2 -0.28 -18.97 0.75
C GLY A 2 0.18 -20.28 0.14
N SER A 3 0.63 -21.23 0.97
CA SER A 3 1.05 -22.54 0.50
C SER A 3 -0.14 -23.39 0.06
N HIS A 4 -1.34 -23.00 0.51
CA HIS A 4 -2.59 -23.63 0.14
C HIS A 4 -3.68 -22.56 0.06
N MET A 5 -4.65 -22.75 -0.85
CA MET A 5 -5.72 -21.81 -1.12
C MET A 5 -5.21 -20.44 -1.60
N SER A 6 -6.06 -19.68 -2.28
CA SER A 6 -5.71 -18.35 -2.76
C SER A 6 -5.48 -17.39 -1.59
N THR A 7 -4.67 -16.37 -1.81
CA THR A 7 -4.36 -15.37 -0.79
C THR A 7 -4.02 -13.99 -1.35
N GLN A 8 -4.12 -12.96 -0.51
CA GLN A 8 -3.78 -11.60 -0.88
C GLN A 8 -2.36 -11.24 -0.48
N TYR A 9 -1.74 -12.04 0.41
CA TYR A 9 -0.42 -11.76 0.93
C TYR A 9 0.24 -12.98 1.57
N ILE A 10 1.49 -12.81 2.02
CA ILE A 10 2.28 -13.88 2.63
C ILE A 10 1.73 -14.25 4.01
N ASP A 11 1.94 -13.38 5.00
CA ASP A 11 1.59 -13.60 6.39
C ASP A 11 1.24 -12.35 7.20
N GLU A 12 1.02 -11.22 6.52
CA GLU A 12 0.77 -9.90 7.10
C GLU A 12 1.86 -9.47 8.07
N THR A 13 3.00 -10.16 8.07
CA THR A 13 4.18 -9.80 8.84
C THR A 13 5.49 -9.85 8.04
N ALA A 14 5.37 -10.06 6.72
CA ALA A 14 6.50 -10.12 5.82
C ALA A 14 7.24 -8.78 5.78
N PHE A 15 8.46 -8.78 5.21
CA PHE A 15 9.27 -7.57 5.13
C PHE A 15 10.23 -7.76 3.96
N VAL A 16 11.00 -6.71 3.68
CA VAL A 16 11.99 -6.69 2.61
C VAL A 16 13.16 -5.87 3.13
N GLN A 17 14.36 -6.18 2.63
CA GLN A 17 15.59 -5.52 3.05
C GLN A 17 16.57 -5.45 1.90
N ALA A 18 17.64 -4.68 2.11
CA ALA A 18 18.73 -4.52 1.14
C ALA A 18 19.35 -5.86 0.77
N GLU A 19 20.11 -5.88 -0.34
CA GLU A 19 20.66 -7.10 -0.90
C GLU A 19 21.53 -7.86 0.10
N GLN A 20 22.38 -7.14 0.83
CA GLN A 20 23.23 -7.72 1.88
C GLN A 20 23.75 -6.64 2.84
N GLY A 21 23.82 -5.39 2.37
CA GLY A 21 24.30 -4.29 3.19
C GLY A 21 24.11 -2.93 2.50
N LYS A 22 23.30 -2.87 1.45
CA LYS A 22 23.05 -1.65 0.69
C LYS A 22 22.36 -0.64 1.59
N THR A 23 22.51 0.65 1.29
CA THR A 23 21.90 1.71 2.08
C THR A 23 20.41 1.93 1.86
N ASN A 24 19.83 1.32 0.82
CA ASN A 24 18.43 1.53 0.47
C ASN A 24 17.82 0.30 -0.22
N LEU A 25 16.48 0.27 -0.26
CA LEU A 25 15.72 -0.73 -0.97
C LEU A 25 15.47 -0.26 -2.41
N MET A 26 15.88 0.96 -2.73
CA MET A 26 15.71 1.49 -4.08
C MET A 26 16.54 0.69 -5.08
N PHE A 27 15.99 0.50 -6.29
CA PHE A 27 16.58 -0.37 -7.30
C PHE A 27 17.73 0.22 -8.13
N SER A 28 18.52 -0.67 -8.73
CA SER A 28 19.63 -0.29 -9.61
C SER A 28 19.13 -0.04 -11.03
N ASP A 29 17.81 -0.07 -11.23
CA ASP A 29 17.19 0.12 -12.53
C ASP A 29 15.98 1.06 -12.46
N GLU A 30 15.91 2.04 -13.37
CA GLU A 30 14.91 3.08 -13.31
C GLU A 30 13.50 2.52 -13.52
N LYS A 31 13.39 1.37 -14.18
CA LYS A 31 12.10 0.74 -14.41
C LYS A 31 11.60 0.05 -13.15
N GLN A 32 12.51 -0.56 -12.38
CA GLN A 32 12.15 -1.25 -11.16
C GLN A 32 11.82 -0.25 -10.07
N GLN A 33 12.45 0.93 -10.13
CA GLN A 33 12.23 1.99 -9.15
C GLN A 33 10.90 2.69 -9.44
N ALA A 34 10.61 2.96 -10.72
CA ALA A 34 9.39 3.64 -11.11
C ALA A 34 8.16 2.75 -10.96
N ARG A 35 8.31 1.45 -11.29
CA ARG A 35 7.20 0.51 -11.13
C ARG A 35 6.90 0.28 -9.65
N PHE A 36 7.90 0.45 -8.78
CA PHE A 36 7.67 0.32 -7.35
C PHE A 36 6.80 1.42 -6.75
N GLU A 37 7.02 2.67 -7.17
CA GLU A 37 6.24 3.79 -6.64
C GLU A 37 4.79 3.73 -7.14
N LEU A 38 4.57 3.17 -8.33
CA LEU A 38 3.23 2.99 -8.84
C LEU A 38 2.53 1.88 -8.08
N GLY A 39 3.25 0.81 -7.76
CA GLY A 39 2.67 -0.34 -7.09
C GLY A 39 2.25 0.00 -5.67
N VAL A 40 3.01 0.85 -4.97
CA VAL A 40 2.66 1.24 -3.60
C VAL A 40 1.41 2.11 -3.64
N SER A 41 1.28 2.95 -4.68
CA SER A 41 0.14 3.85 -4.78
C SER A 41 -1.16 3.07 -4.88
N MET A 42 -1.19 2.03 -5.71
CA MET A 42 -2.37 1.21 -5.90
C MET A 42 -2.77 0.46 -4.62
N VAL A 43 -1.86 0.30 -3.66
CA VAL A 43 -2.16 -0.39 -2.42
C VAL A 43 -2.82 0.59 -1.44
N ILE A 44 -2.58 1.88 -1.58
CA ILE A 44 -3.20 2.87 -0.69
C ILE A 44 -4.66 3.11 -1.08
N TYR A 45 -4.97 3.00 -2.38
CA TYR A 45 -6.33 3.26 -2.85
C TYR A 45 -7.32 2.13 -2.57
N LYS A 46 -6.82 0.93 -2.25
CA LYS A 46 -7.68 -0.20 -1.89
C LYS A 46 -7.95 -0.22 -0.38
N TRP A 47 -7.37 0.70 0.38
CA TRP A 47 -7.56 0.74 1.82
C TRP A 47 -8.94 1.29 2.16
N ASP A 48 -9.70 0.54 2.96
CA ASP A 48 -11.06 0.92 3.34
C ASP A 48 -11.16 2.14 4.23
N ALA A 49 -10.31 2.25 5.27
CA ALA A 49 -10.42 3.35 6.21
C ALA A 49 -10.10 4.68 5.55
N LEU A 50 -9.32 4.66 4.46
CA LEU A 50 -9.01 5.88 3.72
C LEU A 50 -10.18 6.21 2.78
N ASP A 51 -10.76 5.18 2.15
CA ASP A 51 -11.85 5.35 1.20
C ASP A 51 -13.11 5.95 1.83
N VAL A 52 -13.42 5.56 3.08
CA VAL A 52 -14.56 6.12 3.79
C VAL A 52 -14.27 7.49 4.38
N ALA A 53 -13.00 7.82 4.59
CA ALA A 53 -12.63 9.09 5.19
C ALA A 53 -12.83 10.24 4.20
N VAL A 54 -12.60 9.97 2.91
CA VAL A 54 -12.79 10.96 1.86
C VAL A 54 -14.26 11.04 1.45
N GLU A 55 -15.03 9.98 1.67
CA GLU A 55 -16.44 9.94 1.31
C GLU A 55 -17.34 10.51 2.40
N ASN A 56 -17.02 10.26 3.67
CA ASN A 56 -17.75 10.84 4.79
C ASN A 56 -17.18 12.20 5.18
N SER A 57 -16.10 12.63 4.52
CA SER A 57 -15.49 13.94 4.74
C SER A 57 -15.15 14.14 6.21
N TRP A 58 -14.35 13.22 6.78
CA TRP A 58 -13.88 13.31 8.15
C TRP A 58 -12.92 14.48 8.37
N GLY A 59 -12.66 15.27 7.32
CA GLY A 59 -11.76 16.39 7.37
C GLY A 59 -12.21 17.50 6.43
N GLY A 60 -11.25 18.24 5.87
CA GLY A 60 -11.53 19.35 4.97
C GLY A 60 -11.92 18.89 3.57
N PRO A 61 -12.20 19.83 2.67
CA PRO A 61 -12.55 19.54 1.29
C PRO A 61 -11.36 18.98 0.51
N ASP A 62 -10.15 19.10 1.08
CA ASP A 62 -8.93 18.55 0.50
C ASP A 62 -8.72 17.07 0.80
N SER A 63 -9.75 16.40 1.33
CA SER A 63 -9.67 14.99 1.68
C SER A 63 -9.37 14.11 0.46
N ALA A 64 -9.76 14.57 -0.73
CA ALA A 64 -9.49 13.87 -1.98
C ALA A 64 -8.07 14.12 -2.47
N GLU A 65 -7.36 15.08 -1.87
CA GLU A 65 -5.99 15.42 -2.25
C GLU A 65 -4.99 14.87 -1.23
N LYS A 66 -5.41 14.70 0.03
CA LYS A 66 -4.54 14.20 1.09
C LYS A 66 -4.20 12.73 0.88
N ARG A 67 -5.08 11.97 0.22
CA ARG A 67 -4.87 10.55 -0.03
C ARG A 67 -3.70 10.33 -0.98
N ASP A 68 -3.32 11.36 -1.75
CA ASP A 68 -2.18 11.28 -2.66
C ASP A 68 -0.83 11.41 -1.96
N TRP A 69 -0.85 11.86 -0.71
CA TRP A 69 0.36 12.00 0.10
C TRP A 69 0.64 10.76 0.95
N ILE A 70 -0.39 9.95 1.21
CA ILE A 70 -0.27 8.75 2.02
C ILE A 70 0.63 7.71 1.34
N THR A 71 0.71 7.73 0.00
CA THR A 71 1.56 6.79 -0.73
C THR A 71 3.00 7.32 -0.75
N GLY A 72 3.18 8.64 -0.69
CA GLY A 72 4.51 9.24 -0.81
C GLY A 72 5.37 8.93 0.40
N ILE A 73 4.76 8.96 1.59
CA ILE A 73 5.47 8.71 2.84
C ILE A 73 5.78 7.22 3.02
N VAL A 74 5.02 6.35 2.34
CA VAL A 74 5.26 4.91 2.40
C VAL A 74 6.44 4.57 1.48
N VAL A 75 6.54 5.26 0.34
CA VAL A 75 7.66 5.06 -0.58
C VAL A 75 8.91 5.65 0.06
N ASP A 76 8.75 6.66 0.91
CA ASP A 76 9.86 7.29 1.61
C ASP A 76 10.59 6.38 2.61
N LEU A 77 9.98 5.26 2.97
CA LEU A 77 10.62 4.30 3.86
C LEU A 77 11.67 3.49 3.09
N PHE A 78 11.43 3.29 1.79
CA PHE A 78 12.28 2.47 0.95
C PHE A 78 13.54 3.18 0.43
N LYS A 79 13.53 4.52 0.49
CA LYS A 79 14.63 5.34 0.01
C LYS A 79 15.33 6.10 1.14
N ASN A 80 15.00 5.79 2.39
CA ASN A 80 15.67 6.36 3.56
C ASN A 80 16.08 5.30 4.58
N GLU A 81 15.76 4.03 4.33
CA GLU A 81 16.13 2.92 5.20
C GLU A 81 16.54 1.72 4.36
N LYS A 82 17.33 0.82 4.95
CA LYS A 82 17.81 -0.38 4.27
C LYS A 82 16.96 -1.61 4.57
N VAL A 83 15.79 -1.42 5.19
CA VAL A 83 14.85 -2.50 5.42
C VAL A 83 13.52 -1.87 5.85
N VAL A 84 12.41 -2.49 5.45
CA VAL A 84 11.07 -2.04 5.79
C VAL A 84 10.20 -3.28 5.97
N ASP A 85 9.27 -3.26 6.94
CA ASP A 85 8.39 -4.39 7.19
C ASP A 85 6.95 -3.92 7.30
N ALA A 86 6.00 -4.87 7.35
CA ALA A 86 4.59 -4.53 7.43
C ALA A 86 4.23 -3.96 8.80
N ALA A 87 5.16 -3.95 9.76
CA ALA A 87 4.89 -3.49 11.11
C ALA A 87 5.06 -1.98 11.25
N LEU A 88 6.11 -1.40 10.66
CA LEU A 88 6.30 0.04 10.75
C LEU A 88 5.50 0.78 9.68
N ILE A 89 5.04 0.06 8.65
CA ILE A 89 4.16 0.66 7.65
C ILE A 89 2.76 0.83 8.23
N GLU A 90 2.32 -0.14 9.05
CA GLU A 90 1.01 -0.09 9.68
C GLU A 90 0.81 1.20 10.47
N GLU A 91 1.78 1.59 11.30
CA GLU A 91 1.63 2.79 12.11
C GLU A 91 1.77 4.05 11.26
N THR A 92 2.52 3.98 10.17
CA THR A 92 2.69 5.13 9.28
C THR A 92 1.41 5.43 8.50
N LEU A 93 0.63 4.39 8.17
CA LEU A 93 -0.64 4.54 7.49
C LEU A 93 -1.65 5.16 8.44
N LEU A 94 -1.68 4.68 9.69
CA LEU A 94 -2.60 5.17 10.71
C LEU A 94 -2.28 6.61 11.06
N TYR A 95 -1.03 6.89 11.44
CA TYR A 95 -0.65 8.25 11.84
C TYR A 95 -0.76 9.31 10.77
N ALA A 96 -0.65 8.92 9.49
CA ALA A 96 -0.75 9.86 8.39
C ALA A 96 -2.20 10.24 8.12
N MET A 97 -3.15 9.33 8.36
CA MET A 97 -4.55 9.66 8.15
C MET A 97 -5.14 10.27 9.42
N ILE A 98 -4.51 10.06 10.57
CA ILE A 98 -4.94 10.69 11.82
C ILE A 98 -4.57 12.17 11.79
N ASP A 99 -3.51 12.52 11.06
CA ASP A 99 -3.04 13.88 10.94
C ASP A 99 -3.92 14.64 9.92
N GLU A 100 -4.90 13.97 9.31
CA GLU A 100 -5.75 14.59 8.29
C GLU A 100 -7.24 14.25 8.46
N PHE A 101 -7.56 13.26 9.30
CA PHE A 101 -8.93 12.84 9.53
C PHE A 101 -9.25 12.57 11.01
N GLU A 102 -8.22 12.55 11.86
CA GLU A 102 -8.36 12.32 13.30
C GLU A 102 -9.18 11.07 13.61
N THR A 103 -9.16 10.08 12.70
CA THR A 103 -9.99 8.90 12.81
C THR A 103 -9.58 8.02 13.98
N ASN A 104 -8.31 8.08 14.40
CA ASN A 104 -7.78 7.23 15.46
C ASN A 104 -8.00 5.74 15.18
N VAL A 105 -8.27 5.41 13.91
CA VAL A 105 -8.64 4.07 13.44
C VAL A 105 -7.91 2.93 14.17
N GLU A 106 -8.69 1.92 14.58
CA GLU A 106 -8.19 0.73 15.26
C GLU A 106 -8.77 -0.53 14.65
N ASP A 107 -9.44 -0.41 13.49
CA ASP A 107 -10.09 -1.53 12.83
C ASP A 107 -9.15 -2.56 12.20
N ASP A 108 -7.85 -2.40 12.41
CA ASP A 108 -6.83 -3.28 11.85
C ASP A 108 -6.84 -3.39 10.32
N SER A 109 -7.52 -2.46 9.65
CA SER A 109 -7.64 -2.47 8.21
C SER A 109 -6.34 -2.10 7.52
N ALA A 110 -5.35 -1.58 8.26
CA ALA A 110 -4.06 -1.20 7.68
C ALA A 110 -3.09 -2.39 7.63
N LEU A 111 -3.40 -3.49 8.31
CA LEU A 111 -2.51 -4.65 8.33
C LEU A 111 -2.38 -5.30 6.95
N PRO A 112 -3.49 -5.64 6.26
CA PRO A 112 -3.40 -6.23 4.94
C PRO A 112 -2.91 -5.22 3.91
N ILE A 113 -2.97 -3.92 4.23
CA ILE A 113 -2.48 -2.87 3.34
C ILE A 113 -0.97 -2.74 3.50
N ALA A 114 -0.46 -2.91 4.72
CA ALA A 114 0.96 -2.76 5.00
C ALA A 114 1.78 -3.87 4.33
N VAL A 115 1.26 -5.10 4.34
CA VAL A 115 1.96 -6.20 3.70
C VAL A 115 1.82 -6.15 2.19
N GLU A 116 0.77 -5.51 1.68
CA GLU A 116 0.60 -5.36 0.25
C GLU A 116 1.67 -4.43 -0.31
N VAL A 117 2.20 -3.52 0.51
CA VAL A 117 3.28 -2.63 0.10
C VAL A 117 4.57 -3.43 0.01
N ILE A 118 4.72 -4.45 0.87
CA ILE A 118 5.91 -5.29 0.87
C ILE A 118 5.95 -6.15 -0.40
N ASN A 119 4.78 -6.53 -0.92
CA ASN A 119 4.68 -7.38 -2.09
C ASN A 119 5.14 -6.65 -3.35
N ILE A 120 5.06 -5.31 -3.36
CA ILE A 120 5.45 -4.53 -4.53
C ILE A 120 6.95 -4.62 -4.77
N TYR A 121 7.75 -4.70 -3.69
CA TYR A 121 9.19 -4.80 -3.83
C TYR A 121 9.68 -6.11 -4.41
N ASN A 122 9.03 -7.21 -4.02
CA ASN A 122 9.39 -8.54 -4.49
C ASN A 122 8.93 -8.75 -5.93
N ASP A 123 7.87 -8.06 -6.36
CA ASP A 123 7.41 -8.14 -7.73
C ASP A 123 8.22 -7.27 -8.69
N CYS A 124 8.77 -6.15 -8.20
CA CYS A 124 9.64 -5.31 -9.00
C CYS A 124 11.04 -5.90 -9.12
N PHE A 125 11.38 -6.85 -8.24
CA PHE A 125 12.64 -7.56 -8.29
C PHE A 125 12.71 -8.73 -9.28
N ASN A 126 11.54 -9.32 -9.57
CA ASN A 126 11.43 -10.42 -10.51
C ASN A 126 11.02 -9.92 -11.90
N LEU A 127 10.86 -8.60 -12.05
CA LEU A 127 10.46 -7.97 -13.30
C LEU A 127 9.14 -8.48 -13.87
N ASN A 128 8.38 -9.25 -13.07
CA ASN A 128 7.11 -9.79 -13.56
C ASN A 128 6.03 -8.71 -13.56
N TYR A 129 6.19 -7.71 -12.68
CA TYR A 129 5.29 -6.57 -12.53
C TYR A 129 3.81 -6.95 -12.45
N ASN A 130 3.52 -8.20 -12.06
CA ASN A 130 2.17 -8.75 -12.16
C ASN A 130 1.15 -8.01 -11.29
N LYS A 131 1.57 -7.52 -10.11
CA LYS A 131 0.65 -6.87 -9.19
C LYS A 131 0.50 -5.38 -9.48
N VAL A 132 1.58 -4.69 -9.85
CA VAL A 132 1.51 -3.25 -10.11
C VAL A 132 0.76 -3.03 -11.43
N GLU A 133 0.86 -3.97 -12.37
CA GLU A 133 0.24 -3.81 -13.68
C GLU A 133 -1.26 -4.07 -13.63
N LYS A 134 -1.72 -5.00 -12.77
CA LYS A 134 -3.12 -5.35 -12.72
C LYS A 134 -3.90 -4.41 -11.80
N LEU A 135 -3.29 -3.96 -10.70
CA LEU A 135 -3.98 -3.06 -9.78
C LEU A 135 -4.14 -1.69 -10.41
N TYR A 136 -3.26 -1.31 -11.35
CA TYR A 136 -3.41 -0.08 -12.10
C TYR A 136 -4.66 -0.01 -12.98
N LEU A 137 -5.21 -1.18 -13.31
CA LEU A 137 -6.44 -1.29 -14.09
C LEU A 137 -7.66 -1.29 -13.16
N GLU A 138 -7.51 -1.96 -12.01
CA GLU A 138 -8.56 -2.05 -11.00
C GLU A 138 -8.76 -0.70 -10.30
N TRP A 139 -7.79 0.20 -10.44
CA TRP A 139 -7.82 1.53 -9.85
C TRP A 139 -8.54 2.57 -10.70
N GLN A 140 -8.64 2.35 -12.01
CA GLN A 140 -9.25 3.31 -12.92
C GLN A 140 -10.73 3.50 -12.61
N GLU A 141 -11.39 2.47 -12.09
CA GLU A 141 -12.81 2.56 -11.79
C GLU A 141 -13.05 3.07 -10.37
N LYS A 142 -12.00 3.13 -9.55
CA LYS A 142 -12.11 3.68 -8.20
C LYS A 142 -12.22 5.20 -8.25
N GLN A 143 -11.87 5.81 -9.40
CA GLN A 143 -11.88 7.25 -9.54
C GLN A 143 -12.94 7.75 -10.52
N ARG A 144 -13.42 6.89 -11.43
CA ARG A 144 -14.40 7.29 -12.44
C ARG A 144 -15.80 7.40 -11.84
N THR A 145 -16.03 6.74 -10.70
CA THR A 145 -17.33 6.68 -10.06
C THR A 145 -17.25 6.51 -8.53
N LYS A 146 -16.02 6.57 -7.98
CA LYS A 146 -15.76 6.46 -6.54
C LYS A 146 -16.28 5.17 -5.91
N LYS A 147 -16.52 4.14 -6.71
CA LYS A 147 -16.99 2.85 -6.20
C LYS A 147 -15.82 2.01 -5.68
N SER A 148 -16.15 0.92 -4.99
CA SER A 148 -15.16 0.02 -4.41
C SER A 148 -15.72 -1.41 -4.40
N LYS A 149 -14.90 -2.38 -3.96
CA LYS A 149 -15.28 -3.77 -3.96
C LYS A 149 -14.76 -4.46 -2.69
N ARG A 150 -15.52 -5.46 -2.21
CA ARG A 150 -15.23 -6.15 -0.96
C ARG A 150 -14.23 -7.28 -1.12
N VAL A 151 -13.84 -7.59 -2.36
CA VAL A 151 -12.88 -8.67 -2.62
C VAL A 151 -11.48 -8.39 -2.11
N VAL A 152 -11.25 -7.17 -1.62
CA VAL A 152 -9.99 -6.79 -1.00
C VAL A 152 -9.83 -7.48 0.36
N HIS A 153 -10.94 -7.92 0.95
CA HIS A 153 -10.97 -8.61 2.23
C HIS A 153 -10.40 -10.02 2.13
N ILE A 154 -10.17 -10.66 3.28
CA ILE A 154 -9.61 -12.00 3.34
C ILE A 154 -10.57 -13.00 2.70
N GLU A 155 -10.03 -14.08 2.15
CA GLU A 155 -10.81 -15.12 1.49
C GLU A 155 -11.62 -15.97 2.48
N GLY A 156 -11.49 -15.70 3.79
CA GLY A 156 -12.19 -16.43 4.83
C GLY A 156 -13.67 -16.08 4.86
N SER A 1 -1.41 -30.03 7.97
CA SER A 1 -1.57 -29.77 6.53
C SER A 1 -1.94 -28.30 6.29
N GLY A 2 -1.56 -27.76 5.13
CA GLY A 2 -1.86 -26.40 4.75
C GLY A 2 -3.31 -26.25 4.27
N SER A 3 -4.01 -27.37 4.09
CA SER A 3 -5.40 -27.38 3.64
C SER A 3 -5.60 -26.62 2.33
N HIS A 4 -4.52 -26.47 1.54
CA HIS A 4 -4.54 -25.72 0.28
C HIS A 4 -5.02 -24.29 0.46
N MET A 5 -4.94 -23.76 1.68
CA MET A 5 -5.38 -22.40 2.00
C MET A 5 -4.48 -21.37 1.30
N SER A 6 -5.05 -20.22 0.95
CA SER A 6 -4.33 -19.14 0.28
C SER A 6 -5.02 -17.80 0.54
N THR A 7 -4.28 -16.71 0.42
CA THR A 7 -4.79 -15.37 0.66
C THR A 7 -4.07 -14.30 -0.16
N GLN A 8 -4.56 -13.05 -0.07
CA GLN A 8 -4.05 -11.92 -0.85
C GLN A 8 -2.61 -11.53 -0.48
N TYR A 9 -2.03 -12.18 0.53
CA TYR A 9 -0.71 -11.84 1.03
C TYR A 9 0.02 -13.05 1.60
N ILE A 10 1.26 -12.85 2.09
CA ILE A 10 2.09 -13.91 2.63
C ILE A 10 1.57 -14.37 3.98
N ASP A 11 1.71 -13.52 5.01
CA ASP A 11 1.27 -13.84 6.36
C ASP A 11 1.07 -12.56 7.16
N GLU A 12 0.88 -11.42 6.47
CA GLU A 12 0.73 -10.09 7.04
C GLU A 12 1.87 -9.69 7.98
N THR A 13 2.99 -10.42 7.92
CA THR A 13 4.22 -10.07 8.64
C THR A 13 5.48 -10.05 7.78
N ALA A 14 5.32 -10.24 6.46
CA ALA A 14 6.43 -10.21 5.52
C ALA A 14 7.14 -8.86 5.52
N PHE A 15 8.35 -8.82 4.97
CA PHE A 15 9.17 -7.61 4.93
C PHE A 15 10.11 -7.76 3.75
N VAL A 16 10.89 -6.71 3.49
CA VAL A 16 11.88 -6.67 2.42
C VAL A 16 13.08 -5.89 2.96
N GLN A 17 14.26 -6.20 2.43
CA GLN A 17 15.50 -5.56 2.86
C GLN A 17 16.47 -5.45 1.69
N ALA A 18 17.56 -4.71 1.89
CA ALA A 18 18.60 -4.51 0.90
C ALA A 18 19.19 -5.83 0.41
N GLU A 19 19.89 -5.79 -0.73
CA GLU A 19 20.37 -6.98 -1.41
C GLU A 19 21.31 -7.82 -0.53
N GLN A 20 22.24 -7.16 0.16
CA GLN A 20 23.18 -7.84 1.05
C GLN A 20 23.78 -6.89 2.08
N GLY A 21 23.36 -5.62 2.07
CA GLY A 21 23.96 -4.60 2.93
C GLY A 21 23.85 -3.19 2.35
N LYS A 22 23.15 -3.04 1.21
CA LYS A 22 22.98 -1.75 0.55
C LYS A 22 22.30 -0.79 1.53
N THR A 23 22.54 0.52 1.36
CA THR A 23 21.97 1.52 2.25
C THR A 23 20.48 1.81 2.09
N ASN A 24 19.87 1.30 1.01
CA ASN A 24 18.47 1.58 0.69
C ASN A 24 17.80 0.44 -0.08
N LEU A 25 16.46 0.45 -0.09
CA LEU A 25 15.65 -0.46 -0.88
C LEU A 25 15.36 0.15 -2.25
N MET A 26 15.81 1.39 -2.49
CA MET A 26 15.61 2.03 -3.79
C MET A 26 16.28 1.23 -4.90
N PHE A 27 15.74 1.34 -6.12
CA PHE A 27 16.21 0.54 -7.23
C PHE A 27 17.31 1.16 -8.10
N SER A 28 18.12 0.29 -8.73
CA SER A 28 19.24 0.71 -9.58
C SER A 28 18.79 0.86 -11.04
N ASP A 29 17.49 0.76 -11.29
CA ASP A 29 16.91 0.86 -12.63
C ASP A 29 15.60 1.64 -12.62
N GLU A 30 15.39 2.52 -13.60
CA GLU A 30 14.23 3.40 -13.61
C GLU A 30 12.94 2.61 -13.80
N LYS A 31 13.04 1.43 -14.42
CA LYS A 31 11.88 0.58 -14.63
C LYS A 31 11.47 -0.08 -13.32
N GLN A 32 12.45 -0.44 -12.49
CA GLN A 32 12.19 -1.10 -11.22
C GLN A 32 11.74 -0.09 -10.17
N GLN A 33 12.22 1.15 -10.27
CA GLN A 33 11.91 2.18 -9.29
C GLN A 33 10.58 2.87 -9.58
N ALA A 34 10.30 3.17 -10.84
CA ALA A 34 9.07 3.87 -11.21
C ALA A 34 7.84 2.98 -11.03
N ARG A 35 7.97 1.69 -11.37
CA ARG A 35 6.85 0.76 -11.23
C ARG A 35 6.59 0.46 -9.76
N PHE A 36 7.61 0.58 -8.91
CA PHE A 36 7.43 0.42 -7.48
C PHE A 36 6.60 1.52 -6.82
N GLU A 37 6.77 2.76 -7.28
CA GLU A 37 6.03 3.90 -6.74
C GLU A 37 4.57 3.85 -7.19
N LEU A 38 4.30 3.27 -8.36
CA LEU A 38 2.94 3.10 -8.83
C LEU A 38 2.23 2.01 -8.04
N GLY A 39 2.93 0.92 -7.72
CA GLY A 39 2.32 -0.21 -7.05
C GLY A 39 1.91 0.14 -5.62
N VAL A 40 2.70 0.98 -4.93
CA VAL A 40 2.36 1.37 -3.56
C VAL A 40 1.13 2.27 -3.58
N SER A 41 0.96 3.06 -4.64
CA SER A 41 -0.18 3.97 -4.74
C SER A 41 -1.49 3.19 -4.81
N MET A 42 -1.54 2.14 -5.64
CA MET A 42 -2.76 1.34 -5.77
C MET A 42 -3.09 0.56 -4.49
N VAL A 43 -2.13 0.39 -3.57
CA VAL A 43 -2.38 -0.33 -2.33
C VAL A 43 -3.09 0.58 -1.34
N ILE A 44 -2.84 1.89 -1.43
CA ILE A 44 -3.55 2.84 -0.57
C ILE A 44 -4.98 3.03 -1.09
N TYR A 45 -5.19 2.82 -2.40
CA TYR A 45 -6.52 2.87 -2.99
C TYR A 45 -7.46 1.70 -2.69
N LYS A 46 -6.94 0.64 -2.06
CA LYS A 46 -7.76 -0.49 -1.64
C LYS A 46 -7.98 -0.47 -0.13
N TRP A 47 -7.40 0.49 0.59
CA TRP A 47 -7.56 0.59 2.03
C TRP A 47 -8.93 1.16 2.36
N ASP A 48 -9.69 0.44 3.18
CA ASP A 48 -11.04 0.85 3.56
C ASP A 48 -11.12 2.11 4.40
N ALA A 49 -10.29 2.21 5.44
CA ALA A 49 -10.35 3.34 6.35
C ALA A 49 -9.98 4.64 5.62
N LEU A 50 -9.17 4.55 4.57
CA LEU A 50 -8.83 5.72 3.77
C LEU A 50 -9.93 5.99 2.76
N ASP A 51 -10.48 4.92 2.17
CA ASP A 51 -11.56 5.04 1.20
C ASP A 51 -12.79 5.75 1.74
N VAL A 52 -13.19 5.44 2.98
CA VAL A 52 -14.33 6.10 3.60
C VAL A 52 -13.96 7.51 4.06
N ALA A 53 -12.67 7.78 4.30
CA ALA A 53 -12.24 9.10 4.74
C ALA A 53 -12.27 10.09 3.58
N VAL A 54 -11.95 9.62 2.37
CA VAL A 54 -11.94 10.46 1.18
C VAL A 54 -13.34 10.57 0.57
N GLU A 55 -14.19 9.57 0.78
CA GLU A 55 -15.54 9.59 0.24
C GLU A 55 -16.48 10.41 1.12
N ASN A 56 -16.29 10.36 2.44
CA ASN A 56 -17.07 11.18 3.37
C ASN A 56 -16.38 12.52 3.62
N SER A 57 -15.21 12.73 3.01
CA SER A 57 -14.48 13.99 3.07
C SER A 57 -14.18 14.43 4.50
N TRP A 58 -13.63 13.53 5.32
CA TRP A 58 -13.33 13.81 6.72
C TRP A 58 -12.33 14.96 6.92
N GLY A 59 -11.62 15.35 5.86
CA GLY A 59 -10.62 16.41 5.93
C GLY A 59 -11.04 17.66 5.15
N GLY A 60 -12.23 17.63 4.51
CA GLY A 60 -12.72 18.69 3.67
C GLY A 60 -12.72 18.24 2.20
N PRO A 61 -13.02 19.15 1.27
CA PRO A 61 -13.09 18.85 -0.16
C PRO A 61 -11.72 18.49 -0.72
N ASP A 62 -10.65 18.70 0.05
CA ASP A 62 -9.29 18.35 -0.34
C ASP A 62 -8.84 16.98 0.14
N SER A 63 -9.76 16.17 0.67
CA SER A 63 -9.42 14.84 1.20
C SER A 63 -8.82 13.95 0.13
N ALA A 64 -9.10 14.22 -1.16
CA ALA A 64 -8.55 13.46 -2.26
C ALA A 64 -7.10 13.85 -2.52
N GLU A 65 -6.70 15.06 -2.12
CA GLU A 65 -5.34 15.55 -2.32
C GLU A 65 -4.44 15.00 -1.21
N LYS A 66 -5.00 14.75 -0.03
CA LYS A 66 -4.27 14.17 1.09
C LYS A 66 -4.02 12.68 0.88
N ARG A 67 -4.93 12.00 0.16
CA ARG A 67 -4.83 10.58 -0.10
C ARG A 67 -3.62 10.26 -0.98
N ASP A 68 -3.22 11.22 -1.83
CA ASP A 68 -2.04 11.06 -2.68
C ASP A 68 -0.71 11.24 -1.94
N TRP A 69 -0.76 11.76 -0.70
CA TRP A 69 0.41 11.91 0.14
C TRP A 69 0.66 10.67 1.00
N ILE A 70 -0.38 9.87 1.23
CA ILE A 70 -0.28 8.67 2.05
C ILE A 70 0.61 7.63 1.38
N THR A 71 0.69 7.62 0.05
CA THR A 71 1.55 6.67 -0.66
C THR A 71 2.97 7.23 -0.72
N GLY A 72 3.14 8.55 -0.68
CA GLY A 72 4.45 9.17 -0.81
C GLY A 72 5.32 8.88 0.41
N ILE A 73 4.72 8.95 1.60
CA ILE A 73 5.44 8.70 2.86
C ILE A 73 5.74 7.22 3.05
N VAL A 74 4.98 6.34 2.39
CA VAL A 74 5.21 4.91 2.47
C VAL A 74 6.43 4.55 1.62
N VAL A 75 6.60 5.23 0.48
CA VAL A 75 7.77 5.02 -0.37
C VAL A 75 8.99 5.64 0.31
N ASP A 76 8.77 6.66 1.14
CA ASP A 76 9.84 7.32 1.86
C ASP A 76 10.55 6.44 2.90
N LEU A 77 9.98 5.28 3.22
CA LEU A 77 10.62 4.32 4.12
C LEU A 77 11.68 3.53 3.36
N PHE A 78 11.47 3.35 2.05
CA PHE A 78 12.35 2.56 1.20
C PHE A 78 13.61 3.31 0.76
N LYS A 79 13.60 4.64 0.90
CA LYS A 79 14.72 5.50 0.53
C LYS A 79 15.42 6.10 1.74
N ASN A 80 15.01 5.72 2.95
CA ASN A 80 15.65 6.18 4.18
C ASN A 80 16.05 5.03 5.10
N GLU A 81 15.76 3.79 4.72
CA GLU A 81 16.14 2.61 5.48
C GLU A 81 16.56 1.48 4.55
N LYS A 82 17.40 0.57 5.06
CA LYS A 82 17.87 -0.59 4.31
C LYS A 82 16.99 -1.82 4.54
N VAL A 83 15.82 -1.62 5.17
CA VAL A 83 14.84 -2.68 5.37
C VAL A 83 13.55 -2.03 5.84
N VAL A 84 12.41 -2.60 5.41
CA VAL A 84 11.07 -2.14 5.77
C VAL A 84 10.18 -3.37 5.92
N ASP A 85 9.27 -3.35 6.89
CA ASP A 85 8.37 -4.48 7.12
C ASP A 85 6.93 -3.99 7.23
N ALA A 86 5.98 -4.93 7.27
CA ALA A 86 4.57 -4.57 7.36
C ALA A 86 4.22 -4.01 8.74
N ALA A 87 5.16 -4.03 9.70
CA ALA A 87 4.89 -3.60 11.06
C ALA A 87 5.08 -2.09 11.24
N LEU A 88 6.14 -1.51 10.65
CA LEU A 88 6.33 -0.08 10.78
C LEU A 88 5.55 0.69 9.71
N ILE A 89 5.05 0.00 8.68
CA ILE A 89 4.18 0.62 7.68
C ILE A 89 2.79 0.80 8.28
N GLU A 90 2.34 -0.16 9.11
CA GLU A 90 1.03 -0.10 9.74
C GLU A 90 0.85 1.19 10.51
N GLU A 91 1.82 1.57 11.35
CA GLU A 91 1.68 2.77 12.15
C GLU A 91 1.82 4.02 11.29
N THR A 92 2.57 3.95 10.19
CA THR A 92 2.72 5.09 9.28
C THR A 92 1.43 5.38 8.52
N LEU A 93 0.66 4.34 8.19
CA LEU A 93 -0.62 4.49 7.52
C LEU A 93 -1.63 5.12 8.48
N LEU A 94 -1.65 4.63 9.72
CA LEU A 94 -2.56 5.12 10.74
C LEU A 94 -2.25 6.58 11.07
N TYR A 95 -1.00 6.87 11.46
CA TYR A 95 -0.64 8.22 11.83
C TYR A 95 -0.77 9.28 10.75
N ALA A 96 -0.63 8.88 9.47
CA ALA A 96 -0.75 9.82 8.38
C ALA A 96 -2.20 10.18 8.11
N MET A 97 -3.13 9.24 8.31
CA MET A 97 -4.54 9.52 8.06
C MET A 97 -5.15 10.18 9.30
N ILE A 98 -4.53 10.00 10.47
CA ILE A 98 -4.97 10.68 11.69
C ILE A 98 -4.59 12.14 11.59
N ASP A 99 -3.42 12.41 11.02
CA ASP A 99 -2.93 13.76 10.83
C ASP A 99 -3.66 14.57 9.76
N GLU A 100 -4.69 13.98 9.14
CA GLU A 100 -5.48 14.64 8.10
C GLU A 100 -6.98 14.38 8.25
N PHE A 101 -7.38 13.37 9.02
CA PHE A 101 -8.79 13.05 9.19
C PHE A 101 -9.13 12.77 10.66
N GLU A 102 -8.12 12.69 11.54
CA GLU A 102 -8.31 12.48 12.97
C GLU A 102 -9.20 11.29 13.30
N THR A 103 -9.17 10.25 12.46
CA THR A 103 -10.03 9.08 12.61
C THR A 103 -9.66 8.25 13.85
N ASN A 104 -8.39 8.32 14.29
CA ASN A 104 -7.91 7.54 15.41
C ASN A 104 -8.10 6.03 15.21
N VAL A 105 -8.32 5.62 13.95
CA VAL A 105 -8.66 4.25 13.55
C VAL A 105 -7.89 3.17 14.32
N GLU A 106 -8.61 2.12 14.74
CA GLU A 106 -8.07 0.99 15.47
C GLU A 106 -8.60 -0.32 14.90
N ASP A 107 -9.36 -0.26 13.79
CA ASP A 107 -10.03 -1.41 13.20
C ASP A 107 -9.11 -2.42 12.49
N ASP A 108 -7.80 -2.32 12.72
CA ASP A 108 -6.80 -3.19 12.09
C ASP A 108 -6.87 -3.29 10.57
N SER A 109 -7.52 -2.32 9.93
CA SER A 109 -7.71 -2.30 8.49
C SER A 109 -6.41 -2.04 7.73
N ALA A 110 -5.37 -1.57 8.42
CA ALA A 110 -4.10 -1.23 7.80
C ALA A 110 -3.14 -2.43 7.74
N LEU A 111 -3.47 -3.53 8.42
CA LEU A 111 -2.59 -4.70 8.46
C LEU A 111 -2.46 -5.36 7.07
N PRO A 112 -3.56 -5.67 6.36
CA PRO A 112 -3.48 -6.27 5.05
C PRO A 112 -2.98 -5.27 4.02
N ILE A 113 -3.03 -3.97 4.34
CA ILE A 113 -2.55 -2.93 3.45
C ILE A 113 -1.03 -2.78 3.57
N ALA A 114 -0.50 -2.95 4.79
CA ALA A 114 0.92 -2.77 5.03
C ALA A 114 1.73 -3.86 4.35
N VAL A 115 1.22 -5.10 4.34
CA VAL A 115 1.90 -6.20 3.68
C VAL A 115 1.76 -6.12 2.16
N GLU A 116 0.70 -5.48 1.68
CA GLU A 116 0.51 -5.32 0.24
C GLU A 116 1.55 -4.36 -0.34
N VAL A 117 2.07 -3.46 0.49
CA VAL A 117 3.13 -2.55 0.08
C VAL A 117 4.44 -3.33 -0.05
N ILE A 118 4.63 -4.36 0.79
CA ILE A 118 5.83 -5.18 0.76
C ILE A 118 5.86 -6.02 -0.52
N ASN A 119 4.68 -6.40 -1.02
CA ASN A 119 4.59 -7.25 -2.20
C ASN A 119 5.00 -6.51 -3.47
N ILE A 120 4.91 -5.18 -3.46
CA ILE A 120 5.27 -4.38 -4.62
C ILE A 120 6.79 -4.44 -4.86
N TYR A 121 7.58 -4.50 -3.79
CA TYR A 121 9.02 -4.54 -3.91
C TYR A 121 9.56 -5.81 -4.56
N ASN A 122 8.95 -6.95 -4.20
CA ASN A 122 9.35 -8.24 -4.72
C ASN A 122 8.88 -8.43 -6.15
N ASP A 123 7.80 -7.73 -6.53
CA ASP A 123 7.27 -7.79 -7.90
C ASP A 123 8.11 -6.93 -8.85
N CYS A 124 8.69 -5.85 -8.32
CA CYS A 124 9.56 -4.98 -9.11
C CYS A 124 10.98 -5.53 -9.20
N PHE A 125 11.30 -6.52 -8.37
CA PHE A 125 12.61 -7.15 -8.33
C PHE A 125 12.82 -8.36 -9.23
N ASN A 126 11.72 -9.05 -9.56
CA ASN A 126 11.75 -10.22 -10.44
C ASN A 126 11.34 -9.83 -11.86
N LEU A 127 11.11 -8.54 -12.10
CA LEU A 127 10.74 -7.96 -13.40
C LEU A 127 9.46 -8.57 -13.98
N ASN A 128 8.70 -9.33 -13.17
CA ASN A 128 7.45 -9.91 -13.60
C ASN A 128 6.34 -8.85 -13.61
N TYR A 129 6.47 -7.82 -12.78
CA TYR A 129 5.60 -6.65 -12.74
C TYR A 129 4.09 -6.90 -12.61
N ASN A 130 3.69 -8.14 -12.28
CA ASN A 130 2.30 -8.53 -12.35
C ASN A 130 1.44 -7.93 -11.24
N LYS A 131 2.05 -7.59 -10.10
CA LYS A 131 1.31 -7.09 -8.95
C LYS A 131 0.93 -5.62 -9.15
N VAL A 132 1.83 -4.82 -9.70
CA VAL A 132 1.53 -3.41 -9.96
C VAL A 132 0.69 -3.28 -11.23
N GLU A 133 0.86 -4.20 -12.19
CA GLU A 133 0.18 -4.09 -13.47
C GLU A 133 -1.31 -4.44 -13.36
N LYS A 134 -1.68 -5.33 -12.42
CA LYS A 134 -3.06 -5.73 -12.27
C LYS A 134 -3.81 -4.76 -11.36
N LEU A 135 -3.17 -4.25 -10.31
CA LEU A 135 -3.83 -3.35 -9.38
C LEU A 135 -4.13 -2.01 -10.04
N TYR A 136 -3.37 -1.63 -11.07
CA TYR A 136 -3.65 -0.43 -11.83
C TYR A 136 -4.95 -0.48 -12.63
N LEU A 137 -5.40 -1.70 -12.94
CA LEU A 137 -6.65 -1.93 -13.67
C LEU A 137 -7.84 -1.91 -12.71
N GLU A 138 -7.63 -2.48 -11.52
CA GLU A 138 -8.63 -2.54 -10.47
C GLU A 138 -8.91 -1.16 -9.89
N TRP A 139 -8.07 -0.18 -10.23
CA TRP A 139 -8.20 1.20 -9.80
C TRP A 139 -9.00 2.06 -10.78
N GLN A 140 -9.08 1.64 -12.05
CA GLN A 140 -9.78 2.40 -13.07
C GLN A 140 -11.29 2.48 -12.78
N GLU A 141 -11.83 1.45 -12.13
CA GLU A 141 -13.26 1.44 -11.83
C GLU A 141 -13.56 2.22 -10.56
N LYS A 142 -12.53 2.59 -9.79
CA LYS A 142 -12.70 3.35 -8.57
C LYS A 142 -13.00 4.81 -8.88
N GLN A 143 -12.54 5.29 -10.05
CA GLN A 143 -12.62 6.69 -10.40
C GLN A 143 -13.71 6.98 -11.42
N ARG A 144 -14.15 5.96 -12.18
CA ARG A 144 -15.18 6.15 -13.19
C ARG A 144 -16.57 6.27 -12.55
N THR A 145 -16.68 5.90 -11.28
CA THR A 145 -17.94 5.90 -10.56
C THR A 145 -17.81 6.18 -9.06
N LYS A 146 -16.60 6.54 -8.61
CA LYS A 146 -16.30 6.85 -7.22
C LYS A 146 -16.73 5.73 -6.28
N LYS A 147 -15.97 4.63 -6.28
CA LYS A 147 -16.24 3.47 -5.44
C LYS A 147 -14.93 2.77 -5.07
N SER A 148 -15.03 1.67 -4.33
CA SER A 148 -13.89 0.82 -4.02
C SER A 148 -14.35 -0.62 -3.84
N LYS A 149 -13.41 -1.56 -3.67
CA LYS A 149 -13.70 -2.98 -3.63
C LYS A 149 -12.77 -3.69 -2.65
N ARG A 150 -13.29 -4.73 -1.98
CA ARG A 150 -12.55 -5.48 -0.97
C ARG A 150 -13.01 -6.94 -0.89
N VAL A 151 -13.78 -7.41 -1.88
CA VAL A 151 -14.28 -8.77 -1.90
C VAL A 151 -13.18 -9.84 -2.04
N VAL A 152 -11.93 -9.41 -2.21
CA VAL A 152 -10.79 -10.30 -2.26
C VAL A 152 -10.48 -10.90 -0.88
N HIS A 153 -11.01 -10.28 0.18
CA HIS A 153 -10.81 -10.73 1.55
C HIS A 153 -11.41 -12.12 1.77
N ILE A 154 -10.87 -12.85 2.75
CA ILE A 154 -11.36 -14.18 3.10
C ILE A 154 -12.73 -14.09 3.76
N GLU A 155 -13.53 -15.14 3.63
CA GLU A 155 -14.89 -15.18 4.18
C GLU A 155 -15.26 -16.60 4.65
N GLY A 156 -14.29 -17.53 4.63
CA GLY A 156 -14.51 -18.91 5.02
C GLY A 156 -14.71 -19.01 6.53
N SER A 1 -12.49 -21.05 0.57
CA SER A 1 -11.13 -21.58 0.64
C SER A 1 -10.45 -21.48 -0.72
N GLY A 2 -9.44 -20.60 -0.83
CA GLY A 2 -8.69 -20.42 -2.06
C GLY A 2 -7.80 -21.63 -2.36
N SER A 3 -7.34 -21.74 -3.60
CA SER A 3 -6.49 -22.84 -4.02
C SER A 3 -5.17 -22.82 -3.27
N HIS A 4 -4.64 -24.01 -2.95
CA HIS A 4 -3.40 -24.16 -2.19
C HIS A 4 -3.43 -23.35 -0.88
N MET A 5 -4.64 -23.04 -0.39
CA MET A 5 -4.83 -22.24 0.82
C MET A 5 -4.16 -20.86 0.73
N SER A 6 -3.87 -20.40 -0.49
CA SER A 6 -3.22 -19.12 -0.73
C SER A 6 -4.15 -17.96 -0.39
N THR A 7 -3.57 -16.77 -0.24
CA THR A 7 -4.31 -15.55 0.08
C THR A 7 -3.67 -14.29 -0.49
N GLN A 8 -4.28 -13.13 -0.24
CA GLN A 8 -3.86 -11.85 -0.80
C GLN A 8 -2.44 -11.44 -0.38
N TYR A 9 -1.87 -12.12 0.63
CA TYR A 9 -0.55 -11.80 1.14
C TYR A 9 0.15 -13.03 1.71
N ILE A 10 1.39 -12.85 2.20
CA ILE A 10 2.20 -13.92 2.75
C ILE A 10 1.67 -14.38 4.11
N ASP A 11 1.82 -13.52 5.12
CA ASP A 11 1.36 -13.84 6.47
C ASP A 11 1.16 -12.53 7.26
N GLU A 12 0.97 -11.42 6.55
CA GLU A 12 0.83 -10.06 7.11
C GLU A 12 1.98 -9.66 8.04
N THR A 13 3.09 -10.40 7.99
CA THR A 13 4.32 -10.06 8.70
C THR A 13 5.58 -10.04 7.84
N ALA A 14 5.42 -10.24 6.53
CA ALA A 14 6.52 -10.21 5.58
C ALA A 14 7.24 -8.86 5.59
N PHE A 15 8.46 -8.82 5.05
CA PHE A 15 9.27 -7.61 5.01
C PHE A 15 10.22 -7.77 3.82
N VAL A 16 10.99 -6.72 3.56
CA VAL A 16 11.98 -6.67 2.49
C VAL A 16 13.17 -5.88 3.01
N GLN A 17 14.36 -6.20 2.48
CA GLN A 17 15.60 -5.56 2.91
C GLN A 17 16.57 -5.46 1.73
N ALA A 18 17.65 -4.70 1.93
CA ALA A 18 18.69 -4.49 0.95
C ALA A 18 19.29 -5.81 0.46
N GLU A 19 19.98 -5.77 -0.68
CA GLU A 19 20.47 -6.96 -1.36
C GLU A 19 21.40 -7.80 -0.48
N GLN A 20 22.32 -7.14 0.22
CA GLN A 20 23.27 -7.81 1.10
C GLN A 20 23.85 -6.88 2.17
N GLY A 21 23.42 -5.61 2.17
CA GLY A 21 24.00 -4.60 3.04
C GLY A 21 23.89 -3.19 2.47
N LYS A 22 23.23 -3.03 1.31
CA LYS A 22 23.07 -1.75 0.64
C LYS A 22 22.38 -0.78 1.60
N THR A 23 22.64 0.53 1.44
CA THR A 23 22.07 1.54 2.30
C THR A 23 20.59 1.86 2.08
N ASN A 24 19.98 1.30 1.04
CA ASN A 24 18.59 1.60 0.69
C ASN A 24 17.92 0.43 -0.01
N LEU A 25 16.58 0.48 -0.07
CA LEU A 25 15.75 -0.44 -0.84
C LEU A 25 15.47 0.15 -2.22
N MET A 26 15.93 1.38 -2.49
CA MET A 26 15.72 1.98 -3.81
C MET A 26 16.39 1.16 -4.90
N PHE A 27 15.89 1.27 -6.12
CA PHE A 27 16.36 0.45 -7.22
C PHE A 27 17.44 1.03 -8.13
N SER A 28 18.25 0.15 -8.70
CA SER A 28 19.34 0.52 -9.60
C SER A 28 18.85 0.59 -11.05
N ASP A 29 17.55 0.40 -11.28
CA ASP A 29 16.95 0.41 -12.59
C ASP A 29 15.63 1.19 -12.59
N GLU A 30 15.44 2.08 -13.57
CA GLU A 30 14.30 2.98 -13.60
C GLU A 30 13.00 2.20 -13.80
N LYS A 31 13.07 1.00 -14.38
CA LYS A 31 11.89 0.18 -14.59
C LYS A 31 11.44 -0.45 -13.28
N GLN A 32 12.39 -0.72 -12.38
CA GLN A 32 12.07 -1.34 -11.10
C GLN A 32 11.69 -0.27 -10.07
N GLN A 33 12.25 0.93 -10.21
CA GLN A 33 12.01 2.01 -9.26
C GLN A 33 10.70 2.74 -9.58
N ALA A 34 10.41 3.00 -10.85
CA ALA A 34 9.21 3.72 -11.23
C ALA A 34 7.96 2.87 -11.03
N ARG A 35 8.05 1.56 -11.32
CA ARG A 35 6.93 0.67 -11.14
C ARG A 35 6.67 0.41 -9.66
N PHE A 36 7.69 0.53 -8.82
CA PHE A 36 7.48 0.39 -7.39
C PHE A 36 6.67 1.52 -6.77
N GLU A 37 6.89 2.75 -7.24
CA GLU A 37 6.17 3.91 -6.74
C GLU A 37 4.71 3.88 -7.19
N LEU A 38 4.42 3.28 -8.36
CA LEU A 38 3.06 3.11 -8.81
C LEU A 38 2.39 1.99 -8.03
N GLY A 39 3.12 0.92 -7.73
CA GLY A 39 2.56 -0.24 -7.05
C GLY A 39 2.14 0.13 -5.63
N VAL A 40 2.95 0.94 -4.93
CA VAL A 40 2.62 1.36 -3.57
C VAL A 40 1.42 2.29 -3.62
N SER A 41 1.31 3.11 -4.66
CA SER A 41 0.22 4.06 -4.79
C SER A 41 -1.13 3.34 -4.91
N MET A 42 -1.17 2.23 -5.64
CA MET A 42 -2.42 1.49 -5.83
C MET A 42 -2.82 0.70 -4.58
N VAL A 43 -1.89 0.47 -3.66
CA VAL A 43 -2.20 -0.27 -2.43
C VAL A 43 -2.90 0.66 -1.44
N ILE A 44 -2.62 1.97 -1.50
CA ILE A 44 -3.28 2.91 -0.62
C ILE A 44 -4.72 3.13 -1.07
N TYR A 45 -5.00 2.92 -2.36
CA TYR A 45 -6.35 3.02 -2.90
C TYR A 45 -7.30 1.85 -2.62
N LYS A 46 -6.76 0.71 -2.17
CA LYS A 46 -7.59 -0.43 -1.78
C LYS A 46 -7.85 -0.42 -0.27
N TRP A 47 -7.29 0.54 0.46
CA TRP A 47 -7.46 0.62 1.90
C TRP A 47 -8.85 1.17 2.24
N ASP A 48 -9.60 0.43 3.07
CA ASP A 48 -10.95 0.82 3.46
C ASP A 48 -11.07 2.05 4.35
N ALA A 49 -10.20 2.17 5.35
CA ALA A 49 -10.29 3.27 6.30
C ALA A 49 -10.02 4.61 5.59
N LEU A 50 -9.24 4.57 4.50
CA LEU A 50 -9.00 5.78 3.72
C LEU A 50 -10.17 6.00 2.75
N ASP A 51 -10.74 4.90 2.24
CA ASP A 51 -11.87 4.98 1.32
C ASP A 51 -13.12 5.60 1.94
N VAL A 52 -13.39 5.27 3.21
CA VAL A 52 -14.53 5.86 3.90
C VAL A 52 -14.23 7.29 4.33
N ALA A 53 -12.95 7.66 4.45
CA ALA A 53 -12.58 9.01 4.86
C ALA A 53 -12.80 10.01 3.73
N VAL A 54 -12.61 9.57 2.49
CA VAL A 54 -12.82 10.41 1.32
C VAL A 54 -14.29 10.41 0.89
N GLU A 55 -15.02 9.33 1.20
CA GLU A 55 -16.43 9.24 0.85
C GLU A 55 -17.32 9.99 1.85
N ASN A 56 -16.98 9.94 3.14
CA ASN A 56 -17.69 10.68 4.18
C ASN A 56 -17.11 12.08 4.35
N SER A 57 -16.04 12.40 3.59
CA SER A 57 -15.42 13.71 3.58
C SER A 57 -14.95 14.13 4.98
N TRP A 58 -14.19 13.25 5.64
CA TRP A 58 -13.64 13.53 6.96
C TRP A 58 -12.61 14.66 6.95
N GLY A 59 -12.26 15.16 5.76
CA GLY A 59 -11.26 16.21 5.60
C GLY A 59 -11.67 17.27 4.60
N GLY A 60 -12.95 17.29 4.21
CA GLY A 60 -13.47 18.25 3.24
C GLY A 60 -13.26 17.75 1.81
N PRO A 61 -13.50 18.61 0.82
CA PRO A 61 -13.37 18.27 -0.59
C PRO A 61 -11.93 17.94 -0.97
N ASP A 62 -10.97 18.22 -0.08
CA ASP A 62 -9.57 17.91 -0.32
C ASP A 62 -9.19 16.51 0.15
N SER A 63 -10.17 15.75 0.65
CA SER A 63 -9.95 14.41 1.16
C SER A 63 -9.45 13.47 0.06
N ALA A 64 -9.71 13.80 -1.21
CA ALA A 64 -9.22 13.03 -2.33
C ALA A 64 -7.78 13.43 -2.69
N GLU A 65 -7.34 14.60 -2.21
CA GLU A 65 -6.01 15.13 -2.48
C GLU A 65 -5.02 14.69 -1.41
N LYS A 66 -5.51 14.39 -0.19
CA LYS A 66 -4.65 13.96 0.90
C LYS A 66 -4.09 12.57 0.66
N ARG A 67 -4.76 11.76 -0.16
CA ARG A 67 -4.31 10.42 -0.52
C ARG A 67 -2.95 10.45 -1.21
N ASP A 68 -2.66 11.54 -1.93
CA ASP A 68 -1.41 11.65 -2.68
C ASP A 68 -0.16 11.74 -1.81
N TRP A 69 -0.35 12.02 -0.50
CA TRP A 69 0.75 12.08 0.44
C TRP A 69 0.92 10.80 1.25
N ILE A 70 -0.15 10.00 1.37
CA ILE A 70 -0.11 8.76 2.12
C ILE A 70 0.79 7.74 1.43
N THR A 71 0.84 7.76 0.09
CA THR A 71 1.69 6.84 -0.65
C THR A 71 3.13 7.38 -0.67
N GLY A 72 3.30 8.70 -0.57
CA GLY A 72 4.62 9.31 -0.66
C GLY A 72 5.47 8.95 0.56
N ILE A 73 4.86 8.98 1.75
CA ILE A 73 5.56 8.70 3.00
C ILE A 73 5.87 7.21 3.15
N VAL A 74 5.11 6.35 2.44
CA VAL A 74 5.34 4.92 2.49
C VAL A 74 6.55 4.58 1.62
N VAL A 75 6.71 5.26 0.48
CA VAL A 75 7.87 5.06 -0.38
C VAL A 75 9.09 5.67 0.29
N ASP A 76 8.89 6.68 1.13
CA ASP A 76 9.97 7.33 1.86
C ASP A 76 10.68 6.45 2.88
N LEU A 77 10.09 5.30 3.21
CA LEU A 77 10.72 4.33 4.11
C LEU A 77 11.78 3.54 3.35
N PHE A 78 11.55 3.34 2.05
CA PHE A 78 12.41 2.54 1.20
C PHE A 78 13.68 3.25 0.76
N LYS A 79 13.71 4.59 0.90
CA LYS A 79 14.84 5.41 0.52
C LYS A 79 15.58 5.99 1.72
N ASN A 80 15.12 5.70 2.95
CA ASN A 80 15.77 6.18 4.16
C ASN A 80 16.16 5.03 5.10
N GLU A 81 15.86 3.78 4.73
CA GLU A 81 16.23 2.61 5.51
C GLU A 81 16.65 1.48 4.59
N LYS A 82 17.48 0.57 5.10
CA LYS A 82 17.95 -0.59 4.35
C LYS A 82 17.07 -1.82 4.59
N VAL A 83 15.90 -1.61 5.21
CA VAL A 83 14.92 -2.67 5.42
C VAL A 83 13.62 -2.01 5.88
N VAL A 84 12.49 -2.59 5.45
CA VAL A 84 11.15 -2.12 5.80
C VAL A 84 10.25 -3.35 5.95
N ASP A 85 9.33 -3.33 6.91
CA ASP A 85 8.43 -4.46 7.14
C ASP A 85 6.98 -3.97 7.24
N ALA A 86 6.04 -4.92 7.26
CA ALA A 86 4.63 -4.58 7.35
C ALA A 86 4.27 -4.03 8.73
N ALA A 87 5.21 -4.05 9.69
CA ALA A 87 4.94 -3.60 11.05
C ALA A 87 5.11 -2.10 11.21
N LEU A 88 6.16 -1.50 10.64
CA LEU A 88 6.34 -0.06 10.78
C LEU A 88 5.56 0.71 9.72
N ILE A 89 5.09 0.01 8.68
CA ILE A 89 4.21 0.62 7.68
C ILE A 89 2.81 0.78 8.26
N GLU A 90 2.36 -0.21 9.04
CA GLU A 90 1.03 -0.24 9.63
C GLU A 90 0.79 0.97 10.54
N GLU A 91 1.81 1.44 11.26
CA GLU A 91 1.63 2.61 12.11
C GLU A 91 1.76 3.91 11.29
N THR A 92 2.52 3.87 10.19
CA THR A 92 2.69 5.04 9.35
C THR A 92 1.41 5.36 8.57
N LEU A 93 0.66 4.33 8.19
CA LEU A 93 -0.61 4.51 7.50
C LEU A 93 -1.61 5.14 8.45
N LEU A 94 -1.65 4.65 9.69
CA LEU A 94 -2.58 5.13 10.71
C LEU A 94 -2.26 6.58 11.04
N TYR A 95 -1.02 6.86 11.45
CA TYR A 95 -0.65 8.21 11.84
C TYR A 95 -0.75 9.27 10.75
N ALA A 96 -0.65 8.85 9.48
CA ALA A 96 -0.76 9.78 8.38
C ALA A 96 -2.21 10.17 8.13
N MET A 97 -3.16 9.24 8.33
CA MET A 97 -4.56 9.57 8.10
C MET A 97 -5.17 10.17 9.36
N ILE A 98 -4.55 9.97 10.53
CA ILE A 98 -5.00 10.61 11.76
C ILE A 98 -4.64 12.09 11.71
N ASP A 99 -3.50 12.41 11.11
CA ASP A 99 -3.04 13.77 10.93
C ASP A 99 -3.73 14.54 9.80
N GLU A 100 -4.69 13.90 9.13
CA GLU A 100 -5.42 14.51 8.03
C GLU A 100 -6.92 14.23 8.09
N PHE A 101 -7.35 13.29 8.95
CA PHE A 101 -8.76 12.93 9.08
C PHE A 101 -9.21 12.70 10.52
N GLU A 102 -8.25 12.72 11.47
CA GLU A 102 -8.51 12.56 12.90
C GLU A 102 -9.35 11.33 13.23
N THR A 103 -9.22 10.27 12.41
CA THR A 103 -10.05 9.07 12.53
C THR A 103 -9.69 8.26 13.78
N ASN A 104 -8.43 8.32 14.24
CA ASN A 104 -7.97 7.53 15.37
C ASN A 104 -8.18 6.02 15.15
N VAL A 105 -8.36 5.62 13.88
CA VAL A 105 -8.72 4.27 13.45
C VAL A 105 -8.03 3.15 14.24
N GLU A 106 -8.81 2.12 14.58
CA GLU A 106 -8.37 0.95 15.32
C GLU A 106 -8.97 -0.32 14.71
N ASP A 107 -9.56 -0.21 13.53
CA ASP A 107 -10.26 -1.31 12.87
C ASP A 107 -9.26 -2.31 12.29
N ASP A 108 -7.95 -2.09 12.51
CA ASP A 108 -6.90 -2.96 11.98
C ASP A 108 -6.89 -3.12 10.45
N SER A 109 -7.54 -2.19 9.75
CA SER A 109 -7.68 -2.24 8.30
C SER A 109 -6.35 -1.98 7.59
N ALA A 110 -5.34 -1.46 8.29
CA ALA A 110 -4.05 -1.14 7.69
C ALA A 110 -3.10 -2.34 7.66
N LEU A 111 -3.45 -3.43 8.37
CA LEU A 111 -2.57 -4.59 8.45
C LEU A 111 -2.42 -5.27 7.08
N PRO A 112 -3.50 -5.60 6.36
CA PRO A 112 -3.39 -6.23 5.06
C PRO A 112 -2.88 -5.24 4.01
N ILE A 113 -2.94 -3.94 4.29
CA ILE A 113 -2.44 -2.91 3.39
C ILE A 113 -0.94 -2.75 3.54
N ALA A 114 -0.43 -2.90 4.76
CA ALA A 114 0.99 -2.73 5.03
C ALA A 114 1.81 -3.82 4.37
N VAL A 115 1.29 -5.06 4.36
CA VAL A 115 1.99 -6.17 3.73
C VAL A 115 1.87 -6.12 2.21
N GLU A 116 0.81 -5.50 1.69
CA GLU A 116 0.65 -5.34 0.26
C GLU A 116 1.71 -4.40 -0.30
N VAL A 117 2.21 -3.47 0.51
CA VAL A 117 3.26 -2.56 0.10
C VAL A 117 4.56 -3.34 0.00
N ILE A 118 4.73 -4.36 0.85
CA ILE A 118 5.93 -5.19 0.85
C ILE A 118 5.97 -6.05 -0.40
N ASN A 119 4.80 -6.45 -0.91
CA ASN A 119 4.71 -7.32 -2.08
C ASN A 119 5.13 -6.59 -3.36
N ILE A 120 5.01 -5.26 -3.38
CA ILE A 120 5.38 -4.49 -4.56
C ILE A 120 6.88 -4.57 -4.81
N TYR A 121 7.68 -4.60 -3.73
CA TYR A 121 9.13 -4.65 -3.85
C TYR A 121 9.66 -5.95 -4.42
N ASN A 122 8.99 -7.06 -4.13
CA ASN A 122 9.39 -8.37 -4.62
C ASN A 122 8.93 -8.58 -6.05
N ASP A 123 7.84 -7.93 -6.47
CA ASP A 123 7.33 -8.05 -7.83
C ASP A 123 8.00 -7.15 -8.87
N CYS A 124 8.53 -6.00 -8.44
CA CYS A 124 9.27 -5.13 -9.34
C CYS A 124 10.72 -5.60 -9.49
N PHE A 125 11.19 -6.44 -8.55
CA PHE A 125 12.53 -7.02 -8.61
C PHE A 125 12.66 -8.28 -9.46
N ASN A 126 11.56 -9.02 -9.60
CA ASN A 126 11.50 -10.22 -10.42
C ASN A 126 10.97 -9.91 -11.82
N LEU A 127 10.73 -8.62 -12.10
CA LEU A 127 10.26 -8.14 -13.39
C LEU A 127 8.96 -8.78 -13.87
N ASN A 128 8.23 -9.45 -12.97
CA ASN A 128 6.96 -10.05 -13.36
C ASN A 128 5.91 -8.97 -13.53
N TYR A 129 6.08 -7.85 -12.81
CA TYR A 129 5.22 -6.68 -12.86
C TYR A 129 3.71 -6.96 -12.72
N ASN A 130 3.35 -8.12 -12.17
CA ASN A 130 1.97 -8.59 -12.20
C ASN A 130 1.06 -7.79 -11.27
N LYS A 131 1.56 -7.35 -10.11
CA LYS A 131 0.71 -6.72 -9.12
C LYS A 131 0.56 -5.21 -9.38
N VAL A 132 1.61 -4.54 -9.85
CA VAL A 132 1.54 -3.11 -10.14
C VAL A 132 0.66 -2.88 -11.36
N GLU A 133 0.64 -3.83 -12.30
CA GLU A 133 -0.11 -3.68 -13.54
C GLU A 133 -1.60 -3.92 -13.33
N LYS A 134 -1.97 -4.90 -12.49
CA LYS A 134 -3.37 -5.25 -12.30
C LYS A 134 -4.06 -4.29 -11.35
N LEU A 135 -3.37 -3.84 -10.29
CA LEU A 135 -3.98 -2.94 -9.33
C LEU A 135 -4.24 -1.58 -9.96
N TYR A 136 -3.49 -1.23 -11.02
CA TYR A 136 -3.75 -0.01 -11.76
C TYR A 136 -5.06 -0.01 -12.55
N LEU A 137 -5.57 -1.20 -12.85
CA LEU A 137 -6.84 -1.37 -13.54
C LEU A 137 -7.99 -1.36 -12.54
N GLU A 138 -7.76 -1.98 -11.38
CA GLU A 138 -8.74 -2.07 -10.30
C GLU A 138 -8.91 -0.72 -9.61
N TRP A 139 -8.08 0.26 -9.98
CA TRP A 139 -8.15 1.62 -9.49
C TRP A 139 -9.02 2.52 -10.37
N GLN A 140 -9.16 2.16 -11.65
CA GLN A 140 -9.93 2.96 -12.60
C GLN A 140 -11.42 2.97 -12.21
N GLU A 141 -11.90 1.88 -11.62
CA GLU A 141 -13.31 1.80 -11.24
C GLU A 141 -13.59 2.70 -10.04
N LYS A 142 -12.54 2.98 -9.25
CA LYS A 142 -12.67 3.79 -8.05
C LYS A 142 -12.81 5.27 -8.40
N GLN A 143 -12.51 5.63 -9.66
CA GLN A 143 -12.57 7.02 -10.09
C GLN A 143 -13.59 7.23 -11.22
N ARG A 144 -13.88 6.19 -12.02
CA ARG A 144 -14.81 6.30 -13.14
C ARG A 144 -16.26 6.23 -12.66
N THR A 145 -16.47 5.67 -11.46
CA THR A 145 -17.81 5.47 -10.90
C THR A 145 -17.86 5.53 -9.37
N LYS A 146 -16.75 5.93 -8.74
CA LYS A 146 -16.65 6.10 -7.28
C LYS A 146 -17.07 4.87 -6.48
N LYS A 147 -16.82 3.67 -7.01
CA LYS A 147 -17.12 2.41 -6.33
C LYS A 147 -15.95 1.43 -6.45
N SER A 148 -15.95 0.38 -5.61
CA SER A 148 -14.88 -0.59 -5.57
C SER A 148 -15.40 -1.95 -5.17
N LYS A 149 -14.71 -3.02 -5.58
CA LYS A 149 -15.08 -4.39 -5.28
C LYS A 149 -14.94 -4.67 -3.78
N ARG A 150 -15.80 -5.54 -3.25
CA ARG A 150 -15.73 -5.99 -1.86
C ARG A 150 -14.77 -7.16 -1.71
N VAL A 151 -14.27 -7.68 -2.83
CA VAL A 151 -13.36 -8.83 -2.86
C VAL A 151 -11.97 -8.54 -2.31
N VAL A 152 -11.72 -7.29 -1.92
CA VAL A 152 -10.46 -6.91 -1.27
C VAL A 152 -10.36 -7.54 0.11
N HIS A 153 -11.50 -7.93 0.69
CA HIS A 153 -11.54 -8.57 1.99
C HIS A 153 -11.07 -10.01 1.89
N ILE A 154 -10.49 -10.52 2.98
CA ILE A 154 -10.03 -11.91 3.06
C ILE A 154 -11.25 -12.82 3.26
N GLU A 155 -11.14 -14.08 2.80
CA GLU A 155 -12.23 -15.04 2.90
C GLU A 155 -12.42 -15.56 4.33
N GLY A 156 -11.59 -15.10 5.28
CA GLY A 156 -11.65 -15.52 6.67
C GLY A 156 -11.19 -16.96 6.83
N SER A 1 -16.15 -18.98 -3.04
CA SER A 1 -15.69 -19.94 -4.05
C SER A 1 -14.90 -21.07 -3.40
N GLY A 2 -14.48 -22.06 -4.19
CA GLY A 2 -13.69 -23.19 -3.68
C GLY A 2 -12.29 -22.76 -3.27
N SER A 3 -11.59 -23.62 -2.53
CA SER A 3 -10.26 -23.32 -2.05
C SER A 3 -9.25 -23.27 -3.20
N HIS A 4 -8.25 -22.40 -3.08
CA HIS A 4 -7.18 -22.25 -4.06
C HIS A 4 -5.86 -21.96 -3.34
N MET A 5 -4.74 -22.22 -4.01
CA MET A 5 -3.41 -21.99 -3.45
C MET A 5 -3.01 -20.51 -3.54
N SER A 6 -3.82 -19.70 -4.24
CA SER A 6 -3.57 -18.27 -4.40
C SER A 6 -3.87 -17.52 -3.11
N THR A 7 -3.30 -16.31 -2.98
CA THR A 7 -3.50 -15.46 -1.82
C THR A 7 -3.24 -13.99 -2.13
N GLN A 8 -3.77 -13.10 -1.29
CA GLN A 8 -3.55 -11.67 -1.45
C GLN A 8 -2.19 -11.25 -0.88
N TYR A 9 -1.66 -12.01 0.08
CA TYR A 9 -0.39 -11.67 0.72
C TYR A 9 0.24 -12.90 1.38
N ILE A 10 1.48 -12.73 1.83
CA ILE A 10 2.27 -13.80 2.44
C ILE A 10 1.69 -14.21 3.80
N ASP A 11 1.88 -13.34 4.81
CA ASP A 11 1.48 -13.60 6.19
C ASP A 11 1.11 -12.36 7.00
N GLU A 12 0.89 -11.23 6.32
CA GLU A 12 0.64 -9.91 6.91
C GLU A 12 1.71 -9.47 7.91
N THR A 13 2.85 -10.16 7.91
CA THR A 13 4.04 -9.80 8.70
C THR A 13 5.35 -9.85 7.92
N ALA A 14 5.25 -10.05 6.60
CA ALA A 14 6.39 -10.11 5.70
C ALA A 14 7.15 -8.78 5.68
N PHE A 15 8.35 -8.78 5.09
CA PHE A 15 9.18 -7.59 5.02
C PHE A 15 10.11 -7.77 3.82
N VAL A 16 10.90 -6.74 3.54
CA VAL A 16 11.88 -6.71 2.46
C VAL A 16 13.07 -5.94 2.97
N GLN A 17 14.26 -6.27 2.46
CA GLN A 17 15.51 -5.65 2.87
C GLN A 17 16.47 -5.57 1.70
N ALA A 18 17.56 -4.82 1.91
CA ALA A 18 18.61 -4.65 0.92
C ALA A 18 19.20 -5.98 0.46
N GLU A 19 19.91 -5.99 -0.67
CA GLU A 19 20.41 -7.20 -1.30
C GLU A 19 21.28 -8.03 -0.35
N GLN A 20 22.16 -7.37 0.40
CA GLN A 20 23.01 -8.02 1.40
C GLN A 20 23.62 -7.01 2.37
N GLY A 21 23.71 -5.74 1.96
CA GLY A 21 24.27 -4.69 2.80
C GLY A 21 24.09 -3.29 2.19
N LYS A 22 23.23 -3.16 1.18
CA LYS A 22 23.01 -1.91 0.48
C LYS A 22 22.36 -0.93 1.45
N THR A 23 22.55 0.38 1.22
CA THR A 23 21.99 1.40 2.10
C THR A 23 20.50 1.68 1.93
N ASN A 24 19.88 1.16 0.87
CA ASN A 24 18.49 1.44 0.56
C ASN A 24 17.82 0.29 -0.18
N LEU A 25 16.48 0.28 -0.18
CA LEU A 25 15.68 -0.66 -0.94
C LEU A 25 15.42 -0.09 -2.34
N MET A 26 15.82 1.17 -2.60
CA MET A 26 15.63 1.78 -3.89
C MET A 26 16.41 1.02 -4.97
N PHE A 27 15.79 0.83 -6.12
CA PHE A 27 16.35 0.04 -7.21
C PHE A 27 17.45 0.69 -8.04
N SER A 28 18.26 -0.13 -8.70
CA SER A 28 19.34 0.34 -9.55
C SER A 28 18.84 0.70 -10.95
N ASP A 29 17.61 0.26 -11.29
CA ASP A 29 16.99 0.54 -12.57
C ASP A 29 15.80 1.49 -12.48
N GLU A 30 15.60 2.31 -13.51
CA GLU A 30 14.53 3.29 -13.52
C GLU A 30 13.16 2.60 -13.68
N LYS A 31 13.14 1.40 -14.26
CA LYS A 31 11.90 0.68 -14.48
C LYS A 31 11.40 0.09 -13.15
N GLN A 32 12.33 -0.38 -12.33
CA GLN A 32 12.00 -0.97 -11.03
C GLN A 32 11.62 0.13 -10.04
N GLN A 33 12.25 1.29 -10.12
CA GLN A 33 12.02 2.37 -9.19
C GLN A 33 10.68 3.05 -9.50
N ALA A 34 10.36 3.24 -10.78
CA ALA A 34 9.13 3.92 -11.17
C ALA A 34 7.91 3.02 -10.97
N ARG A 35 8.05 1.72 -11.27
CA ARG A 35 6.94 0.79 -11.07
C ARG A 35 6.67 0.56 -9.59
N PHE A 36 7.69 0.74 -8.74
CA PHE A 36 7.47 0.61 -7.31
C PHE A 36 6.58 1.69 -6.70
N GLU A 37 6.71 2.92 -7.20
CA GLU A 37 5.89 4.03 -6.71
C GLU A 37 4.44 3.86 -7.16
N LEU A 38 4.23 3.30 -8.36
CA LEU A 38 2.89 3.08 -8.87
C LEU A 38 2.22 1.95 -8.07
N GLY A 39 2.98 0.93 -7.70
CA GLY A 39 2.44 -0.20 -6.98
C GLY A 39 2.02 0.19 -5.57
N VAL A 40 2.82 0.99 -4.88
CA VAL A 40 2.48 1.42 -3.52
C VAL A 40 1.27 2.35 -3.57
N SER A 41 1.14 3.14 -4.64
CA SER A 41 0.03 4.07 -4.78
C SER A 41 -1.29 3.31 -4.91
N MET A 42 -1.30 2.20 -5.64
CA MET A 42 -2.52 1.41 -5.83
C MET A 42 -2.92 0.64 -4.56
N VAL A 43 -2.01 0.51 -3.58
CA VAL A 43 -2.30 -0.20 -2.34
C VAL A 43 -3.01 0.73 -1.37
N ILE A 44 -2.74 2.04 -1.43
CA ILE A 44 -3.45 2.98 -0.59
C ILE A 44 -4.86 3.19 -1.15
N TYR A 45 -5.03 3.01 -2.46
CA TYR A 45 -6.33 3.05 -3.11
C TYR A 45 -7.29 1.90 -2.81
N LYS A 46 -6.84 0.89 -2.06
CA LYS A 46 -7.68 -0.23 -1.66
C LYS A 46 -7.86 -0.31 -0.15
N TRP A 47 -7.32 0.64 0.61
CA TRP A 47 -7.46 0.65 2.06
C TRP A 47 -8.83 1.16 2.44
N ASP A 48 -9.55 0.40 3.27
CA ASP A 48 -10.90 0.76 3.70
C ASP A 48 -10.99 2.03 4.54
N ALA A 49 -10.11 2.19 5.52
CA ALA A 49 -10.19 3.32 6.43
C ALA A 49 -9.93 4.63 5.68
N LEU A 50 -9.13 4.59 4.61
CA LEU A 50 -8.87 5.76 3.79
C LEU A 50 -10.04 5.95 2.82
N ASP A 51 -10.54 4.84 2.28
CA ASP A 51 -11.66 4.83 1.36
C ASP A 51 -12.92 5.49 1.92
N VAL A 52 -13.29 5.15 3.16
CA VAL A 52 -14.46 5.74 3.79
C VAL A 52 -14.21 7.18 4.22
N ALA A 53 -12.95 7.58 4.41
CA ALA A 53 -12.62 8.93 4.84
C ALA A 53 -12.79 9.92 3.71
N VAL A 54 -12.49 9.50 2.47
CA VAL A 54 -12.64 10.35 1.30
C VAL A 54 -14.07 10.29 0.76
N GLU A 55 -14.78 9.18 0.98
CA GLU A 55 -16.14 9.03 0.49
C GLU A 55 -17.13 9.74 1.41
N ASN A 56 -16.90 9.71 2.73
CA ASN A 56 -17.75 10.41 3.68
C ASN A 56 -17.22 11.82 3.96
N SER A 57 -16.07 12.17 3.38
CA SER A 57 -15.46 13.49 3.55
C SER A 57 -15.27 13.83 5.03
N TRP A 58 -14.46 13.03 5.71
CA TRP A 58 -14.11 13.25 7.12
C TRP A 58 -13.28 14.51 7.32
N GLY A 59 -12.99 15.24 6.25
CA GLY A 59 -12.22 16.47 6.28
C GLY A 59 -12.73 17.44 5.22
N GLY A 60 -11.82 18.23 4.64
CA GLY A 60 -12.15 19.20 3.61
C GLY A 60 -12.34 18.53 2.26
N PRO A 61 -12.62 19.30 1.21
CA PRO A 61 -12.81 18.80 -0.14
C PRO A 61 -11.50 18.25 -0.71
N ASP A 62 -10.36 18.60 -0.08
CA ASP A 62 -9.06 18.09 -0.46
C ASP A 62 -8.78 16.67 0.04
N SER A 63 -9.79 15.99 0.59
CA SER A 63 -9.65 14.65 1.12
C SER A 63 -9.21 13.67 0.03
N ALA A 64 -9.55 13.95 -1.22
CA ALA A 64 -9.15 13.13 -2.36
C ALA A 64 -7.73 13.46 -2.82
N GLU A 65 -7.21 14.62 -2.40
CA GLU A 65 -5.88 15.06 -2.82
C GLU A 65 -4.83 14.67 -1.79
N LYS A 66 -5.25 14.54 -0.52
CA LYS A 66 -4.35 14.17 0.57
C LYS A 66 -3.95 12.70 0.53
N ARG A 67 -4.78 11.86 -0.10
CA ARG A 67 -4.48 10.45 -0.28
C ARG A 67 -3.20 10.27 -1.10
N ASP A 68 -2.83 11.27 -1.91
CA ASP A 68 -1.61 11.22 -2.69
C ASP A 68 -0.34 11.37 -1.85
N TRP A 69 -0.48 11.87 -0.63
CA TRP A 69 0.64 12.00 0.29
C TRP A 69 0.82 10.76 1.17
N ILE A 70 -0.24 9.98 1.34
CA ILE A 70 -0.20 8.76 2.15
C ILE A 70 0.67 7.70 1.48
N THR A 71 0.75 7.71 0.15
CA THR A 71 1.61 6.76 -0.57
C THR A 71 3.04 7.30 -0.61
N GLY A 72 3.21 8.63 -0.55
CA GLY A 72 4.53 9.23 -0.65
C GLY A 72 5.40 8.91 0.56
N ILE A 73 4.80 8.98 1.75
CA ILE A 73 5.50 8.69 3.00
C ILE A 73 5.81 7.20 3.15
N VAL A 74 5.03 6.35 2.46
CA VAL A 74 5.27 4.91 2.51
C VAL A 74 6.46 4.57 1.62
N VAL A 75 6.61 5.25 0.49
CA VAL A 75 7.74 5.06 -0.41
C VAL A 75 8.98 5.66 0.26
N ASP A 76 8.80 6.66 1.11
CA ASP A 76 9.89 7.31 1.83
C ASP A 76 10.61 6.43 2.83
N LEU A 77 10.05 5.26 3.17
CA LEU A 77 10.69 4.31 4.05
C LEU A 77 11.75 3.52 3.29
N PHE A 78 11.51 3.31 1.99
CA PHE A 78 12.37 2.50 1.14
C PHE A 78 13.63 3.22 0.68
N LYS A 79 13.62 4.55 0.76
CA LYS A 79 14.73 5.40 0.35
C LYS A 79 15.47 6.01 1.54
N ASN A 80 15.08 5.66 2.77
CA ASN A 80 15.75 6.13 3.98
C ASN A 80 16.17 5.00 4.91
N GLU A 81 15.84 3.75 4.56
CA GLU A 81 16.22 2.58 5.34
C GLU A 81 16.63 1.43 4.43
N LYS A 82 17.44 0.51 4.95
CA LYS A 82 17.90 -0.66 4.22
C LYS A 82 17.01 -1.87 4.48
N VAL A 83 15.86 -1.67 5.13
CA VAL A 83 14.87 -2.72 5.35
C VAL A 83 13.58 -2.05 5.79
N VAL A 84 12.44 -2.61 5.38
CA VAL A 84 11.11 -2.13 5.75
C VAL A 84 10.21 -3.35 5.93
N ASP A 85 9.31 -3.32 6.92
CA ASP A 85 8.40 -4.43 7.18
C ASP A 85 6.96 -3.94 7.29
N ALA A 86 6.00 -4.87 7.32
CA ALA A 86 4.60 -4.50 7.42
C ALA A 86 4.27 -3.93 8.80
N ALA A 87 5.20 -3.96 9.75
CA ALA A 87 4.94 -3.51 11.10
C ALA A 87 5.15 -2.00 11.27
N LEU A 88 6.19 -1.42 10.67
CA LEU A 88 6.41 0.01 10.78
C LEU A 88 5.61 0.77 9.71
N ILE A 89 5.13 0.07 8.68
CA ILE A 89 4.25 0.68 7.69
C ILE A 89 2.87 0.88 8.28
N GLU A 90 2.42 -0.08 9.11
CA GLU A 90 1.12 -0.02 9.75
C GLU A 90 0.92 1.27 10.54
N GLU A 91 1.90 1.65 11.37
CA GLU A 91 1.75 2.85 12.18
C GLU A 91 1.86 4.10 11.32
N THR A 92 2.59 4.03 10.20
CA THR A 92 2.75 5.17 9.31
C THR A 92 1.46 5.46 8.54
N LEU A 93 0.68 4.41 8.23
CA LEU A 93 -0.60 4.55 7.58
C LEU A 93 -1.59 5.18 8.55
N LEU A 94 -1.63 4.68 9.79
CA LEU A 94 -2.54 5.15 10.82
C LEU A 94 -2.24 6.62 11.15
N TYR A 95 -1.00 6.91 11.52
CA TYR A 95 -0.65 8.27 11.90
C TYR A 95 -0.80 9.34 10.82
N ALA A 96 -0.69 8.94 9.55
CA ALA A 96 -0.81 9.87 8.45
C ALA A 96 -2.26 10.25 8.19
N MET A 97 -3.20 9.33 8.42
CA MET A 97 -4.60 9.65 8.20
C MET A 97 -5.22 10.24 9.47
N ILE A 98 -4.60 10.02 10.63
CA ILE A 98 -5.04 10.64 11.87
C ILE A 98 -4.71 12.13 11.82
N ASP A 99 -3.58 12.46 11.20
CA ASP A 99 -3.14 13.84 11.04
C ASP A 99 -3.87 14.62 9.95
N GLU A 100 -4.85 13.99 9.28
CA GLU A 100 -5.63 14.63 8.23
C GLU A 100 -7.11 14.28 8.30
N PHE A 101 -7.49 13.29 9.12
CA PHE A 101 -8.89 12.89 9.28
C PHE A 101 -9.31 12.65 10.72
N GLU A 102 -8.34 12.67 11.66
CA GLU A 102 -8.57 12.50 13.09
C GLU A 102 -9.40 11.25 13.41
N THR A 103 -9.27 10.20 12.60
CA THR A 103 -10.08 9.00 12.75
C THR A 103 -9.67 8.20 13.98
N ASN A 104 -8.40 8.31 14.40
CA ASN A 104 -7.85 7.53 15.51
C ASN A 104 -8.01 6.02 15.28
N VAL A 105 -8.28 5.62 14.03
CA VAL A 105 -8.63 4.27 13.60
C VAL A 105 -7.96 3.15 14.41
N GLU A 106 -8.76 2.13 14.74
CA GLU A 106 -8.36 0.98 15.55
C GLU A 106 -8.85 -0.33 14.93
N ASP A 107 -9.46 -0.26 13.73
CA ASP A 107 -10.05 -1.41 13.07
C ASP A 107 -9.06 -2.41 12.48
N ASP A 108 -7.76 -2.20 12.69
CA ASP A 108 -6.71 -3.05 12.13
C ASP A 108 -6.73 -3.19 10.60
N SER A 109 -7.42 -2.25 9.93
CA SER A 109 -7.59 -2.27 8.48
C SER A 109 -6.29 -2.00 7.74
N ALA A 110 -5.26 -1.48 8.43
CA ALA A 110 -3.99 -1.15 7.80
C ALA A 110 -3.05 -2.35 7.74
N LEU A 111 -3.36 -3.45 8.44
CA LEU A 111 -2.49 -4.62 8.47
C LEU A 111 -2.40 -5.28 7.09
N PRO A 112 -3.50 -5.59 6.42
CA PRO A 112 -3.44 -6.20 5.10
C PRO A 112 -2.95 -5.21 4.04
N ILE A 113 -2.99 -3.90 4.35
CA ILE A 113 -2.50 -2.88 3.44
C ILE A 113 -1.00 -2.72 3.58
N ALA A 114 -0.47 -2.90 4.80
CA ALA A 114 0.95 -2.75 5.04
C ALA A 114 1.75 -3.85 4.35
N VAL A 115 1.21 -5.07 4.32
CA VAL A 115 1.87 -6.17 3.64
C VAL A 115 1.71 -6.08 2.12
N GLU A 116 0.65 -5.42 1.67
CA GLU A 116 0.46 -5.23 0.23
C GLU A 116 1.53 -4.31 -0.34
N VAL A 117 2.10 -3.43 0.50
CA VAL A 117 3.18 -2.55 0.08
C VAL A 117 4.46 -3.37 -0.05
N ILE A 118 4.62 -4.40 0.79
CA ILE A 118 5.81 -5.25 0.75
C ILE A 118 5.81 -6.10 -0.51
N ASN A 119 4.62 -6.44 -1.02
CA ASN A 119 4.50 -7.28 -2.21
C ASN A 119 4.96 -6.55 -3.47
N ILE A 120 4.90 -5.21 -3.47
CA ILE A 120 5.31 -4.43 -4.63
C ILE A 120 6.81 -4.51 -4.83
N TYR A 121 7.60 -4.57 -3.76
CA TYR A 121 9.05 -4.65 -3.88
C TYR A 121 9.54 -5.95 -4.52
N ASN A 122 8.89 -7.06 -4.17
CA ASN A 122 9.25 -8.37 -4.68
C ASN A 122 8.76 -8.54 -6.12
N ASP A 123 7.71 -7.81 -6.51
CA ASP A 123 7.20 -7.85 -7.88
C ASP A 123 8.09 -7.02 -8.80
N CYS A 124 8.73 -5.97 -8.26
CA CYS A 124 9.66 -5.16 -9.02
C CYS A 124 11.05 -5.82 -9.09
N PHE A 125 11.30 -6.80 -8.23
CA PHE A 125 12.58 -7.49 -8.17
C PHE A 125 12.76 -8.66 -9.14
N ASN A 126 11.65 -9.27 -9.56
CA ASN A 126 11.66 -10.39 -10.50
C ASN A 126 11.26 -9.93 -11.91
N LEU A 127 11.02 -8.63 -12.09
CA LEU A 127 10.65 -8.03 -13.37
C LEU A 127 9.38 -8.64 -13.97
N ASN A 128 8.62 -9.40 -13.19
CA ASN A 128 7.37 -9.99 -13.63
C ASN A 128 6.26 -8.94 -13.63
N TYR A 129 6.39 -7.93 -12.76
CA TYR A 129 5.50 -6.77 -12.69
C TYR A 129 4.00 -7.04 -12.57
N ASN A 130 3.61 -8.29 -12.30
CA ASN A 130 2.22 -8.71 -12.38
C ASN A 130 1.34 -8.08 -11.31
N LYS A 131 1.93 -7.64 -10.20
CA LYS A 131 1.18 -7.13 -9.07
C LYS A 131 0.83 -5.66 -9.23
N VAL A 132 1.74 -4.87 -9.81
CA VAL A 132 1.49 -3.46 -10.05
C VAL A 132 0.74 -3.23 -11.36
N GLU A 133 0.93 -4.11 -12.35
CA GLU A 133 0.33 -3.91 -13.65
C GLU A 133 -1.16 -4.27 -13.66
N LYS A 134 -1.64 -5.02 -12.67
CA LYS A 134 -3.05 -5.40 -12.61
C LYS A 134 -3.83 -4.41 -11.75
N LEU A 135 -3.22 -3.88 -10.68
CA LEU A 135 -3.92 -2.98 -9.78
C LEU A 135 -4.15 -1.63 -10.43
N TYR A 136 -3.32 -1.28 -11.42
CA TYR A 136 -3.52 -0.04 -12.18
C TYR A 136 -4.75 -0.05 -13.08
N LEU A 137 -5.19 -1.25 -13.49
CA LEU A 137 -6.37 -1.43 -14.33
C LEU A 137 -7.63 -1.37 -13.47
N GLU A 138 -7.51 -1.87 -12.25
CA GLU A 138 -8.58 -1.86 -11.25
C GLU A 138 -8.86 -0.46 -10.74
N TRP A 139 -8.11 0.52 -11.24
CA TRP A 139 -8.21 1.92 -10.83
C TRP A 139 -8.70 2.87 -11.92
N GLN A 140 -8.61 2.47 -13.19
CA GLN A 140 -9.05 3.31 -14.29
C GLN A 140 -10.55 3.56 -14.21
N GLU A 141 -11.32 2.61 -13.67
CA GLU A 141 -12.76 2.76 -13.58
C GLU A 141 -13.15 3.55 -12.33
N LYS A 142 -12.19 3.84 -11.45
CA LYS A 142 -12.44 4.63 -10.25
C LYS A 142 -12.31 6.12 -10.54
N GLN A 143 -11.74 6.48 -11.69
CA GLN A 143 -11.53 7.86 -12.07
C GLN A 143 -12.54 8.33 -13.12
N ARG A 144 -13.14 7.40 -13.87
CA ARG A 144 -14.14 7.73 -14.89
C ARG A 144 -15.48 8.07 -14.24
N THR A 145 -15.62 7.76 -12.95
CA THR A 145 -16.84 8.01 -12.19
C THR A 145 -16.59 8.50 -10.76
N LYS A 146 -15.31 8.66 -10.38
CA LYS A 146 -14.91 9.19 -9.08
C LYS A 146 -15.54 8.46 -7.90
N LYS A 147 -15.72 7.15 -8.02
CA LYS A 147 -16.25 6.31 -6.96
C LYS A 147 -15.27 5.17 -6.69
N SER A 148 -14.90 4.98 -5.42
CA SER A 148 -13.91 4.00 -5.04
C SER A 148 -14.49 2.57 -5.02
N LYS A 149 -13.60 1.58 -4.91
CA LYS A 149 -13.95 0.17 -4.87
C LYS A 149 -13.03 -0.55 -3.89
N ARG A 150 -13.53 -1.60 -3.23
CA ARG A 150 -12.75 -2.33 -2.23
C ARG A 150 -13.07 -3.84 -2.24
N VAL A 151 -13.83 -4.30 -3.23
CA VAL A 151 -14.20 -5.71 -3.34
C VAL A 151 -13.05 -6.63 -3.73
N VAL A 152 -11.85 -6.06 -3.93
CA VAL A 152 -10.66 -6.83 -4.27
C VAL A 152 -10.19 -7.67 -3.08
N HIS A 153 -10.66 -7.36 -1.88
CA HIS A 153 -10.32 -8.07 -0.65
C HIS A 153 -10.85 -9.51 -0.69
N ILE A 154 -10.29 -10.36 0.17
CA ILE A 154 -10.74 -11.74 0.29
C ILE A 154 -12.20 -11.80 0.73
N GLU A 155 -12.92 -12.84 0.32
CA GLU A 155 -14.32 -13.01 0.67
C GLU A 155 -14.51 -13.48 2.12
N GLY A 156 -13.41 -13.66 2.86
CA GLY A 156 -13.45 -14.12 4.24
C GLY A 156 -14.01 -13.05 5.17
N SER A 1 -14.61 -18.71 8.74
CA SER A 1 -14.58 -19.71 7.65
C SER A 1 -13.54 -20.79 7.94
N GLY A 2 -13.54 -21.86 7.13
CA GLY A 2 -12.63 -22.97 7.28
C GLY A 2 -11.19 -22.61 6.90
N SER A 3 -10.28 -23.57 7.09
CA SER A 3 -8.87 -23.39 6.79
C SER A 3 -8.63 -23.30 5.29
N HIS A 4 -7.42 -22.89 4.90
CA HIS A 4 -7.05 -22.72 3.50
C HIS A 4 -5.55 -22.95 3.31
N MET A 5 -5.17 -23.46 2.13
CA MET A 5 -3.77 -23.74 1.82
C MET A 5 -3.04 -22.50 1.30
N SER A 6 -3.76 -21.40 1.08
CA SER A 6 -3.20 -20.16 0.58
C SER A 6 -4.10 -18.98 0.93
N THR A 7 -3.57 -17.76 0.87
CA THR A 7 -4.30 -16.54 1.17
C THR A 7 -3.83 -15.33 0.36
N GLN A 8 -4.51 -14.19 0.51
CA GLN A 8 -4.26 -12.98 -0.25
C GLN A 8 -2.89 -12.34 0.03
N TYR A 9 -2.11 -12.91 0.96
CA TYR A 9 -0.82 -12.38 1.35
C TYR A 9 0.06 -13.46 1.93
N ILE A 10 1.30 -13.12 2.29
CA ILE A 10 2.27 -14.04 2.85
C ILE A 10 1.90 -14.43 4.28
N ASP A 11 2.09 -13.50 5.22
CA ASP A 11 1.84 -13.68 6.64
C ASP A 11 1.42 -12.43 7.41
N GLU A 12 1.08 -11.37 6.69
CA GLU A 12 0.76 -10.05 7.21
C GLU A 12 1.85 -9.47 8.12
N THR A 13 3.03 -10.09 8.10
CA THR A 13 4.22 -9.64 8.82
C THR A 13 5.50 -9.71 7.99
N ALA A 14 5.36 -9.97 6.68
CA ALA A 14 6.47 -10.06 5.76
C ALA A 14 7.23 -8.73 5.69
N PHE A 15 8.43 -8.74 5.11
CA PHE A 15 9.27 -7.56 5.02
C PHE A 15 10.19 -7.74 3.82
N VAL A 16 10.97 -6.70 3.53
CA VAL A 16 11.94 -6.67 2.45
C VAL A 16 13.12 -5.87 2.95
N GLN A 17 14.31 -6.19 2.43
CA GLN A 17 15.55 -5.55 2.84
C GLN A 17 16.51 -5.44 1.66
N ALA A 18 17.60 -4.70 1.86
CA ALA A 18 18.64 -4.50 0.87
C ALA A 18 19.22 -5.83 0.36
N GLU A 19 19.90 -5.79 -0.79
CA GLU A 19 20.39 -6.99 -1.46
C GLU A 19 21.32 -7.82 -0.57
N GLN A 20 22.24 -7.16 0.13
CA GLN A 20 23.17 -7.82 1.04
C GLN A 20 23.81 -6.82 2.01
N GLY A 21 23.87 -5.54 1.63
CA GLY A 21 24.45 -4.51 2.48
C GLY A 21 24.21 -3.10 1.93
N LYS A 22 23.29 -2.97 0.96
CA LYS A 22 23.00 -1.69 0.31
C LYS A 22 22.38 -0.75 1.36
N THR A 23 22.56 0.55 1.17
CA THR A 23 22.00 1.54 2.09
C THR A 23 20.50 1.81 1.95
N ASN A 24 19.88 1.30 0.88
CA ASN A 24 18.48 1.56 0.58
C ASN A 24 17.82 0.42 -0.18
N LEU A 25 16.49 0.41 -0.17
CA LEU A 25 15.68 -0.53 -0.95
C LEU A 25 15.41 0.05 -2.34
N MET A 26 15.83 1.30 -2.59
CA MET A 26 15.64 1.92 -3.88
C MET A 26 16.40 1.15 -4.94
N PHE A 27 15.81 1.00 -6.12
CA PHE A 27 16.35 0.18 -7.20
C PHE A 27 17.49 0.78 -8.01
N SER A 28 18.27 -0.11 -8.65
CA SER A 28 19.38 0.29 -9.51
C SER A 28 18.92 0.56 -10.94
N ASP A 29 17.60 0.53 -11.16
CA ASP A 29 16.99 0.75 -12.46
C ASP A 29 15.73 1.62 -12.37
N GLU A 30 15.59 2.60 -13.27
CA GLU A 30 14.50 3.57 -13.20
C GLU A 30 13.15 2.90 -13.45
N LYS A 31 13.15 1.75 -14.14
CA LYS A 31 11.90 1.03 -14.38
C LYS A 31 11.43 0.34 -13.11
N GLN A 32 12.38 -0.18 -12.33
CA GLN A 32 12.05 -0.88 -11.10
C GLN A 32 11.64 0.11 -10.01
N GLN A 33 12.21 1.32 -10.06
CA GLN A 33 11.90 2.35 -9.09
C GLN A 33 10.54 3.00 -9.43
N ALA A 34 10.27 3.22 -10.71
CA ALA A 34 9.02 3.83 -11.13
C ALA A 34 7.85 2.87 -10.97
N ARG A 35 8.07 1.59 -11.27
CA ARG A 35 7.01 0.58 -11.09
C ARG A 35 6.71 0.36 -9.62
N PHE A 36 7.71 0.56 -8.75
CA PHE A 36 7.47 0.41 -7.33
C PHE A 36 6.59 1.50 -6.72
N GLU A 37 6.75 2.75 -7.18
CA GLU A 37 5.95 3.85 -6.67
C GLU A 37 4.50 3.75 -7.14
N LEU A 38 4.28 3.19 -8.33
CA LEU A 38 2.93 2.98 -8.85
C LEU A 38 2.24 1.86 -8.07
N GLY A 39 3.00 0.81 -7.70
CA GLY A 39 2.43 -0.32 -7.00
C GLY A 39 2.00 0.06 -5.59
N VAL A 40 2.79 0.87 -4.89
CA VAL A 40 2.44 1.29 -3.53
C VAL A 40 1.21 2.18 -3.58
N SER A 41 1.08 2.98 -4.65
CA SER A 41 -0.07 3.88 -4.79
C SER A 41 -1.36 3.09 -4.91
N MET A 42 -1.35 1.99 -5.65
CA MET A 42 -2.54 1.17 -5.84
C MET A 42 -2.90 0.38 -4.59
N VAL A 43 -2.01 0.31 -3.60
CA VAL A 43 -2.30 -0.40 -2.36
C VAL A 43 -3.00 0.55 -1.39
N ILE A 44 -2.72 1.84 -1.46
CA ILE A 44 -3.42 2.81 -0.63
C ILE A 44 -4.83 3.02 -1.18
N TYR A 45 -4.98 2.88 -2.50
CA TYR A 45 -6.28 2.96 -3.16
C TYR A 45 -7.25 1.80 -2.96
N LYS A 46 -6.83 0.78 -2.20
CA LYS A 46 -7.72 -0.31 -1.82
C LYS A 46 -7.97 -0.32 -0.31
N TRP A 47 -7.38 0.63 0.43
CA TRP A 47 -7.56 0.69 1.86
C TRP A 47 -8.91 1.31 2.19
N ASP A 48 -9.73 0.57 2.95
CA ASP A 48 -11.07 1.00 3.31
C ASP A 48 -11.15 2.24 4.18
N ALA A 49 -10.33 2.30 5.23
CA ALA A 49 -10.39 3.39 6.18
C ALA A 49 -9.99 4.72 5.52
N LEU A 50 -9.18 4.66 4.47
CA LEU A 50 -8.80 5.86 3.73
C LEU A 50 -9.89 6.24 2.74
N ASP A 51 -10.49 5.23 2.09
CA ASP A 51 -11.52 5.47 1.11
C ASP A 51 -12.84 6.01 1.66
N VAL A 52 -13.17 5.71 2.93
CA VAL A 52 -14.34 6.30 3.56
C VAL A 52 -14.03 7.71 4.07
N ALA A 53 -12.76 8.02 4.31
CA ALA A 53 -12.37 9.33 4.80
C ALA A 53 -12.49 10.37 3.70
N VAL A 54 -12.23 9.96 2.45
CA VAL A 54 -12.33 10.86 1.30
C VAL A 54 -13.76 10.93 0.78
N GLU A 55 -14.55 9.87 0.99
CA GLU A 55 -15.93 9.86 0.54
C GLU A 55 -16.85 10.60 1.50
N ASN A 56 -16.55 10.55 2.80
CA ASN A 56 -17.29 11.31 3.80
C ASN A 56 -16.61 12.66 4.06
N SER A 57 -15.49 12.92 3.37
CA SER A 57 -14.77 14.19 3.45
C SER A 57 -14.41 14.59 4.88
N TRP A 58 -13.81 13.65 5.63
CA TRP A 58 -13.45 13.87 7.02
C TRP A 58 -12.43 15.00 7.19
N GLY A 59 -11.74 15.40 6.11
CA GLY A 59 -10.73 16.44 6.15
C GLY A 59 -11.17 17.69 5.39
N GLY A 60 -12.36 17.66 4.79
CA GLY A 60 -12.87 18.75 3.96
C GLY A 60 -12.91 18.31 2.50
N PRO A 61 -13.21 19.25 1.58
CA PRO A 61 -13.32 18.97 0.15
C PRO A 61 -11.96 18.57 -0.46
N ASP A 62 -10.87 18.78 0.29
CA ASP A 62 -9.53 18.44 -0.16
C ASP A 62 -9.06 17.06 0.30
N SER A 63 -9.96 16.24 0.84
CA SER A 63 -9.62 14.93 1.37
C SER A 63 -9.04 14.03 0.28
N ALA A 64 -9.34 14.30 -0.99
CA ALA A 64 -8.81 13.53 -2.11
C ALA A 64 -7.35 13.89 -2.39
N GLU A 65 -6.93 15.09 -1.99
CA GLU A 65 -5.57 15.56 -2.17
C GLU A 65 -4.67 15.00 -1.07
N LYS A 66 -5.25 14.64 0.08
CA LYS A 66 -4.51 14.08 1.18
C LYS A 66 -4.16 12.61 0.96
N ARG A 67 -5.02 11.88 0.23
CA ARG A 67 -4.77 10.47 -0.05
C ARG A 67 -3.58 10.28 -0.97
N ASP A 68 -3.25 11.29 -1.77
CA ASP A 68 -2.14 11.22 -2.72
C ASP A 68 -0.81 11.32 -1.95
N TRP A 69 -0.84 11.80 -0.71
CA TRP A 69 0.34 11.93 0.12
C TRP A 69 0.62 10.69 0.98
N ILE A 70 -0.40 9.86 1.22
CA ILE A 70 -0.27 8.67 2.05
C ILE A 70 0.61 7.63 1.37
N THR A 71 0.67 7.62 0.04
CA THR A 71 1.54 6.68 -0.68
C THR A 71 2.95 7.23 -0.74
N GLY A 72 3.12 8.55 -0.69
CA GLY A 72 4.44 9.16 -0.83
C GLY A 72 5.31 8.89 0.38
N ILE A 73 4.71 8.96 1.57
CA ILE A 73 5.43 8.72 2.83
C ILE A 73 5.74 7.24 3.01
N VAL A 74 4.98 6.35 2.36
CA VAL A 74 5.22 4.92 2.46
C VAL A 74 6.42 4.56 1.58
N VAL A 75 6.56 5.22 0.43
CA VAL A 75 7.72 5.01 -0.44
C VAL A 75 8.94 5.63 0.22
N ASP A 76 8.75 6.65 1.05
CA ASP A 76 9.82 7.31 1.76
C ASP A 76 10.54 6.44 2.80
N LEU A 77 9.97 5.28 3.13
CA LEU A 77 10.60 4.33 4.04
C LEU A 77 11.68 3.55 3.30
N PHE A 78 11.48 3.35 1.99
CA PHE A 78 12.36 2.55 1.15
C PHE A 78 13.61 3.29 0.69
N LYS A 79 13.58 4.62 0.78
CA LYS A 79 14.69 5.48 0.37
C LYS A 79 15.42 6.09 1.57
N ASN A 80 15.01 5.73 2.79
CA ASN A 80 15.66 6.21 4.01
C ASN A 80 16.09 5.07 4.94
N GLU A 81 15.80 3.83 4.57
CA GLU A 81 16.19 2.65 5.36
C GLU A 81 16.60 1.51 4.44
N LYS A 82 17.44 0.60 4.95
CA LYS A 82 17.90 -0.57 4.22
C LYS A 82 17.01 -1.78 4.47
N VAL A 83 15.86 -1.58 5.11
CA VAL A 83 14.87 -2.64 5.33
C VAL A 83 13.58 -1.98 5.78
N VAL A 84 12.44 -2.56 5.39
CA VAL A 84 11.11 -2.10 5.75
C VAL A 84 10.23 -3.34 5.92
N ASP A 85 9.32 -3.32 6.90
CA ASP A 85 8.42 -4.45 7.15
C ASP A 85 6.98 -3.98 7.23
N ALA A 86 6.04 -4.93 7.24
CA ALA A 86 4.63 -4.61 7.33
C ALA A 86 4.26 -4.06 8.72
N ALA A 87 5.20 -4.06 9.67
CA ALA A 87 4.92 -3.62 11.02
C ALA A 87 5.08 -2.11 11.19
N LEU A 88 6.14 -1.50 10.63
CA LEU A 88 6.31 -0.07 10.76
C LEU A 88 5.51 0.69 9.70
N ILE A 89 5.02 -0.02 8.67
CA ILE A 89 4.14 0.58 7.68
C ILE A 89 2.74 0.71 8.27
N GLU A 90 2.31 -0.29 9.05
CA GLU A 90 0.98 -0.32 9.64
C GLU A 90 0.74 0.89 10.56
N GLU A 91 1.77 1.38 11.25
CA GLU A 91 1.58 2.55 12.11
C GLU A 91 1.72 3.85 11.31
N THR A 92 2.48 3.83 10.22
CA THR A 92 2.66 5.01 9.38
C THR A 92 1.38 5.32 8.60
N LEU A 93 0.63 4.29 8.20
CA LEU A 93 -0.65 4.45 7.52
C LEU A 93 -1.65 5.09 8.47
N LEU A 94 -1.68 4.62 9.71
CA LEU A 94 -2.59 5.12 10.73
C LEU A 94 -2.25 6.57 11.07
N TYR A 95 -1.00 6.83 11.47
CA TYR A 95 -0.62 8.17 11.88
C TYR A 95 -0.68 9.24 10.81
N ALA A 96 -0.57 8.85 9.54
CA ALA A 96 -0.64 9.80 8.44
C ALA A 96 -2.09 10.21 8.17
N MET A 97 -3.05 9.29 8.35
CA MET A 97 -4.43 9.62 8.11
C MET A 97 -5.05 10.26 9.36
N ILE A 98 -4.44 10.05 10.53
CA ILE A 98 -4.89 10.70 11.76
C ILE A 98 -4.48 12.18 11.73
N ASP A 99 -3.39 12.50 11.03
CA ASP A 99 -2.89 13.86 10.93
C ASP A 99 -3.72 14.64 9.91
N GLU A 100 -4.71 13.99 9.26
CA GLU A 100 -5.50 14.62 8.21
C GLU A 100 -7.00 14.36 8.36
N PHE A 101 -7.40 13.36 9.15
CA PHE A 101 -8.81 13.03 9.33
C PHE A 101 -9.13 12.75 10.80
N GLU A 102 -8.11 12.67 11.67
CA GLU A 102 -8.28 12.44 13.10
C GLU A 102 -9.15 11.22 13.42
N THR A 103 -9.13 10.22 12.54
CA THR A 103 -10.00 9.05 12.67
C THR A 103 -9.61 8.17 13.85
N ASN A 104 -8.35 8.24 14.30
CA ASN A 104 -7.84 7.39 15.38
C ASN A 104 -7.98 5.90 15.06
N VAL A 105 -8.24 5.57 13.79
CA VAL A 105 -8.55 4.23 13.32
C VAL A 105 -7.77 3.14 14.04
N GLU A 106 -8.49 2.09 14.44
CA GLU A 106 -7.96 0.99 15.23
C GLU A 106 -8.67 -0.32 14.89
N ASP A 107 -9.40 -0.34 13.78
CA ASP A 107 -10.11 -1.52 13.28
C ASP A 107 -9.22 -2.55 12.59
N ASP A 108 -7.89 -2.41 12.73
CA ASP A 108 -6.93 -3.29 12.09
C ASP A 108 -6.98 -3.34 10.57
N SER A 109 -7.60 -2.33 9.95
CA SER A 109 -7.79 -2.26 8.51
C SER A 109 -6.48 -2.04 7.76
N ALA A 110 -5.43 -1.57 8.44
CA ALA A 110 -4.15 -1.27 7.81
C ALA A 110 -3.22 -2.49 7.75
N LEU A 111 -3.56 -3.58 8.45
CA LEU A 111 -2.72 -4.76 8.49
C LEU A 111 -2.59 -5.42 7.10
N PRO A 112 -3.69 -5.71 6.39
CA PRO A 112 -3.61 -6.31 5.07
C PRO A 112 -3.09 -5.31 4.03
N ILE A 113 -3.11 -4.02 4.34
CA ILE A 113 -2.60 -2.98 3.45
C ILE A 113 -1.08 -2.87 3.59
N ALA A 114 -0.56 -3.05 4.80
CA ALA A 114 0.86 -2.91 5.04
C ALA A 114 1.66 -4.01 4.35
N VAL A 115 1.16 -5.24 4.37
CA VAL A 115 1.84 -6.35 3.71
C VAL A 115 1.71 -6.26 2.19
N GLU A 116 0.65 -5.61 1.70
CA GLU A 116 0.48 -5.42 0.27
C GLU A 116 1.54 -4.47 -0.29
N VAL A 117 2.04 -3.54 0.54
CA VAL A 117 3.10 -2.63 0.12
C VAL A 117 4.40 -3.41 -0.02
N ILE A 118 4.58 -4.43 0.83
CA ILE A 118 5.78 -5.25 0.80
C ILE A 118 5.83 -6.11 -0.46
N ASN A 119 4.66 -6.52 -0.96
CA ASN A 119 4.57 -7.35 -2.15
C ASN A 119 4.98 -6.59 -3.41
N ILE A 120 4.88 -5.27 -3.39
CA ILE A 120 5.26 -4.46 -4.55
C ILE A 120 6.77 -4.53 -4.78
N TYR A 121 7.56 -4.60 -3.72
CA TYR A 121 9.02 -4.63 -3.86
C TYR A 121 9.53 -5.92 -4.50
N ASN A 122 8.92 -7.04 -4.13
CA ASN A 122 9.31 -8.35 -4.65
C ASN A 122 8.82 -8.52 -6.09
N ASP A 123 7.75 -7.82 -6.48
CA ASP A 123 7.23 -7.86 -7.83
C ASP A 123 8.08 -7.00 -8.77
N CYS A 124 8.65 -5.91 -8.24
CA CYS A 124 9.52 -5.03 -9.02
C CYS A 124 10.94 -5.58 -9.10
N PHE A 125 11.26 -6.58 -8.28
CA PHE A 125 12.58 -7.20 -8.26
C PHE A 125 12.80 -8.36 -9.23
N ASN A 126 11.71 -9.04 -9.61
CA ASN A 126 11.75 -10.16 -10.53
C ASN A 126 11.30 -9.75 -11.94
N LEU A 127 11.02 -8.45 -12.13
CA LEU A 127 10.62 -7.87 -13.41
C LEU A 127 9.37 -8.51 -14.00
N ASN A 128 8.65 -9.31 -13.20
CA ASN A 128 7.41 -9.94 -13.64
C ASN A 128 6.25 -8.92 -13.62
N TYR A 129 6.37 -7.90 -12.76
CA TYR A 129 5.46 -6.77 -12.68
C TYR A 129 3.96 -7.09 -12.54
N ASN A 130 3.62 -8.33 -12.20
CA ASN A 130 2.24 -8.81 -12.25
C ASN A 130 1.35 -8.13 -11.20
N LYS A 131 1.94 -7.68 -10.09
CA LYS A 131 1.17 -7.12 -8.99
C LYS A 131 0.86 -5.65 -9.24
N VAL A 132 1.83 -4.88 -9.74
CA VAL A 132 1.62 -3.47 -10.03
C VAL A 132 0.82 -3.29 -11.31
N GLU A 133 0.98 -4.20 -12.27
CA GLU A 133 0.35 -4.06 -13.57
C GLU A 133 -1.15 -4.31 -13.50
N LYS A 134 -1.58 -5.29 -12.68
CA LYS A 134 -2.99 -5.64 -12.61
C LYS A 134 -3.75 -4.64 -11.75
N LEU A 135 -3.15 -4.19 -10.64
CA LEU A 135 -3.85 -3.29 -9.72
C LEU A 135 -4.10 -1.94 -10.38
N TYR A 136 -3.29 -1.57 -11.37
CA TYR A 136 -3.51 -0.35 -12.13
C TYR A 136 -4.70 -0.40 -13.08
N LEU A 137 -5.13 -1.61 -13.45
CA LEU A 137 -6.29 -1.82 -14.31
C LEU A 137 -7.54 -2.02 -13.47
N GLU A 138 -7.39 -2.75 -12.36
CA GLU A 138 -8.49 -3.01 -11.43
C GLU A 138 -8.88 -1.73 -10.67
N TRP A 139 -8.10 -0.67 -10.82
CA TRP A 139 -8.38 0.63 -10.24
C TRP A 139 -9.22 1.52 -11.16
N GLN A 140 -9.15 1.28 -12.48
CA GLN A 140 -9.87 2.09 -13.44
C GLN A 140 -11.38 1.91 -13.34
N GLU A 141 -11.81 0.72 -12.88
CA GLU A 141 -13.23 0.43 -12.76
C GLU A 141 -13.78 0.98 -11.45
N LYS A 142 -12.91 1.41 -10.54
CA LYS A 142 -13.33 1.97 -9.26
C LYS A 142 -13.71 3.43 -9.42
N GLN A 143 -13.19 4.10 -10.45
CA GLN A 143 -13.40 5.53 -10.63
C GLN A 143 -14.52 5.81 -11.65
N ARG A 144 -14.84 4.84 -12.51
CA ARG A 144 -15.87 5.03 -13.54
C ARG A 144 -17.27 4.87 -12.95
N THR A 145 -17.38 4.33 -11.74
CA THR A 145 -18.66 4.08 -11.08
C THR A 145 -18.66 4.34 -9.57
N LYS A 146 -17.49 4.68 -9.00
CA LYS A 146 -17.34 4.98 -7.58
C LYS A 146 -17.72 3.83 -6.64
N LYS A 147 -17.77 2.59 -7.15
CA LYS A 147 -17.94 1.40 -6.34
C LYS A 147 -16.77 0.44 -6.52
N SER A 148 -16.54 -0.44 -5.54
CA SER A 148 -15.44 -1.39 -5.58
C SER A 148 -15.75 -2.61 -4.72
N LYS A 149 -15.01 -3.70 -4.96
CA LYS A 149 -15.15 -4.94 -4.20
C LYS A 149 -14.75 -4.69 -2.74
N ARG A 150 -15.37 -5.44 -1.82
CA ARG A 150 -15.16 -5.27 -0.39
C ARG A 150 -15.09 -6.61 0.36
N VAL A 151 -15.19 -7.72 -0.36
CA VAL A 151 -15.04 -9.05 0.23
C VAL A 151 -13.59 -9.43 0.50
N VAL A 152 -12.67 -8.49 0.27
CA VAL A 152 -11.23 -8.67 0.47
C VAL A 152 -10.88 -8.88 1.94
N HIS A 153 -11.82 -8.60 2.85
CA HIS A 153 -11.60 -8.77 4.28
C HIS A 153 -11.25 -10.22 4.61
N ILE A 154 -10.47 -10.41 5.67
CA ILE A 154 -10.07 -11.74 6.12
C ILE A 154 -11.27 -12.46 6.70
N GLU A 155 -11.22 -13.80 6.67
CA GLU A 155 -12.30 -14.65 7.15
C GLU A 155 -11.76 -15.93 7.81
N GLY A 156 -10.44 -16.06 7.93
CA GLY A 156 -9.80 -17.23 8.51
C GLY A 156 -8.28 -17.14 8.39
N SER A 1 -1.35 -26.02 6.26
CA SER A 1 -0.53 -24.85 5.90
C SER A 1 0.63 -25.26 4.99
N GLY A 2 1.17 -24.30 4.24
CA GLY A 2 2.28 -24.54 3.32
C GLY A 2 1.83 -25.21 2.03
N SER A 3 0.53 -25.36 1.83
CA SER A 3 -0.03 -25.99 0.64
C SER A 3 0.11 -25.06 -0.58
N HIS A 4 -0.11 -25.62 -1.76
CA HIS A 4 -0.01 -24.88 -3.02
C HIS A 4 -1.23 -23.96 -3.24
N MET A 5 -2.12 -23.85 -2.26
CA MET A 5 -3.32 -23.01 -2.36
C MET A 5 -2.93 -21.54 -2.48
N SER A 6 -3.76 -20.77 -3.19
CA SER A 6 -3.52 -19.34 -3.41
C SER A 6 -3.73 -18.54 -2.14
N THR A 7 -3.19 -17.32 -2.10
CA THR A 7 -3.31 -16.42 -0.96
C THR A 7 -3.23 -14.95 -1.33
N GLN A 8 -3.71 -14.08 -0.44
CA GLN A 8 -3.68 -12.64 -0.65
C GLN A 8 -2.34 -12.06 -0.21
N TYR A 9 -1.62 -12.74 0.68
CA TYR A 9 -0.34 -12.27 1.20
C TYR A 9 0.44 -13.40 1.87
N ILE A 10 1.68 -13.10 2.28
CA ILE A 10 2.57 -14.08 2.87
C ILE A 10 2.06 -14.52 4.25
N ASP A 11 2.10 -13.61 5.22
CA ASP A 11 1.64 -13.91 6.58
C ASP A 11 1.35 -12.59 7.31
N GLU A 12 1.11 -11.51 6.56
CA GLU A 12 0.87 -10.15 7.05
C GLU A 12 1.98 -9.65 8.00
N THR A 13 3.14 -10.32 8.00
CA THR A 13 4.32 -9.90 8.73
C THR A 13 5.61 -9.87 7.90
N ALA A 14 5.48 -10.12 6.60
CA ALA A 14 6.61 -10.11 5.68
C ALA A 14 7.32 -8.75 5.67
N PHE A 15 8.54 -8.74 5.13
CA PHE A 15 9.36 -7.54 5.08
C PHE A 15 10.30 -7.69 3.88
N VAL A 16 11.06 -6.64 3.61
CA VAL A 16 12.04 -6.61 2.52
C VAL A 16 13.23 -5.80 3.02
N GLN A 17 14.41 -6.11 2.52
CA GLN A 17 15.65 -5.45 2.93
C GLN A 17 16.62 -5.38 1.76
N ALA A 18 17.69 -4.58 1.94
CA ALA A 18 18.74 -4.44 0.94
C ALA A 18 19.39 -5.80 0.61
N GLU A 19 20.01 -5.88 -0.57
CA GLU A 19 20.59 -7.13 -1.07
C GLU A 19 21.71 -7.65 -0.16
N GLN A 20 22.64 -6.76 0.23
CA GLN A 20 23.74 -7.14 1.11
C GLN A 20 24.46 -5.91 1.70
N GLY A 21 24.33 -4.75 1.05
CA GLY A 21 25.01 -3.54 1.49
C GLY A 21 24.60 -2.32 0.67
N LYS A 22 23.42 -2.37 0.05
CA LYS A 22 22.91 -1.32 -0.81
C LYS A 22 22.51 -0.08 -0.01
N THR A 23 22.40 -0.23 1.31
CA THR A 23 21.95 0.82 2.23
C THR A 23 20.56 1.39 2.01
N ASN A 24 19.86 0.92 0.97
CA ASN A 24 18.52 1.38 0.63
C ASN A 24 17.76 0.30 -0.13
N LEU A 25 16.44 0.41 -0.16
CA LEU A 25 15.57 -0.48 -0.94
C LEU A 25 15.26 0.13 -2.31
N MET A 26 15.72 1.36 -2.57
CA MET A 26 15.52 1.98 -3.88
C MET A 26 16.18 1.15 -4.97
N PHE A 27 15.67 1.27 -6.19
CA PHE A 27 16.13 0.46 -7.32
C PHE A 27 17.19 1.08 -8.22
N SER A 28 18.03 0.24 -8.83
CA SER A 28 19.10 0.69 -9.71
C SER A 28 18.60 0.93 -11.13
N ASP A 29 17.45 0.34 -11.48
CA ASP A 29 16.84 0.49 -12.79
C ASP A 29 15.61 1.38 -12.81
N GLU A 30 15.40 2.11 -13.91
CA GLU A 30 14.31 3.06 -14.02
C GLU A 30 12.97 2.33 -14.09
N LYS A 31 12.95 1.09 -14.57
CA LYS A 31 11.72 0.32 -14.69
C LYS A 31 11.32 -0.25 -13.33
N GLN A 32 12.31 -0.63 -12.51
CA GLN A 32 12.08 -1.22 -11.21
C GLN A 32 11.70 -0.16 -10.19
N GLN A 33 12.25 1.05 -10.30
CA GLN A 33 11.98 2.10 -9.35
C GLN A 33 10.66 2.81 -9.67
N ALA A 34 10.35 3.01 -10.95
CA ALA A 34 9.13 3.70 -11.35
C ALA A 34 7.90 2.85 -11.06
N ARG A 35 7.97 1.53 -11.34
CA ARG A 35 6.85 0.65 -11.05
C ARG A 35 6.67 0.44 -9.55
N PHE A 36 7.74 0.59 -8.77
CA PHE A 36 7.60 0.47 -7.33
C PHE A 36 6.80 1.60 -6.68
N GLU A 37 6.98 2.82 -7.18
CA GLU A 37 6.27 3.97 -6.67
C GLU A 37 4.79 3.93 -7.08
N LEU A 38 4.50 3.34 -8.24
CA LEU A 38 3.13 3.19 -8.72
C LEU A 38 2.43 2.07 -7.95
N GLY A 39 3.16 1.00 -7.63
CA GLY A 39 2.57 -0.16 -6.98
C GLY A 39 2.14 0.16 -5.55
N VAL A 40 2.91 1.00 -4.85
CA VAL A 40 2.57 1.37 -3.47
C VAL A 40 1.32 2.25 -3.49
N SER A 41 1.16 3.07 -4.53
CA SER A 41 0.00 3.95 -4.64
C SER A 41 -1.28 3.14 -4.76
N MET A 42 -1.28 2.11 -5.61
CA MET A 42 -2.45 1.28 -5.81
C MET A 42 -2.82 0.47 -4.56
N VAL A 43 -1.92 0.35 -3.59
CA VAL A 43 -2.21 -0.39 -2.36
C VAL A 43 -2.91 0.53 -1.37
N ILE A 44 -2.64 1.84 -1.43
CA ILE A 44 -3.33 2.79 -0.58
C ILE A 44 -4.75 3.01 -1.11
N TYR A 45 -4.92 2.87 -2.44
CA TYR A 45 -6.22 2.98 -3.08
C TYR A 45 -7.19 1.80 -2.88
N LYS A 46 -6.76 0.77 -2.14
CA LYS A 46 -7.63 -0.34 -1.78
C LYS A 46 -7.89 -0.38 -0.27
N TRP A 47 -7.33 0.56 0.48
CA TRP A 47 -7.52 0.60 1.93
C TRP A 47 -8.90 1.14 2.27
N ASP A 48 -9.64 0.41 3.09
CA ASP A 48 -10.98 0.81 3.49
C ASP A 48 -11.07 2.07 4.33
N ALA A 49 -10.21 2.20 5.34
CA ALA A 49 -10.27 3.33 6.25
C ALA A 49 -9.95 4.64 5.52
N LEU A 50 -9.16 4.58 4.44
CA LEU A 50 -8.84 5.76 3.67
C LEU A 50 -9.96 6.06 2.68
N ASP A 51 -10.52 5.01 2.07
CA ASP A 51 -11.60 5.17 1.10
C ASP A 51 -12.91 5.69 1.67
N VAL A 52 -13.17 5.46 2.95
CA VAL A 52 -14.33 6.04 3.61
C VAL A 52 -14.02 7.46 4.10
N ALA A 53 -12.74 7.78 4.32
CA ALA A 53 -12.35 9.10 4.80
C ALA A 53 -12.50 10.14 3.69
N VAL A 54 -12.28 9.73 2.45
CA VAL A 54 -12.43 10.62 1.31
C VAL A 54 -13.90 10.69 0.86
N GLU A 55 -14.68 9.63 1.10
CA GLU A 55 -16.09 9.61 0.72
C GLU A 55 -16.95 10.33 1.73
N ASN A 56 -16.57 10.29 3.01
CA ASN A 56 -17.25 11.04 4.06
C ASN A 56 -16.55 12.37 4.33
N SER A 57 -15.48 12.65 3.55
CA SER A 57 -14.74 13.90 3.58
C SER A 57 -14.33 14.33 4.99
N TRP A 58 -13.79 13.40 5.77
CA TRP A 58 -13.38 13.66 7.14
C TRP A 58 -12.31 14.75 7.24
N GLY A 59 -11.60 15.02 6.14
CA GLY A 59 -10.51 15.99 6.12
C GLY A 59 -10.93 17.33 5.50
N GLY A 60 -12.16 17.40 4.97
CA GLY A 60 -12.66 18.58 4.29
C GLY A 60 -12.77 18.33 2.78
N PRO A 61 -12.97 19.37 1.97
CA PRO A 61 -13.14 19.27 0.54
C PRO A 61 -11.86 18.82 -0.17
N ASP A 62 -10.72 18.81 0.54
CA ASP A 62 -9.44 18.38 0.00
C ASP A 62 -9.10 16.93 0.33
N SER A 63 -10.08 16.18 0.85
CA SER A 63 -9.86 14.79 1.27
C SER A 63 -9.39 13.91 0.12
N ALA A 64 -9.70 14.30 -1.12
CA ALA A 64 -9.29 13.55 -2.30
C ALA A 64 -7.84 13.85 -2.70
N GLU A 65 -7.27 14.91 -2.13
CA GLU A 65 -5.90 15.32 -2.40
C GLU A 65 -4.94 14.83 -1.32
N LYS A 66 -5.45 14.59 -0.10
CA LYS A 66 -4.63 14.12 1.01
C LYS A 66 -4.22 12.66 0.85
N ARG A 67 -5.01 11.87 0.13
CA ARG A 67 -4.73 10.45 -0.07
C ARG A 67 -3.55 10.24 -1.02
N ASP A 68 -3.16 11.28 -1.75
CA ASP A 68 -2.05 11.19 -2.69
C ASP A 68 -0.73 11.31 -1.90
N TRP A 69 -0.78 11.81 -0.67
CA TRP A 69 0.40 11.95 0.17
C TRP A 69 0.68 10.71 1.02
N ILE A 70 -0.34 9.88 1.25
CA ILE A 70 -0.23 8.69 2.07
C ILE A 70 0.67 7.64 1.42
N THR A 71 0.75 7.63 0.09
CA THR A 71 1.62 6.70 -0.62
C THR A 71 3.04 7.25 -0.68
N GLY A 72 3.20 8.58 -0.63
CA GLY A 72 4.51 9.19 -0.77
C GLY A 72 5.39 8.94 0.45
N ILE A 73 4.79 8.99 1.64
CA ILE A 73 5.51 8.76 2.89
C ILE A 73 5.83 7.28 3.08
N VAL A 74 5.07 6.38 2.44
CA VAL A 74 5.32 4.96 2.53
C VAL A 74 6.52 4.60 1.65
N VAL A 75 6.67 5.27 0.50
CA VAL A 75 7.83 5.06 -0.38
C VAL A 75 9.05 5.68 0.30
N ASP A 76 8.85 6.70 1.13
CA ASP A 76 9.92 7.37 1.84
C ASP A 76 10.63 6.50 2.88
N LEU A 77 10.05 5.35 3.23
CA LEU A 77 10.68 4.40 4.13
C LEU A 77 11.75 3.60 3.38
N PHE A 78 11.53 3.39 2.07
CA PHE A 78 12.39 2.57 1.25
C PHE A 78 13.67 3.29 0.78
N LYS A 79 13.67 4.62 0.88
CA LYS A 79 14.80 5.46 0.46
C LYS A 79 15.53 6.06 1.66
N ASN A 80 15.10 5.76 2.88
CA ASN A 80 15.75 6.24 4.10
C ASN A 80 16.15 5.12 5.04
N GLU A 81 15.87 3.87 4.68
CA GLU A 81 16.23 2.70 5.48
C GLU A 81 16.66 1.55 4.58
N LYS A 82 17.49 0.65 5.12
CA LYS A 82 17.97 -0.52 4.42
C LYS A 82 17.04 -1.72 4.60
N VAL A 83 15.88 -1.51 5.24
CA VAL A 83 14.89 -2.56 5.43
C VAL A 83 13.57 -1.90 5.84
N VAL A 84 12.45 -2.49 5.41
CA VAL A 84 11.12 -2.04 5.78
C VAL A 84 10.24 -3.28 5.95
N ASP A 85 9.41 -3.29 6.99
CA ASP A 85 8.57 -4.44 7.30
C ASP A 85 7.13 -3.95 7.26
N ALA A 86 6.16 -4.87 7.28
CA ALA A 86 4.76 -4.50 7.32
C ALA A 86 4.39 -3.91 8.69
N ALA A 87 5.27 -4.07 9.68
CA ALA A 87 4.99 -3.64 11.04
C ALA A 87 5.14 -2.13 11.23
N LEU A 88 6.15 -1.49 10.63
CA LEU A 88 6.30 -0.05 10.78
C LEU A 88 5.54 0.70 9.70
N ILE A 89 5.07 -0.01 8.66
CA ILE A 89 4.20 0.59 7.65
C ILE A 89 2.80 0.76 8.25
N GLU A 90 2.37 -0.22 9.07
CA GLU A 90 1.06 -0.18 9.70
C GLU A 90 0.86 1.11 10.50
N GLU A 91 1.83 1.49 11.34
CA GLU A 91 1.67 2.68 12.16
C GLU A 91 1.81 3.94 11.30
N THR A 92 2.57 3.88 10.19
CA THR A 92 2.72 5.03 9.33
C THR A 92 1.43 5.33 8.55
N LEU A 93 0.68 4.28 8.20
CA LEU A 93 -0.60 4.43 7.53
C LEU A 93 -1.61 5.05 8.49
N LEU A 94 -1.64 4.56 9.74
CA LEU A 94 -2.56 5.04 10.75
C LEU A 94 -2.25 6.49 11.09
N TYR A 95 -1.01 6.77 11.49
CA TYR A 95 -0.63 8.13 11.89
C TYR A 95 -0.75 9.20 10.81
N ALA A 96 -0.59 8.80 9.55
CA ALA A 96 -0.69 9.76 8.45
C ALA A 96 -2.14 10.14 8.18
N MET A 97 -3.08 9.19 8.34
CA MET A 97 -4.48 9.51 8.08
C MET A 97 -5.10 10.13 9.33
N ILE A 98 -4.51 9.93 10.51
CA ILE A 98 -4.97 10.58 11.72
C ILE A 98 -4.62 12.07 11.66
N ASP A 99 -3.48 12.37 11.03
CA ASP A 99 -3.02 13.74 10.85
C ASP A 99 -3.70 14.51 9.73
N GLU A 100 -4.67 13.89 9.04
CA GLU A 100 -5.40 14.52 7.95
C GLU A 100 -6.89 14.20 7.96
N PHE A 101 -7.32 13.23 8.77
CA PHE A 101 -8.73 12.83 8.85
C PHE A 101 -9.17 12.59 10.30
N GLU A 102 -8.24 12.65 11.27
CA GLU A 102 -8.52 12.53 12.69
C GLU A 102 -9.37 11.29 13.03
N THR A 103 -9.22 10.22 12.25
CA THR A 103 -10.04 9.02 12.39
C THR A 103 -9.72 8.23 13.67
N ASN A 104 -8.48 8.31 14.16
CA ASN A 104 -8.04 7.54 15.32
C ASN A 104 -8.25 6.03 15.10
N VAL A 105 -8.42 5.61 13.85
CA VAL A 105 -8.75 4.24 13.44
C VAL A 105 -8.04 3.15 14.27
N GLU A 106 -8.80 2.12 14.63
CA GLU A 106 -8.33 0.98 15.42
C GLU A 106 -8.83 -0.33 14.82
N ASP A 107 -9.46 -0.26 13.63
CA ASP A 107 -10.05 -1.42 12.98
C ASP A 107 -9.07 -2.44 12.42
N ASP A 108 -7.76 -2.20 12.59
CA ASP A 108 -6.72 -3.08 12.09
C ASP A 108 -6.75 -3.35 10.58
N SER A 109 -7.47 -2.51 9.83
CA SER A 109 -7.60 -2.67 8.39
C SER A 109 -6.31 -2.28 7.65
N ALA A 110 -5.32 -1.71 8.35
CA ALA A 110 -4.06 -1.34 7.74
C ALA A 110 -3.08 -2.51 7.68
N LEU A 111 -3.37 -3.62 8.36
CA LEU A 111 -2.49 -4.78 8.39
C LEU A 111 -2.36 -5.43 7.01
N PRO A 112 -3.46 -5.78 6.32
CA PRO A 112 -3.39 -6.38 5.01
C PRO A 112 -2.91 -5.36 3.97
N ILE A 113 -2.97 -4.07 4.28
CA ILE A 113 -2.49 -3.03 3.38
C ILE A 113 -0.97 -2.89 3.52
N ALA A 114 -0.46 -3.05 4.74
CA ALA A 114 0.97 -2.90 5.01
C ALA A 114 1.78 -3.98 4.32
N VAL A 115 1.29 -5.22 4.33
CA VAL A 115 1.98 -6.31 3.68
C VAL A 115 1.85 -6.24 2.16
N GLU A 116 0.78 -5.61 1.66
CA GLU A 116 0.63 -5.43 0.22
C GLU A 116 1.68 -4.46 -0.32
N VAL A 117 2.17 -3.54 0.52
CA VAL A 117 3.22 -2.60 0.12
C VAL A 117 4.53 -3.38 0.01
N ILE A 118 4.70 -4.41 0.85
CA ILE A 118 5.91 -5.23 0.83
C ILE A 118 5.96 -6.07 -0.43
N ASN A 119 4.80 -6.48 -0.95
CA ASN A 119 4.73 -7.29 -2.15
C ASN A 119 5.16 -6.52 -3.39
N ILE A 120 5.03 -5.19 -3.37
CA ILE A 120 5.42 -4.36 -4.50
C ILE A 120 6.92 -4.42 -4.72
N TYR A 121 7.71 -4.51 -3.63
CA TYR A 121 9.15 -4.55 -3.75
C TYR A 121 9.67 -5.83 -4.41
N ASN A 122 9.05 -6.95 -4.06
CA ASN A 122 9.45 -8.25 -4.60
C ASN A 122 8.98 -8.41 -6.04
N ASP A 123 7.77 -7.92 -6.35
CA ASP A 123 7.23 -7.98 -7.71
C ASP A 123 7.84 -6.98 -8.69
N CYS A 124 8.55 -5.97 -8.17
CA CYS A 124 9.33 -5.07 -9.01
C CYS A 124 10.77 -5.59 -9.17
N PHE A 125 11.13 -6.63 -8.39
CA PHE A 125 12.44 -7.26 -8.46
C PHE A 125 12.52 -8.53 -9.32
N ASN A 126 11.40 -9.26 -9.43
CA ASN A 126 11.32 -10.44 -10.27
C ASN A 126 10.84 -10.07 -11.67
N LEU A 127 10.56 -8.78 -11.89
CA LEU A 127 10.12 -8.23 -13.16
C LEU A 127 8.80 -8.81 -13.67
N ASN A 128 8.03 -9.51 -12.82
CA ASN A 128 6.75 -10.04 -13.25
C ASN A 128 5.72 -8.91 -13.32
N TYR A 129 5.94 -7.85 -12.53
CA TYR A 129 5.11 -6.65 -12.47
C TYR A 129 3.61 -6.87 -12.29
N ASN A 130 3.18 -8.09 -11.95
CA ASN A 130 1.77 -8.47 -11.99
C ASN A 130 0.92 -7.67 -11.02
N LYS A 131 1.47 -7.29 -9.86
CA LYS A 131 0.68 -6.63 -8.83
C LYS A 131 0.42 -5.17 -9.16
N VAL A 132 1.43 -4.47 -9.67
CA VAL A 132 1.29 -3.05 -9.97
C VAL A 132 0.61 -2.85 -11.32
N GLU A 133 0.81 -3.79 -12.25
CA GLU A 133 0.33 -3.63 -13.62
C GLU A 133 -1.18 -3.89 -13.70
N LYS A 134 -1.73 -4.74 -12.82
CA LYS A 134 -3.14 -5.06 -12.86
C LYS A 134 -3.94 -4.05 -12.03
N LEU A 135 -3.41 -3.60 -10.89
CA LEU A 135 -4.14 -2.69 -10.03
C LEU A 135 -4.26 -1.31 -10.68
N TYR A 136 -3.31 -0.95 -11.55
CA TYR A 136 -3.38 0.32 -12.24
C TYR A 136 -4.48 0.41 -13.28
N LEU A 137 -5.00 -0.74 -13.73
CA LEU A 137 -6.08 -0.81 -14.70
C LEU A 137 -7.43 -0.91 -13.98
N GLU A 138 -7.47 -1.67 -12.89
CA GLU A 138 -8.67 -1.87 -12.09
C GLU A 138 -8.98 -0.63 -11.25
N TRP A 139 -8.04 0.31 -11.21
CA TRP A 139 -8.18 1.58 -10.50
C TRP A 139 -8.84 2.66 -11.34
N GLN A 140 -8.76 2.54 -12.68
CA GLN A 140 -9.28 3.54 -13.59
C GLN A 140 -10.80 3.64 -13.51
N GLU A 141 -11.47 2.53 -13.15
CA GLU A 141 -12.92 2.53 -13.07
C GLU A 141 -13.39 2.98 -11.70
N LYS A 142 -12.48 3.12 -10.73
CA LYS A 142 -12.83 3.57 -9.39
C LYS A 142 -12.96 5.08 -9.33
N GLN A 143 -12.30 5.80 -10.25
CA GLN A 143 -12.26 7.25 -10.23
C GLN A 143 -13.31 7.84 -11.18
N ARG A 144 -13.76 7.08 -12.17
CA ARG A 144 -14.75 7.57 -13.14
C ARG A 144 -16.16 7.58 -12.56
N THR A 145 -16.35 6.90 -11.42
CA THR A 145 -17.66 6.78 -10.78
C THR A 145 -17.61 6.82 -9.25
N LYS A 146 -16.41 6.95 -8.67
CA LYS A 146 -16.20 7.03 -7.23
C LYS A 146 -16.82 5.87 -6.45
N LYS A 147 -16.90 4.69 -7.07
CA LYS A 147 -17.43 3.49 -6.43
C LYS A 147 -16.61 2.26 -6.81
N SER A 148 -16.53 1.29 -5.89
CA SER A 148 -15.82 0.05 -6.09
C SER A 148 -16.29 -0.99 -5.07
N LYS A 149 -16.22 -2.28 -5.42
CA LYS A 149 -16.62 -3.34 -4.51
C LYS A 149 -15.58 -3.51 -3.40
N ARG A 150 -16.04 -3.59 -2.15
CA ARG A 150 -15.15 -3.75 -1.00
C ARG A 150 -15.16 -5.21 -0.53
N VAL A 151 -16.12 -5.98 -1.05
CA VAL A 151 -16.30 -7.38 -0.70
C VAL A 151 -15.16 -8.30 -1.13
N VAL A 152 -14.16 -7.76 -1.83
CA VAL A 152 -12.97 -8.51 -2.20
C VAL A 152 -12.14 -8.82 -0.96
N HIS A 153 -12.34 -8.03 0.11
CA HIS A 153 -11.65 -8.23 1.38
C HIS A 153 -12.24 -9.41 2.15
N ILE A 154 -11.46 -9.96 3.07
CA ILE A 154 -11.88 -11.11 3.88
C ILE A 154 -13.01 -10.69 4.83
N GLU A 155 -13.89 -11.63 5.17
CA GLU A 155 -15.03 -11.39 6.04
C GLU A 155 -14.58 -11.22 7.50
N GLY A 156 -13.30 -11.41 7.79
CA GLY A 156 -12.77 -11.27 9.14
C GLY A 156 -11.30 -11.70 9.19
N SER A 1 -11.59 -15.20 10.13
CA SER A 1 -10.82 -15.65 8.95
C SER A 1 -11.49 -16.84 8.29
N GLY A 2 -11.32 -16.98 6.97
CA GLY A 2 -11.91 -18.07 6.21
C GLY A 2 -11.21 -19.40 6.53
N SER A 3 -11.85 -20.51 6.15
CA SER A 3 -11.31 -21.84 6.39
C SER A 3 -10.19 -22.19 5.41
N HIS A 4 -10.06 -21.42 4.32
CA HIS A 4 -9.03 -21.65 3.32
C HIS A 4 -7.67 -21.20 3.84
N MET A 5 -6.60 -21.87 3.40
CA MET A 5 -5.24 -21.52 3.79
C MET A 5 -4.72 -20.33 2.96
N SER A 6 -5.33 -20.11 1.80
CA SER A 6 -4.94 -19.03 0.90
C SER A 6 -5.46 -17.69 1.41
N THR A 7 -4.70 -16.62 1.16
CA THR A 7 -5.06 -15.26 1.54
C THR A 7 -4.40 -14.20 0.65
N GLN A 8 -4.79 -12.94 0.82
CA GLN A 8 -4.35 -11.83 -0.01
C GLN A 8 -2.86 -11.50 0.19
N TYR A 9 -2.20 -12.17 1.15
CA TYR A 9 -0.82 -11.84 1.50
C TYR A 9 -0.05 -13.06 2.04
N ILE A 10 1.21 -12.84 2.42
CA ILE A 10 2.07 -13.89 2.95
C ILE A 10 1.65 -14.27 4.37
N ASP A 11 1.92 -13.38 5.34
CA ASP A 11 1.66 -13.59 6.75
C ASP A 11 1.37 -12.32 7.56
N GLU A 12 1.09 -11.21 6.88
CA GLU A 12 0.88 -9.88 7.44
C GLU A 12 2.02 -9.42 8.34
N THR A 13 3.17 -10.12 8.28
CA THR A 13 4.40 -9.74 8.97
C THR A 13 5.66 -9.84 8.11
N ALA A 14 5.47 -10.06 6.80
CA ALA A 14 6.58 -10.12 5.85
C ALA A 14 7.32 -8.78 5.81
N PHE A 15 8.53 -8.79 5.22
CA PHE A 15 9.34 -7.57 5.14
C PHE A 15 10.27 -7.75 3.94
N VAL A 16 11.03 -6.69 3.65
CA VAL A 16 12.00 -6.65 2.56
C VAL A 16 13.18 -5.83 3.06
N GLN A 17 14.37 -6.12 2.53
CA GLN A 17 15.60 -5.45 2.91
C GLN A 17 16.55 -5.38 1.73
N ALA A 18 17.63 -4.60 1.89
CA ALA A 18 18.64 -4.44 0.85
C ALA A 18 19.28 -5.78 0.49
N GLU A 19 19.84 -5.87 -0.71
CA GLU A 19 20.41 -7.11 -1.23
C GLU A 19 21.60 -7.60 -0.40
N GLN A 20 22.55 -6.70 -0.11
CA GLN A 20 23.73 -7.04 0.69
C GLN A 20 24.47 -5.79 1.18
N GLY A 21 24.27 -4.63 0.53
CA GLY A 21 24.98 -3.41 0.89
C GLY A 21 24.46 -2.20 0.10
N LYS A 22 23.24 -2.29 -0.42
CA LYS A 22 22.63 -1.25 -1.25
C LYS A 22 22.29 -0.01 -0.42
N THR A 23 22.25 -0.16 0.92
CA THR A 23 21.85 0.89 1.84
C THR A 23 20.43 1.42 1.69
N ASN A 24 19.70 0.91 0.69
CA ASN A 24 18.33 1.31 0.40
C ASN A 24 17.59 0.18 -0.31
N LEU A 25 16.26 0.24 -0.30
CA LEU A 25 15.43 -0.72 -1.01
C LEU A 25 15.14 -0.20 -2.42
N MET A 26 15.59 1.02 -2.74
CA MET A 26 15.44 1.56 -4.07
C MET A 26 16.25 0.73 -5.07
N PHE A 27 15.69 0.50 -6.25
CA PHE A 27 16.30 -0.33 -7.26
C PHE A 27 17.45 0.29 -8.05
N SER A 28 18.28 -0.56 -8.67
CA SER A 28 19.41 -0.11 -9.46
C SER A 28 18.98 0.34 -10.84
N ASP A 29 17.72 0.03 -11.22
CA ASP A 29 17.16 0.39 -12.50
C ASP A 29 16.03 1.42 -12.40
N GLU A 30 15.92 2.30 -13.41
CA GLU A 30 14.91 3.35 -13.40
C GLU A 30 13.51 2.77 -13.62
N LYS A 31 13.42 1.58 -14.25
CA LYS A 31 12.14 0.95 -14.52
C LYS A 31 11.57 0.35 -13.25
N GLN A 32 12.44 -0.22 -12.41
CA GLN A 32 12.03 -0.80 -11.14
C GLN A 32 11.70 0.29 -10.13
N GLN A 33 12.47 1.38 -10.13
CA GLN A 33 12.27 2.45 -9.18
C GLN A 33 10.93 3.14 -9.44
N ALA A 34 10.59 3.35 -10.71
CA ALA A 34 9.34 4.03 -11.06
C ALA A 34 8.13 3.11 -10.89
N ARG A 35 8.27 1.82 -11.20
CA ARG A 35 7.16 0.88 -11.04
C ARG A 35 6.89 0.61 -9.57
N PHE A 36 7.90 0.74 -8.71
CA PHE A 36 7.67 0.57 -7.29
C PHE A 36 6.79 1.64 -6.65
N GLU A 37 6.98 2.91 -7.04
CA GLU A 37 6.21 4.00 -6.46
C GLU A 37 4.76 3.93 -6.92
N LEU A 38 4.53 3.41 -8.13
CA LEU A 38 3.17 3.25 -8.64
C LEU A 38 2.48 2.09 -7.91
N GLY A 39 3.22 1.03 -7.60
CA GLY A 39 2.65 -0.15 -6.96
C GLY A 39 2.20 0.15 -5.54
N VAL A 40 2.94 1.00 -4.82
CA VAL A 40 2.57 1.36 -3.45
C VAL A 40 1.32 2.24 -3.46
N SER A 41 1.15 3.07 -4.49
CA SER A 41 0.00 3.94 -4.58
C SER A 41 -1.29 3.14 -4.71
N MET A 42 -1.27 2.09 -5.54
CA MET A 42 -2.43 1.23 -5.74
C MET A 42 -2.79 0.44 -4.48
N VAL A 43 -1.87 0.29 -3.52
CA VAL A 43 -2.16 -0.44 -2.30
C VAL A 43 -2.87 0.49 -1.30
N ILE A 44 -2.61 1.80 -1.37
CA ILE A 44 -3.30 2.73 -0.49
C ILE A 44 -4.73 2.93 -0.96
N TYR A 45 -4.99 2.78 -2.26
CA TYR A 45 -6.34 2.86 -2.80
C TYR A 45 -7.29 1.70 -2.48
N LYS A 46 -6.75 0.55 -2.08
CA LYS A 46 -7.58 -0.58 -1.66
C LYS A 46 -7.82 -0.56 -0.15
N TRP A 47 -7.25 0.42 0.56
CA TRP A 47 -7.45 0.51 2.01
C TRP A 47 -8.84 1.06 2.30
N ASP A 48 -9.61 0.33 3.11
CA ASP A 48 -10.98 0.72 3.46
C ASP A 48 -11.10 1.97 4.30
N ALA A 49 -10.28 2.09 5.35
CA ALA A 49 -10.38 3.22 6.26
C ALA A 49 -10.03 4.53 5.56
N LEU A 50 -9.23 4.48 4.50
CA LEU A 50 -8.90 5.67 3.73
C LEU A 50 -10.03 5.97 2.74
N ASP A 51 -10.57 4.93 2.12
CA ASP A 51 -11.64 5.06 1.15
C ASP A 51 -12.91 5.70 1.70
N VAL A 52 -13.30 5.33 2.93
CA VAL A 52 -14.48 5.90 3.57
C VAL A 52 -14.19 7.30 4.11
N ALA A 53 -12.93 7.63 4.37
CA ALA A 53 -12.58 8.92 4.93
C ALA A 53 -12.70 10.03 3.89
N VAL A 54 -12.44 9.71 2.62
CA VAL A 54 -12.56 10.67 1.53
C VAL A 54 -13.99 10.71 1.01
N GLU A 55 -14.75 9.63 1.19
CA GLU A 55 -16.13 9.58 0.72
C GLU A 55 -17.10 10.20 1.74
N ASN A 56 -16.82 10.05 3.04
CA ASN A 56 -17.60 10.71 4.08
C ASN A 56 -17.02 12.10 4.40
N SER A 57 -15.88 12.44 3.77
CA SER A 57 -15.23 13.73 3.94
C SER A 57 -14.98 14.08 5.40
N TRP A 58 -14.30 13.18 6.13
CA TRP A 58 -13.94 13.43 7.52
C TRP A 58 -12.95 14.58 7.61
N GLY A 59 -12.29 14.91 6.50
CA GLY A 59 -11.34 16.01 6.42
C GLY A 59 -11.93 17.18 5.62
N GLY A 60 -11.06 17.96 4.98
CA GLY A 60 -11.48 19.09 4.15
C GLY A 60 -11.93 18.63 2.77
N PRO A 61 -12.26 19.57 1.87
CA PRO A 61 -12.66 19.28 0.51
C PRO A 61 -11.49 18.71 -0.30
N ASP A 62 -10.27 18.84 0.24
CA ASP A 62 -9.06 18.32 -0.36
C ASP A 62 -8.74 16.88 0.03
N SER A 63 -9.71 16.17 0.62
CA SER A 63 -9.50 14.80 1.08
C SER A 63 -9.09 13.87 -0.07
N ALA A 64 -9.53 14.18 -1.29
CA ALA A 64 -9.19 13.40 -2.48
C ALA A 64 -7.77 13.66 -2.94
N GLU A 65 -7.13 14.72 -2.42
CA GLU A 65 -5.75 15.06 -2.75
C GLU A 65 -4.80 14.60 -1.65
N LYS A 66 -5.27 14.55 -0.40
CA LYS A 66 -4.45 14.13 0.73
C LYS A 66 -4.13 12.63 0.68
N ARG A 67 -4.96 11.83 0.02
CA ARG A 67 -4.76 10.39 -0.08
C ARG A 67 -3.55 10.07 -0.95
N ASP A 68 -3.10 11.03 -1.77
CA ASP A 68 -1.91 10.86 -2.59
C ASP A 68 -0.59 11.08 -1.84
N TRP A 69 -0.67 11.66 -0.63
CA TRP A 69 0.49 11.84 0.22
C TRP A 69 0.74 10.62 1.11
N ILE A 70 -0.31 9.82 1.34
CA ILE A 70 -0.22 8.64 2.18
C ILE A 70 0.68 7.58 1.53
N THR A 71 0.77 7.56 0.21
CA THR A 71 1.64 6.61 -0.49
C THR A 71 3.05 7.21 -0.58
N GLY A 72 3.19 8.53 -0.57
CA GLY A 72 4.48 9.17 -0.71
C GLY A 72 5.36 8.90 0.51
N ILE A 73 4.77 8.94 1.71
CA ILE A 73 5.49 8.71 2.95
C ILE A 73 5.82 7.22 3.13
N VAL A 74 5.04 6.34 2.48
CA VAL A 74 5.30 4.90 2.55
C VAL A 74 6.46 4.56 1.64
N VAL A 75 6.55 5.25 0.49
CA VAL A 75 7.66 5.06 -0.45
C VAL A 75 8.91 5.66 0.19
N ASP A 76 8.76 6.67 1.04
CA ASP A 76 9.86 7.30 1.74
C ASP A 76 10.61 6.40 2.72
N LEU A 77 10.01 5.26 3.08
CA LEU A 77 10.66 4.30 3.96
C LEU A 77 11.68 3.49 3.16
N PHE A 78 11.41 3.30 1.87
CA PHE A 78 12.24 2.49 1.00
C PHE A 78 13.49 3.19 0.47
N LYS A 79 13.52 4.52 0.57
CA LYS A 79 14.64 5.34 0.09
C LYS A 79 15.37 6.05 1.23
N ASN A 80 15.03 5.73 2.48
CA ASN A 80 15.70 6.30 3.65
C ASN A 80 16.12 5.21 4.65
N GLU A 81 15.80 3.94 4.37
CA GLU A 81 16.18 2.82 5.23
C GLU A 81 16.59 1.62 4.37
N LYS A 82 17.41 0.74 4.95
CA LYS A 82 17.88 -0.46 4.27
C LYS A 82 16.99 -1.67 4.52
N VAL A 83 15.85 -1.48 5.18
CA VAL A 83 14.88 -2.54 5.42
C VAL A 83 13.57 -1.90 5.87
N VAL A 84 12.45 -2.51 5.47
CA VAL A 84 11.11 -2.06 5.84
C VAL A 84 10.23 -3.30 6.01
N ASP A 85 9.33 -3.29 6.98
CA ASP A 85 8.45 -4.42 7.24
C ASP A 85 7.00 -3.97 7.35
N ALA A 86 6.07 -4.92 7.39
CA ALA A 86 4.66 -4.61 7.49
C ALA A 86 4.30 -4.04 8.88
N ALA A 87 5.25 -4.02 9.82
CA ALA A 87 4.97 -3.57 11.18
C ALA A 87 5.13 -2.05 11.32
N LEU A 88 6.19 -1.45 10.75
CA LEU A 88 6.36 0.00 10.86
C LEU A 88 5.56 0.74 9.80
N ILE A 89 5.07 0.03 8.77
CA ILE A 89 4.19 0.62 7.78
C ILE A 89 2.79 0.77 8.38
N GLU A 90 2.36 -0.23 9.15
CA GLU A 90 1.03 -0.25 9.75
C GLU A 90 0.78 0.95 10.65
N GLU A 91 1.80 1.45 11.35
CA GLU A 91 1.61 2.63 12.20
C GLU A 91 1.72 3.91 11.37
N THR A 92 2.49 3.88 10.27
CA THR A 92 2.65 5.06 9.43
C THR A 92 1.37 5.38 8.67
N LEU A 93 0.63 4.34 8.28
CA LEU A 93 -0.64 4.51 7.59
C LEU A 93 -1.66 5.14 8.54
N LEU A 94 -1.69 4.67 9.78
CA LEU A 94 -2.62 5.16 10.80
C LEU A 94 -2.30 6.62 11.12
N TYR A 95 -1.06 6.89 11.53
CA TYR A 95 -0.69 8.24 11.92
C TYR A 95 -0.79 9.30 10.84
N ALA A 96 -0.66 8.90 9.57
CA ALA A 96 -0.75 9.83 8.47
C ALA A 96 -2.20 10.20 8.18
N MET A 97 -3.14 9.26 8.33
CA MET A 97 -4.53 9.58 8.07
C MET A 97 -5.17 10.23 9.30
N ILE A 98 -4.57 10.03 10.48
CA ILE A 98 -5.05 10.70 11.68
C ILE A 98 -4.72 12.18 11.60
N ASP A 99 -3.60 12.49 10.95
CA ASP A 99 -3.15 13.86 10.74
C ASP A 99 -3.88 14.61 9.62
N GLU A 100 -4.84 13.95 8.96
CA GLU A 100 -5.62 14.55 7.87
C GLU A 100 -7.10 14.19 7.93
N PHE A 101 -7.48 13.25 8.81
CA PHE A 101 -8.86 12.83 8.96
C PHE A 101 -9.31 12.66 10.42
N GLU A 102 -8.35 12.70 11.35
CA GLU A 102 -8.59 12.59 12.79
C GLU A 102 -9.42 11.34 13.14
N THR A 103 -9.29 10.28 12.35
CA THR A 103 -10.11 9.09 12.51
C THR A 103 -9.74 8.28 13.76
N ASN A 104 -8.47 8.36 14.20
CA ASN A 104 -7.99 7.58 15.33
C ASN A 104 -8.18 6.06 15.12
N VAL A 105 -8.40 5.65 13.87
CA VAL A 105 -8.73 4.28 13.48
C VAL A 105 -7.97 3.21 14.27
N GLU A 106 -8.69 2.17 14.69
CA GLU A 106 -8.14 1.04 15.44
C GLU A 106 -8.69 -0.28 14.88
N ASP A 107 -9.43 -0.22 13.78
CA ASP A 107 -10.08 -1.38 13.18
C ASP A 107 -9.16 -2.40 12.49
N ASP A 108 -7.85 -2.29 12.73
CA ASP A 108 -6.84 -3.17 12.15
C ASP A 108 -6.87 -3.28 10.63
N SER A 109 -7.50 -2.31 9.96
CA SER A 109 -7.67 -2.32 8.51
C SER A 109 -6.35 -2.07 7.78
N ALA A 110 -5.34 -1.55 8.48
CA ALA A 110 -4.06 -1.22 7.87
C ALA A 110 -3.10 -2.40 7.85
N LEU A 111 -3.41 -3.50 8.56
CA LEU A 111 -2.52 -4.65 8.63
C LEU A 111 -2.39 -5.34 7.27
N PRO A 112 -3.48 -5.68 6.57
CA PRO A 112 -3.39 -6.31 5.27
C PRO A 112 -2.88 -5.34 4.20
N ILE A 113 -2.94 -4.03 4.48
CA ILE A 113 -2.46 -3.00 3.56
C ILE A 113 -0.95 -2.84 3.70
N ALA A 114 -0.43 -2.98 4.92
CA ALA A 114 0.99 -2.80 5.17
C ALA A 114 1.81 -3.88 4.51
N VAL A 115 1.31 -5.13 4.52
CA VAL A 115 2.01 -6.24 3.89
C VAL A 115 1.85 -6.20 2.37
N GLU A 116 0.79 -5.57 1.88
CA GLU A 116 0.61 -5.42 0.43
C GLU A 116 1.66 -4.48 -0.15
N VAL A 117 2.19 -3.55 0.66
CA VAL A 117 3.24 -2.65 0.22
C VAL A 117 4.53 -3.45 0.10
N ILE A 118 4.72 -4.45 0.96
CA ILE A 118 5.90 -5.29 0.92
C ILE A 118 5.92 -6.15 -0.36
N ASN A 119 4.74 -6.55 -0.83
CA ASN A 119 4.61 -7.40 -2.00
C ASN A 119 5.01 -6.67 -3.28
N ILE A 120 4.93 -5.33 -3.29
CA ILE A 120 5.29 -4.55 -4.46
C ILE A 120 6.79 -4.69 -4.75
N TYR A 121 7.62 -4.80 -3.70
CA TYR A 121 9.06 -4.92 -3.88
C TYR A 121 9.52 -6.25 -4.43
N ASN A 122 8.90 -7.34 -3.97
CA ASN A 122 9.29 -8.69 -4.35
C ASN A 122 8.92 -8.99 -5.80
N ASP A 123 7.80 -8.45 -6.28
CA ASP A 123 7.40 -8.59 -7.67
C ASP A 123 8.10 -7.63 -8.63
N CYS A 124 8.58 -6.50 -8.11
CA CYS A 124 9.33 -5.54 -8.90
C CYS A 124 10.73 -6.09 -9.18
N PHE A 125 11.20 -7.00 -8.33
CA PHE A 125 12.47 -7.69 -8.52
C PHE A 125 12.49 -8.78 -9.58
N ASN A 126 11.31 -9.35 -9.86
CA ASN A 126 11.15 -10.41 -10.85
C ASN A 126 10.84 -9.83 -12.23
N LEU A 127 10.72 -8.49 -12.31
CA LEU A 127 10.43 -7.77 -13.54
C LEU A 127 9.12 -8.21 -14.19
N ASN A 128 8.29 -8.99 -13.49
CA ASN A 128 7.02 -9.45 -14.04
C ASN A 128 5.99 -8.32 -13.99
N TYR A 129 6.18 -7.37 -13.08
CA TYR A 129 5.34 -6.20 -12.89
C TYR A 129 3.85 -6.49 -12.76
N ASN A 130 3.49 -7.76 -12.50
CA ASN A 130 2.11 -8.20 -12.58
C ASN A 130 1.22 -7.52 -11.55
N LYS A 131 1.77 -7.20 -10.37
CA LYS A 131 0.98 -6.67 -9.27
C LYS A 131 0.70 -5.17 -9.45
N VAL A 132 1.71 -4.42 -9.90
CA VAL A 132 1.55 -2.98 -10.12
C VAL A 132 0.79 -2.72 -11.41
N GLU A 133 0.92 -3.61 -12.39
CA GLU A 133 0.31 -3.41 -13.70
C GLU A 133 -1.19 -3.64 -13.65
N LYS A 134 -1.64 -4.68 -12.94
CA LYS A 134 -3.06 -5.04 -12.93
C LYS A 134 -3.84 -4.08 -12.03
N LEU A 135 -3.26 -3.65 -10.90
CA LEU A 135 -3.97 -2.78 -9.98
C LEU A 135 -4.16 -1.40 -10.59
N TYR A 136 -3.27 -1.00 -11.51
CA TYR A 136 -3.38 0.27 -12.20
C TYR A 136 -4.52 0.36 -13.20
N LEU A 137 -5.00 -0.80 -13.68
CA LEU A 137 -6.11 -0.87 -14.61
C LEU A 137 -7.44 -0.99 -13.88
N GLU A 138 -7.43 -1.78 -12.81
CA GLU A 138 -8.61 -2.01 -11.98
C GLU A 138 -8.94 -0.78 -11.13
N TRP A 139 -8.02 0.19 -11.10
CA TRP A 139 -8.18 1.45 -10.37
C TRP A 139 -8.87 2.52 -11.20
N GLN A 140 -8.80 2.43 -12.53
CA GLN A 140 -9.34 3.46 -13.41
C GLN A 140 -10.86 3.52 -13.34
N GLU A 141 -11.51 2.39 -13.01
CA GLU A 141 -12.96 2.35 -12.92
C GLU A 141 -13.44 2.77 -11.54
N LYS A 142 -12.53 2.91 -10.58
CA LYS A 142 -12.91 3.31 -9.23
C LYS A 142 -13.07 4.83 -9.13
N GLN A 143 -12.41 5.58 -10.01
CA GLN A 143 -12.44 7.03 -9.96
C GLN A 143 -13.48 7.62 -10.90
N ARG A 144 -13.92 6.86 -11.92
CA ARG A 144 -14.89 7.35 -12.89
C ARG A 144 -16.31 7.32 -12.30
N THR A 145 -16.49 6.63 -11.17
CA THR A 145 -17.78 6.50 -10.51
C THR A 145 -17.71 6.63 -8.98
N LYS A 146 -16.51 6.85 -8.45
CA LYS A 146 -16.27 7.08 -7.03
C LYS A 146 -16.80 5.97 -6.11
N LYS A 147 -16.87 4.74 -6.62
CA LYS A 147 -17.26 3.58 -5.82
C LYS A 147 -16.64 2.31 -6.39
N SER A 148 -16.46 1.30 -5.53
CA SER A 148 -15.86 0.03 -5.90
C SER A 148 -16.23 -1.03 -4.87
N LYS A 149 -16.24 -2.30 -5.28
CA LYS A 149 -16.51 -3.42 -4.39
C LYS A 149 -15.30 -3.68 -3.49
N ARG A 150 -15.54 -4.16 -2.27
CA ARG A 150 -14.46 -4.49 -1.33
C ARG A 150 -14.82 -5.68 -0.44
N VAL A 151 -15.93 -6.36 -0.71
CA VAL A 151 -16.36 -7.51 0.07
C VAL A 151 -15.42 -8.72 -0.03
N VAL A 152 -14.40 -8.61 -0.88
CA VAL A 152 -13.36 -9.64 -1.00
C VAL A 152 -12.47 -9.65 0.24
N HIS A 153 -12.48 -8.56 1.01
CA HIS A 153 -11.69 -8.45 2.22
C HIS A 153 -12.18 -9.43 3.28
N ILE A 154 -11.29 -9.86 4.17
CA ILE A 154 -11.62 -10.80 5.22
C ILE A 154 -12.53 -10.14 6.26
N GLU A 155 -13.42 -10.93 6.87
CA GLU A 155 -14.37 -10.44 7.87
C GLU A 155 -13.70 -10.19 9.23
N GLY A 156 -12.39 -10.44 9.33
CA GLY A 156 -11.64 -10.27 10.57
C GLY A 156 -11.90 -11.42 11.53
N SER A 1 3.21 -23.05 -9.99
CA SER A 1 2.22 -23.16 -8.92
C SER A 1 1.88 -24.62 -8.63
N GLY A 2 1.34 -25.35 -9.62
CA GLY A 2 0.99 -26.75 -9.48
C GLY A 2 -0.30 -26.96 -8.70
N SER A 3 -1.00 -25.86 -8.35
CA SER A 3 -2.25 -25.92 -7.60
C SER A 3 -3.08 -24.67 -7.86
N HIS A 4 -4.40 -24.79 -7.66
CA HIS A 4 -5.32 -23.67 -7.83
C HIS A 4 -5.30 -22.74 -6.62
N MET A 5 -4.54 -23.11 -5.57
CA MET A 5 -4.44 -22.32 -4.35
C MET A 5 -3.77 -20.97 -4.63
N SER A 6 -4.17 -19.93 -3.89
CA SER A 6 -3.62 -18.59 -4.04
C SER A 6 -3.80 -17.81 -2.75
N THR A 7 -3.15 -16.64 -2.65
CA THR A 7 -3.25 -15.76 -1.48
C THR A 7 -3.03 -14.30 -1.83
N GLN A 8 -3.50 -13.40 -0.95
CA GLN A 8 -3.33 -11.96 -1.13
C GLN A 8 -1.98 -11.50 -0.61
N TYR A 9 -1.38 -12.26 0.32
CA TYR A 9 -0.10 -11.90 0.92
C TYR A 9 0.57 -13.11 1.59
N ILE A 10 1.79 -12.90 2.08
CA ILE A 10 2.59 -13.95 2.69
C ILE A 10 1.99 -14.40 4.01
N ASP A 11 2.05 -13.55 5.04
CA ASP A 11 1.55 -13.87 6.37
C ASP A 11 1.27 -12.58 7.14
N GLU A 12 1.09 -11.45 6.43
CA GLU A 12 0.90 -10.12 6.98
C GLU A 12 2.00 -9.69 7.96
N THR A 13 3.13 -10.40 7.94
CA THR A 13 4.33 -10.04 8.71
C THR A 13 5.62 -10.00 7.90
N ALA A 14 5.50 -10.19 6.58
CA ALA A 14 6.63 -10.15 5.66
C ALA A 14 7.33 -8.79 5.68
N PHE A 15 8.54 -8.76 5.12
CA PHE A 15 9.35 -7.54 5.08
C PHE A 15 10.30 -7.71 3.89
N VAL A 16 11.06 -6.65 3.62
CA VAL A 16 12.04 -6.60 2.53
C VAL A 16 13.23 -5.79 3.05
N GLN A 17 14.41 -6.11 2.54
CA GLN A 17 15.65 -5.46 2.96
C GLN A 17 16.65 -5.41 1.82
N ALA A 18 17.72 -4.61 2.00
CA ALA A 18 18.80 -4.49 1.04
C ALA A 18 19.46 -5.84 0.78
N GLU A 19 20.16 -5.96 -0.36
CA GLU A 19 20.77 -7.22 -0.77
C GLU A 19 21.82 -7.70 0.23
N GLN A 20 22.72 -6.81 0.66
CA GLN A 20 23.74 -7.13 1.65
C GLN A 20 24.38 -5.88 2.25
N GLY A 21 24.32 -4.74 1.55
CA GLY A 21 24.94 -3.51 2.00
C GLY A 21 24.59 -2.33 1.10
N LYS A 22 23.45 -2.41 0.40
CA LYS A 22 23.02 -1.38 -0.55
C LYS A 22 22.57 -0.11 0.18
N THR A 23 22.40 -0.21 1.50
CA THR A 23 21.93 0.88 2.35
C THR A 23 20.54 1.44 2.07
N ASN A 24 19.87 0.93 1.03
CA ASN A 24 18.54 1.38 0.63
C ASN A 24 17.79 0.27 -0.09
N LEU A 25 16.46 0.42 -0.16
CA LEU A 25 15.60 -0.50 -0.91
C LEU A 25 15.27 0.08 -2.28
N MET A 26 15.74 1.31 -2.58
CA MET A 26 15.51 1.91 -3.88
C MET A 26 16.14 1.07 -4.99
N PHE A 27 15.59 1.18 -6.21
CA PHE A 27 16.04 0.36 -7.32
C PHE A 27 17.20 0.88 -8.15
N SER A 28 17.94 -0.03 -8.79
CA SER A 28 19.10 0.27 -9.59
C SER A 28 18.72 0.47 -11.07
N ASP A 29 17.41 0.51 -11.35
CA ASP A 29 16.91 0.69 -12.72
C ASP A 29 15.63 1.51 -12.66
N GLU A 30 15.41 2.36 -13.66
CA GLU A 30 14.29 3.27 -13.66
C GLU A 30 12.97 2.54 -13.85
N LYS A 31 13.01 1.36 -14.47
CA LYS A 31 11.80 0.57 -14.70
C LYS A 31 11.33 -0.05 -13.40
N GLN A 32 12.26 -0.54 -12.58
CA GLN A 32 11.92 -1.17 -11.32
C GLN A 32 11.50 -0.14 -10.29
N GLN A 33 12.10 1.06 -10.36
CA GLN A 33 11.81 2.12 -9.40
C GLN A 33 10.50 2.84 -9.74
N ALA A 34 10.20 3.01 -11.03
CA ALA A 34 8.96 3.66 -11.43
C ALA A 34 7.77 2.74 -11.20
N ARG A 35 7.93 1.43 -11.46
CA ARG A 35 6.87 0.47 -11.22
C ARG A 35 6.63 0.28 -9.72
N PHE A 36 7.68 0.45 -8.91
CA PHE A 36 7.50 0.35 -7.47
C PHE A 36 6.70 1.49 -6.85
N GLU A 37 6.92 2.71 -7.32
CA GLU A 37 6.21 3.88 -6.80
C GLU A 37 4.74 3.84 -7.21
N LEU A 38 4.43 3.28 -8.39
CA LEU A 38 3.06 3.12 -8.84
C LEU A 38 2.38 2.00 -8.08
N GLY A 39 3.13 0.94 -7.76
CA GLY A 39 2.56 -0.22 -7.08
C GLY A 39 2.14 0.11 -5.66
N VAL A 40 2.91 0.96 -4.95
CA VAL A 40 2.56 1.33 -3.59
C VAL A 40 1.31 2.21 -3.61
N SER A 41 1.14 3.01 -4.66
CA SER A 41 -0.03 3.88 -4.76
C SER A 41 -1.30 3.04 -4.87
N MET A 42 -1.30 2.00 -5.71
CA MET A 42 -2.45 1.13 -5.89
C MET A 42 -2.82 0.38 -4.61
N VAL A 43 -1.91 0.34 -3.63
CA VAL A 43 -2.19 -0.34 -2.36
C VAL A 43 -2.89 0.62 -1.40
N ILE A 44 -2.65 1.93 -1.55
CA ILE A 44 -3.35 2.92 -0.72
C ILE A 44 -4.74 3.17 -1.28
N TYR A 45 -4.92 2.98 -2.60
CA TYR A 45 -6.23 3.06 -3.24
C TYR A 45 -7.20 1.91 -2.96
N LYS A 46 -6.75 0.91 -2.20
CA LYS A 46 -7.62 -0.21 -1.82
C LYS A 46 -7.88 -0.25 -0.30
N TRP A 47 -7.33 0.71 0.45
CA TRP A 47 -7.50 0.73 1.90
C TRP A 47 -8.89 1.28 2.27
N ASP A 48 -9.64 0.52 3.06
CA ASP A 48 -10.99 0.88 3.45
C ASP A 48 -11.12 2.14 4.32
N ALA A 49 -10.23 2.28 5.32
CA ALA A 49 -10.32 3.40 6.23
C ALA A 49 -10.05 4.71 5.51
N LEU A 50 -9.30 4.67 4.41
CA LEU A 50 -9.04 5.85 3.60
C LEU A 50 -10.24 6.11 2.69
N ASP A 51 -10.83 5.04 2.14
CA ASP A 51 -11.98 5.15 1.25
C ASP A 51 -13.23 5.74 1.89
N VAL A 52 -13.45 5.46 3.18
CA VAL A 52 -14.58 6.02 3.91
C VAL A 52 -14.26 7.44 4.41
N ALA A 53 -12.99 7.78 4.57
CA ALA A 53 -12.61 9.09 5.07
C ALA A 53 -12.83 10.17 4.01
N VAL A 54 -12.64 9.82 2.73
CA VAL A 54 -12.85 10.75 1.64
C VAL A 54 -14.33 10.80 1.24
N GLU A 55 -15.08 9.73 1.50
CA GLU A 55 -16.49 9.67 1.14
C GLU A 55 -17.38 10.32 2.20
N ASN A 56 -17.04 10.16 3.48
CA ASN A 56 -17.77 10.80 4.57
C ASN A 56 -17.18 12.17 4.90
N SER A 57 -16.09 12.54 4.23
CA SER A 57 -15.42 13.83 4.40
C SER A 57 -15.09 14.09 5.87
N TRP A 58 -14.26 13.22 6.45
CA TRP A 58 -13.80 13.34 7.83
C TRP A 58 -12.84 14.51 8.01
N GLY A 59 -12.60 15.29 6.95
CA GLY A 59 -11.67 16.41 6.97
C GLY A 59 -12.11 17.51 6.00
N GLY A 60 -11.15 18.16 5.36
CA GLY A 60 -11.41 19.24 4.43
C GLY A 60 -11.89 18.72 3.07
N PRO A 61 -12.20 19.64 2.14
CA PRO A 61 -12.66 19.29 0.80
C PRO A 61 -11.52 18.68 -0.03
N ASP A 62 -10.28 18.82 0.45
CA ASP A 62 -9.10 18.25 -0.19
C ASP A 62 -8.84 16.79 0.17
N SER A 63 -9.84 16.14 0.78
CA SER A 63 -9.72 14.77 1.27
C SER A 63 -9.38 13.79 0.14
N ALA A 64 -9.73 14.12 -1.10
CA ALA A 64 -9.39 13.28 -2.25
C ALA A 64 -7.95 13.49 -2.69
N GLU A 65 -7.32 14.59 -2.25
CA GLU A 65 -5.94 14.91 -2.62
C GLU A 65 -4.97 14.52 -1.50
N LYS A 66 -5.45 14.41 -0.26
CA LYS A 66 -4.62 14.05 0.87
C LYS A 66 -4.13 12.62 0.77
N ARG A 67 -4.83 11.76 0.02
CA ARG A 67 -4.44 10.37 -0.15
C ARG A 67 -3.11 10.27 -0.91
N ASP A 68 -2.84 11.23 -1.80
CA ASP A 68 -1.62 11.23 -2.59
C ASP A 68 -0.34 11.44 -1.79
N TRP A 69 -0.48 11.89 -0.54
CA TRP A 69 0.64 12.01 0.37
C TRP A 69 0.85 10.75 1.20
N ILE A 70 -0.21 9.96 1.39
CA ILE A 70 -0.14 8.73 2.17
C ILE A 70 0.73 7.69 1.46
N THR A 71 0.76 7.71 0.13
CA THR A 71 1.61 6.79 -0.62
C THR A 71 3.04 7.32 -0.69
N GLY A 72 3.23 8.64 -0.61
CA GLY A 72 4.55 9.24 -0.72
C GLY A 72 5.42 8.92 0.48
N ILE A 73 4.84 9.00 1.68
CA ILE A 73 5.57 8.73 2.92
C ILE A 73 5.86 7.24 3.08
N VAL A 74 5.08 6.38 2.41
CA VAL A 74 5.32 4.94 2.47
C VAL A 74 6.52 4.60 1.58
N VAL A 75 6.67 5.28 0.45
CA VAL A 75 7.82 5.07 -0.43
C VAL A 75 9.05 5.68 0.24
N ASP A 76 8.86 6.70 1.09
CA ASP A 76 9.95 7.35 1.79
C ASP A 76 10.66 6.46 2.82
N LEU A 77 10.06 5.32 3.16
CA LEU A 77 10.69 4.35 4.06
C LEU A 77 11.74 3.56 3.29
N PHE A 78 11.51 3.36 1.99
CA PHE A 78 12.37 2.55 1.14
C PHE A 78 13.64 3.26 0.68
N LYS A 79 13.67 4.58 0.82
CA LYS A 79 14.81 5.40 0.40
C LYS A 79 15.56 5.99 1.59
N ASN A 80 15.11 5.72 2.83
CA ASN A 80 15.76 6.24 4.02
C ASN A 80 16.16 5.12 5.00
N GLU A 81 15.87 3.87 4.66
CA GLU A 81 16.20 2.72 5.48
C GLU A 81 16.64 1.56 4.60
N LYS A 82 17.47 0.66 5.16
CA LYS A 82 17.96 -0.51 4.45
C LYS A 82 17.04 -1.71 4.65
N VAL A 83 15.88 -1.52 5.28
CA VAL A 83 14.90 -2.57 5.49
C VAL A 83 13.58 -1.92 5.91
N VAL A 84 12.46 -2.51 5.48
CA VAL A 84 11.11 -2.06 5.83
C VAL A 84 10.24 -3.29 5.99
N ASP A 85 9.32 -3.28 6.95
CA ASP A 85 8.43 -4.41 7.19
C ASP A 85 6.98 -3.96 7.27
N ALA A 86 6.05 -4.92 7.29
CA ALA A 86 4.64 -4.61 7.37
C ALA A 86 4.26 -4.06 8.75
N ALA A 87 5.20 -4.04 9.71
CA ALA A 87 4.90 -3.59 11.06
C ALA A 87 5.06 -2.08 11.22
N LEU A 88 6.12 -1.49 10.67
CA LEU A 88 6.30 -0.04 10.80
C LEU A 88 5.50 0.71 9.74
N ILE A 89 5.05 0.02 8.69
CA ILE A 89 4.17 0.63 7.70
C ILE A 89 2.76 0.76 8.28
N GLU A 90 2.32 -0.24 9.05
CA GLU A 90 0.99 -0.27 9.64
C GLU A 90 0.74 0.94 10.55
N GLU A 91 1.76 1.42 11.27
CA GLU A 91 1.57 2.57 12.13
C GLU A 91 1.72 3.87 11.35
N THR A 92 2.49 3.86 10.25
CA THR A 92 2.68 5.05 9.44
C THR A 92 1.41 5.38 8.65
N LEU A 93 0.66 4.36 8.24
CA LEU A 93 -0.60 4.54 7.55
C LEU A 93 -1.62 5.17 8.48
N LEU A 94 -1.66 4.70 9.74
CA LEU A 94 -2.59 5.19 10.75
C LEU A 94 -2.26 6.63 11.10
N TYR A 95 -1.01 6.89 11.51
CA TYR A 95 -0.63 8.24 11.91
C TYR A 95 -0.69 9.30 10.82
N ALA A 96 -0.59 8.90 9.55
CA ALA A 96 -0.67 9.82 8.45
C ALA A 96 -2.11 10.22 8.15
N MET A 97 -3.07 9.30 8.33
CA MET A 97 -4.45 9.65 8.09
C MET A 97 -5.06 10.30 9.34
N ILE A 98 -4.45 10.09 10.51
CA ILE A 98 -4.89 10.75 11.72
C ILE A 98 -4.51 12.24 11.68
N ASP A 99 -3.43 12.56 10.96
CA ASP A 99 -2.96 13.92 10.80
C ASP A 99 -3.79 14.66 9.73
N GLU A 100 -4.75 13.97 9.10
CA GLU A 100 -5.55 14.56 8.04
C GLU A 100 -7.04 14.25 8.17
N PHE A 101 -7.40 13.30 9.05
CA PHE A 101 -8.79 12.90 9.26
C PHE A 101 -9.17 12.68 10.72
N GLU A 102 -8.16 12.67 11.61
CA GLU A 102 -8.36 12.51 13.05
C GLU A 102 -9.20 11.27 13.39
N THR A 103 -9.15 10.25 12.54
CA THR A 103 -9.99 9.07 12.68
C THR A 103 -9.60 8.22 13.88
N ASN A 104 -8.34 8.27 14.30
CA ASN A 104 -7.82 7.46 15.39
C ASN A 104 -8.05 5.96 15.14
N VAL A 105 -8.28 5.58 13.88
CA VAL A 105 -8.66 4.25 13.44
C VAL A 105 -7.95 3.12 14.20
N GLU A 106 -8.73 2.11 14.59
CA GLU A 106 -8.26 0.92 15.30
C GLU A 106 -8.84 -0.35 14.69
N ASP A 107 -9.46 -0.22 13.51
CA ASP A 107 -10.12 -1.33 12.84
C ASP A 107 -9.19 -2.40 12.27
N ASP A 108 -7.88 -2.25 12.49
CA ASP A 108 -6.87 -3.18 11.98
C ASP A 108 -6.86 -3.36 10.46
N SER A 109 -7.52 -2.45 9.73
CA SER A 109 -7.62 -2.54 8.28
C SER A 109 -6.33 -2.15 7.58
N ALA A 110 -5.35 -1.59 8.32
CA ALA A 110 -4.07 -1.22 7.75
C ALA A 110 -3.09 -2.39 7.71
N LEU A 111 -3.40 -3.50 8.39
CA LEU A 111 -2.51 -4.65 8.44
C LEU A 111 -2.37 -5.31 7.07
N PRO A 112 -3.46 -5.66 6.36
CA PRO A 112 -3.36 -6.26 5.05
C PRO A 112 -2.86 -5.24 4.01
N ILE A 113 -2.98 -3.94 4.30
CA ILE A 113 -2.49 -2.91 3.41
C ILE A 113 -0.98 -2.77 3.56
N ALA A 114 -0.46 -2.97 4.77
CA ALA A 114 0.95 -2.79 5.03
C ALA A 114 1.77 -3.88 4.34
N VAL A 115 1.28 -5.13 4.35
CA VAL A 115 1.98 -6.21 3.69
C VAL A 115 1.84 -6.14 2.18
N GLU A 116 0.77 -5.50 1.69
CA GLU A 116 0.59 -5.32 0.26
C GLU A 116 1.67 -4.39 -0.30
N VAL A 117 2.19 -3.48 0.52
CA VAL A 117 3.26 -2.59 0.11
C VAL A 117 4.55 -3.38 -0.01
N ILE A 118 4.72 -4.41 0.84
CA ILE A 118 5.91 -5.24 0.83
C ILE A 118 5.94 -6.10 -0.43
N ASN A 119 4.76 -6.47 -0.95
CA ASN A 119 4.67 -7.31 -2.13
C ASN A 119 5.12 -6.58 -3.38
N ILE A 120 5.01 -5.24 -3.39
CA ILE A 120 5.40 -4.46 -4.55
C ILE A 120 6.91 -4.53 -4.79
N TYR A 121 7.70 -4.60 -3.72
CA TYR A 121 9.14 -4.68 -3.84
C TYR A 121 9.64 -6.00 -4.42
N ASN A 122 9.00 -7.10 -4.03
CA ASN A 122 9.35 -8.43 -4.49
C ASN A 122 8.90 -8.64 -5.94
N ASP A 123 7.83 -7.95 -6.36
CA ASP A 123 7.35 -8.02 -7.73
C ASP A 123 8.17 -7.14 -8.69
N CYS A 124 8.70 -6.03 -8.19
CA CYS A 124 9.58 -5.17 -8.96
C CYS A 124 11.01 -5.73 -8.99
N PHE A 125 11.29 -6.73 -8.15
CA PHE A 125 12.57 -7.43 -8.15
C PHE A 125 12.68 -8.60 -9.13
N ASN A 126 11.53 -9.21 -9.45
CA ASN A 126 11.44 -10.30 -10.41
C ASN A 126 11.04 -9.81 -11.79
N LEU A 127 10.84 -8.48 -11.92
CA LEU A 127 10.46 -7.83 -13.17
C LEU A 127 9.14 -8.35 -13.75
N ASN A 128 8.38 -9.13 -12.98
CA ASN A 128 7.11 -9.65 -13.47
C ASN A 128 6.03 -8.58 -13.45
N TYR A 129 6.17 -7.59 -12.56
CA TYR A 129 5.27 -6.47 -12.41
C TYR A 129 3.79 -6.88 -12.35
N ASN A 130 3.52 -8.12 -11.95
CA ASN A 130 2.19 -8.71 -12.08
C ASN A 130 1.13 -8.00 -11.23
N LYS A 131 1.51 -7.43 -10.09
CA LYS A 131 0.55 -6.81 -9.18
C LYS A 131 0.36 -5.32 -9.47
N VAL A 132 1.43 -4.60 -9.81
CA VAL A 132 1.31 -3.17 -10.08
C VAL A 132 0.57 -2.96 -11.40
N GLU A 133 0.76 -3.86 -12.36
CA GLU A 133 0.20 -3.69 -13.69
C GLU A 133 -1.27 -4.09 -13.77
N LYS A 134 -1.77 -4.87 -12.80
CA LYS A 134 -3.18 -5.26 -12.79
C LYS A 134 -4.00 -4.32 -11.91
N LEU A 135 -3.45 -3.88 -10.78
CA LEU A 135 -4.19 -3.00 -9.88
C LEU A 135 -4.39 -1.63 -10.52
N TYR A 136 -3.50 -1.23 -11.44
CA TYR A 136 -3.64 0.01 -12.18
C TYR A 136 -4.83 0.05 -13.13
N LEU A 137 -5.29 -1.13 -13.55
CA LEU A 137 -6.44 -1.28 -14.46
C LEU A 137 -7.73 -1.35 -13.66
N GLU A 138 -7.68 -2.03 -12.52
CA GLU A 138 -8.81 -2.21 -11.61
C GLU A 138 -9.14 -0.92 -10.88
N TRP A 139 -8.34 0.13 -11.12
CA TRP A 139 -8.52 1.44 -10.49
C TRP A 139 -9.10 2.51 -11.43
N GLN A 140 -8.99 2.31 -12.74
CA GLN A 140 -9.49 3.27 -13.71
C GLN A 140 -11.01 3.40 -13.60
N GLU A 141 -11.70 2.31 -13.23
CA GLU A 141 -13.14 2.31 -13.10
C GLU A 141 -13.58 2.87 -11.74
N LYS A 142 -12.64 3.03 -10.80
CA LYS A 142 -12.95 3.56 -9.49
C LYS A 142 -12.99 5.08 -9.49
N GLN A 143 -12.52 5.71 -10.57
CA GLN A 143 -12.48 7.16 -10.67
C GLN A 143 -13.37 7.69 -11.80
N ARG A 144 -13.67 6.87 -12.81
CA ARG A 144 -14.50 7.31 -13.93
C ARG A 144 -15.98 7.29 -13.58
N THR A 145 -16.34 6.56 -12.51
CA THR A 145 -17.72 6.42 -12.07
C THR A 145 -17.87 6.24 -10.56
N LYS A 146 -16.77 6.43 -9.82
CA LYS A 146 -16.74 6.29 -8.36
C LYS A 146 -17.26 4.95 -7.86
N LYS A 147 -17.12 3.89 -8.65
CA LYS A 147 -17.50 2.55 -8.25
C LYS A 147 -16.60 2.10 -7.11
N SER A 148 -17.09 1.18 -6.27
CA SER A 148 -16.37 0.72 -5.10
C SER A 148 -16.38 -0.80 -5.02
N LYS A 149 -15.49 -1.36 -4.19
CA LYS A 149 -15.30 -2.81 -4.05
C LYS A 149 -15.12 -3.20 -2.59
N ARG A 150 -15.29 -4.49 -2.30
CA ARG A 150 -15.10 -5.06 -0.98
C ARG A 150 -14.39 -6.41 -1.07
N VAL A 151 -13.97 -6.78 -2.28
CA VAL A 151 -13.26 -8.04 -2.54
C VAL A 151 -11.85 -8.06 -1.99
N VAL A 152 -11.39 -6.93 -1.42
CA VAL A 152 -10.08 -6.84 -0.79
C VAL A 152 -10.06 -7.63 0.51
N HIS A 153 -11.23 -7.91 1.07
CA HIS A 153 -11.37 -8.67 2.31
C HIS A 153 -10.91 -10.11 2.12
N ILE A 154 -10.34 -10.70 3.18
CA ILE A 154 -9.84 -12.06 3.15
C ILE A 154 -11.02 -13.04 3.15
N GLU A 155 -10.79 -14.24 2.63
CA GLU A 155 -11.81 -15.28 2.52
C GLU A 155 -11.24 -16.68 2.75
N GLY A 156 -9.98 -16.76 3.19
CA GLY A 156 -9.30 -18.01 3.43
C GLY A 156 -9.85 -18.72 4.66
N SER A 1 5.06 -27.03 -2.59
CA SER A 1 4.25 -25.83 -2.29
C SER A 1 5.13 -24.74 -1.67
N GLY A 2 4.64 -23.50 -1.68
CA GLY A 2 5.37 -22.35 -1.12
C GLY A 2 6.48 -21.87 -2.04
N SER A 3 6.60 -22.44 -3.25
CA SER A 3 7.61 -22.05 -4.21
C SER A 3 7.28 -20.71 -4.88
N HIS A 4 6.10 -20.15 -4.58
CA HIS A 4 5.66 -18.88 -5.14
C HIS A 4 4.64 -18.23 -4.20
N MET A 5 4.31 -16.96 -4.45
CA MET A 5 3.34 -16.21 -3.65
C MET A 5 1.97 -16.90 -3.73
N SER A 6 1.16 -16.73 -2.69
CA SER A 6 -0.17 -17.31 -2.63
C SER A 6 -1.09 -16.46 -1.74
N THR A 7 -2.40 -16.61 -1.92
CA THR A 7 -3.42 -15.87 -1.20
C THR A 7 -3.23 -14.35 -1.18
N GLN A 8 -4.03 -13.65 -0.37
CA GLN A 8 -4.01 -12.19 -0.31
C GLN A 8 -2.66 -11.66 0.19
N TYR A 9 -1.93 -12.44 0.98
CA TYR A 9 -0.62 -12.04 1.48
C TYR A 9 0.17 -13.24 2.01
N ILE A 10 1.44 -13.01 2.40
CA ILE A 10 2.32 -14.04 2.91
C ILE A 10 1.88 -14.51 4.29
N ASP A 11 2.00 -13.62 5.28
CA ASP A 11 1.61 -13.94 6.65
C ASP A 11 1.33 -12.62 7.39
N GLU A 12 1.09 -11.53 6.66
CA GLU A 12 0.88 -10.17 7.17
C GLU A 12 2.02 -9.69 8.08
N THR A 13 3.16 -10.36 8.04
CA THR A 13 4.38 -9.97 8.75
C THR A 13 5.63 -9.95 7.88
N ALA A 14 5.46 -10.18 6.57
CA ALA A 14 6.56 -10.16 5.62
C ALA A 14 7.27 -8.81 5.61
N PHE A 15 8.50 -8.78 5.07
CA PHE A 15 9.30 -7.57 5.01
C PHE A 15 10.26 -7.73 3.84
N VAL A 16 11.01 -6.68 3.57
CA VAL A 16 11.99 -6.63 2.48
C VAL A 16 13.17 -5.80 2.99
N GLN A 17 14.37 -6.11 2.53
CA GLN A 17 15.59 -5.43 2.95
C GLN A 17 16.62 -5.39 1.82
N ALA A 18 17.67 -4.60 2.00
CA ALA A 18 18.76 -4.49 1.03
C ALA A 18 19.45 -5.83 0.83
N GLU A 19 20.18 -5.96 -0.28
CA GLU A 19 20.84 -7.21 -0.64
C GLU A 19 21.89 -7.63 0.38
N GLN A 20 22.77 -6.69 0.76
CA GLN A 20 23.81 -6.96 1.78
C GLN A 20 24.42 -5.66 2.32
N GLY A 21 24.31 -4.55 1.58
CA GLY A 21 24.92 -3.29 1.98
C GLY A 21 24.53 -2.15 1.03
N LYS A 22 23.40 -2.29 0.33
CA LYS A 22 22.94 -1.32 -0.66
C LYS A 22 22.46 -0.04 0.03
N THR A 23 22.30 -0.07 1.35
CA THR A 23 21.80 1.05 2.15
C THR A 23 20.39 1.54 1.84
N ASN A 24 19.76 0.99 0.81
CA ASN A 24 18.42 1.37 0.39
C ASN A 24 17.72 0.21 -0.33
N LEU A 25 16.39 0.29 -0.40
CA LEU A 25 15.59 -0.69 -1.11
C LEU A 25 15.33 -0.22 -2.54
N MET A 26 15.76 1.01 -2.89
CA MET A 26 15.62 1.52 -4.25
C MET A 26 16.55 0.76 -5.19
N PHE A 27 16.06 0.43 -6.37
CA PHE A 27 16.83 -0.31 -7.37
C PHE A 27 17.62 0.71 -8.20
N SER A 28 17.18 1.97 -8.19
CA SER A 28 17.79 3.08 -8.89
C SER A 28 17.68 2.91 -10.41
N ASP A 29 16.97 1.85 -10.83
CA ASP A 29 16.67 1.56 -12.22
C ASP A 29 15.41 2.22 -12.74
N GLU A 30 15.40 2.66 -13.99
CA GLU A 30 14.29 3.43 -14.53
C GLU A 30 13.05 2.56 -14.72
N LYS A 31 13.21 1.23 -14.73
CA LYS A 31 12.08 0.31 -14.89
C LYS A 31 11.57 -0.18 -13.55
N GLN A 32 12.48 -0.51 -12.63
CA GLN A 32 12.10 -1.11 -11.36
C GLN A 32 11.68 -0.07 -10.33
N GLN A 33 12.33 1.10 -10.34
CA GLN A 33 12.08 2.12 -9.34
C GLN A 33 10.76 2.85 -9.60
N ALA A 34 10.46 3.10 -10.88
CA ALA A 34 9.24 3.81 -11.24
C ALA A 34 8.01 2.91 -11.07
N ARG A 35 8.16 1.62 -11.35
CA ARG A 35 7.06 0.68 -11.17
C ARG A 35 6.77 0.45 -9.69
N PHE A 36 7.77 0.60 -8.83
CA PHE A 36 7.55 0.46 -7.41
C PHE A 36 6.68 1.54 -6.79
N GLU A 37 6.87 2.79 -7.22
CA GLU A 37 6.09 3.91 -6.68
C GLU A 37 4.65 3.84 -7.17
N LEU A 38 4.41 3.26 -8.36
CA LEU A 38 3.06 3.07 -8.85
C LEU A 38 2.38 1.96 -8.06
N GLY A 39 3.10 0.90 -7.73
CA GLY A 39 2.53 -0.25 -7.05
C GLY A 39 2.09 0.10 -5.64
N VAL A 40 2.84 0.96 -4.94
CA VAL A 40 2.48 1.35 -3.58
C VAL A 40 1.24 2.25 -3.63
N SER A 41 1.09 3.05 -4.68
CA SER A 41 -0.03 3.97 -4.79
C SER A 41 -1.34 3.21 -4.85
N MET A 42 -1.40 2.14 -5.65
CA MET A 42 -2.62 1.36 -5.78
C MET A 42 -2.97 0.59 -4.49
N VAL A 43 -2.02 0.42 -3.57
CA VAL A 43 -2.28 -0.29 -2.33
C VAL A 43 -2.97 0.66 -1.35
N ILE A 44 -2.71 1.97 -1.44
CA ILE A 44 -3.38 2.93 -0.59
C ILE A 44 -4.80 3.16 -1.09
N TYR A 45 -5.02 2.97 -2.41
CA TYR A 45 -6.35 3.10 -3.00
C TYR A 45 -7.33 1.95 -2.74
N LYS A 46 -6.85 0.84 -2.15
CA LYS A 46 -7.71 -0.27 -1.77
C LYS A 46 -7.99 -0.27 -0.26
N TRP A 47 -7.42 0.68 0.48
CA TRP A 47 -7.59 0.73 1.93
C TRP A 47 -8.96 1.31 2.27
N ASP A 48 -9.74 0.56 3.05
CA ASP A 48 -11.09 0.95 3.43
C ASP A 48 -11.19 2.20 4.31
N ALA A 49 -10.32 2.31 5.30
CA ALA A 49 -10.38 3.44 6.23
C ALA A 49 -10.08 4.75 5.51
N LEU A 50 -9.32 4.70 4.42
CA LEU A 50 -9.05 5.88 3.63
C LEU A 50 -10.23 6.14 2.68
N ASP A 51 -10.83 5.07 2.17
CA ASP A 51 -11.98 5.18 1.27
C ASP A 51 -13.21 5.79 1.91
N VAL A 52 -13.45 5.51 3.20
CA VAL A 52 -14.57 6.13 3.91
C VAL A 52 -14.24 7.54 4.36
N ALA A 53 -12.94 7.86 4.50
CA ALA A 53 -12.53 9.18 4.95
C ALA A 53 -12.75 10.21 3.86
N VAL A 54 -12.55 9.81 2.59
CA VAL A 54 -12.74 10.70 1.46
C VAL A 54 -14.21 10.74 1.02
N GLU A 55 -14.96 9.66 1.26
CA GLU A 55 -16.37 9.62 0.89
C GLU A 55 -17.25 10.36 1.89
N ASN A 56 -16.87 10.32 3.18
CA ASN A 56 -17.53 11.08 4.21
C ASN A 56 -16.85 12.42 4.43
N SER A 57 -15.80 12.69 3.65
CA SER A 57 -15.06 13.96 3.63
C SER A 57 -14.65 14.41 5.03
N TRP A 58 -14.03 13.52 5.80
CA TRP A 58 -13.57 13.82 7.16
C TRP A 58 -12.54 14.95 7.16
N GLY A 59 -11.95 15.27 6.01
CA GLY A 59 -10.94 16.30 5.87
C GLY A 59 -11.43 17.47 5.02
N GLY A 60 -12.73 17.50 4.70
CA GLY A 60 -13.31 18.51 3.83
C GLY A 60 -13.18 18.09 2.37
N PRO A 61 -13.36 19.03 1.43
CA PRO A 61 -13.27 18.77 0.01
C PRO A 61 -11.85 18.39 -0.40
N ASP A 62 -10.87 18.60 0.49
CA ASP A 62 -9.48 18.26 0.24
C ASP A 62 -9.11 16.83 0.64
N SER A 63 -10.10 16.03 1.04
CA SER A 63 -9.85 14.66 1.49
C SER A 63 -9.25 13.81 0.38
N ALA A 64 -9.47 14.18 -0.88
CA ALA A 64 -8.90 13.48 -2.02
C ALA A 64 -7.46 13.94 -2.29
N GLU A 65 -7.11 15.13 -1.81
CA GLU A 65 -5.78 15.70 -2.02
C GLU A 65 -4.81 15.18 -0.97
N LYS A 66 -5.32 14.83 0.22
CA LYS A 66 -4.48 14.31 1.30
C LYS A 66 -4.06 12.86 1.05
N ARG A 67 -4.85 12.13 0.26
CA ARG A 67 -4.56 10.73 -0.08
C ARG A 67 -3.28 10.62 -0.90
N ASP A 68 -2.94 11.66 -1.65
CA ASP A 68 -1.77 11.64 -2.53
C ASP A 68 -0.48 11.64 -1.68
N TRP A 69 -0.58 12.08 -0.43
CA TRP A 69 0.56 12.12 0.47
C TRP A 69 0.76 10.83 1.26
N ILE A 70 -0.31 10.04 1.43
CA ILE A 70 -0.25 8.80 2.20
C ILE A 70 0.61 7.77 1.47
N THR A 71 0.65 7.80 0.14
CA THR A 71 1.47 6.87 -0.62
C THR A 71 2.92 7.39 -0.69
N GLY A 72 3.09 8.72 -0.58
CA GLY A 72 4.42 9.31 -0.70
C GLY A 72 5.30 8.95 0.49
N ILE A 73 4.73 9.00 1.70
CA ILE A 73 5.46 8.69 2.92
C ILE A 73 5.76 7.20 3.06
N VAL A 74 4.96 6.34 2.38
CA VAL A 74 5.19 4.90 2.41
C VAL A 74 6.35 4.56 1.48
N VAL A 75 6.46 5.27 0.35
CA VAL A 75 7.56 5.07 -0.59
C VAL A 75 8.82 5.64 0.05
N ASP A 76 8.68 6.67 0.90
CA ASP A 76 9.81 7.29 1.57
C ASP A 76 10.56 6.38 2.56
N LEU A 77 9.94 5.26 2.94
CA LEU A 77 10.59 4.30 3.82
C LEU A 77 11.61 3.48 3.04
N PHE A 78 11.36 3.30 1.74
CA PHE A 78 12.21 2.48 0.88
C PHE A 78 13.45 3.18 0.35
N LYS A 79 13.45 4.52 0.40
CA LYS A 79 14.56 5.33 -0.10
C LYS A 79 15.28 6.08 1.01
N ASN A 80 14.96 5.77 2.28
CA ASN A 80 15.64 6.35 3.43
C ASN A 80 16.05 5.30 4.47
N GLU A 81 15.74 4.04 4.24
CA GLU A 81 16.12 2.94 5.13
C GLU A 81 16.53 1.72 4.31
N LYS A 82 17.33 0.84 4.93
CA LYS A 82 17.83 -0.36 4.28
C LYS A 82 16.92 -1.58 4.52
N VAL A 83 15.75 -1.37 5.15
CA VAL A 83 14.80 -2.44 5.38
C VAL A 83 13.47 -1.82 5.78
N VAL A 84 12.37 -2.46 5.37
CA VAL A 84 11.01 -2.04 5.71
C VAL A 84 10.16 -3.29 5.89
N ASP A 85 9.22 -3.28 6.85
CA ASP A 85 8.36 -4.43 7.11
C ASP A 85 6.91 -3.98 7.21
N ALA A 86 5.99 -4.95 7.26
CA ALA A 86 4.57 -4.64 7.35
C ALA A 86 4.21 -4.07 8.74
N ALA A 87 5.16 -4.04 9.68
CA ALA A 87 4.89 -3.58 11.04
C ALA A 87 5.04 -2.08 11.18
N LEU A 88 6.09 -1.47 10.61
CA LEU A 88 6.27 -0.04 10.72
C LEU A 88 5.45 0.72 9.66
N ILE A 89 4.98 0.01 8.64
CA ILE A 89 4.08 0.61 7.64
C ILE A 89 2.68 0.74 8.23
N GLU A 90 2.25 -0.26 9.00
CA GLU A 90 0.92 -0.29 9.60
C GLU A 90 0.68 0.90 10.53
N GLU A 91 1.71 1.38 11.23
CA GLU A 91 1.53 2.53 12.10
C GLU A 91 1.67 3.83 11.32
N THR A 92 2.42 3.83 10.22
CA THR A 92 2.61 5.02 9.41
C THR A 92 1.33 5.36 8.65
N LEU A 93 0.58 4.34 8.23
CA LEU A 93 -0.69 4.53 7.56
C LEU A 93 -1.70 5.15 8.51
N LEU A 94 -1.73 4.65 9.75
CA LEU A 94 -2.65 5.13 10.78
C LEU A 94 -2.30 6.58 11.13
N TYR A 95 -1.06 6.82 11.55
CA TYR A 95 -0.65 8.15 11.98
C TYR A 95 -0.74 9.25 10.91
N ALA A 96 -0.63 8.86 9.63
CA ALA A 96 -0.72 9.82 8.55
C ALA A 96 -2.16 10.22 8.28
N MET A 97 -3.12 9.28 8.44
CA MET A 97 -4.52 9.62 8.20
C MET A 97 -5.12 10.22 9.47
N ILE A 98 -4.49 10.03 10.63
CA ILE A 98 -4.93 10.67 11.86
C ILE A 98 -4.52 12.14 11.86
N ASP A 99 -3.43 12.47 11.17
CA ASP A 99 -2.93 13.83 11.10
C ASP A 99 -3.71 14.61 10.04
N GLU A 100 -4.65 13.97 9.35
CA GLU A 100 -5.41 14.60 8.27
C GLU A 100 -6.91 14.33 8.37
N PHE A 101 -7.34 13.35 9.18
CA PHE A 101 -8.75 13.03 9.32
C PHE A 101 -9.14 12.77 10.78
N GLU A 102 -8.15 12.71 11.69
CA GLU A 102 -8.37 12.52 13.12
C GLU A 102 -9.24 11.29 13.42
N THR A 103 -9.18 10.27 12.56
CA THR A 103 -10.03 9.09 12.66
C THR A 103 -9.68 8.24 13.87
N ASN A 104 -8.42 8.27 14.32
CA ASN A 104 -7.94 7.44 15.41
C ASN A 104 -8.18 5.95 15.16
N VAL A 105 -8.41 5.58 13.89
CA VAL A 105 -8.79 4.24 13.44
C VAL A 105 -8.11 3.11 14.22
N GLU A 106 -8.90 2.11 14.59
CA GLU A 106 -8.46 0.92 15.32
C GLU A 106 -9.09 -0.35 14.71
N ASP A 107 -9.68 -0.23 13.52
CA ASP A 107 -10.38 -1.33 12.87
C ASP A 107 -9.38 -2.34 12.30
N ASP A 108 -8.07 -2.13 12.52
CA ASP A 108 -7.03 -3.01 12.01
C ASP A 108 -7.01 -3.18 10.49
N SER A 109 -7.67 -2.27 9.78
CA SER A 109 -7.79 -2.32 8.33
C SER A 109 -6.45 -2.05 7.62
N ALA A 110 -5.46 -1.52 8.34
CA ALA A 110 -4.16 -1.18 7.75
C ALA A 110 -3.22 -2.39 7.73
N LEU A 111 -3.54 -3.47 8.44
CA LEU A 111 -2.67 -4.62 8.52
C LEU A 111 -2.51 -5.30 7.16
N PRO A 112 -3.59 -5.63 6.44
CA PRO A 112 -3.47 -6.25 5.13
C PRO A 112 -2.96 -5.25 4.09
N ILE A 113 -3.08 -3.95 4.36
CA ILE A 113 -2.59 -2.92 3.45
C ILE A 113 -1.06 -2.79 3.59
N ALA A 114 -0.54 -2.97 4.80
CA ALA A 114 0.88 -2.82 5.05
C ALA A 114 1.69 -3.91 4.37
N VAL A 115 1.19 -5.15 4.37
CA VAL A 115 1.89 -6.25 3.72
C VAL A 115 1.73 -6.19 2.20
N GLU A 116 0.67 -5.54 1.71
CA GLU A 116 0.50 -5.37 0.28
C GLU A 116 1.57 -4.43 -0.28
N VAL A 117 2.10 -3.51 0.55
CA VAL A 117 3.17 -2.63 0.13
C VAL A 117 4.46 -3.43 0.00
N ILE A 118 4.63 -4.47 0.83
CA ILE A 118 5.81 -5.31 0.80
C ILE A 118 5.82 -6.16 -0.48
N ASN A 119 4.64 -6.53 -0.97
CA ASN A 119 4.52 -7.37 -2.16
C ASN A 119 4.96 -6.62 -3.41
N ILE A 120 4.92 -5.29 -3.39
CA ILE A 120 5.33 -4.49 -4.55
C ILE A 120 6.83 -4.58 -4.78
N TYR A 121 7.62 -4.66 -3.70
CA TYR A 121 9.06 -4.69 -3.82
C TYR A 121 9.64 -5.95 -4.46
N ASN A 122 9.06 -7.10 -4.10
CA ASN A 122 9.55 -8.39 -4.56
C ASN A 122 9.24 -8.60 -6.05
N ASP A 123 8.07 -8.13 -6.51
CA ASP A 123 7.72 -8.24 -7.92
C ASP A 123 8.33 -7.17 -8.83
N CYS A 124 8.74 -6.03 -8.26
CA CYS A 124 9.52 -5.05 -9.00
C CYS A 124 10.98 -5.53 -9.11
N PHE A 125 11.32 -6.58 -8.34
CA PHE A 125 12.61 -7.26 -8.41
C PHE A 125 12.63 -8.49 -9.32
N ASN A 126 11.47 -9.10 -9.53
CA ASN A 126 11.33 -10.28 -10.38
C ASN A 126 11.12 -9.85 -11.84
N LEU A 127 10.96 -8.54 -12.07
CA LEU A 127 10.74 -7.96 -13.39
C LEU A 127 9.49 -8.52 -14.08
N ASN A 128 8.66 -9.26 -13.34
CA ASN A 128 7.41 -9.81 -13.87
C ASN A 128 6.33 -8.74 -13.89
N TYR A 129 6.50 -7.73 -13.03
CA TYR A 129 5.62 -6.57 -12.90
C TYR A 129 4.14 -6.87 -12.71
N ASN A 130 3.78 -8.13 -12.44
CA ASN A 130 2.40 -8.56 -12.46
C ASN A 130 1.58 -7.92 -11.34
N LYS A 131 2.24 -7.61 -10.22
CA LYS A 131 1.55 -7.08 -9.05
C LYS A 131 1.15 -5.63 -9.24
N VAL A 132 2.05 -4.80 -9.78
CA VAL A 132 1.77 -3.39 -10.01
C VAL A 132 0.90 -3.24 -11.26
N GLU A 133 1.05 -4.15 -12.23
CA GLU A 133 0.37 -4.01 -13.51
C GLU A 133 -1.12 -4.32 -13.36
N LYS A 134 -1.49 -5.28 -12.51
CA LYS A 134 -2.89 -5.66 -12.37
C LYS A 134 -3.61 -4.69 -11.43
N LEU A 135 -2.93 -4.23 -10.37
CA LEU A 135 -3.58 -3.34 -9.41
C LEU A 135 -3.90 -2.00 -10.05
N TYR A 136 -3.16 -1.62 -11.10
CA TYR A 136 -3.47 -0.43 -11.85
C TYR A 136 -4.76 -0.50 -12.66
N LEU A 137 -5.22 -1.72 -12.95
CA LEU A 137 -6.47 -1.97 -13.65
C LEU A 137 -7.62 -2.04 -12.67
N GLU A 138 -7.36 -2.63 -11.49
CA GLU A 138 -8.34 -2.75 -10.42
C GLU A 138 -8.59 -1.40 -9.77
N TRP A 139 -7.82 -0.38 -10.16
CA TRP A 139 -7.96 0.99 -9.68
C TRP A 139 -8.85 1.83 -10.59
N GLN A 140 -8.96 1.46 -11.87
CA GLN A 140 -9.75 2.21 -12.83
C GLN A 140 -11.23 2.16 -12.48
N GLU A 141 -11.70 1.05 -11.90
CA GLU A 141 -13.10 0.90 -11.56
C GLU A 141 -13.45 1.77 -10.36
N LYS A 142 -12.44 2.12 -9.55
CA LYS A 142 -12.63 2.92 -8.37
C LYS A 142 -12.86 4.38 -8.75
N GLN A 143 -12.52 4.77 -9.98
CA GLN A 143 -12.65 6.15 -10.42
C GLN A 143 -13.64 6.30 -11.57
N ARG A 144 -13.84 5.25 -12.38
CA ARG A 144 -14.74 5.33 -13.54
C ARG A 144 -16.20 5.19 -13.12
N THR A 145 -16.43 4.61 -11.93
CA THR A 145 -17.78 4.38 -11.42
C THR A 145 -17.90 4.45 -9.89
N LYS A 146 -16.81 4.87 -9.22
CA LYS A 146 -16.78 5.06 -7.78
C LYS A 146 -17.16 3.81 -6.98
N LYS A 147 -16.84 2.62 -7.50
CA LYS A 147 -17.14 1.36 -6.82
C LYS A 147 -15.92 0.43 -6.86
N SER A 148 -15.92 -0.58 -6.00
CA SER A 148 -14.82 -1.52 -5.88
C SER A 148 -15.33 -2.89 -5.43
N LYS A 149 -14.58 -3.95 -5.75
CA LYS A 149 -14.94 -5.31 -5.38
C LYS A 149 -14.84 -5.51 -3.88
N ARG A 150 -15.69 -6.38 -3.33
CA ARG A 150 -15.65 -6.75 -1.92
C ARG A 150 -14.56 -7.79 -1.67
N VAL A 151 -13.97 -8.34 -2.74
CA VAL A 151 -12.92 -9.34 -2.65
C VAL A 151 -11.59 -8.82 -2.09
N VAL A 152 -11.52 -7.51 -1.83
CA VAL A 152 -10.35 -6.89 -1.22
C VAL A 152 -10.21 -7.37 0.22
N HIS A 153 -11.31 -7.82 0.82
CA HIS A 153 -11.32 -8.38 2.17
C HIS A 153 -10.69 -9.76 2.20
N ILE A 154 -10.08 -10.11 3.33
CA ILE A 154 -9.42 -11.40 3.51
C ILE A 154 -10.46 -12.51 3.66
N GLU A 155 -10.10 -13.74 3.27
CA GLU A 155 -11.01 -14.88 3.34
C GLU A 155 -11.26 -15.34 4.78
N GLY A 156 -10.61 -14.70 5.76
CA GLY A 156 -10.76 -15.04 7.16
C GLY A 156 -9.85 -14.19 8.03
N SER A 1 -8.30 -21.29 5.18
CA SER A 1 -8.02 -21.33 3.73
C SER A 1 -9.18 -21.97 2.97
N GLY A 2 -9.48 -23.24 3.23
CA GLY A 2 -10.55 -23.96 2.56
C GLY A 2 -10.20 -24.24 1.10
N SER A 3 -11.22 -24.49 0.28
CA SER A 3 -11.04 -24.77 -1.14
C SER A 3 -10.70 -23.50 -1.93
N HIS A 4 -10.72 -22.34 -1.28
CA HIS A 4 -10.43 -21.06 -1.92
C HIS A 4 -8.95 -20.96 -2.28
N MET A 5 -8.64 -20.01 -3.17
CA MET A 5 -7.26 -19.75 -3.58
C MET A 5 -6.46 -19.14 -2.44
N SER A 6 -5.14 -19.10 -2.58
CA SER A 6 -4.26 -18.51 -1.57
C SER A 6 -4.53 -17.02 -1.42
N THR A 7 -4.19 -16.47 -0.24
CA THR A 7 -4.41 -15.06 0.04
C THR A 7 -3.55 -14.10 -0.78
N GLN A 8 -3.94 -12.82 -0.78
CA GLN A 8 -3.32 -11.78 -1.60
C GLN A 8 -1.94 -11.36 -1.08
N TYR A 9 -1.40 -12.07 -0.07
CA TYR A 9 -0.11 -11.74 0.52
C TYR A 9 0.55 -12.96 1.13
N ILE A 10 1.73 -12.77 1.74
CA ILE A 10 2.51 -13.85 2.34
C ILE A 10 1.85 -14.34 3.63
N ASP A 11 1.85 -13.51 4.67
CA ASP A 11 1.27 -13.89 5.96
C ASP A 11 1.01 -12.62 6.78
N GLU A 12 0.87 -11.47 6.11
CA GLU A 12 0.69 -10.15 6.71
C GLU A 12 1.76 -9.78 7.74
N THR A 13 2.88 -10.49 7.74
CA THR A 13 4.05 -10.18 8.56
C THR A 13 5.37 -10.12 7.79
N ALA A 14 5.30 -10.28 6.46
CA ALA A 14 6.47 -10.22 5.59
C ALA A 14 7.18 -8.87 5.64
N PHE A 15 8.40 -8.82 5.09
CA PHE A 15 9.20 -7.61 5.05
C PHE A 15 10.15 -7.78 3.86
N VAL A 16 10.92 -6.72 3.58
CA VAL A 16 11.91 -6.70 2.52
C VAL A 16 13.09 -5.89 3.02
N GLN A 17 14.28 -6.22 2.52
CA GLN A 17 15.52 -5.57 2.93
C GLN A 17 16.50 -5.52 1.75
N ALA A 18 17.57 -4.76 1.93
CA ALA A 18 18.63 -4.66 0.94
C ALA A 18 19.24 -6.03 0.61
N GLU A 19 19.87 -6.14 -0.57
CA GLU A 19 20.54 -7.35 -0.98
C GLU A 19 21.62 -7.69 0.05
N GLN A 20 22.65 -6.84 0.10
CA GLN A 20 23.66 -6.82 1.14
C GLN A 20 24.47 -5.55 0.99
N GLY A 21 24.91 -4.97 2.11
CA GLY A 21 25.71 -3.77 2.14
C GLY A 21 25.04 -2.54 1.51
N LYS A 22 23.86 -2.69 0.87
CA LYS A 22 23.19 -1.56 0.22
C LYS A 22 22.60 -0.65 1.29
N THR A 23 22.47 0.62 0.99
CA THR A 23 21.88 1.59 1.91
C THR A 23 20.38 1.81 1.75
N ASN A 24 19.78 1.22 0.71
CA ASN A 24 18.37 1.44 0.39
C ASN A 24 17.75 0.24 -0.32
N LEU A 25 16.42 0.21 -0.35
CA LEU A 25 15.65 -0.77 -1.09
C LEU A 25 15.41 -0.28 -2.53
N MET A 26 15.83 0.95 -2.82
CA MET A 26 15.70 1.50 -4.17
C MET A 26 16.59 0.74 -5.15
N PHE A 27 16.06 0.43 -6.32
CA PHE A 27 16.76 -0.36 -7.33
C PHE A 27 17.64 0.55 -8.18
N SER A 28 17.39 1.86 -8.16
CA SER A 28 18.17 2.85 -8.88
C SER A 28 18.11 2.57 -10.39
N ASP A 29 16.97 2.03 -10.84
CA ASP A 29 16.74 1.69 -12.22
C ASP A 29 15.47 2.32 -12.80
N GLU A 30 15.49 2.72 -14.08
CA GLU A 30 14.45 3.54 -14.67
C GLU A 30 13.13 2.80 -14.84
N LYS A 31 13.09 1.50 -14.57
CA LYS A 31 11.87 0.71 -14.63
C LYS A 31 11.52 0.14 -13.26
N GLN A 32 12.52 -0.35 -12.53
CA GLN A 32 12.28 -0.99 -11.25
C GLN A 32 11.92 0.03 -10.18
N GLN A 33 12.50 1.24 -10.27
CA GLN A 33 12.26 2.28 -9.28
C GLN A 33 10.91 2.95 -9.56
N ALA A 34 10.58 3.14 -10.84
CA ALA A 34 9.34 3.81 -11.22
C ALA A 34 8.13 2.90 -11.02
N ARG A 35 8.28 1.60 -11.32
CA ARG A 35 7.18 0.67 -11.13
C ARG A 35 6.89 0.46 -9.64
N PHE A 36 7.88 0.64 -8.78
CA PHE A 36 7.66 0.52 -7.35
C PHE A 36 6.76 1.60 -6.76
N GLU A 37 6.92 2.85 -7.24
CA GLU A 37 6.13 3.95 -6.74
C GLU A 37 4.69 3.87 -7.25
N LEU A 38 4.49 3.23 -8.41
CA LEU A 38 3.15 3.01 -8.93
C LEU A 38 2.47 1.92 -8.12
N GLY A 39 3.21 0.87 -7.75
CA GLY A 39 2.64 -0.25 -7.05
C GLY A 39 2.18 0.13 -5.65
N VAL A 40 2.93 1.00 -4.96
CA VAL A 40 2.55 1.41 -3.61
C VAL A 40 1.35 2.33 -3.68
N SER A 41 1.20 3.08 -4.77
CA SER A 41 0.07 3.98 -4.94
C SER A 41 -1.24 3.21 -4.98
N MET A 42 -1.29 2.12 -5.75
CA MET A 42 -2.50 1.31 -5.87
C MET A 42 -2.86 0.59 -4.57
N VAL A 43 -1.93 0.51 -3.60
CA VAL A 43 -2.21 -0.18 -2.34
C VAL A 43 -2.90 0.77 -1.37
N ILE A 44 -2.64 2.08 -1.48
CA ILE A 44 -3.32 3.05 -0.64
C ILE A 44 -4.72 3.31 -1.20
N TYR A 45 -4.91 3.06 -2.50
CA TYR A 45 -6.19 3.17 -3.16
C TYR A 45 -7.20 2.04 -2.91
N LYS A 46 -6.78 1.02 -2.15
CA LYS A 46 -7.66 -0.08 -1.77
C LYS A 46 -7.94 -0.12 -0.27
N TRP A 47 -7.39 0.82 0.51
CA TRP A 47 -7.56 0.83 1.95
C TRP A 47 -8.94 1.37 2.32
N ASP A 48 -9.68 0.61 3.12
CA ASP A 48 -11.03 0.97 3.54
C ASP A 48 -11.13 2.22 4.40
N ALA A 49 -10.25 2.36 5.39
CA ALA A 49 -10.33 3.48 6.31
C ALA A 49 -10.07 4.80 5.59
N LEU A 50 -9.32 4.76 4.49
CA LEU A 50 -9.08 5.95 3.68
C LEU A 50 -10.28 6.20 2.77
N ASP A 51 -10.87 5.13 2.24
CA ASP A 51 -12.03 5.23 1.37
C ASP A 51 -13.27 5.82 2.03
N VAL A 52 -13.48 5.53 3.32
CA VAL A 52 -14.60 6.10 4.06
C VAL A 52 -14.28 7.52 4.53
N ALA A 53 -13.00 7.88 4.63
CA ALA A 53 -12.62 9.21 5.10
C ALA A 53 -12.90 10.25 4.02
N VAL A 54 -12.74 9.87 2.76
CA VAL A 54 -13.00 10.77 1.64
C VAL A 54 -14.49 10.77 1.27
N GLU A 55 -15.21 9.67 1.56
CA GLU A 55 -16.64 9.60 1.27
C GLU A 55 -17.46 10.35 2.31
N ASN A 56 -17.07 10.25 3.58
CA ASN A 56 -17.74 10.95 4.66
C ASN A 56 -17.15 12.33 4.89
N SER A 57 -16.09 12.68 4.14
CA SER A 57 -15.43 13.97 4.21
C SER A 57 -15.02 14.32 5.64
N TRP A 58 -14.21 13.44 6.25
CA TRP A 58 -13.67 13.67 7.59
C TRP A 58 -12.70 14.86 7.61
N GLY A 59 -12.40 15.42 6.43
CA GLY A 59 -11.53 16.58 6.28
C GLY A 59 -12.21 17.63 5.39
N GLY A 60 -11.39 18.42 4.68
CA GLY A 60 -11.87 19.46 3.79
C GLY A 60 -12.37 18.88 2.47
N PRO A 61 -12.74 19.74 1.50
CA PRO A 61 -13.18 19.32 0.19
C PRO A 61 -12.04 18.66 -0.58
N ASP A 62 -10.81 18.81 -0.10
CA ASP A 62 -9.62 18.21 -0.66
C ASP A 62 -9.27 16.85 -0.05
N SER A 63 -10.25 16.19 0.57
CA SER A 63 -10.04 14.90 1.20
C SER A 63 -9.57 13.85 0.20
N ALA A 64 -9.86 14.05 -1.09
CA ALA A 64 -9.41 13.14 -2.13
C ALA A 64 -7.93 13.38 -2.48
N GLU A 65 -7.41 14.57 -2.15
CA GLU A 65 -6.03 14.95 -2.43
C GLU A 65 -5.12 14.60 -1.25
N LYS A 66 -5.71 14.40 -0.06
CA LYS A 66 -4.94 14.02 1.12
C LYS A 66 -4.31 12.65 0.96
N ARG A 67 -4.92 11.79 0.14
CA ARG A 67 -4.45 10.43 -0.08
C ARG A 67 -3.12 10.42 -0.85
N ASP A 68 -2.85 11.48 -1.62
CA ASP A 68 -1.67 11.56 -2.45
C ASP A 68 -0.41 11.63 -1.58
N TRP A 69 -0.55 12.08 -0.33
CA TRP A 69 0.57 12.16 0.59
C TRP A 69 0.76 10.87 1.40
N ILE A 70 -0.31 10.10 1.58
CA ILE A 70 -0.25 8.86 2.33
C ILE A 70 0.61 7.82 1.60
N THR A 71 0.63 7.88 0.26
CA THR A 71 1.46 6.98 -0.52
C THR A 71 2.91 7.46 -0.64
N GLY A 72 3.13 8.76 -0.49
CA GLY A 72 4.47 9.33 -0.62
C GLY A 72 5.35 8.97 0.57
N ILE A 73 4.77 9.01 1.77
CA ILE A 73 5.50 8.70 3.00
C ILE A 73 5.80 7.21 3.13
N VAL A 74 5.00 6.37 2.45
CA VAL A 74 5.24 4.93 2.47
C VAL A 74 6.40 4.59 1.53
N VAL A 75 6.50 5.29 0.41
CA VAL A 75 7.60 5.10 -0.54
C VAL A 75 8.87 5.66 0.10
N ASP A 76 8.73 6.67 0.97
CA ASP A 76 9.85 7.27 1.66
C ASP A 76 10.59 6.34 2.62
N LEU A 77 9.98 5.21 3.00
CA LEU A 77 10.62 4.24 3.86
C LEU A 77 11.64 3.43 3.08
N PHE A 78 11.40 3.26 1.77
CA PHE A 78 12.24 2.45 0.90
C PHE A 78 13.48 3.18 0.38
N LYS A 79 13.48 4.50 0.44
CA LYS A 79 14.57 5.33 -0.05
C LYS A 79 15.28 6.08 1.07
N ASN A 80 14.97 5.76 2.33
CA ASN A 80 15.66 6.33 3.49
C ASN A 80 16.08 5.24 4.49
N GLU A 81 15.76 3.97 4.23
CA GLU A 81 16.14 2.85 5.07
C GLU A 81 16.50 1.64 4.21
N LYS A 82 17.31 0.73 4.78
CA LYS A 82 17.77 -0.45 4.09
C LYS A 82 16.91 -1.69 4.39
N VAL A 83 15.76 -1.49 5.04
CA VAL A 83 14.81 -2.57 5.31
C VAL A 83 13.50 -1.92 5.75
N VAL A 84 12.37 -2.54 5.36
CA VAL A 84 11.03 -2.09 5.72
C VAL A 84 10.16 -3.33 5.90
N ASP A 85 9.25 -3.32 6.87
CA ASP A 85 8.37 -4.46 7.14
C ASP A 85 6.92 -4.00 7.23
N ALA A 86 6.00 -4.97 7.28
CA ALA A 86 4.58 -4.65 7.38
C ALA A 86 4.22 -4.08 8.76
N ALA A 87 5.17 -4.04 9.70
CA ALA A 87 4.90 -3.58 11.05
C ALA A 87 5.06 -2.08 11.19
N LEU A 88 6.12 -1.48 10.64
CA LEU A 88 6.29 -0.05 10.75
C LEU A 88 5.49 0.71 9.69
N ILE A 89 5.02 0.01 8.66
CA ILE A 89 4.12 0.61 7.67
C ILE A 89 2.73 0.75 8.27
N GLU A 90 2.30 -0.26 9.04
CA GLU A 90 0.97 -0.28 9.65
C GLU A 90 0.74 0.91 10.58
N GLU A 91 1.77 1.40 11.27
CA GLU A 91 1.60 2.55 12.14
C GLU A 91 1.73 3.85 11.35
N THR A 92 2.48 3.84 10.25
CA THR A 92 2.67 5.03 9.43
C THR A 92 1.38 5.36 8.68
N LEU A 93 0.63 4.34 8.27
CA LEU A 93 -0.64 4.53 7.59
C LEU A 93 -1.65 5.15 8.57
N LEU A 94 -1.67 4.64 9.80
CA LEU A 94 -2.59 5.14 10.83
C LEU A 94 -2.25 6.57 11.19
N TYR A 95 -1.01 6.83 11.60
CA TYR A 95 -0.61 8.17 12.01
C TYR A 95 -0.72 9.24 10.94
N ALA A 96 -0.59 8.85 9.67
CA ALA A 96 -0.67 9.81 8.58
C ALA A 96 -2.12 10.22 8.31
N MET A 97 -3.08 9.30 8.47
CA MET A 97 -4.46 9.66 8.22
C MET A 97 -5.08 10.25 9.49
N ILE A 98 -4.48 10.02 10.66
CA ILE A 98 -4.92 10.67 11.89
C ILE A 98 -4.55 12.15 11.85
N ASP A 99 -3.41 12.45 11.24
CA ASP A 99 -2.94 13.81 11.05
C ASP A 99 -3.63 14.60 9.95
N GLU A 100 -4.62 13.99 9.29
CA GLU A 100 -5.37 14.63 8.21
C GLU A 100 -6.87 14.35 8.29
N PHE A 101 -7.29 13.40 9.13
CA PHE A 101 -8.70 13.05 9.30
C PHE A 101 -9.12 12.83 10.75
N GLU A 102 -8.14 12.79 11.67
CA GLU A 102 -8.39 12.60 13.10
C GLU A 102 -9.25 11.37 13.39
N THR A 103 -9.13 10.33 12.54
CA THR A 103 -9.98 9.15 12.63
C THR A 103 -9.66 8.31 13.86
N ASN A 104 -8.41 8.36 14.35
CA ASN A 104 -7.97 7.53 15.47
C ASN A 104 -8.20 6.04 15.21
N VAL A 105 -8.39 5.66 13.93
CA VAL A 105 -8.75 4.31 13.50
C VAL A 105 -8.08 3.20 14.29
N GLU A 106 -8.87 2.17 14.63
CA GLU A 106 -8.44 1.00 15.36
C GLU A 106 -8.97 -0.28 14.72
N ASP A 107 -9.56 -0.16 13.52
CA ASP A 107 -10.19 -1.27 12.83
C ASP A 107 -9.23 -2.34 12.28
N ASP A 108 -7.92 -2.16 12.50
CA ASP A 108 -6.90 -3.07 12.00
C ASP A 108 -6.88 -3.28 10.48
N SER A 109 -7.57 -2.40 9.75
CA SER A 109 -7.67 -2.51 8.30
C SER A 109 -6.37 -2.11 7.60
N ALA A 110 -5.40 -1.57 8.32
CA ALA A 110 -4.11 -1.20 7.73
C ALA A 110 -3.15 -2.37 7.68
N LEU A 111 -3.45 -3.48 8.36
CA LEU A 111 -2.57 -4.63 8.41
C LEU A 111 -2.45 -5.29 7.03
N PRO A 112 -3.54 -5.61 6.33
CA PRO A 112 -3.45 -6.22 5.01
C PRO A 112 -2.96 -5.20 3.97
N ILE A 113 -3.04 -3.90 4.28
CA ILE A 113 -2.54 -2.87 3.39
C ILE A 113 -1.03 -2.75 3.53
N ALA A 114 -0.50 -2.95 4.75
CA ALA A 114 0.91 -2.79 5.00
C ALA A 114 1.72 -3.88 4.28
N VAL A 115 1.20 -5.11 4.25
CA VAL A 115 1.90 -6.20 3.57
C VAL A 115 1.76 -6.09 2.05
N GLU A 116 0.70 -5.44 1.58
CA GLU A 116 0.54 -5.25 0.14
C GLU A 116 1.61 -4.31 -0.40
N VAL A 117 2.16 -3.44 0.45
CA VAL A 117 3.25 -2.56 0.06
C VAL A 117 4.54 -3.38 -0.05
N ILE A 118 4.68 -4.41 0.80
CA ILE A 118 5.86 -5.26 0.79
C ILE A 118 5.90 -6.10 -0.49
N ASN A 119 4.72 -6.46 -1.01
CA ASN A 119 4.63 -7.28 -2.20
C ASN A 119 5.10 -6.54 -3.46
N ILE A 120 5.05 -5.20 -3.44
CA ILE A 120 5.46 -4.41 -4.59
C ILE A 120 6.96 -4.54 -4.80
N TYR A 121 7.74 -4.59 -3.73
CA TYR A 121 9.19 -4.71 -3.84
C TYR A 121 9.67 -6.01 -4.45
N ASN A 122 9.01 -7.10 -4.10
CA ASN A 122 9.36 -8.43 -4.56
C ASN A 122 9.01 -8.60 -6.04
N ASP A 123 8.02 -7.84 -6.53
CA ASP A 123 7.70 -7.83 -7.96
C ASP A 123 8.64 -6.95 -8.79
N CYS A 124 9.14 -5.87 -8.17
CA CYS A 124 10.09 -4.99 -8.82
C CYS A 124 11.50 -5.61 -8.84
N PHE A 125 11.68 -6.70 -8.10
CA PHE A 125 12.93 -7.45 -8.07
C PHE A 125 13.01 -8.64 -9.03
N ASN A 126 11.85 -9.17 -9.42
CA ASN A 126 11.76 -10.28 -10.35
C ASN A 126 11.31 -9.83 -11.73
N LEU A 127 11.04 -8.53 -11.90
CA LEU A 127 10.60 -7.94 -13.16
C LEU A 127 9.32 -8.57 -13.72
N ASN A 128 8.61 -9.35 -12.89
CA ASN A 128 7.36 -9.98 -13.29
C ASN A 128 6.20 -8.99 -13.22
N TYR A 129 6.31 -7.98 -12.36
CA TYR A 129 5.38 -6.86 -12.25
C TYR A 129 3.89 -7.23 -12.13
N ASN A 130 3.57 -8.46 -11.74
CA ASN A 130 2.20 -8.94 -11.83
C ASN A 130 1.23 -8.15 -10.95
N LYS A 131 1.67 -7.71 -9.77
CA LYS A 131 0.77 -7.00 -8.85
C LYS A 131 0.60 -5.53 -9.23
N VAL A 132 1.68 -4.85 -9.60
CA VAL A 132 1.59 -3.42 -9.93
C VAL A 132 0.85 -3.24 -11.25
N GLU A 133 0.95 -4.23 -12.16
CA GLU A 133 0.33 -4.13 -13.47
C GLU A 133 -1.18 -4.39 -13.39
N LYS A 134 -1.61 -5.29 -12.51
CA LYS A 134 -3.03 -5.64 -12.43
C LYS A 134 -3.78 -4.66 -11.55
N LEU A 135 -3.18 -4.19 -10.45
CA LEU A 135 -3.88 -3.27 -9.56
C LEU A 135 -4.08 -1.92 -10.25
N TYR A 136 -3.26 -1.59 -11.24
CA TYR A 136 -3.48 -0.39 -12.03
C TYR A 136 -4.75 -0.40 -12.87
N LEU A 137 -5.23 -1.60 -13.21
CA LEU A 137 -6.45 -1.79 -13.96
C LEU A 137 -7.65 -1.74 -13.03
N GLU A 138 -7.47 -2.27 -11.82
CA GLU A 138 -8.50 -2.26 -10.78
C GLU A 138 -8.64 -0.87 -10.16
N TRP A 139 -7.75 0.07 -10.55
CA TRP A 139 -7.78 1.45 -10.12
C TRP A 139 -8.55 2.36 -11.07
N GLN A 140 -8.71 1.94 -12.32
CA GLN A 140 -9.42 2.72 -13.33
C GLN A 140 -10.89 2.88 -12.96
N GLU A 141 -11.46 1.89 -12.24
CA GLU A 141 -12.85 1.95 -11.84
C GLU A 141 -13.02 2.87 -10.63
N LYS A 142 -11.93 3.16 -9.92
CA LYS A 142 -11.97 4.00 -8.73
C LYS A 142 -12.11 5.47 -9.11
N GLN A 143 -11.83 5.81 -10.36
CA GLN A 143 -11.82 7.20 -10.81
C GLN A 143 -12.95 7.49 -11.79
N ARG A 144 -13.54 6.47 -12.39
CA ARG A 144 -14.64 6.66 -13.33
C ARG A 144 -15.97 6.86 -12.60
N THR A 145 -16.02 6.47 -11.32
CA THR A 145 -17.24 6.55 -10.52
C THR A 145 -17.03 6.70 -9.01
N LYS A 146 -15.77 6.82 -8.57
CA LYS A 146 -15.42 6.96 -7.15
C LYS A 146 -15.92 5.81 -6.28
N LYS A 147 -15.99 4.60 -6.84
CA LYS A 147 -16.35 3.37 -6.14
C LYS A 147 -15.40 2.25 -6.53
N SER A 148 -15.43 1.14 -5.80
CA SER A 148 -14.51 0.02 -6.04
C SER A 148 -15.15 -1.31 -5.67
N LYS A 149 -14.73 -2.38 -6.36
CA LYS A 149 -15.21 -3.73 -6.09
C LYS A 149 -14.65 -4.21 -4.75
N ARG A 150 -15.51 -4.90 -3.98
CA ARG A 150 -15.19 -5.35 -2.63
C ARG A 150 -14.41 -6.67 -2.57
N VAL A 151 -14.20 -7.33 -3.71
CA VAL A 151 -13.41 -8.57 -3.75
C VAL A 151 -11.90 -8.34 -3.59
N VAL A 152 -11.49 -7.08 -3.49
CA VAL A 152 -10.09 -6.73 -3.27
C VAL A 152 -9.68 -7.08 -1.84
N HIS A 153 -10.66 -7.32 -0.96
CA HIS A 153 -10.44 -7.71 0.42
C HIS A 153 -9.96 -9.17 0.51
N ILE A 154 -9.63 -9.60 1.73
CA ILE A 154 -9.19 -10.97 2.01
C ILE A 154 -10.30 -11.94 1.64
N GLU A 155 -9.92 -13.18 1.25
CA GLU A 155 -10.87 -14.19 0.81
C GLU A 155 -11.73 -14.73 1.96
N GLY A 156 -11.48 -14.27 3.18
CA GLY A 156 -12.23 -14.71 4.35
C GLY A 156 -11.69 -14.04 5.62
N SER A 1 -13.76 -19.18 12.12
CA SER A 1 -12.58 -19.64 12.87
C SER A 1 -11.62 -20.40 11.95
N GLY A 2 -10.34 -20.43 12.31
CA GLY A 2 -9.31 -21.10 11.52
C GLY A 2 -9.00 -20.30 10.25
N SER A 3 -8.33 -20.94 9.29
CA SER A 3 -7.96 -20.31 8.03
C SER A 3 -7.85 -21.34 6.91
N HIS A 4 -7.91 -20.86 5.66
CA HIS A 4 -7.82 -21.71 4.48
C HIS A 4 -6.37 -22.16 4.26
N MET A 5 -6.18 -23.10 3.34
CA MET A 5 -4.86 -23.64 3.01
C MET A 5 -3.97 -22.61 2.31
N SER A 6 -4.53 -21.44 1.98
CA SER A 6 -3.80 -20.37 1.33
C SER A 6 -4.49 -19.04 1.64
N THR A 7 -3.80 -17.92 1.38
CA THR A 7 -4.34 -16.59 1.65
C THR A 7 -3.80 -15.51 0.71
N GLN A 8 -4.39 -14.31 0.79
CA GLN A 8 -4.09 -13.18 -0.07
C GLN A 8 -2.64 -12.69 0.04
N TYR A 9 -1.94 -13.09 1.11
CA TYR A 9 -0.60 -12.62 1.42
C TYR A 9 0.27 -13.67 2.09
N ILE A 10 1.48 -13.28 2.51
CA ILE A 10 2.40 -14.18 3.19
C ILE A 10 1.87 -14.54 4.57
N ASP A 11 1.89 -13.59 5.50
CA ASP A 11 1.42 -13.82 6.86
C ASP A 11 1.17 -12.48 7.54
N GLU A 12 0.94 -11.42 6.76
CA GLU A 12 0.76 -10.04 7.22
C GLU A 12 1.88 -9.55 8.13
N THR A 13 3.03 -10.25 8.13
CA THR A 13 4.23 -9.84 8.84
C THR A 13 5.50 -9.88 7.98
N ALA A 14 5.35 -10.14 6.68
CA ALA A 14 6.47 -10.16 5.75
C ALA A 14 7.20 -8.82 5.71
N PHE A 15 8.42 -8.81 5.16
CA PHE A 15 9.23 -7.61 5.09
C PHE A 15 10.19 -7.80 3.91
N VAL A 16 10.97 -6.75 3.63
CA VAL A 16 11.95 -6.73 2.56
C VAL A 16 13.14 -5.94 3.08
N GLN A 17 14.33 -6.26 2.57
CA GLN A 17 15.56 -5.63 2.98
C GLN A 17 16.54 -5.53 1.80
N ALA A 18 17.63 -4.80 2.01
CA ALA A 18 18.68 -4.60 1.03
C ALA A 18 19.25 -5.94 0.54
N GLU A 19 19.95 -5.92 -0.60
CA GLU A 19 20.44 -7.12 -1.26
C GLU A 19 21.34 -7.96 -0.35
N GLN A 20 22.24 -7.32 0.39
CA GLN A 20 23.13 -7.99 1.34
C GLN A 20 23.73 -7.00 2.34
N GLY A 21 23.80 -5.71 1.96
CA GLY A 21 24.37 -4.68 2.82
C GLY A 21 24.17 -3.28 2.25
N LYS A 22 23.30 -3.13 1.24
CA LYS A 22 23.05 -1.85 0.59
C LYS A 22 22.43 -0.90 1.60
N THR A 23 22.62 0.41 1.40
CA THR A 23 22.06 1.41 2.30
C THR A 23 20.58 1.72 2.13
N ASN A 24 19.96 1.21 1.07
CA ASN A 24 18.57 1.50 0.76
C ASN A 24 17.89 0.36 0.00
N LEU A 25 16.55 0.39 -0.01
CA LEU A 25 15.75 -0.54 -0.80
C LEU A 25 15.46 0.07 -2.18
N MET A 26 15.92 1.30 -2.41
CA MET A 26 15.73 1.96 -3.70
C MET A 26 16.35 1.16 -4.84
N PHE A 27 15.80 1.30 -6.04
CA PHE A 27 16.21 0.50 -7.19
C PHE A 27 17.34 1.05 -8.05
N SER A 28 18.11 0.14 -8.66
CA SER A 28 19.24 0.46 -9.52
C SER A 28 18.79 0.61 -10.98
N ASP A 29 17.49 0.60 -11.22
CA ASP A 29 16.91 0.70 -12.56
C ASP A 29 15.73 1.66 -12.60
N GLU A 30 15.69 2.53 -13.62
CA GLU A 30 14.68 3.58 -13.71
C GLU A 30 13.29 2.97 -13.92
N LYS A 31 13.22 1.74 -14.43
CA LYS A 31 11.96 1.05 -14.62
C LYS A 31 11.47 0.46 -13.31
N GLN A 32 12.38 -0.11 -12.53
CA GLN A 32 12.03 -0.69 -11.23
C GLN A 32 11.62 0.40 -10.25
N GLN A 33 12.37 1.51 -10.22
CA GLN A 33 12.11 2.57 -9.26
C GLN A 33 10.84 3.33 -9.61
N ALA A 34 10.40 3.28 -10.87
CA ALA A 34 9.15 3.90 -11.29
C ALA A 34 7.97 2.96 -11.06
N ARG A 35 8.14 1.67 -11.37
CA ARG A 35 7.08 0.70 -11.19
C ARG A 35 6.80 0.43 -9.71
N PHE A 36 7.82 0.54 -8.86
CA PHE A 36 7.60 0.37 -7.43
C PHE A 36 6.75 1.46 -6.79
N GLU A 37 6.95 2.71 -7.23
CA GLU A 37 6.20 3.83 -6.68
C GLU A 37 4.75 3.80 -7.13
N LEU A 38 4.49 3.24 -8.31
CA LEU A 38 3.13 3.08 -8.81
C LEU A 38 2.44 1.94 -8.06
N GLY A 39 3.17 0.87 -7.76
CA GLY A 39 2.60 -0.30 -7.11
C GLY A 39 2.17 -0.01 -5.68
N VAL A 40 2.90 0.86 -4.97
CA VAL A 40 2.55 1.21 -3.60
C VAL A 40 1.31 2.09 -3.60
N SER A 41 1.13 2.92 -4.64
CA SER A 41 -0.02 3.80 -4.74
C SER A 41 -1.30 2.99 -4.86
N MET A 42 -1.30 1.95 -5.70
CA MET A 42 -2.47 1.10 -5.87
C MET A 42 -2.83 0.31 -4.61
N VAL A 43 -1.93 0.27 -3.61
CA VAL A 43 -2.21 -0.44 -2.37
C VAL A 43 -2.87 0.51 -1.37
N ILE A 44 -2.62 1.82 -1.50
CA ILE A 44 -3.25 2.80 -0.63
C ILE A 44 -4.67 3.08 -1.14
N TYR A 45 -4.86 3.02 -2.46
CA TYR A 45 -6.16 3.20 -3.08
C TYR A 45 -7.19 2.09 -2.85
N LYS A 46 -6.79 1.03 -2.14
CA LYS A 46 -7.69 -0.06 -1.79
C LYS A 46 -7.92 -0.13 -0.28
N TRP A 47 -7.32 0.77 0.50
CA TRP A 47 -7.48 0.76 1.95
C TRP A 47 -8.85 1.30 2.33
N ASP A 48 -9.60 0.51 3.11
CA ASP A 48 -10.95 0.87 3.53
C ASP A 48 -11.07 2.11 4.40
N ALA A 49 -10.20 2.23 5.41
CA ALA A 49 -10.27 3.34 6.34
C ALA A 49 -9.99 4.67 5.64
N LEU A 50 -9.23 4.64 4.53
CA LEU A 50 -8.97 5.84 3.76
C LEU A 50 -10.15 6.12 2.84
N ASP A 51 -10.71 5.07 2.24
CA ASP A 51 -11.85 5.22 1.32
C ASP A 51 -13.13 5.74 1.95
N VAL A 52 -13.34 5.46 3.24
CA VAL A 52 -14.49 6.00 3.97
C VAL A 52 -14.20 7.41 4.48
N ALA A 53 -12.93 7.77 4.64
CA ALA A 53 -12.56 9.09 5.15
C ALA A 53 -12.81 10.17 4.09
N VAL A 54 -12.64 9.82 2.81
CA VAL A 54 -12.90 10.74 1.72
C VAL A 54 -14.38 10.76 1.36
N GLU A 55 -15.11 9.68 1.65
CA GLU A 55 -16.53 9.60 1.34
C GLU A 55 -17.39 10.27 2.42
N ASN A 56 -17.02 10.10 3.68
CA ASN A 56 -17.71 10.75 4.78
C ASN A 56 -17.13 12.15 5.04
N SER A 57 -16.09 12.53 4.30
CA SER A 57 -15.46 13.84 4.39
C SER A 57 -15.04 14.16 5.82
N TRP A 58 -14.21 13.28 6.40
CA TRP A 58 -13.66 13.49 7.74
C TRP A 58 -12.68 14.66 7.75
N GLY A 59 -12.29 15.16 6.57
CA GLY A 59 -11.38 16.27 6.41
C GLY A 59 -12.05 17.40 5.64
N GLY A 60 -11.25 18.18 4.90
CA GLY A 60 -11.73 19.27 4.08
C GLY A 60 -12.21 18.77 2.72
N PRO A 61 -12.55 19.68 1.80
CA PRO A 61 -12.97 19.32 0.44
C PRO A 61 -11.81 18.70 -0.33
N ASP A 62 -10.59 18.81 0.20
CA ASP A 62 -9.38 18.24 -0.37
C ASP A 62 -9.10 16.80 0.07
N SER A 63 -10.09 16.14 0.68
CA SER A 63 -9.93 14.77 1.17
C SER A 63 -9.57 13.81 0.04
N ALA A 64 -9.94 14.15 -1.20
CA ALA A 64 -9.64 13.35 -2.38
C ALA A 64 -8.20 13.58 -2.86
N GLU A 65 -7.53 14.60 -2.33
CA GLU A 65 -6.15 14.92 -2.70
C GLU A 65 -5.16 14.53 -1.60
N LYS A 66 -5.60 14.50 -0.34
CA LYS A 66 -4.74 14.13 0.78
C LYS A 66 -4.32 12.67 0.71
N ARG A 67 -5.08 11.84 -0.01
CA ARG A 67 -4.76 10.42 -0.15
C ARG A 67 -3.57 10.20 -1.08
N ASP A 68 -3.17 11.22 -1.84
CA ASP A 68 -2.05 11.13 -2.76
C ASP A 68 -0.73 11.25 -1.98
N TRP A 69 -0.79 11.77 -0.75
CA TRP A 69 0.39 11.91 0.09
C TRP A 69 0.66 10.69 0.96
N ILE A 70 -0.38 9.89 1.24
CA ILE A 70 -0.26 8.72 2.08
C ILE A 70 0.62 7.66 1.42
N THR A 71 0.68 7.64 0.09
CA THR A 71 1.54 6.70 -0.63
C THR A 71 2.98 7.22 -0.76
N GLY A 72 3.17 8.54 -0.69
CA GLY A 72 4.48 9.13 -0.86
C GLY A 72 5.37 8.86 0.36
N ILE A 73 4.77 8.91 1.56
CA ILE A 73 5.50 8.70 2.80
C ILE A 73 5.81 7.23 3.02
N VAL A 74 5.05 6.33 2.37
CA VAL A 74 5.32 4.89 2.48
C VAL A 74 6.53 4.54 1.63
N VAL A 75 6.68 5.19 0.46
CA VAL A 75 7.85 4.98 -0.38
C VAL A 75 9.07 5.60 0.31
N ASP A 76 8.85 6.62 1.14
CA ASP A 76 9.91 7.28 1.87
C ASP A 76 10.60 6.41 2.93
N LEU A 77 10.02 5.25 3.23
CA LEU A 77 10.65 4.30 4.14
C LEU A 77 11.73 3.50 3.40
N PHE A 78 11.53 3.30 2.10
CA PHE A 78 12.41 2.49 1.27
C PHE A 78 13.69 3.23 0.85
N LYS A 79 13.67 4.56 0.99
CA LYS A 79 14.80 5.42 0.62
C LYS A 79 15.50 6.02 1.83
N ASN A 80 15.07 5.67 3.05
CA ASN A 80 15.71 6.15 4.27
C ASN A 80 16.11 5.00 5.20
N GLU A 81 15.84 3.75 4.80
CA GLU A 81 16.21 2.57 5.57
C GLU A 81 16.64 1.44 4.64
N LYS A 82 17.47 0.53 5.15
CA LYS A 82 17.93 -0.63 4.40
C LYS A 82 17.04 -1.85 4.62
N VAL A 83 15.88 -1.65 5.25
CA VAL A 83 14.89 -2.70 5.46
C VAL A 83 13.59 -2.04 5.89
N VAL A 84 12.46 -2.62 5.47
CA VAL A 84 11.12 -2.15 5.82
C VAL A 84 10.23 -3.38 6.00
N ASP A 85 9.32 -3.35 6.97
CA ASP A 85 8.41 -4.46 7.20
C ASP A 85 6.97 -3.97 7.29
N ALA A 86 6.01 -4.90 7.31
CA ALA A 86 4.60 -4.53 7.39
C ALA A 86 4.25 -3.96 8.76
N ALA A 87 5.17 -4.02 9.73
CA ALA A 87 4.90 -3.56 11.09
C ALA A 87 5.10 -2.06 11.25
N LEU A 88 6.15 -1.48 10.66
CA LEU A 88 6.35 -0.04 10.77
C LEU A 88 5.57 0.70 9.69
N ILE A 89 5.11 0.00 8.66
CA ILE A 89 4.24 0.61 7.65
C ILE A 89 2.85 0.81 8.25
N GLU A 90 2.39 -0.14 9.07
CA GLU A 90 1.08 -0.06 9.71
C GLU A 90 0.91 1.23 10.49
N GLU A 91 1.89 1.60 11.32
CA GLU A 91 1.75 2.81 12.12
C GLU A 91 1.90 4.06 11.26
N THR A 92 2.64 3.98 10.15
CA THR A 92 2.81 5.10 9.25
C THR A 92 1.52 5.40 8.49
N LEU A 93 0.74 4.37 8.16
CA LEU A 93 -0.55 4.52 7.50
C LEU A 93 -1.54 5.15 8.47
N LEU A 94 -1.57 4.67 9.71
CA LEU A 94 -2.48 5.16 10.73
C LEU A 94 -2.15 6.62 11.06
N TYR A 95 -0.90 6.90 11.45
CA TYR A 95 -0.52 8.25 11.83
C TYR A 95 -0.66 9.31 10.74
N ALA A 96 -0.55 8.91 9.47
CA ALA A 96 -0.66 9.84 8.37
C ALA A 96 -2.11 10.22 8.12
N MET A 97 -3.06 9.30 8.30
CA MET A 97 -4.45 9.62 8.08
C MET A 97 -5.06 10.24 9.34
N ILE A 98 -4.43 10.04 10.50
CA ILE A 98 -4.88 10.69 11.73
C ILE A 98 -4.54 12.17 11.65
N ASP A 99 -3.43 12.49 10.99
CA ASP A 99 -2.97 13.86 10.80
C ASP A 99 -3.71 14.63 9.71
N GLU A 100 -4.69 14.00 9.06
CA GLU A 100 -5.48 14.62 7.99
C GLU A 100 -6.97 14.30 8.11
N PHE A 101 -7.35 13.33 8.96
CA PHE A 101 -8.74 12.94 9.13
C PHE A 101 -9.12 12.72 10.60
N GLU A 102 -8.14 12.74 11.50
CA GLU A 102 -8.35 12.58 12.94
C GLU A 102 -9.17 11.34 13.28
N THR A 103 -9.07 10.30 12.46
CA THR A 103 -9.89 9.10 12.59
C THR A 103 -9.53 8.28 13.84
N ASN A 104 -8.27 8.35 14.29
CA ASN A 104 -7.80 7.55 15.42
C ASN A 104 -8.02 6.05 15.19
N VAL A 105 -8.24 5.65 13.94
CA VAL A 105 -8.60 4.29 13.52
C VAL A 105 -7.89 3.18 14.31
N GLU A 106 -8.66 2.16 14.71
CA GLU A 106 -8.18 1.01 15.46
C GLU A 106 -8.74 -0.29 14.85
N ASP A 107 -9.38 -0.19 13.68
CA ASP A 107 -10.01 -1.33 13.03
C ASP A 107 -9.04 -2.36 12.45
N ASP A 108 -7.73 -2.14 12.61
CA ASP A 108 -6.70 -3.02 12.07
C ASP A 108 -6.73 -3.22 10.55
N SER A 109 -7.46 -2.35 9.85
CA SER A 109 -7.59 -2.45 8.40
C SER A 109 -6.29 -2.11 7.67
N ALA A 110 -5.29 -1.58 8.38
CA ALA A 110 -4.01 -1.22 7.77
C ALA A 110 -3.05 -2.40 7.72
N LEU A 111 -3.34 -3.49 8.43
CA LEU A 111 -2.46 -4.65 8.46
C LEU A 111 -2.38 -5.34 7.10
N PRO A 112 -3.50 -5.68 6.44
CA PRO A 112 -3.47 -6.30 5.13
C PRO A 112 -2.98 -5.32 4.06
N ILE A 113 -3.03 -4.01 4.35
CA ILE A 113 -2.54 -3.01 3.41
C ILE A 113 -1.02 -2.90 3.52
N ALA A 114 -0.48 -3.03 4.74
CA ALA A 114 0.94 -2.88 4.97
C ALA A 114 1.74 -4.00 4.31
N VAL A 115 1.22 -5.23 4.35
CA VAL A 115 1.91 -6.35 3.72
C VAL A 115 1.81 -6.29 2.20
N GLU A 116 0.77 -5.66 1.66
CA GLU A 116 0.64 -5.54 0.22
C GLU A 116 1.66 -4.56 -0.34
N VAL A 117 2.15 -3.61 0.48
CA VAL A 117 3.20 -2.70 0.07
C VAL A 117 4.50 -3.47 -0.03
N ILE A 118 4.68 -4.50 0.81
CA ILE A 118 5.89 -5.31 0.81
C ILE A 118 5.94 -6.17 -0.45
N ASN A 119 4.77 -6.60 -0.93
CA ASN A 119 4.69 -7.46 -2.11
C ASN A 119 5.11 -6.73 -3.38
N ILE A 120 4.98 -5.40 -3.39
CA ILE A 120 5.35 -4.61 -4.57
C ILE A 120 6.86 -4.69 -4.80
N TYR A 121 7.65 -4.77 -3.73
CA TYR A 121 9.10 -4.83 -3.84
C TYR A 121 9.63 -6.14 -4.41
N ASN A 122 9.00 -7.25 -4.02
CA ASN A 122 9.41 -8.57 -4.46
C ASN A 122 8.99 -8.81 -5.92
N ASP A 123 7.86 -8.24 -6.34
CA ASP A 123 7.42 -8.34 -7.72
C ASP A 123 8.16 -7.38 -8.66
N CYS A 124 8.68 -6.29 -8.10
CA CYS A 124 9.50 -5.34 -8.84
C CYS A 124 10.88 -5.93 -9.09
N PHE A 125 11.33 -6.85 -8.22
CA PHE A 125 12.60 -7.52 -8.34
C PHE A 125 12.66 -8.65 -9.38
N ASN A 126 11.50 -9.24 -9.69
CA ASN A 126 11.39 -10.32 -10.66
C ASN A 126 10.98 -9.79 -12.03
N LEU A 127 10.76 -8.47 -12.14
CA LEU A 127 10.38 -7.81 -13.37
C LEU A 127 9.08 -8.35 -13.98
N ASN A 128 8.33 -9.15 -13.23
CA ASN A 128 7.09 -9.72 -13.74
C ASN A 128 5.99 -8.66 -13.74
N TYR A 129 6.12 -7.66 -12.85
CA TYR A 129 5.21 -6.52 -12.73
C TYR A 129 3.72 -6.88 -12.65
N ASN A 130 3.42 -8.13 -12.27
CA ASN A 130 2.07 -8.68 -12.38
C ASN A 130 1.07 -7.94 -11.50
N LYS A 131 1.49 -7.44 -10.34
CA LYS A 131 0.58 -6.79 -9.41
C LYS A 131 0.42 -5.29 -9.69
N VAL A 132 1.51 -4.60 -10.02
CA VAL A 132 1.44 -3.17 -10.29
C VAL A 132 0.72 -2.91 -11.61
N GLU A 133 0.84 -3.83 -12.57
CA GLU A 133 0.23 -3.65 -13.88
C GLU A 133 -1.27 -3.90 -13.85
N LYS A 134 -1.74 -4.85 -13.04
CA LYS A 134 -3.15 -5.20 -13.02
C LYS A 134 -3.93 -4.25 -12.12
N LEU A 135 -3.36 -3.83 -10.99
CA LEU A 135 -4.07 -2.96 -10.07
C LEU A 135 -4.26 -1.58 -10.68
N TYR A 136 -3.37 -1.19 -11.60
CA TYR A 136 -3.50 0.09 -12.29
C TYR A 136 -4.67 0.18 -13.25
N LEU A 137 -5.16 -0.97 -13.71
CA LEU A 137 -6.31 -1.06 -14.60
C LEU A 137 -7.60 -1.15 -13.81
N GLU A 138 -7.56 -1.90 -12.71
CA GLU A 138 -8.70 -2.09 -11.82
C GLU A 138 -8.94 -0.84 -10.98
N TRP A 139 -8.02 0.11 -11.02
CA TRP A 139 -8.13 1.40 -10.34
C TRP A 139 -8.87 2.45 -11.16
N GLN A 140 -8.88 2.30 -12.48
CA GLN A 140 -9.50 3.28 -13.37
C GLN A 140 -11.01 3.32 -13.18
N GLU A 141 -11.62 2.21 -12.77
CA GLU A 141 -13.06 2.16 -12.58
C GLU A 141 -13.44 2.65 -11.18
N LYS A 142 -12.46 2.82 -10.30
CA LYS A 142 -12.73 3.28 -8.94
C LYS A 142 -12.91 4.79 -8.91
N GLN A 143 -12.35 5.50 -9.90
CA GLN A 143 -12.38 6.95 -9.91
C GLN A 143 -13.50 7.50 -10.81
N ARG A 144 -13.98 6.69 -11.76
CA ARG A 144 -15.02 7.13 -12.68
C ARG A 144 -16.41 7.09 -12.05
N THR A 145 -16.52 6.41 -10.90
CA THR A 145 -17.80 6.25 -10.20
C THR A 145 -17.70 6.26 -8.68
N LYS A 146 -16.47 6.33 -8.15
CA LYS A 146 -16.20 6.35 -6.70
C LYS A 146 -16.71 5.13 -5.95
N LYS A 147 -16.86 3.99 -6.64
CA LYS A 147 -17.26 2.72 -6.02
C LYS A 147 -16.15 1.69 -6.22
N SER A 148 -16.10 0.68 -5.35
CA SER A 148 -15.09 -0.37 -5.42
C SER A 148 -15.56 -1.63 -4.70
N LYS A 149 -14.96 -2.77 -5.07
CA LYS A 149 -15.23 -4.05 -4.44
C LYS A 149 -14.65 -4.06 -3.02
N ARG A 150 -15.28 -4.81 -2.10
CA ARG A 150 -14.85 -4.85 -0.71
C ARG A 150 -15.12 -6.21 -0.05
N VAL A 151 -15.48 -7.22 -0.85
CA VAL A 151 -15.71 -8.58 -0.36
C VAL A 151 -14.42 -9.34 -0.04
N VAL A 152 -13.28 -8.65 -0.13
CA VAL A 152 -11.97 -9.23 0.13
C VAL A 152 -11.80 -9.61 1.61
N HIS A 153 -12.69 -9.12 2.47
CA HIS A 153 -12.63 -9.40 3.91
C HIS A 153 -12.71 -10.90 4.17
N ILE A 154 -12.05 -11.35 5.24
CA ILE A 154 -12.07 -12.75 5.64
C ILE A 154 -13.45 -13.10 6.23
N GLU A 155 -13.85 -14.38 6.11
CA GLU A 155 -15.15 -14.84 6.58
C GLU A 155 -15.21 -14.97 8.10
N GLY A 156 -14.10 -14.69 8.80
CA GLY A 156 -14.03 -14.75 10.25
C GLY A 156 -14.10 -16.19 10.75
N SER A 1 -11.12 -30.46 2.80
CA SER A 1 -12.23 -30.10 1.91
C SER A 1 -11.72 -29.50 0.60
N GLY A 2 -11.08 -28.32 0.67
CA GLY A 2 -10.55 -27.65 -0.50
C GLY A 2 -9.87 -26.34 -0.12
N SER A 3 -9.36 -25.63 -1.12
CA SER A 3 -8.66 -24.36 -0.94
C SER A 3 -8.73 -23.51 -2.20
N HIS A 4 -8.59 -22.19 -2.04
CA HIS A 4 -8.60 -21.26 -3.16
C HIS A 4 -7.28 -21.31 -3.94
N MET A 5 -6.27 -21.99 -3.38
CA MET A 5 -4.95 -22.17 -3.99
C MET A 5 -4.30 -20.83 -4.35
N SER A 6 -4.73 -19.74 -3.71
CA SER A 6 -4.20 -18.41 -3.97
C SER A 6 -4.46 -17.51 -2.77
N THR A 7 -3.74 -16.39 -2.67
CA THR A 7 -3.87 -15.44 -1.57
C THR A 7 -3.46 -14.03 -1.98
N GLN A 8 -3.92 -13.03 -1.21
CA GLN A 8 -3.60 -11.63 -1.49
C GLN A 8 -2.30 -11.20 -0.79
N TYR A 9 -1.79 -12.00 0.15
CA TYR A 9 -0.56 -11.65 0.86
C TYR A 9 0.05 -12.88 1.51
N ILE A 10 1.29 -12.73 1.99
CA ILE A 10 2.07 -13.80 2.60
C ILE A 10 1.53 -14.18 3.97
N ASP A 11 1.78 -13.33 4.97
CA ASP A 11 1.43 -13.56 6.36
C ASP A 11 1.08 -12.32 7.18
N GLU A 12 0.86 -11.19 6.48
CA GLU A 12 0.63 -9.87 7.06
C GLU A 12 1.73 -9.44 8.05
N THR A 13 2.86 -10.13 8.03
CA THR A 13 4.06 -9.79 8.80
C THR A 13 5.35 -9.88 8.00
N ALA A 14 5.24 -10.07 6.69
CA ALA A 14 6.38 -10.14 5.78
C ALA A 14 7.15 -8.83 5.75
N PHE A 15 8.35 -8.86 5.16
CA PHE A 15 9.20 -7.68 5.10
C PHE A 15 10.14 -7.88 3.90
N VAL A 16 10.95 -6.84 3.63
CA VAL A 16 11.92 -6.83 2.55
C VAL A 16 13.13 -6.06 3.07
N GLN A 17 14.30 -6.39 2.56
CA GLN A 17 15.55 -5.78 2.98
C GLN A 17 16.53 -5.68 1.81
N ALA A 18 17.63 -4.97 2.05
CA ALA A 18 18.71 -4.79 1.08
C ALA A 18 19.26 -6.13 0.59
N GLU A 19 19.98 -6.10 -0.53
CA GLU A 19 20.48 -7.31 -1.20
C GLU A 19 21.33 -8.16 -0.28
N GLN A 20 22.24 -7.54 0.46
CA GLN A 20 23.11 -8.22 1.43
C GLN A 20 23.73 -7.24 2.42
N GLY A 21 23.82 -5.96 2.06
CA GLY A 21 24.41 -4.93 2.91
C GLY A 21 24.23 -3.53 2.34
N LYS A 22 23.35 -3.36 1.35
CA LYS A 22 23.13 -2.08 0.69
C LYS A 22 22.49 -1.11 1.69
N THR A 23 22.68 0.18 1.50
CA THR A 23 22.11 1.18 2.39
C THR A 23 20.63 1.48 2.21
N ASN A 24 20.02 0.98 1.12
CA ASN A 24 18.64 1.27 0.80
C ASN A 24 17.97 0.13 0.02
N LEU A 25 16.64 0.15 0.01
CA LEU A 25 15.82 -0.76 -0.79
C LEU A 25 15.55 -0.15 -2.16
N MET A 26 16.02 1.08 -2.40
CA MET A 26 15.82 1.76 -3.68
C MET A 26 16.44 0.97 -4.82
N PHE A 27 15.83 1.10 -6.01
CA PHE A 27 16.24 0.38 -7.20
C PHE A 27 17.31 1.04 -8.06
N SER A 28 18.02 0.23 -8.86
CA SER A 28 19.08 0.70 -9.74
C SER A 28 18.57 0.96 -11.16
N ASP A 29 17.25 1.08 -11.33
CA ASP A 29 16.65 1.24 -12.65
C ASP A 29 15.40 2.13 -12.59
N GLU A 30 15.27 3.06 -13.53
CA GLU A 30 14.18 4.04 -13.53
C GLU A 30 12.83 3.36 -13.70
N LYS A 31 12.81 2.17 -14.30
CA LYS A 31 11.59 1.41 -14.49
C LYS A 31 11.21 0.66 -13.21
N GLN A 32 12.21 0.17 -12.48
CA GLN A 32 11.97 -0.53 -11.22
C GLN A 32 11.50 0.47 -10.17
N GLN A 33 11.98 1.71 -10.25
CA GLN A 33 11.53 2.77 -9.36
C GLN A 33 10.16 3.31 -9.77
N ALA A 34 9.89 3.43 -11.08
CA ALA A 34 8.61 3.92 -11.53
C ALA A 34 7.49 2.91 -11.24
N ARG A 35 7.78 1.62 -11.46
CA ARG A 35 6.81 0.58 -11.20
C ARG A 35 6.63 0.37 -9.70
N PHE A 36 7.67 0.60 -8.90
CA PHE A 36 7.54 0.48 -7.46
C PHE A 36 6.71 1.58 -6.81
N GLU A 37 6.87 2.83 -7.27
CA GLU A 37 6.14 3.95 -6.74
C GLU A 37 4.67 3.88 -7.16
N LEU A 38 4.40 3.33 -8.35
CA LEU A 38 3.03 3.13 -8.80
C LEU A 38 2.39 2.00 -8.02
N GLY A 39 3.16 0.94 -7.74
CA GLY A 39 2.62 -0.22 -7.04
C GLY A 39 2.21 0.12 -5.61
N VAL A 40 3.01 0.92 -4.91
CA VAL A 40 2.69 1.32 -3.55
C VAL A 40 1.47 2.24 -3.56
N SER A 41 1.34 3.05 -4.62
CA SER A 41 0.20 3.96 -4.73
C SER A 41 -1.10 3.19 -4.90
N MET A 42 -1.07 2.09 -5.65
CA MET A 42 -2.27 1.29 -5.86
C MET A 42 -2.67 0.51 -4.60
N VAL A 43 -1.80 0.44 -3.59
CA VAL A 43 -2.11 -0.26 -2.36
C VAL A 43 -2.80 0.69 -1.38
N ILE A 44 -2.51 2.00 -1.47
CA ILE A 44 -3.18 2.97 -0.62
C ILE A 44 -4.58 3.24 -1.15
N TYR A 45 -4.78 3.08 -2.46
CA TYR A 45 -6.07 3.26 -3.09
C TYR A 45 -7.10 2.15 -2.86
N LYS A 46 -6.69 1.08 -2.16
CA LYS A 46 -7.59 -0.02 -1.80
C LYS A 46 -7.84 -0.07 -0.28
N TRP A 47 -7.26 0.85 0.48
CA TRP A 47 -7.41 0.83 1.93
C TRP A 47 -8.80 1.32 2.35
N ASP A 48 -9.48 0.51 3.17
CA ASP A 48 -10.82 0.82 3.63
C ASP A 48 -10.96 2.07 4.47
N ALA A 49 -10.08 2.25 5.46
CA ALA A 49 -10.18 3.38 6.37
C ALA A 49 -9.97 4.69 5.62
N LEU A 50 -9.20 4.66 4.52
CA LEU A 50 -9.00 5.86 3.71
C LEU A 50 -10.21 6.05 2.79
N ASP A 51 -10.74 4.95 2.27
CA ASP A 51 -11.91 4.98 1.39
C ASP A 51 -13.21 5.41 2.06
N VAL A 52 -13.35 5.23 3.38
CA VAL A 52 -14.50 5.73 4.10
C VAL A 52 -14.27 7.16 4.60
N ALA A 53 -13.01 7.58 4.73
CA ALA A 53 -12.69 8.92 5.19
C ALA A 53 -13.05 9.94 4.10
N VAL A 54 -12.94 9.53 2.84
CA VAL A 54 -13.30 10.37 1.71
C VAL A 54 -14.81 10.30 1.43
N GLU A 55 -15.47 9.21 1.82
CA GLU A 55 -16.90 9.05 1.61
C GLU A 55 -17.70 9.78 2.68
N ASN A 56 -17.25 9.73 3.94
CA ASN A 56 -17.91 10.40 5.05
C ASN A 56 -17.36 11.81 5.27
N SER A 57 -16.35 12.20 4.47
CA SER A 57 -15.75 13.53 4.53
C SER A 57 -15.27 13.86 5.95
N TRP A 58 -14.40 13.00 6.49
CA TRP A 58 -13.79 13.19 7.80
C TRP A 58 -12.82 14.38 7.81
N GLY A 59 -12.69 15.07 6.67
CA GLY A 59 -11.78 16.20 6.52
C GLY A 59 -12.31 17.19 5.49
N GLY A 60 -11.40 17.85 4.78
CA GLY A 60 -11.75 18.85 3.78
C GLY A 60 -12.27 18.20 2.49
N PRO A 61 -12.67 19.02 1.50
CA PRO A 61 -13.19 18.55 0.23
C PRO A 61 -12.10 17.89 -0.61
N ASP A 62 -10.84 18.11 -0.27
CA ASP A 62 -9.70 17.48 -0.95
C ASP A 62 -9.40 16.08 -0.42
N SER A 63 -10.36 15.47 0.29
CA SER A 63 -10.18 14.16 0.91
C SER A 63 -9.95 13.06 -0.12
N ALA A 64 -10.29 13.29 -1.38
CA ALA A 64 -10.06 12.34 -2.45
C ALA A 64 -8.66 12.48 -3.03
N GLU A 65 -7.97 13.58 -2.72
CA GLU A 65 -6.65 13.88 -3.22
C GLU A 65 -5.57 13.75 -2.14
N LYS A 66 -5.93 13.92 -0.86
CA LYS A 66 -4.97 13.85 0.24
C LYS A 66 -4.29 12.48 0.32
N ARG A 67 -4.89 11.45 -0.29
CA ARG A 67 -4.31 10.12 -0.34
C ARG A 67 -3.04 10.09 -1.20
N ASP A 68 -2.77 11.14 -1.98
CA ASP A 68 -1.59 11.16 -2.83
C ASP A 68 -0.31 11.35 -2.00
N TRP A 69 -0.43 11.76 -0.74
CA TRP A 69 0.70 11.93 0.16
C TRP A 69 0.91 10.72 1.06
N ILE A 70 -0.16 9.96 1.33
CA ILE A 70 -0.10 8.78 2.17
C ILE A 70 0.77 7.71 1.51
N THR A 71 0.85 7.71 0.18
CA THR A 71 1.70 6.78 -0.55
C THR A 71 3.15 7.27 -0.64
N GLY A 72 3.36 8.59 -0.57
CA GLY A 72 4.69 9.16 -0.72
C GLY A 72 5.56 8.87 0.50
N ILE A 73 4.96 8.94 1.69
CA ILE A 73 5.67 8.69 2.93
C ILE A 73 5.97 7.20 3.12
N VAL A 74 5.20 6.33 2.46
CA VAL A 74 5.45 4.89 2.51
C VAL A 74 6.65 4.53 1.66
N VAL A 75 6.82 5.19 0.51
CA VAL A 75 7.97 4.98 -0.35
C VAL A 75 9.21 5.57 0.34
N ASP A 76 9.00 6.58 1.18
CA ASP A 76 10.09 7.21 1.92
C ASP A 76 10.76 6.32 2.96
N LEU A 77 10.17 5.16 3.26
CA LEU A 77 10.77 4.19 4.18
C LEU A 77 11.84 3.38 3.44
N PHE A 78 11.63 3.17 2.14
CA PHE A 78 12.51 2.36 1.30
C PHE A 78 13.79 3.08 0.88
N LYS A 79 13.80 4.41 1.00
CA LYS A 79 14.94 5.24 0.64
C LYS A 79 15.64 5.85 1.86
N ASN A 80 15.21 5.49 3.07
CA ASN A 80 15.85 5.95 4.30
C ASN A 80 16.23 4.79 5.24
N GLU A 81 15.95 3.56 4.84
CA GLU A 81 16.30 2.37 5.63
C GLU A 81 16.71 1.23 4.70
N LYS A 82 17.54 0.32 5.20
CA LYS A 82 17.99 -0.85 4.46
C LYS A 82 17.08 -2.04 4.68
N VAL A 83 15.91 -1.83 5.30
CA VAL A 83 14.91 -2.87 5.50
C VAL A 83 13.62 -2.19 5.94
N VAL A 84 12.48 -2.74 5.50
CA VAL A 84 11.16 -2.24 5.85
C VAL A 84 10.24 -3.45 6.01
N ASP A 85 9.32 -3.42 6.98
CA ASP A 85 8.41 -4.52 7.22
C ASP A 85 6.97 -4.03 7.30
N ALA A 86 6.01 -4.95 7.32
CA ALA A 86 4.61 -4.59 7.40
C ALA A 86 4.25 -4.03 8.78
N ALA A 87 5.19 -4.04 9.74
CA ALA A 87 4.91 -3.59 11.09
C ALA A 87 5.11 -2.08 11.25
N LEU A 88 6.18 -1.51 10.69
CA LEU A 88 6.38 -0.07 10.81
C LEU A 88 5.62 0.70 9.74
N ILE A 89 5.12 -0.01 8.71
CA ILE A 89 4.26 0.61 7.71
C ILE A 89 2.86 0.79 8.29
N GLU A 90 2.40 -0.19 9.07
CA GLU A 90 1.07 -0.19 9.66
C GLU A 90 0.84 1.02 10.57
N GLU A 91 1.87 1.49 11.29
CA GLU A 91 1.69 2.66 12.13
C GLU A 91 1.84 3.95 11.32
N THR A 92 2.62 3.92 10.23
CA THR A 92 2.81 5.09 9.39
C THR A 92 1.55 5.43 8.61
N LEU A 93 0.77 4.41 8.23
CA LEU A 93 -0.49 4.60 7.53
C LEU A 93 -1.49 5.25 8.49
N LEU A 94 -1.54 4.76 9.74
CA LEU A 94 -2.46 5.26 10.74
C LEU A 94 -2.13 6.72 11.07
N TYR A 95 -0.90 6.99 11.48
CA TYR A 95 -0.50 8.34 11.86
C TYR A 95 -0.59 9.39 10.75
N ALA A 96 -0.50 8.96 9.50
CA ALA A 96 -0.57 9.87 8.37
C ALA A 96 -2.03 10.26 8.09
N MET A 97 -2.99 9.35 8.29
CA MET A 97 -4.38 9.68 8.04
C MET A 97 -4.98 10.33 9.29
N ILE A 98 -4.35 10.17 10.46
CA ILE A 98 -4.78 10.86 11.66
C ILE A 98 -4.41 12.34 11.57
N ASP A 99 -3.35 12.66 10.84
CA ASP A 99 -2.88 14.03 10.67
C ASP A 99 -3.72 14.73 9.58
N GLU A 100 -4.67 14.03 8.94
CA GLU A 100 -5.47 14.59 7.86
C GLU A 100 -6.96 14.25 7.98
N PHE A 101 -7.32 13.32 8.87
CA PHE A 101 -8.71 12.91 9.08
C PHE A 101 -9.10 12.74 10.55
N GLU A 102 -8.11 12.79 11.45
CA GLU A 102 -8.30 12.67 12.89
C GLU A 102 -9.13 11.44 13.27
N THR A 103 -9.05 10.38 12.46
CA THR A 103 -9.89 9.20 12.63
C THR A 103 -9.49 8.40 13.87
N ASN A 104 -8.22 8.47 14.28
CA ASN A 104 -7.70 7.67 15.38
C ASN A 104 -7.90 6.17 15.15
N VAL A 105 -8.18 5.78 13.90
CA VAL A 105 -8.56 4.44 13.47
C VAL A 105 -7.93 3.29 14.28
N GLU A 106 -8.78 2.30 14.60
CA GLU A 106 -8.42 1.14 15.40
C GLU A 106 -8.94 -0.15 14.75
N ASP A 107 -9.50 -0.05 13.55
CA ASP A 107 -10.11 -1.17 12.84
C ASP A 107 -9.14 -2.23 12.31
N ASP A 108 -7.84 -2.04 12.54
CA ASP A 108 -6.80 -2.95 12.05
C ASP A 108 -6.77 -3.16 10.53
N SER A 109 -7.47 -2.30 9.78
CA SER A 109 -7.56 -2.42 8.33
C SER A 109 -6.25 -2.05 7.63
N ALA A 110 -5.27 -1.48 8.36
CA ALA A 110 -4.00 -1.11 7.77
C ALA A 110 -3.02 -2.29 7.74
N LEU A 111 -3.34 -3.39 8.43
CA LEU A 111 -2.46 -4.55 8.47
C LEU A 111 -2.35 -5.22 7.10
N PRO A 112 -3.47 -5.56 6.43
CA PRO A 112 -3.40 -6.16 5.10
C PRO A 112 -2.91 -5.17 4.06
N ILE A 113 -2.97 -3.86 4.36
CA ILE A 113 -2.47 -2.84 3.44
C ILE A 113 -0.96 -2.71 3.59
N ALA A 114 -0.44 -2.90 4.81
CA ALA A 114 0.98 -2.74 5.06
C ALA A 114 1.77 -3.85 4.37
N VAL A 115 1.23 -5.08 4.37
CA VAL A 115 1.90 -6.19 3.71
C VAL A 115 1.76 -6.12 2.20
N GLU A 116 0.70 -5.46 1.72
CA GLU A 116 0.51 -5.28 0.28
C GLU A 116 1.60 -4.36 -0.29
N VAL A 117 2.15 -3.47 0.53
CA VAL A 117 3.24 -2.59 0.11
C VAL A 117 4.51 -3.44 -0.03
N ILE A 118 4.67 -4.45 0.83
CA ILE A 118 5.84 -5.31 0.80
C ILE A 118 5.84 -6.16 -0.46
N ASN A 119 4.65 -6.52 -0.96
CA ASN A 119 4.53 -7.36 -2.15
C ASN A 119 4.98 -6.62 -3.40
N ILE A 120 4.93 -5.29 -3.40
CA ILE A 120 5.34 -4.51 -4.56
C ILE A 120 6.84 -4.62 -4.79
N TYR A 121 7.63 -4.70 -3.71
CA TYR A 121 9.08 -4.77 -3.84
C TYR A 121 9.59 -6.06 -4.47
N ASN A 122 8.96 -7.18 -4.09
CA ASN A 122 9.36 -8.49 -4.57
C ASN A 122 8.96 -8.70 -6.04
N ASP A 123 7.91 -8.01 -6.48
CA ASP A 123 7.49 -8.07 -7.89
C ASP A 123 8.20 -7.08 -8.81
N CYS A 124 8.69 -5.97 -8.25
CA CYS A 124 9.51 -5.03 -9.01
C CYS A 124 10.95 -5.51 -9.10
N PHE A 125 11.33 -6.47 -8.25
CA PHE A 125 12.64 -7.11 -8.30
C PHE A 125 12.77 -8.26 -9.30
N ASN A 126 11.64 -8.92 -9.61
CA ASN A 126 11.59 -10.01 -10.57
C ASN A 126 11.11 -9.52 -11.93
N LEU A 127 10.84 -8.21 -12.05
CA LEU A 127 10.41 -7.57 -13.29
C LEU A 127 9.14 -8.17 -13.89
N ASN A 128 8.40 -8.97 -13.11
CA ASN A 128 7.16 -9.57 -13.61
C ASN A 128 6.06 -8.50 -13.67
N TYR A 129 6.17 -7.48 -12.82
CA TYR A 129 5.26 -6.36 -12.73
C TYR A 129 3.77 -6.71 -12.63
N ASN A 130 3.45 -7.96 -12.30
CA ASN A 130 2.10 -8.48 -12.41
C ASN A 130 1.15 -7.81 -11.41
N LYS A 131 1.67 -7.41 -10.25
CA LYS A 131 0.84 -6.87 -9.17
C LYS A 131 0.56 -5.39 -9.37
N VAL A 132 1.56 -4.63 -9.84
CA VAL A 132 1.38 -3.20 -10.08
C VAL A 132 0.59 -2.97 -11.37
N GLU A 133 0.71 -3.88 -12.34
CA GLU A 133 0.06 -3.70 -13.63
C GLU A 133 -1.45 -3.95 -13.53
N LYS A 134 -1.87 -4.90 -12.69
CA LYS A 134 -3.28 -5.25 -12.60
C LYS A 134 -4.03 -4.28 -11.70
N LEU A 135 -3.40 -3.84 -10.60
CA LEU A 135 -4.06 -2.94 -9.67
C LEU A 135 -4.25 -1.56 -10.28
N TYR A 136 -3.44 -1.22 -11.30
CA TYR A 136 -3.61 0.02 -12.03
C TYR A 136 -4.88 0.06 -12.89
N LEU A 137 -5.40 -1.12 -13.24
CA LEU A 137 -6.63 -1.24 -14.00
C LEU A 137 -7.83 -1.15 -13.07
N GLU A 138 -7.67 -1.71 -11.86
CA GLU A 138 -8.69 -1.68 -10.82
C GLU A 138 -8.81 -0.28 -10.21
N TRP A 139 -7.94 0.63 -10.62
CA TRP A 139 -7.90 2.00 -10.14
C TRP A 139 -8.57 3.00 -11.10
N GLN A 140 -8.68 2.64 -12.38
CA GLN A 140 -9.28 3.53 -13.38
C GLN A 140 -10.74 3.79 -13.07
N GLU A 141 -11.42 2.84 -12.42
CA GLU A 141 -12.83 2.99 -12.09
C GLU A 141 -13.01 3.88 -10.87
N LYS A 142 -11.92 4.16 -10.14
CA LYS A 142 -11.99 5.01 -8.97
C LYS A 142 -11.91 6.48 -9.35
N GLN A 143 -11.33 6.77 -10.52
CA GLN A 143 -11.11 8.15 -10.95
C GLN A 143 -12.20 8.64 -11.90
N ARG A 144 -12.93 7.72 -12.54
CA ARG A 144 -14.03 8.08 -13.43
C ARG A 144 -15.25 8.55 -12.63
N THR A 145 -15.24 8.31 -11.32
CA THR A 145 -16.33 8.67 -10.42
C THR A 145 -15.88 9.20 -9.05
N LYS A 146 -14.57 9.34 -8.86
CA LYS A 146 -13.97 9.87 -7.62
C LYS A 146 -14.44 9.15 -6.36
N LYS A 147 -14.83 7.88 -6.48
CA LYS A 147 -15.28 7.04 -5.36
C LYS A 147 -14.69 5.64 -5.45
N SER A 148 -14.90 4.83 -4.42
CA SER A 148 -14.33 3.50 -4.33
C SER A 148 -15.31 2.53 -3.66
N LYS A 149 -14.92 1.27 -3.51
CA LYS A 149 -15.77 0.22 -2.95
C LYS A 149 -14.96 -0.69 -2.03
N ARG A 150 -15.67 -1.46 -1.21
CA ARG A 150 -15.07 -2.46 -0.32
C ARG A 150 -14.68 -3.70 -1.13
N VAL A 151 -15.11 -4.89 -0.69
CA VAL A 151 -14.80 -6.18 -1.30
C VAL A 151 -13.30 -6.44 -1.54
N VAL A 152 -12.43 -5.66 -0.89
CA VAL A 152 -10.99 -5.85 -0.95
C VAL A 152 -10.54 -7.03 -0.08
N HIS A 153 -11.44 -7.48 0.81
CA HIS A 153 -11.15 -8.54 1.77
C HIS A 153 -10.88 -9.87 1.08
N ILE A 154 -10.14 -10.76 1.76
CA ILE A 154 -9.82 -12.09 1.26
C ILE A 154 -11.10 -12.93 1.24
N GLU A 155 -11.11 -13.98 0.41
CA GLU A 155 -12.29 -14.82 0.20
C GLU A 155 -12.61 -15.70 1.42
N GLY A 156 -11.82 -15.59 2.49
CA GLY A 156 -12.02 -16.37 3.70
C GLY A 156 -10.91 -16.10 4.71
N SER A 1 7.10 -21.14 16.07
CA SER A 1 6.50 -21.99 15.02
C SER A 1 4.98 -22.07 15.17
N GLY A 2 4.29 -22.45 14.10
CA GLY A 2 2.84 -22.57 14.09
C GLY A 2 2.32 -23.03 12.74
N SER A 3 0.99 -23.20 12.63
CA SER A 3 0.35 -23.62 11.41
C SER A 3 0.37 -22.52 10.35
N HIS A 4 0.07 -22.88 9.10
CA HIS A 4 0.05 -21.94 7.99
C HIS A 4 -0.90 -22.45 6.90
N MET A 5 -1.40 -21.53 6.06
CA MET A 5 -2.31 -21.85 4.97
C MET A 5 -2.19 -20.77 3.88
N SER A 6 -2.44 -21.15 2.62
CA SER A 6 -2.37 -20.22 1.51
C SER A 6 -3.44 -19.15 1.63
N THR A 7 -3.10 -17.91 1.26
CA THR A 7 -4.01 -16.78 1.33
C THR A 7 -3.60 -15.64 0.39
N GLN A 8 -4.32 -14.52 0.45
CA GLN A 8 -4.09 -13.35 -0.40
C GLN A 8 -2.69 -12.76 -0.24
N TYR A 9 -1.99 -13.12 0.83
CA TYR A 9 -0.68 -12.57 1.15
C TYR A 9 0.21 -13.61 1.84
N ILE A 10 1.42 -13.21 2.23
CA ILE A 10 2.36 -14.10 2.88
C ILE A 10 1.89 -14.45 4.29
N ASP A 11 2.02 -13.49 5.22
CA ASP A 11 1.68 -13.66 6.63
C ASP A 11 1.27 -12.38 7.37
N GLU A 12 0.97 -11.32 6.61
CA GLU A 12 0.66 -9.97 7.09
C GLU A 12 1.74 -9.40 8.02
N THR A 13 2.91 -10.05 8.06
CA THR A 13 4.08 -9.59 8.80
C THR A 13 5.37 -9.68 7.99
N ALA A 14 5.25 -9.96 6.69
CA ALA A 14 6.38 -10.07 5.78
C ALA A 14 7.15 -8.75 5.68
N PHE A 15 8.35 -8.79 5.10
CA PHE A 15 9.20 -7.61 5.00
C PHE A 15 10.13 -7.81 3.80
N VAL A 16 10.91 -6.78 3.52
CA VAL A 16 11.90 -6.76 2.44
C VAL A 16 13.09 -5.97 2.95
N GLN A 17 14.28 -6.30 2.45
CA GLN A 17 15.51 -5.66 2.88
C GLN A 17 16.51 -5.56 1.72
N ALA A 18 17.59 -4.82 1.94
CA ALA A 18 18.66 -4.63 0.97
C ALA A 18 19.26 -5.96 0.51
N GLU A 19 20.04 -5.92 -0.57
CA GLU A 19 20.58 -7.13 -1.20
C GLU A 19 21.41 -7.96 -0.23
N GLN A 20 22.27 -7.30 0.56
CA GLN A 20 23.08 -7.96 1.57
C GLN A 20 23.63 -6.96 2.59
N GLY A 21 23.74 -5.68 2.21
CA GLY A 21 24.24 -4.64 3.10
C GLY A 21 24.10 -3.25 2.50
N LYS A 22 23.30 -3.11 1.43
CA LYS A 22 23.11 -1.83 0.75
C LYS A 22 22.42 -0.86 1.70
N THR A 23 22.62 0.43 1.49
CA THR A 23 22.03 1.45 2.36
C THR A 23 20.55 1.73 2.17
N ASN A 24 19.95 1.22 1.09
CA ASN A 24 18.56 1.49 0.76
C ASN A 24 17.91 0.34 -0.01
N LEU A 25 16.57 0.34 -0.05
CA LEU A 25 15.79 -0.57 -0.86
C LEU A 25 15.56 0.02 -2.25
N MET A 26 16.00 1.26 -2.48
CA MET A 26 15.85 1.88 -3.79
C MET A 26 16.66 1.13 -4.84
N PHE A 27 16.14 1.09 -6.07
CA PHE A 27 16.71 0.28 -7.14
C PHE A 27 17.90 0.89 -7.89
N SER A 28 18.59 0.07 -8.68
CA SER A 28 19.76 0.49 -9.43
C SER A 28 19.35 1.00 -10.81
N ASP A 29 18.04 1.01 -11.08
CA ASP A 29 17.49 1.42 -12.37
C ASP A 29 16.16 2.12 -12.22
N GLU A 30 15.74 2.84 -13.26
CA GLU A 30 14.52 3.65 -13.23
C GLU A 30 13.29 2.78 -13.44
N LYS A 31 13.45 1.57 -14.00
CA LYS A 31 12.31 0.72 -14.32
C LYS A 31 11.74 0.11 -13.04
N GLN A 32 12.61 -0.32 -12.13
CA GLN A 32 12.15 -0.97 -10.91
C GLN A 32 11.73 0.07 -9.87
N GLN A 33 12.30 1.28 -9.96
CA GLN A 33 12.01 2.34 -9.02
C GLN A 33 10.68 3.03 -9.35
N ALA A 34 10.40 3.26 -10.63
CA ALA A 34 9.19 3.96 -11.03
C ALA A 34 7.97 3.06 -10.92
N ARG A 35 8.11 1.77 -11.24
CA ARG A 35 6.99 0.83 -11.13
C ARG A 35 6.72 0.51 -9.67
N PHE A 36 7.72 0.66 -8.79
CA PHE A 36 7.50 0.46 -7.38
C PHE A 36 6.61 1.52 -6.74
N GLU A 37 6.78 2.78 -7.16
CA GLU A 37 6.00 3.89 -6.63
C GLU A 37 4.54 3.79 -7.10
N LEU A 38 4.32 3.26 -8.31
CA LEU A 38 2.97 3.06 -8.81
C LEU A 38 2.30 1.91 -8.05
N GLY A 39 3.05 0.86 -7.73
CA GLY A 39 2.49 -0.30 -7.05
C GLY A 39 2.04 0.05 -5.64
N VAL A 40 2.80 0.88 -4.92
CA VAL A 40 2.44 1.29 -3.57
C VAL A 40 1.22 2.21 -3.63
N SER A 41 1.13 3.03 -4.68
CA SER A 41 0.01 3.95 -4.84
C SER A 41 -1.30 3.21 -5.00
N MET A 42 -1.29 2.06 -5.69
CA MET A 42 -2.49 1.28 -5.91
C MET A 42 -2.90 0.47 -4.68
N VAL A 43 -2.02 0.34 -3.67
CA VAL A 43 -2.34 -0.43 -2.48
C VAL A 43 -3.06 0.44 -1.46
N ILE A 44 -2.72 1.74 -1.40
CA ILE A 44 -3.37 2.65 -0.47
C ILE A 44 -4.84 2.83 -0.86
N TYR A 45 -5.15 2.65 -2.16
CA TYR A 45 -6.52 2.69 -2.64
C TYR A 45 -7.39 1.48 -2.27
N LYS A 46 -6.79 0.43 -1.73
CA LYS A 46 -7.54 -0.71 -1.22
C LYS A 46 -8.02 -0.46 0.20
N TRP A 47 -7.39 0.50 0.90
CA TRP A 47 -7.62 0.69 2.32
C TRP A 47 -9.01 1.28 2.56
N ASP A 48 -9.81 0.55 3.34
CA ASP A 48 -11.15 0.96 3.69
C ASP A 48 -11.25 2.21 4.57
N ALA A 49 -10.38 2.31 5.57
CA ALA A 49 -10.44 3.44 6.49
C ALA A 49 -10.11 4.75 5.77
N LEU A 50 -9.33 4.67 4.69
CA LEU A 50 -9.02 5.85 3.89
C LEU A 50 -10.16 6.14 2.93
N ASP A 51 -10.75 5.08 2.36
CA ASP A 51 -11.84 5.20 1.40
C ASP A 51 -13.08 5.87 2.00
N VAL A 52 -13.40 5.53 3.25
CA VAL A 52 -14.55 6.14 3.93
C VAL A 52 -14.24 7.56 4.41
N ALA A 53 -12.95 7.90 4.58
CA ALA A 53 -12.58 9.21 5.07
C ALA A 53 -12.77 10.27 3.98
N VAL A 54 -12.55 9.89 2.72
CA VAL A 54 -12.74 10.79 1.59
C VAL A 54 -14.21 10.83 1.16
N GLU A 55 -14.96 9.77 1.44
CA GLU A 55 -16.38 9.71 1.08
C GLU A 55 -17.26 10.42 2.11
N ASN A 56 -16.93 10.29 3.39
CA ASN A 56 -17.65 10.99 4.45
C ASN A 56 -17.04 12.37 4.72
N SER A 57 -15.97 12.70 3.99
CA SER A 57 -15.30 14.00 4.10
C SER A 57 -14.92 14.33 5.54
N TRP A 58 -14.13 13.45 6.16
CA TRP A 58 -13.62 13.66 7.51
C TRP A 58 -12.64 14.84 7.56
N GLY A 59 -12.25 15.36 6.39
CA GLY A 59 -11.36 16.50 6.25
C GLY A 59 -12.03 17.59 5.41
N GLY A 60 -11.21 18.38 4.73
CA GLY A 60 -11.69 19.45 3.86
C GLY A 60 -12.14 18.91 2.51
N PRO A 61 -12.45 19.78 1.54
CA PRO A 61 -12.84 19.38 0.19
C PRO A 61 -11.66 18.75 -0.54
N ASP A 62 -10.45 18.90 0.01
CA ASP A 62 -9.23 18.31 -0.52
C ASP A 62 -8.95 16.89 -0.04
N SER A 63 -9.94 16.23 0.57
CA SER A 63 -9.77 14.88 1.09
C SER A 63 -9.38 13.89 -0.02
N ALA A 64 -9.75 14.20 -1.26
CA ALA A 64 -9.41 13.39 -2.43
C ALA A 64 -7.99 13.63 -2.91
N GLU A 65 -7.33 14.66 -2.39
CA GLU A 65 -5.95 14.98 -2.74
C GLU A 65 -4.99 14.57 -1.62
N LYS A 66 -5.46 14.55 -0.37
CA LYS A 66 -4.63 14.15 0.77
C LYS A 66 -4.30 12.66 0.75
N ARG A 67 -5.12 11.85 0.07
CA ARG A 67 -4.91 10.41 -0.02
C ARG A 67 -3.71 10.09 -0.93
N ASP A 68 -3.29 11.04 -1.76
CA ASP A 68 -2.13 10.86 -2.62
C ASP A 68 -0.79 11.07 -1.93
N TRP A 69 -0.81 11.66 -0.74
CA TRP A 69 0.39 11.82 0.09
C TRP A 69 0.66 10.60 0.96
N ILE A 70 -0.38 9.80 1.22
CA ILE A 70 -0.28 8.62 2.07
C ILE A 70 0.61 7.56 1.42
N THR A 71 0.69 7.53 0.09
CA THR A 71 1.54 6.57 -0.61
C THR A 71 2.97 7.12 -0.67
N GLY A 72 3.12 8.46 -0.70
CA GLY A 72 4.42 9.08 -0.85
C GLY A 72 5.31 8.82 0.37
N ILE A 73 4.73 8.88 1.56
CA ILE A 73 5.45 8.66 2.81
C ILE A 73 5.77 7.19 3.01
N VAL A 74 5.00 6.29 2.38
CA VAL A 74 5.25 4.86 2.47
C VAL A 74 6.44 4.50 1.60
N VAL A 75 6.58 5.16 0.44
CA VAL A 75 7.73 4.96 -0.43
C VAL A 75 8.96 5.58 0.24
N ASP A 76 8.76 6.60 1.07
CA ASP A 76 9.84 7.26 1.78
C ASP A 76 10.55 6.39 2.81
N LEU A 77 9.98 5.23 3.15
CA LEU A 77 10.62 4.29 4.05
C LEU A 77 11.70 3.50 3.31
N PHE A 78 11.49 3.28 2.01
CA PHE A 78 12.37 2.48 1.17
C PHE A 78 13.63 3.21 0.73
N LYS A 79 13.60 4.55 0.81
CA LYS A 79 14.71 5.42 0.41
C LYS A 79 15.42 6.02 1.63
N ASN A 80 15.01 5.66 2.85
CA ASN A 80 15.66 6.12 4.07
C ASN A 80 16.06 4.98 5.00
N GLU A 81 15.79 3.73 4.62
CA GLU A 81 16.15 2.55 5.41
C GLU A 81 16.58 1.41 4.50
N LYS A 82 17.41 0.51 5.04
CA LYS A 82 17.88 -0.65 4.31
C LYS A 82 16.99 -1.88 4.54
N VAL A 83 15.82 -1.68 5.16
CA VAL A 83 14.83 -2.74 5.36
C VAL A 83 13.53 -2.07 5.79
N VAL A 84 12.40 -2.64 5.36
CA VAL A 84 11.06 -2.18 5.72
C VAL A 84 10.17 -3.39 5.88
N ASP A 85 9.25 -3.37 6.85
CA ASP A 85 8.34 -4.48 7.10
C ASP A 85 6.91 -3.98 7.19
N ALA A 86 5.95 -4.92 7.20
CA ALA A 86 4.54 -4.56 7.29
C ALA A 86 4.18 -4.00 8.67
N ALA A 87 5.12 -4.05 9.63
CA ALA A 87 4.85 -3.62 10.99
C ALA A 87 5.06 -2.11 11.17
N LEU A 88 6.12 -1.53 10.59
CA LEU A 88 6.32 -0.09 10.71
C LEU A 88 5.54 0.66 9.63
N ILE A 89 5.05 -0.03 8.60
CA ILE A 89 4.19 0.59 7.60
C ILE A 89 2.80 0.80 8.22
N GLU A 90 2.33 -0.16 9.03
CA GLU A 90 1.03 -0.07 9.68
C GLU A 90 0.89 1.22 10.46
N GLU A 91 1.87 1.56 11.30
CA GLU A 91 1.75 2.76 12.12
C GLU A 91 1.90 4.02 11.27
N THR A 92 2.63 3.94 10.16
CA THR A 92 2.80 5.09 9.26
C THR A 92 1.51 5.39 8.52
N LEU A 93 0.72 4.35 8.19
CA LEU A 93 -0.56 4.52 7.54
C LEU A 93 -1.54 5.16 8.52
N LEU A 94 -1.58 4.66 9.75
CA LEU A 94 -2.48 5.16 10.78
C LEU A 94 -2.15 6.60 11.11
N TYR A 95 -0.90 6.89 11.49
CA TYR A 95 -0.52 8.23 11.86
C TYR A 95 -0.65 9.29 10.78
N ALA A 96 -0.56 8.88 9.50
CA ALA A 96 -0.68 9.82 8.41
C ALA A 96 -2.13 10.22 8.16
N MET A 97 -3.08 9.29 8.33
CA MET A 97 -4.47 9.63 8.11
C MET A 97 -5.06 10.26 9.38
N ILE A 98 -4.42 10.06 10.53
CA ILE A 98 -4.85 10.73 11.77
C ILE A 98 -4.48 12.20 11.68
N ASP A 99 -3.36 12.50 11.02
CA ASP A 99 -2.88 13.85 10.82
C ASP A 99 -3.61 14.64 9.73
N GLU A 100 -4.61 14.01 9.08
CA GLU A 100 -5.38 14.66 8.02
C GLU A 100 -6.89 14.36 8.14
N PHE A 101 -7.29 13.41 9.00
CA PHE A 101 -8.68 13.05 9.20
C PHE A 101 -9.05 12.87 10.67
N GLU A 102 -8.07 12.84 11.57
CA GLU A 102 -8.26 12.69 13.00
C GLU A 102 -9.11 11.46 13.35
N THR A 103 -9.04 10.41 12.53
CA THR A 103 -9.88 9.22 12.69
C THR A 103 -9.52 8.42 13.93
N ASN A 104 -8.25 8.47 14.37
CA ASN A 104 -7.78 7.69 15.50
C ASN A 104 -8.01 6.18 15.30
N VAL A 105 -8.24 5.76 14.04
CA VAL A 105 -8.61 4.42 13.64
C VAL A 105 -7.89 3.31 14.43
N GLU A 106 -8.65 2.29 14.82
CA GLU A 106 -8.15 1.13 15.54
C GLU A 106 -8.70 -0.17 14.95
N ASP A 107 -9.36 -0.08 13.79
CA ASP A 107 -10.02 -1.21 13.14
C ASP A 107 -9.08 -2.25 12.52
N ASP A 108 -7.76 -2.06 12.68
CA ASP A 108 -6.75 -2.93 12.11
C ASP A 108 -6.82 -3.11 10.58
N SER A 109 -7.53 -2.21 9.90
CA SER A 109 -7.72 -2.28 8.45
C SER A 109 -6.41 -1.99 7.70
N ALA A 110 -5.39 -1.47 8.37
CA ALA A 110 -4.12 -1.15 7.74
C ALA A 110 -3.19 -2.36 7.67
N LEU A 111 -3.50 -3.45 8.38
CA LEU A 111 -2.64 -4.63 8.42
C LEU A 111 -2.56 -5.29 7.04
N PRO A 112 -3.68 -5.61 6.38
CA PRO A 112 -3.64 -6.24 5.06
C PRO A 112 -3.16 -5.25 3.99
N ILE A 113 -3.15 -3.95 4.29
CA ILE A 113 -2.66 -2.95 3.37
C ILE A 113 -1.14 -2.86 3.47
N ALA A 114 -0.59 -3.03 4.67
CA ALA A 114 0.84 -2.89 4.90
C ALA A 114 1.63 -4.01 4.23
N VAL A 115 1.11 -5.24 4.26
CA VAL A 115 1.80 -6.36 3.62
C VAL A 115 1.69 -6.31 2.10
N GLU A 116 0.65 -5.66 1.57
CA GLU A 116 0.51 -5.54 0.14
C GLU A 116 1.51 -4.55 -0.44
N VAL A 117 2.04 -3.64 0.40
CA VAL A 117 3.08 -2.72 -0.01
C VAL A 117 4.39 -3.49 -0.12
N ILE A 118 4.58 -4.49 0.73
CA ILE A 118 5.79 -5.30 0.73
C ILE A 118 5.84 -6.17 -0.53
N ASN A 119 4.67 -6.59 -1.01
CA ASN A 119 4.58 -7.44 -2.20
C ASN A 119 5.00 -6.70 -3.47
N ILE A 120 4.91 -5.37 -3.48
CA ILE A 120 5.31 -4.59 -4.64
C ILE A 120 6.81 -4.64 -4.85
N TYR A 121 7.58 -4.66 -3.75
CA TYR A 121 9.03 -4.69 -3.85
C TYR A 121 9.60 -5.96 -4.48
N ASN A 122 8.91 -7.08 -4.24
CA ASN A 122 9.30 -8.37 -4.76
C ASN A 122 8.82 -8.55 -6.21
N ASP A 123 7.76 -7.83 -6.60
CA ASP A 123 7.24 -7.90 -7.95
C ASP A 123 8.04 -7.07 -8.96
N CYS A 124 8.54 -5.91 -8.52
CA CYS A 124 9.38 -5.08 -9.39
C CYS A 124 10.81 -5.60 -9.43
N PHE A 125 11.18 -6.49 -8.50
CA PHE A 125 12.52 -7.05 -8.43
C PHE A 125 12.80 -8.22 -9.38
N ASN A 126 11.75 -8.90 -9.82
CA ASN A 126 11.87 -10.02 -10.74
C ASN A 126 11.43 -9.62 -12.16
N LEU A 127 11.16 -8.33 -12.36
CA LEU A 127 10.77 -7.76 -13.64
C LEU A 127 9.52 -8.39 -14.25
N ASN A 128 8.78 -9.20 -13.47
CA ASN A 128 7.55 -9.80 -13.92
C ASN A 128 6.40 -8.77 -13.90
N TYR A 129 6.52 -7.76 -13.03
CA TYR A 129 5.62 -6.62 -12.97
C TYR A 129 4.12 -6.91 -12.87
N ASN A 130 3.75 -8.15 -12.55
CA ASN A 130 2.36 -8.60 -12.66
C ASN A 130 1.47 -7.97 -11.59
N LYS A 131 2.02 -7.58 -10.43
CA LYS A 131 1.22 -7.08 -9.33
C LYS A 131 0.92 -5.59 -9.48
N VAL A 132 1.88 -4.81 -9.97
CA VAL A 132 1.67 -3.38 -10.17
C VAL A 132 0.80 -3.15 -11.42
N GLU A 133 0.95 -4.01 -12.42
CA GLU A 133 0.27 -3.82 -13.71
C GLU A 133 -1.21 -4.15 -13.62
N LYS A 134 -1.61 -5.07 -12.74
CA LYS A 134 -3.01 -5.46 -12.63
C LYS A 134 -3.77 -4.54 -11.69
N LEU A 135 -3.11 -4.06 -10.62
CA LEU A 135 -3.79 -3.20 -9.65
C LEU A 135 -4.07 -1.82 -10.25
N TYR A 136 -3.29 -1.43 -11.26
CA TYR A 136 -3.54 -0.19 -11.98
C TYR A 136 -4.82 -0.19 -12.82
N LEU A 137 -5.34 -1.38 -13.12
CA LEU A 137 -6.58 -1.55 -13.86
C LEU A 137 -7.77 -1.60 -12.91
N GLU A 138 -7.55 -2.23 -11.75
CA GLU A 138 -8.57 -2.39 -10.71
C GLU A 138 -8.90 -1.07 -10.02
N TRP A 139 -8.15 -0.01 -10.35
CA TRP A 139 -8.31 1.31 -9.76
C TRP A 139 -8.99 2.33 -10.68
N GLN A 140 -8.97 2.10 -11.99
CA GLN A 140 -9.53 3.05 -12.94
C GLN A 140 -11.04 3.22 -12.73
N GLU A 141 -11.73 2.13 -12.36
CA GLU A 141 -13.18 2.17 -12.21
C GLU A 141 -13.56 2.82 -10.89
N LYS A 142 -12.61 2.96 -9.96
CA LYS A 142 -12.86 3.58 -8.67
C LYS A 142 -12.99 5.10 -8.81
N GLN A 143 -12.42 5.67 -9.87
CA GLN A 143 -12.39 7.11 -10.04
C GLN A 143 -13.17 7.57 -11.28
N ARG A 144 -13.29 6.73 -12.32
CA ARG A 144 -13.97 7.13 -13.54
C ARG A 144 -15.49 7.05 -13.39
N THR A 145 -15.96 6.28 -12.42
CA THR A 145 -17.38 6.06 -12.18
C THR A 145 -17.75 5.81 -10.71
N LYS A 146 -16.77 5.99 -9.80
CA LYS A 146 -16.95 5.80 -8.37
C LYS A 146 -17.55 4.43 -8.04
N LYS A 147 -17.04 3.38 -8.71
CA LYS A 147 -17.50 2.02 -8.54
C LYS A 147 -17.31 1.61 -7.07
N SER A 148 -18.36 1.03 -6.49
CA SER A 148 -18.40 0.72 -5.07
C SER A 148 -17.92 -0.71 -4.78
N LYS A 149 -16.91 -1.16 -5.54
CA LYS A 149 -16.33 -2.50 -5.41
C LYS A 149 -15.80 -2.71 -3.98
N ARG A 150 -15.92 -3.96 -3.50
CA ARG A 150 -15.53 -4.34 -2.15
C ARG A 150 -14.97 -5.76 -2.08
N VAL A 151 -14.83 -6.42 -3.22
CA VAL A 151 -14.27 -7.76 -3.31
C VAL A 151 -12.76 -7.82 -3.04
N VAL A 152 -12.16 -6.66 -2.75
CA VAL A 152 -10.74 -6.54 -2.45
C VAL A 152 -10.41 -7.16 -1.09
N HIS A 153 -11.43 -7.43 -0.27
CA HIS A 153 -11.25 -8.04 1.04
C HIS A 153 -10.62 -9.43 0.92
N ILE A 154 -10.01 -9.91 2.01
CA ILE A 154 -9.35 -11.20 2.03
C ILE A 154 -10.37 -12.33 1.85
N GLU A 155 -9.94 -13.44 1.25
CA GLU A 155 -10.80 -14.58 0.96
C GLU A 155 -11.08 -15.42 2.22
N GLY A 156 -10.58 -14.99 3.38
CA GLY A 156 -10.79 -15.69 4.64
C GLY A 156 -10.14 -14.93 5.80
N SER A 1 -10.15 -30.17 -3.57
CA SER A 1 -9.24 -30.38 -2.43
C SER A 1 -9.05 -29.09 -1.65
N GLY A 2 -8.52 -29.19 -0.43
CA GLY A 2 -8.27 -28.04 0.43
C GLY A 2 -7.06 -27.22 -0.05
N SER A 3 -6.87 -26.04 0.55
CA SER A 3 -5.77 -25.15 0.20
C SER A 3 -5.47 -24.22 1.38
N HIS A 4 -4.32 -23.53 1.30
CA HIS A 4 -3.88 -22.61 2.34
C HIS A 4 -2.95 -21.54 1.76
N MET A 5 -2.81 -20.42 2.46
CA MET A 5 -1.97 -19.31 2.05
C MET A 5 -2.32 -18.77 0.66
N SER A 6 -3.53 -19.05 0.18
CA SER A 6 -3.99 -18.62 -1.13
C SER A 6 -4.45 -17.16 -1.15
N THR A 7 -4.21 -16.45 -0.06
CA THR A 7 -4.58 -15.05 0.10
C THR A 7 -3.74 -14.13 -0.79
N GLN A 8 -4.12 -12.85 -0.84
CA GLN A 8 -3.50 -11.86 -1.72
C GLN A 8 -2.10 -11.43 -1.26
N TYR A 9 -1.56 -12.07 -0.21
CA TYR A 9 -0.29 -11.69 0.38
C TYR A 9 0.40 -12.91 1.01
N ILE A 10 1.60 -12.69 1.55
CA ILE A 10 2.39 -13.75 2.17
C ILE A 10 1.79 -14.19 3.50
N ASP A 11 1.98 -13.36 4.53
CA ASP A 11 1.57 -13.64 5.90
C ASP A 11 1.17 -12.43 6.75
N GLU A 12 0.96 -11.29 6.10
CA GLU A 12 0.66 -9.98 6.71
C GLU A 12 1.72 -9.56 7.74
N THR A 13 2.87 -10.23 7.74
CA THR A 13 4.03 -9.88 8.57
C THR A 13 5.36 -9.91 7.80
N ALA A 14 5.28 -10.09 6.48
CA ALA A 14 6.44 -10.12 5.61
C ALA A 14 7.19 -8.78 5.63
N PHE A 15 8.41 -8.79 5.07
CA PHE A 15 9.25 -7.59 5.03
C PHE A 15 10.19 -7.76 3.84
N VAL A 16 10.97 -6.72 3.57
CA VAL A 16 11.95 -6.67 2.50
C VAL A 16 13.14 -5.89 3.02
N GLN A 17 14.33 -6.20 2.50
CA GLN A 17 15.57 -5.57 2.92
C GLN A 17 16.55 -5.49 1.75
N ALA A 18 17.62 -4.73 1.95
CA ALA A 18 18.69 -4.54 0.97
C ALA A 18 19.29 -5.87 0.53
N GLU A 19 20.01 -5.86 -0.60
CA GLU A 19 20.54 -7.07 -1.22
C GLU A 19 21.43 -7.87 -0.29
N GLN A 20 22.32 -7.19 0.45
CA GLN A 20 23.19 -7.82 1.42
C GLN A 20 23.77 -6.81 2.41
N GLY A 21 23.84 -5.53 2.01
CA GLY A 21 24.37 -4.48 2.87
C GLY A 21 24.15 -3.09 2.28
N LYS A 22 23.29 -2.97 1.26
CA LYS A 22 23.03 -1.70 0.58
C LYS A 22 22.36 -0.75 1.56
N THR A 23 22.54 0.56 1.34
CA THR A 23 21.94 1.57 2.22
C THR A 23 20.45 1.82 2.03
N ASN A 24 19.85 1.28 0.97
CA ASN A 24 18.46 1.53 0.64
C ASN A 24 17.81 0.37 -0.11
N LEU A 25 16.48 0.38 -0.14
CA LEU A 25 15.67 -0.57 -0.91
C LEU A 25 15.40 0.00 -2.30
N MET A 26 15.85 1.23 -2.57
CA MET A 26 15.66 1.85 -3.89
C MET A 26 16.34 1.02 -4.98
N PHE A 27 15.81 1.10 -6.20
CA PHE A 27 16.29 0.30 -7.31
C PHE A 27 17.36 0.94 -8.19
N SER A 28 18.19 0.10 -8.81
CA SER A 28 19.26 0.57 -9.67
C SER A 28 18.75 0.87 -11.08
N ASP A 29 17.67 0.19 -11.49
CA ASP A 29 17.06 0.39 -12.80
C ASP A 29 15.88 1.35 -12.79
N GLU A 30 15.68 2.06 -13.90
CA GLU A 30 14.61 3.05 -13.99
C GLU A 30 13.25 2.38 -14.04
N LYS A 31 13.19 1.13 -14.55
CA LYS A 31 11.93 0.39 -14.63
C LYS A 31 11.57 -0.22 -13.29
N GLN A 32 12.56 -0.71 -12.55
CA GLN A 32 12.33 -1.34 -11.25
C GLN A 32 11.92 -0.29 -10.22
N GLN A 33 12.44 0.94 -10.34
CA GLN A 33 12.15 1.98 -9.38
C GLN A 33 10.83 2.69 -9.71
N ALA A 34 10.55 2.94 -11.00
CA ALA A 34 9.33 3.63 -11.40
C ALA A 34 8.10 2.77 -11.18
N ARG A 35 8.21 1.45 -11.41
CA ARG A 35 7.08 0.55 -11.20
C ARG A 35 6.80 0.39 -9.71
N PHE A 36 7.82 0.53 -8.87
CA PHE A 36 7.61 0.45 -7.43
C PHE A 36 6.82 1.61 -6.85
N GLU A 37 7.02 2.82 -7.39
CA GLU A 37 6.32 4.00 -6.93
C GLU A 37 4.87 3.98 -7.38
N LEU A 38 4.57 3.31 -8.50
CA LEU A 38 3.20 3.14 -8.95
C LEU A 38 2.50 2.08 -8.10
N GLY A 39 3.22 1.02 -7.74
CA GLY A 39 2.63 -0.09 -7.01
C GLY A 39 2.20 0.32 -5.61
N VAL A 40 3.02 1.10 -4.91
CA VAL A 40 2.69 1.54 -3.56
C VAL A 40 1.47 2.46 -3.61
N SER A 41 1.35 3.26 -4.68
CA SER A 41 0.23 4.19 -4.81
C SER A 41 -1.08 3.44 -4.95
N MET A 42 -1.09 2.33 -5.71
CA MET A 42 -2.32 1.57 -5.93
C MET A 42 -2.74 0.79 -4.69
N VAL A 43 -1.84 0.61 -3.71
CA VAL A 43 -2.14 -0.13 -2.50
C VAL A 43 -2.85 0.79 -1.51
N ILE A 44 -2.55 2.09 -1.55
CA ILE A 44 -3.24 3.04 -0.66
C ILE A 44 -4.67 3.27 -1.17
N TYR A 45 -4.89 3.11 -2.48
CA TYR A 45 -6.21 3.24 -3.07
C TYR A 45 -7.19 2.10 -2.82
N LYS A 46 -6.72 0.98 -2.24
CA LYS A 46 -7.59 -0.12 -1.87
C LYS A 46 -7.85 -0.15 -0.37
N TRP A 47 -7.30 0.80 0.39
CA TRP A 47 -7.46 0.82 1.84
C TRP A 47 -8.85 1.33 2.20
N ASP A 48 -9.59 0.54 2.98
CA ASP A 48 -10.95 0.87 3.39
C ASP A 48 -11.08 2.10 4.26
N ALA A 49 -10.22 2.23 5.28
CA ALA A 49 -10.33 3.33 6.22
C ALA A 49 -10.07 4.67 5.52
N LEU A 50 -9.29 4.65 4.44
CA LEU A 50 -9.03 5.85 3.66
C LEU A 50 -10.21 6.12 2.71
N ASP A 51 -10.76 5.05 2.13
CA ASP A 51 -11.89 5.16 1.22
C ASP A 51 -13.19 5.65 1.84
N VAL A 52 -13.39 5.42 3.14
CA VAL A 52 -14.56 5.93 3.85
C VAL A 52 -14.29 7.33 4.39
N ALA A 53 -13.03 7.71 4.57
CA ALA A 53 -12.69 9.03 5.09
C ALA A 53 -12.93 10.11 4.03
N VAL A 54 -12.76 9.75 2.76
CA VAL A 54 -13.01 10.67 1.65
C VAL A 54 -14.50 10.68 1.29
N GLU A 55 -15.22 9.60 1.58
CA GLU A 55 -16.64 9.50 1.26
C GLU A 55 -17.50 10.15 2.34
N ASN A 56 -17.13 10.00 3.62
CA ASN A 56 -17.85 10.63 4.72
C ASN A 56 -17.28 12.01 5.05
N SER A 57 -16.22 12.41 4.34
CA SER A 57 -15.61 13.73 4.50
C SER A 57 -15.23 13.99 5.96
N TRP A 58 -14.40 13.10 6.52
CA TRP A 58 -13.89 13.23 7.89
C TRP A 58 -12.94 14.42 8.05
N GLY A 59 -12.72 15.17 6.97
CA GLY A 59 -11.80 16.31 6.95
C GLY A 59 -12.29 17.37 5.97
N GLY A 60 -11.35 18.07 5.34
CA GLY A 60 -11.65 19.14 4.40
C GLY A 60 -12.09 18.59 3.05
N PRO A 61 -12.42 19.48 2.10
CA PRO A 61 -12.86 19.11 0.77
C PRO A 61 -11.71 18.52 -0.05
N ASP A 62 -10.47 18.66 0.44
CA ASP A 62 -9.29 18.10 -0.19
C ASP A 62 -9.03 16.64 0.17
N SER A 63 -10.01 15.98 0.79
CA SER A 63 -9.88 14.60 1.26
C SER A 63 -9.56 13.64 0.11
N ALA A 64 -9.91 14.01 -1.13
CA ALA A 64 -9.61 13.21 -2.31
C ALA A 64 -8.16 13.38 -2.74
N GLU A 65 -7.49 14.42 -2.23
CA GLU A 65 -6.11 14.75 -2.61
C GLU A 65 -5.12 14.40 -1.50
N LYS A 66 -5.59 14.25 -0.25
CA LYS A 66 -4.71 13.93 0.86
C LYS A 66 -4.12 12.52 0.74
N ARG A 67 -4.80 11.62 0.03
CA ARG A 67 -4.31 10.26 -0.17
C ARG A 67 -3.09 10.23 -1.09
N ASP A 68 -2.80 11.33 -1.78
CA ASP A 68 -1.64 11.41 -2.66
C ASP A 68 -0.37 11.51 -1.82
N TRP A 69 -0.50 11.95 -0.57
CA TRP A 69 0.64 12.06 0.33
C TRP A 69 0.87 10.81 1.17
N ILE A 70 -0.19 10.02 1.37
CA ILE A 70 -0.13 8.79 2.17
C ILE A 70 0.76 7.75 1.49
N THR A 71 0.85 7.79 0.15
CA THR A 71 1.70 6.87 -0.58
C THR A 71 3.14 7.39 -0.60
N GLY A 72 3.32 8.71 -0.51
CA GLY A 72 4.65 9.31 -0.61
C GLY A 72 5.49 8.99 0.62
N ILE A 73 4.88 9.04 1.80
CA ILE A 73 5.58 8.75 3.05
C ILE A 73 5.88 7.27 3.19
N VAL A 74 5.13 6.40 2.49
CA VAL A 74 5.38 4.97 2.51
C VAL A 74 6.57 4.65 1.62
N VAL A 75 6.74 5.36 0.50
CA VAL A 75 7.88 5.17 -0.38
C VAL A 75 9.11 5.76 0.32
N ASP A 76 8.92 6.74 1.19
CA ASP A 76 10.00 7.36 1.92
C ASP A 76 10.71 6.43 2.91
N LEU A 77 10.11 5.29 3.22
CA LEU A 77 10.73 4.29 4.09
C LEU A 77 11.77 3.50 3.29
N PHE A 78 11.52 3.33 1.99
CA PHE A 78 12.37 2.56 1.11
C PHE A 78 13.62 3.28 0.64
N LYS A 79 13.67 4.60 0.84
CA LYS A 79 14.80 5.44 0.42
C LYS A 79 15.47 6.11 1.62
N ASN A 80 15.10 5.73 2.84
CA ASN A 80 15.75 6.22 4.05
C ASN A 80 16.14 5.09 5.01
N GLU A 81 15.84 3.84 4.65
CA GLU A 81 16.20 2.67 5.46
C GLU A 81 16.60 1.53 4.53
N LYS A 82 17.43 0.61 5.06
CA LYS A 82 17.91 -0.56 4.32
C LYS A 82 17.03 -1.77 4.56
N VAL A 83 15.86 -1.58 5.20
CA VAL A 83 14.89 -2.64 5.41
C VAL A 83 13.58 -1.99 5.86
N VAL A 84 12.45 -2.58 5.44
CA VAL A 84 11.11 -2.12 5.80
C VAL A 84 10.22 -3.35 5.96
N ASP A 85 9.30 -3.33 6.92
CA ASP A 85 8.41 -4.46 7.16
C ASP A 85 6.96 -3.97 7.25
N ALA A 86 6.01 -4.91 7.27
CA ALA A 86 4.60 -4.56 7.36
C ALA A 86 4.24 -3.99 8.74
N ALA A 87 5.17 -4.03 9.71
CA ALA A 87 4.89 -3.59 11.07
C ALA A 87 5.08 -2.08 11.23
N LEU A 88 6.14 -1.50 10.66
CA LEU A 88 6.34 -0.07 10.79
C LEU A 88 5.57 0.71 9.73
N ILE A 89 5.10 0.01 8.68
CA ILE A 89 4.23 0.63 7.68
C ILE A 89 2.84 0.82 8.28
N GLU A 90 2.37 -0.16 9.08
CA GLU A 90 1.05 -0.09 9.69
C GLU A 90 0.87 1.18 10.49
N GLU A 91 1.83 1.54 11.34
CA GLU A 91 1.68 2.72 12.16
C GLU A 91 1.83 3.99 11.33
N THR A 92 2.58 3.93 10.23
CA THR A 92 2.75 5.09 9.36
C THR A 92 1.49 5.40 8.58
N LEU A 93 0.71 4.37 8.22
CA LEU A 93 -0.56 4.54 7.55
C LEU A 93 -1.57 5.15 8.52
N LEU A 94 -1.62 4.63 9.74
CA LEU A 94 -2.54 5.09 10.76
C LEU A 94 -2.24 6.54 11.12
N TYR A 95 -0.99 6.83 11.53
CA TYR A 95 -0.64 8.18 11.93
C TYR A 95 -0.77 9.26 10.87
N ALA A 96 -0.66 8.87 9.59
CA ALA A 96 -0.75 9.83 8.51
C ALA A 96 -2.19 10.19 8.20
N MET A 97 -3.14 9.27 8.38
CA MET A 97 -4.54 9.60 8.14
C MET A 97 -5.16 10.19 9.39
N ILE A 98 -4.56 9.99 10.56
CA ILE A 98 -5.01 10.63 11.78
C ILE A 98 -4.69 12.11 11.73
N ASP A 99 -3.58 12.45 11.09
CA ASP A 99 -3.14 13.82 10.88
C ASP A 99 -3.88 14.57 9.77
N GLU A 100 -4.87 13.92 9.15
CA GLU A 100 -5.66 14.50 8.07
C GLU A 100 -7.16 14.17 8.21
N PHE A 101 -7.51 13.22 9.09
CA PHE A 101 -8.89 12.82 9.29
C PHE A 101 -9.28 12.60 10.76
N GLU A 102 -8.30 12.60 11.66
CA GLU A 102 -8.49 12.42 13.09
C GLU A 102 -9.30 11.16 13.42
N THR A 103 -9.20 10.14 12.55
CA THR A 103 -10.02 8.93 12.67
C THR A 103 -9.64 8.09 13.89
N ASN A 104 -8.37 8.18 14.33
CA ASN A 104 -7.87 7.36 15.42
C ASN A 104 -8.06 5.85 15.16
N VAL A 105 -8.30 5.49 13.89
CA VAL A 105 -8.63 4.14 13.44
C VAL A 105 -7.91 3.02 14.20
N GLU A 106 -8.67 2.00 14.58
CA GLU A 106 -8.17 0.83 15.30
C GLU A 106 -8.73 -0.45 14.69
N ASP A 107 -9.40 -0.34 13.54
CA ASP A 107 -10.06 -1.47 12.88
C ASP A 107 -9.13 -2.50 12.24
N ASP A 108 -7.82 -2.36 12.45
CA ASP A 108 -6.82 -3.24 11.85
C ASP A 108 -6.84 -3.30 10.32
N SER A 109 -7.51 -2.33 9.68
CA SER A 109 -7.66 -2.27 8.24
C SER A 109 -6.34 -2.00 7.53
N ALA A 110 -5.31 -1.53 8.25
CA ALA A 110 -4.02 -1.20 7.64
C ALA A 110 -3.09 -2.40 7.59
N LEU A 111 -3.44 -3.52 8.23
CA LEU A 111 -2.58 -4.69 8.24
C LEU A 111 -2.45 -5.31 6.85
N PRO A 112 -3.56 -5.61 6.14
CA PRO A 112 -3.47 -6.17 4.80
C PRO A 112 -2.93 -5.15 3.80
N ILE A 113 -2.97 -3.86 4.14
CA ILE A 113 -2.46 -2.80 3.28
C ILE A 113 -0.95 -2.68 3.45
N ALA A 114 -0.45 -2.89 4.67
CA ALA A 114 0.96 -2.76 4.95
C ALA A 114 1.76 -3.85 4.25
N VAL A 115 1.25 -5.09 4.22
CA VAL A 115 1.93 -6.17 3.54
C VAL A 115 1.81 -6.05 2.02
N GLU A 116 0.75 -5.39 1.54
CA GLU A 116 0.61 -5.19 0.10
C GLU A 116 1.69 -4.26 -0.42
N VAL A 117 2.22 -3.37 0.43
CA VAL A 117 3.31 -2.47 0.06
C VAL A 117 4.59 -3.29 -0.03
N ILE A 118 4.74 -4.32 0.80
CA ILE A 118 5.92 -5.17 0.79
C ILE A 118 5.94 -6.00 -0.50
N ASN A 119 4.77 -6.34 -1.03
CA ASN A 119 4.66 -7.16 -2.23
C ASN A 119 5.13 -6.38 -3.46
N ILE A 120 5.06 -5.05 -3.43
CA ILE A 120 5.47 -4.24 -4.56
C ILE A 120 6.97 -4.35 -4.79
N TYR A 121 7.76 -4.46 -3.71
CA TYR A 121 9.20 -4.57 -3.85
C TYR A 121 9.67 -5.87 -4.47
N ASN A 122 8.99 -6.97 -4.10
CA ASN A 122 9.31 -8.29 -4.62
C ASN A 122 8.78 -8.47 -6.04
N ASP A 123 7.70 -7.75 -6.39
CA ASP A 123 7.12 -7.81 -7.72
C ASP A 123 8.00 -7.02 -8.70
N CYS A 124 8.63 -5.94 -8.23
CA CYS A 124 9.52 -5.13 -9.04
C CYS A 124 10.91 -5.76 -9.14
N PHE A 125 11.19 -6.78 -8.32
CA PHE A 125 12.47 -7.47 -8.32
C PHE A 125 12.57 -8.70 -9.22
N ASN A 126 11.43 -9.33 -9.50
CA ASN A 126 11.36 -10.50 -10.38
C ASN A 126 10.88 -10.12 -11.78
N LEU A 127 10.62 -8.82 -12.01
CA LEU A 127 10.18 -8.29 -13.28
C LEU A 127 8.88 -8.92 -13.80
N ASN A 128 8.17 -9.65 -12.94
CA ASN A 128 6.89 -10.26 -13.27
C ASN A 128 5.78 -9.20 -13.26
N TYR A 129 5.98 -8.14 -12.47
CA TYR A 129 5.11 -6.97 -12.43
C TYR A 129 3.62 -7.21 -12.20
N ASN A 130 3.23 -8.41 -11.76
CA ASN A 130 1.84 -8.82 -11.71
C ASN A 130 1.02 -8.04 -10.68
N LYS A 131 1.65 -7.56 -9.62
CA LYS A 131 0.95 -6.88 -8.54
C LYS A 131 0.70 -5.41 -8.88
N VAL A 132 1.70 -4.74 -9.46
CA VAL A 132 1.55 -3.32 -9.82
C VAL A 132 0.69 -3.18 -11.07
N GLU A 133 0.74 -4.16 -11.98
CA GLU A 133 0.06 -4.04 -13.26
C GLU A 133 -1.44 -4.25 -13.10
N LYS A 134 -1.87 -5.14 -12.20
CA LYS A 134 -3.29 -5.44 -12.05
C LYS A 134 -3.97 -4.39 -11.20
N LEU A 135 -3.30 -3.90 -10.14
CA LEU A 135 -3.91 -2.94 -9.24
C LEU A 135 -4.10 -1.60 -9.92
N TYR A 136 -3.34 -1.33 -10.98
CA TYR A 136 -3.56 -0.14 -11.78
C TYR A 136 -4.86 -0.16 -12.59
N LEU A 137 -5.37 -1.36 -12.87
CA LEU A 137 -6.62 -1.56 -13.57
C LEU A 137 -7.79 -1.48 -12.61
N GLU A 138 -7.60 -2.01 -11.40
CA GLU A 138 -8.61 -1.99 -10.34
C GLU A 138 -8.79 -0.58 -9.79
N TRP A 139 -7.96 0.36 -10.25
CA TRP A 139 -8.02 1.76 -9.86
C TRP A 139 -8.79 2.62 -10.87
N GLN A 140 -8.85 2.18 -12.13
CA GLN A 140 -9.55 2.94 -13.15
C GLN A 140 -11.04 3.02 -12.86
N GLU A 141 -11.60 1.98 -12.23
CA GLU A 141 -13.03 1.93 -11.94
C GLU A 141 -13.37 2.83 -10.75
N LYS A 142 -12.36 3.27 -10.01
CA LYS A 142 -12.56 4.17 -8.89
C LYS A 142 -12.74 5.60 -9.38
N GLN A 143 -12.21 5.91 -10.56
CA GLN A 143 -12.20 7.28 -11.07
C GLN A 143 -13.11 7.47 -12.28
N ARG A 144 -13.38 6.40 -13.06
CA ARG A 144 -14.19 6.52 -14.27
C ARG A 144 -15.68 6.63 -13.94
N THR A 145 -16.06 6.28 -12.70
CA THR A 145 -17.44 6.29 -12.27
C THR A 145 -17.62 6.68 -10.79
N LYS A 146 -16.52 7.04 -10.12
CA LYS A 146 -16.49 7.50 -8.74
C LYS A 146 -17.10 6.53 -7.73
N LYS A 147 -17.26 5.26 -8.11
CA LYS A 147 -17.77 4.22 -7.21
C LYS A 147 -16.64 3.67 -6.35
N SER A 148 -16.99 2.76 -5.43
CA SER A 148 -16.04 2.17 -4.51
C SER A 148 -16.29 0.66 -4.38
N LYS A 149 -15.32 -0.06 -3.82
CA LYS A 149 -15.36 -1.51 -3.74
C LYS A 149 -14.61 -1.99 -2.49
N ARG A 150 -15.04 -3.11 -1.91
CA ARG A 150 -14.46 -3.65 -0.69
C ARG A 150 -14.45 -5.17 -0.67
N VAL A 151 -14.71 -5.81 -1.82
CA VAL A 151 -14.71 -7.26 -1.93
C VAL A 151 -13.33 -7.90 -1.79
N VAL A 152 -12.31 -7.09 -1.53
CA VAL A 152 -10.94 -7.54 -1.34
C VAL A 152 -10.79 -8.41 -0.09
N HIS A 153 -11.78 -8.36 0.81
CA HIS A 153 -11.76 -9.11 2.05
C HIS A 153 -11.66 -10.62 1.77
N ILE A 154 -11.03 -11.35 2.70
CA ILE A 154 -10.89 -12.79 2.59
C ILE A 154 -12.24 -13.45 2.84
N GLU A 155 -12.43 -14.67 2.29
CA GLU A 155 -13.67 -15.41 2.42
C GLU A 155 -13.43 -16.92 2.49
N GLY A 156 -12.15 -17.34 2.55
CA GLY A 156 -11.77 -18.73 2.61
C GLY A 156 -12.02 -19.42 1.27
N SER A 1 -8.99 -30.78 -7.59
CA SER A 1 -9.15 -31.73 -6.47
C SER A 1 -8.83 -31.06 -5.15
N GLY A 2 -7.57 -30.65 -4.95
CA GLY A 2 -7.14 -29.98 -3.72
C GLY A 2 -7.65 -28.53 -3.68
N SER A 3 -7.47 -27.88 -2.52
CA SER A 3 -7.88 -26.50 -2.33
C SER A 3 -7.00 -25.54 -3.14
N HIS A 4 -7.45 -24.30 -3.28
CA HIS A 4 -6.74 -23.26 -4.02
C HIS A 4 -5.34 -23.04 -3.45
N MET A 5 -4.39 -22.70 -4.31
CA MET A 5 -3.01 -22.44 -3.91
C MET A 5 -2.73 -20.94 -3.82
N SER A 6 -3.68 -20.12 -4.26
CA SER A 6 -3.55 -18.66 -4.22
C SER A 6 -3.83 -18.14 -2.82
N THR A 7 -3.44 -16.88 -2.55
CA THR A 7 -3.66 -16.25 -1.27
C THR A 7 -3.78 -14.74 -1.37
N GLN A 8 -4.35 -14.10 -0.34
CA GLN A 8 -4.50 -12.65 -0.30
C GLN A 8 -3.19 -11.98 0.08
N TYR A 9 -2.35 -12.66 0.88
CA TYR A 9 -1.06 -12.16 1.31
C TYR A 9 -0.23 -13.28 1.92
N ILE A 10 1.04 -12.99 2.22
CA ILE A 10 1.97 -13.97 2.76
C ILE A 10 1.61 -14.36 4.19
N ASP A 11 1.85 -13.44 5.14
CA ASP A 11 1.63 -13.66 6.56
C ASP A 11 1.27 -12.41 7.37
N GLU A 12 0.93 -11.32 6.67
CA GLU A 12 0.64 -10.00 7.21
C GLU A 12 1.76 -9.46 8.11
N THR A 13 2.92 -10.11 8.08
CA THR A 13 4.14 -9.68 8.78
C THR A 13 5.41 -9.77 7.92
N ALA A 14 5.25 -9.99 6.61
CA ALA A 14 6.37 -10.07 5.68
C ALA A 14 7.14 -8.75 5.64
N PHE A 15 8.36 -8.78 5.08
CA PHE A 15 9.20 -7.60 5.02
C PHE A 15 10.14 -7.78 3.82
N VAL A 16 10.91 -6.74 3.54
CA VAL A 16 11.89 -6.70 2.47
C VAL A 16 13.08 -5.90 2.98
N GLN A 17 14.27 -6.22 2.46
CA GLN A 17 15.51 -5.58 2.89
C GLN A 17 16.48 -5.47 1.72
N ALA A 18 17.57 -4.71 1.93
CA ALA A 18 18.62 -4.52 0.95
C ALA A 18 19.22 -5.85 0.49
N GLU A 19 19.92 -5.83 -0.64
CA GLU A 19 20.44 -7.04 -1.28
C GLU A 19 21.33 -7.86 -0.35
N GLN A 20 22.23 -7.19 0.38
CA GLN A 20 23.11 -7.84 1.34
C GLN A 20 23.72 -6.83 2.32
N GLY A 21 23.77 -5.55 1.93
CA GLY A 21 24.35 -4.51 2.77
C GLY A 21 24.14 -3.11 2.18
N LYS A 22 23.25 -2.97 1.19
CA LYS A 22 22.98 -1.69 0.53
C LYS A 22 22.34 -0.75 1.55
N THR A 23 22.52 0.56 1.35
CA THR A 23 21.94 1.55 2.25
C THR A 23 20.44 1.82 2.10
N ASN A 24 19.84 1.30 1.02
CA ASN A 24 18.44 1.58 0.70
C ASN A 24 17.78 0.44 -0.05
N LEU A 25 16.45 0.45 -0.09
CA LEU A 25 15.64 -0.48 -0.88
C LEU A 25 15.36 0.12 -2.25
N MET A 26 15.80 1.36 -2.49
CA MET A 26 15.60 2.01 -3.79
C MET A 26 16.29 1.22 -4.90
N PHE A 27 15.78 1.35 -6.13
CA PHE A 27 16.29 0.58 -7.25
C PHE A 27 17.31 1.27 -8.16
N SER A 28 18.20 0.50 -8.77
CA SER A 28 19.24 1.02 -9.63
C SER A 28 18.72 1.27 -11.05
N ASP A 29 17.62 0.60 -11.42
CA ASP A 29 16.99 0.75 -12.72
C ASP A 29 15.74 1.62 -12.70
N GLU A 30 15.54 2.40 -13.77
CA GLU A 30 14.40 3.30 -13.83
C GLU A 30 13.09 2.53 -13.98
N LYS A 31 13.15 1.30 -14.50
CA LYS A 31 11.96 0.47 -14.67
C LYS A 31 11.53 -0.16 -13.35
N GLN A 32 12.51 -0.51 -12.51
CA GLN A 32 12.25 -1.15 -11.23
C GLN A 32 11.77 -0.13 -10.20
N GLN A 33 12.33 1.09 -10.25
CA GLN A 33 12.01 2.13 -9.29
C GLN A 33 10.69 2.83 -9.62
N ALA A 34 10.42 3.05 -10.92
CA ALA A 34 9.19 3.74 -11.32
C ALA A 34 7.97 2.84 -11.12
N ARG A 35 8.11 1.54 -11.37
CA ARG A 35 7.03 0.60 -11.17
C ARG A 35 6.76 0.38 -9.69
N PHE A 36 7.80 0.46 -8.85
CA PHE A 36 7.60 0.34 -7.42
C PHE A 36 6.81 1.49 -6.81
N GLU A 37 7.00 2.70 -7.33
CA GLU A 37 6.31 3.88 -6.84
C GLU A 37 4.82 3.84 -7.24
N LEU A 38 4.51 3.24 -8.39
CA LEU A 38 3.13 3.10 -8.84
C LEU A 38 2.42 2.00 -8.05
N GLY A 39 3.11 0.89 -7.76
CA GLY A 39 2.49 -0.24 -7.11
C GLY A 39 2.05 0.07 -5.69
N VAL A 40 2.77 0.95 -4.98
CA VAL A 40 2.41 1.30 -3.61
C VAL A 40 1.17 2.19 -3.61
N SER A 41 0.99 3.00 -4.66
CA SER A 41 -0.15 3.92 -4.74
C SER A 41 -1.46 3.14 -4.79
N MET A 42 -1.51 2.08 -5.60
CA MET A 42 -2.72 1.28 -5.73
C MET A 42 -3.03 0.50 -4.45
N VAL A 43 -2.07 0.36 -3.54
CA VAL A 43 -2.31 -0.34 -2.28
C VAL A 43 -2.99 0.59 -1.28
N ILE A 44 -2.74 1.91 -1.41
CA ILE A 44 -3.43 2.87 -0.56
C ILE A 44 -4.85 3.09 -1.09
N TYR A 45 -5.01 2.98 -2.41
CA TYR A 45 -6.32 3.06 -3.05
C TYR A 45 -7.27 1.89 -2.83
N LYS A 46 -6.83 0.88 -2.07
CA LYS A 46 -7.68 -0.24 -1.68
C LYS A 46 -7.92 -0.26 -0.17
N TRP A 47 -7.35 0.70 0.57
CA TRP A 47 -7.53 0.75 2.01
C TRP A 47 -8.90 1.33 2.34
N ASP A 48 -9.70 0.57 3.09
CA ASP A 48 -11.06 0.97 3.46
C ASP A 48 -11.15 2.20 4.36
N ALA A 49 -10.34 2.26 5.42
CA ALA A 49 -10.42 3.36 6.36
C ALA A 49 -10.06 4.69 5.71
N LEU A 50 -9.25 4.66 4.64
CA LEU A 50 -8.91 5.87 3.91
C LEU A 50 -10.03 6.22 2.94
N ASP A 51 -10.58 5.20 2.26
CA ASP A 51 -11.63 5.41 1.27
C ASP A 51 -12.96 5.89 1.83
N VAL A 52 -13.24 5.64 3.10
CA VAL A 52 -14.43 6.17 3.75
C VAL A 52 -14.18 7.56 4.32
N ALA A 53 -12.92 7.93 4.55
CA ALA A 53 -12.59 9.23 5.10
C ALA A 53 -12.76 10.32 4.03
N VAL A 54 -12.50 9.96 2.76
CA VAL A 54 -12.65 10.87 1.64
C VAL A 54 -14.10 10.92 1.18
N GLU A 55 -14.87 9.85 1.42
CA GLU A 55 -16.26 9.79 1.00
C GLU A 55 -17.20 10.44 2.02
N ASN A 56 -16.92 10.27 3.31
CA ASN A 56 -17.69 10.90 4.37
C ASN A 56 -17.14 12.28 4.72
N SER A 57 -16.03 12.68 4.08
CA SER A 57 -15.42 13.98 4.27
C SER A 57 -15.13 14.27 5.73
N TRP A 58 -14.32 13.41 6.36
CA TRP A 58 -13.90 13.57 7.75
C TRP A 58 -12.98 14.79 7.92
N GLY A 59 -12.72 15.52 6.83
CA GLY A 59 -11.89 16.70 6.83
C GLY A 59 -12.40 17.70 5.79
N GLY A 60 -11.50 18.49 5.22
CA GLY A 60 -11.83 19.50 4.23
C GLY A 60 -12.18 18.87 2.87
N PRO A 61 -12.56 19.68 1.88
CA PRO A 61 -12.91 19.23 0.54
C PRO A 61 -11.69 18.69 -0.20
N ASP A 62 -10.48 19.00 0.30
CA ASP A 62 -9.23 18.49 -0.25
C ASP A 62 -8.90 17.06 0.19
N SER A 63 -9.86 16.37 0.81
CA SER A 63 -9.67 15.02 1.33
C SER A 63 -9.26 14.03 0.24
N ALA A 64 -9.59 14.32 -1.02
CA ALA A 64 -9.21 13.47 -2.14
C ALA A 64 -7.74 13.71 -2.52
N GLU A 65 -7.18 14.85 -2.13
CA GLU A 65 -5.80 15.20 -2.42
C GLU A 65 -4.86 14.69 -1.34
N LYS A 66 -5.36 14.48 -0.12
CA LYS A 66 -4.55 13.99 0.98
C LYS A 66 -4.18 12.53 0.80
N ARG A 67 -5.02 11.75 0.10
CA ARG A 67 -4.76 10.33 -0.13
C ARG A 67 -3.55 10.15 -1.06
N ASP A 68 -3.23 11.15 -1.87
CA ASP A 68 -2.11 11.08 -2.80
C ASP A 68 -0.79 11.21 -2.03
N TRP A 69 -0.84 11.73 -0.80
CA TRP A 69 0.34 11.88 0.03
C TRP A 69 0.61 10.67 0.91
N ILE A 70 -0.41 9.85 1.17
CA ILE A 70 -0.29 8.68 2.01
C ILE A 70 0.59 7.62 1.34
N THR A 71 0.66 7.60 0.00
CA THR A 71 1.52 6.65 -0.70
C THR A 71 2.94 7.19 -0.77
N GLY A 72 3.11 8.52 -0.73
CA GLY A 72 4.42 9.13 -0.86
C GLY A 72 5.29 8.86 0.36
N ILE A 73 4.69 8.93 1.56
CA ILE A 73 5.40 8.71 2.80
C ILE A 73 5.72 7.23 3.02
N VAL A 74 4.97 6.34 2.36
CA VAL A 74 5.22 4.91 2.46
C VAL A 74 6.43 4.55 1.60
N VAL A 75 6.58 5.20 0.44
CA VAL A 75 7.75 5.00 -0.42
C VAL A 75 8.96 5.63 0.25
N ASP A 76 8.74 6.65 1.09
CA ASP A 76 9.81 7.31 1.81
C ASP A 76 10.52 6.44 2.85
N LEU A 77 9.95 5.28 3.19
CA LEU A 77 10.58 4.34 4.10
C LEU A 77 11.65 3.55 3.36
N PHE A 78 11.44 3.33 2.06
CA PHE A 78 12.32 2.53 1.22
C PHE A 78 13.59 3.27 0.79
N LYS A 79 13.58 4.60 0.91
CA LYS A 79 14.70 5.47 0.54
C LYS A 79 15.39 6.07 1.75
N ASN A 80 14.96 5.72 2.97
CA ASN A 80 15.58 6.19 4.20
C ASN A 80 15.99 5.04 5.14
N GLU A 81 15.73 3.79 4.73
CA GLU A 81 16.12 2.61 5.51
C GLU A 81 16.54 1.49 4.58
N LYS A 82 17.38 0.59 5.09
CA LYS A 82 17.86 -0.57 4.33
C LYS A 82 16.97 -1.80 4.56
N VAL A 83 15.80 -1.60 5.19
CA VAL A 83 14.83 -2.66 5.38
C VAL A 83 13.52 -2.01 5.82
N VAL A 84 12.39 -2.59 5.40
CA VAL A 84 11.05 -2.13 5.76
C VAL A 84 10.17 -3.36 5.93
N ASP A 85 9.26 -3.34 6.91
CA ASP A 85 8.36 -4.46 7.16
C ASP A 85 6.92 -3.98 7.25
N ALA A 86 5.97 -4.91 7.27
CA ALA A 86 4.56 -4.56 7.36
C ALA A 86 4.20 -4.00 8.74
N ALA A 87 5.14 -4.03 9.71
CA ALA A 87 4.87 -3.58 11.06
C ALA A 87 5.06 -2.07 11.22
N LEU A 88 6.12 -1.50 10.64
CA LEU A 88 6.32 -0.06 10.76
C LEU A 88 5.53 0.70 9.70
N ILE A 89 5.06 0.00 8.67
CA ILE A 89 4.18 0.61 7.67
C ILE A 89 2.79 0.81 8.28
N GLU A 90 2.33 -0.15 9.08
CA GLU A 90 1.02 -0.09 9.73
C GLU A 90 0.84 1.20 10.51
N GLU A 91 1.81 1.57 11.34
CA GLU A 91 1.67 2.77 12.15
C GLU A 91 1.82 4.03 11.30
N THR A 92 2.57 3.96 10.20
CA THR A 92 2.74 5.10 9.31
C THR A 92 1.46 5.41 8.55
N LEU A 93 0.67 4.38 8.21
CA LEU A 93 -0.60 4.53 7.55
C LEU A 93 -1.60 5.18 8.51
N LEU A 94 -1.63 4.69 9.75
CA LEU A 94 -2.54 5.18 10.78
C LEU A 94 -2.22 6.63 11.11
N TYR A 95 -0.97 6.91 11.49
CA TYR A 95 -0.58 8.26 11.86
C TYR A 95 -0.69 9.32 10.77
N ALA A 96 -0.61 8.89 9.50
CA ALA A 96 -0.70 9.83 8.39
C ALA A 96 -2.14 10.24 8.13
N MET A 97 -3.11 9.33 8.34
CA MET A 97 -4.49 9.69 8.12
C MET A 97 -5.08 10.33 9.38
N ILE A 98 -4.44 10.13 10.54
CA ILE A 98 -4.84 10.80 11.76
C ILE A 98 -4.46 12.28 11.71
N ASP A 99 -3.37 12.59 11.00
CA ASP A 99 -2.89 13.96 10.86
C ASP A 99 -3.74 14.70 9.81
N GLU A 100 -4.72 14.04 9.21
CA GLU A 100 -5.56 14.63 8.17
C GLU A 100 -7.04 14.36 8.38
N PHE A 101 -7.39 13.40 9.24
CA PHE A 101 -8.78 13.05 9.50
C PHE A 101 -9.09 12.78 10.97
N GLU A 102 -8.06 12.69 11.82
CA GLU A 102 -8.20 12.45 13.26
C GLU A 102 -9.07 11.24 13.56
N THR A 103 -9.05 10.23 12.68
CA THR A 103 -9.92 9.07 12.80
C THR A 103 -9.52 8.20 13.99
N ASN A 104 -8.24 8.25 14.41
CA ASN A 104 -7.72 7.42 15.49
C ASN A 104 -7.94 5.92 15.23
N VAL A 105 -8.20 5.55 13.97
CA VAL A 105 -8.57 4.20 13.55
C VAL A 105 -7.81 3.10 14.28
N GLU A 106 -8.55 2.06 14.70
CA GLU A 106 -8.01 0.90 15.40
C GLU A 106 -8.60 -0.40 14.83
N ASP A 107 -9.34 -0.30 13.73
CA ASP A 107 -10.02 -1.44 13.11
C ASP A 107 -9.11 -2.46 12.42
N ASP A 108 -7.79 -2.37 12.65
CA ASP A 108 -6.80 -3.25 12.06
C ASP A 108 -6.84 -3.39 10.53
N SER A 109 -7.51 -2.44 9.86
CA SER A 109 -7.67 -2.47 8.42
C SER A 109 -6.37 -2.12 7.70
N ALA A 110 -5.36 -1.61 8.42
CA ALA A 110 -4.09 -1.24 7.81
C ALA A 110 -3.12 -2.44 7.74
N LEU A 111 -3.44 -3.55 8.41
CA LEU A 111 -2.57 -4.71 8.42
C LEU A 111 -2.47 -5.36 7.04
N PRO A 112 -3.59 -5.68 6.36
CA PRO A 112 -3.55 -6.28 5.04
C PRO A 112 -3.05 -5.28 4.00
N ILE A 113 -3.09 -3.98 4.32
CA ILE A 113 -2.59 -2.93 3.43
C ILE A 113 -1.07 -2.81 3.56
N ALA A 114 -0.55 -2.98 4.78
CA ALA A 114 0.88 -2.83 5.02
C ALA A 114 1.67 -3.94 4.33
N VAL A 115 1.15 -5.17 4.35
CA VAL A 115 1.82 -6.29 3.69
C VAL A 115 1.70 -6.21 2.18
N GLU A 116 0.66 -5.55 1.68
CA GLU A 116 0.50 -5.39 0.24
C GLU A 116 1.56 -4.45 -0.33
N VAL A 117 2.07 -3.53 0.49
CA VAL A 117 3.13 -2.62 0.07
C VAL A 117 4.43 -3.41 -0.06
N ILE A 118 4.61 -4.42 0.80
CA ILE A 118 5.82 -5.24 0.78
C ILE A 118 5.87 -6.09 -0.48
N ASN A 119 4.70 -6.51 -0.97
CA ASN A 119 4.62 -7.36 -2.16
C ASN A 119 5.03 -6.62 -3.42
N ILE A 120 4.91 -5.28 -3.42
CA ILE A 120 5.30 -4.50 -4.59
C ILE A 120 6.81 -4.55 -4.80
N TYR A 121 7.58 -4.61 -3.71
CA TYR A 121 9.03 -4.64 -3.81
C TYR A 121 9.60 -5.90 -4.44
N ASN A 122 8.95 -7.04 -4.17
CA ASN A 122 9.39 -8.32 -4.68
C ASN A 122 8.98 -8.48 -6.15
N ASP A 123 7.78 -8.02 -6.52
CA ASP A 123 7.29 -8.12 -7.89
C ASP A 123 7.83 -7.09 -8.88
N CYS A 124 8.63 -6.14 -8.40
CA CYS A 124 9.35 -5.23 -9.30
C CYS A 124 10.82 -5.67 -9.39
N PHE A 125 11.25 -6.55 -8.49
CA PHE A 125 12.60 -7.09 -8.47
C PHE A 125 12.81 -8.36 -9.30
N ASN A 126 11.72 -9.11 -9.50
CA ASN A 126 11.75 -10.33 -10.31
C ASN A 126 11.38 -10.03 -11.77
N LEU A 127 11.12 -8.74 -12.06
CA LEU A 127 10.79 -8.24 -13.38
C LEU A 127 9.53 -8.87 -13.98
N ASN A 128 8.73 -9.57 -13.18
CA ASN A 128 7.48 -10.14 -13.69
C ASN A 128 6.42 -9.03 -13.84
N TYR A 129 6.57 -7.96 -13.06
CA TYR A 129 5.73 -6.78 -13.08
C TYR A 129 4.21 -7.02 -13.00
N ASN A 130 3.80 -8.22 -12.58
CA ASN A 130 2.41 -8.64 -12.67
C ASN A 130 1.50 -7.87 -11.71
N LYS A 131 2.00 -7.53 -10.52
CA LYS A 131 1.14 -6.94 -9.50
C LYS A 131 0.94 -5.44 -9.74
N VAL A 132 2.02 -4.71 -10.07
CA VAL A 132 1.88 -3.28 -10.32
C VAL A 132 1.01 -3.05 -11.55
N GLU A 133 1.03 -3.97 -12.51
CA GLU A 133 0.29 -3.81 -13.75
C GLU A 133 -1.19 -4.13 -13.57
N LYS A 134 -1.53 -5.13 -12.75
CA LYS A 134 -2.92 -5.54 -12.59
C LYS A 134 -3.65 -4.63 -11.59
N LEU A 135 -2.96 -4.18 -10.53
CA LEU A 135 -3.60 -3.32 -9.55
C LEU A 135 -3.98 -1.99 -10.18
N TYR A 136 -3.27 -1.59 -11.23
CA TYR A 136 -3.59 -0.37 -11.95
C TYR A 136 -4.89 -0.42 -12.76
N LEU A 137 -5.29 -1.64 -13.16
CA LEU A 137 -6.54 -1.85 -13.89
C LEU A 137 -7.71 -1.88 -12.93
N GLU A 138 -7.49 -2.48 -11.76
CA GLU A 138 -8.49 -2.57 -10.70
C GLU A 138 -8.76 -1.20 -10.08
N TRP A 139 -7.95 -0.20 -10.44
CA TRP A 139 -8.07 1.16 -9.95
C TRP A 139 -8.86 2.07 -10.89
N GLN A 140 -8.94 1.72 -12.18
CA GLN A 140 -9.66 2.54 -13.15
C GLN A 140 -11.14 2.58 -12.82
N GLU A 141 -11.69 1.50 -12.27
CA GLU A 141 -13.11 1.42 -11.96
C GLU A 141 -13.43 2.28 -10.73
N LYS A 142 -12.41 2.59 -9.93
CA LYS A 142 -12.59 3.37 -8.71
C LYS A 142 -12.77 4.85 -9.02
N GLN A 143 -12.43 5.27 -10.23
CA GLN A 143 -12.50 6.67 -10.61
C GLN A 143 -13.46 6.91 -11.78
N ARG A 144 -13.67 5.90 -12.64
CA ARG A 144 -14.54 6.06 -13.80
C ARG A 144 -16.00 5.85 -13.42
N THR A 145 -16.25 5.16 -12.30
CA THR A 145 -17.58 4.85 -11.83
C THR A 145 -17.71 4.72 -10.31
N LYS A 146 -16.65 5.08 -9.58
CA LYS A 146 -16.62 5.07 -8.13
C LYS A 146 -16.99 3.71 -7.54
N LYS A 147 -16.51 2.62 -8.15
CA LYS A 147 -16.79 1.26 -7.71
C LYS A 147 -15.49 0.49 -7.51
N SER A 148 -15.49 -0.55 -6.68
CA SER A 148 -14.30 -1.35 -6.42
C SER A 148 -14.66 -2.81 -6.23
N LYS A 149 -13.74 -3.71 -6.60
CA LYS A 149 -13.92 -5.15 -6.48
C LYS A 149 -13.90 -5.57 -5.01
N ARG A 150 -14.68 -6.60 -4.67
CA ARG A 150 -14.86 -7.04 -3.29
C ARG A 150 -13.75 -7.95 -2.78
N VAL A 151 -12.89 -8.46 -3.67
CA VAL A 151 -11.81 -9.36 -3.28
C VAL A 151 -10.65 -8.66 -2.56
N VAL A 152 -10.80 -7.37 -2.28
CA VAL A 152 -9.82 -6.61 -1.52
C VAL A 152 -9.79 -7.13 -0.08
N HIS A 153 -10.91 -7.69 0.39
CA HIS A 153 -11.02 -8.25 1.72
C HIS A 153 -10.34 -9.61 1.81
N ILE A 154 -10.06 -10.05 3.05
CA ILE A 154 -9.41 -11.32 3.30
C ILE A 154 -10.35 -12.48 2.91
N GLU A 155 -9.79 -13.63 2.58
CA GLU A 155 -10.56 -14.80 2.12
C GLU A 155 -11.32 -15.46 3.27
N GLY A 156 -11.19 -14.95 4.50
CA GLY A 156 -11.86 -15.50 5.67
C GLY A 156 -11.47 -14.74 6.93
N SER A 1 -12.14 -25.06 5.08
CA SER A 1 -10.75 -25.10 4.59
C SER A 1 -10.69 -25.63 3.16
N GLY A 2 -9.56 -25.41 2.49
CA GLY A 2 -9.35 -25.87 1.12
C GLY A 2 -8.23 -25.10 0.43
N SER A 3 -7.95 -25.42 -0.83
CA SER A 3 -6.92 -24.74 -1.60
C SER A 3 -7.33 -23.30 -1.93
N HIS A 4 -8.60 -22.96 -1.71
CA HIS A 4 -9.11 -21.62 -1.96
C HIS A 4 -8.67 -20.62 -0.88
N MET A 5 -7.97 -21.10 0.16
CA MET A 5 -7.49 -20.25 1.24
C MET A 5 -6.29 -19.40 0.80
N SER A 6 -5.86 -19.52 -0.46
CA SER A 6 -4.77 -18.72 -1.01
C SER A 6 -5.15 -17.24 -1.00
N THR A 7 -4.15 -16.35 -0.97
CA THR A 7 -4.37 -14.92 -0.87
C THR A 7 -3.33 -14.08 -1.62
N GLN A 8 -3.60 -12.77 -1.74
CA GLN A 8 -2.79 -11.83 -2.50
C GLN A 8 -1.45 -11.50 -1.83
N TYR A 9 -1.14 -12.11 -0.68
CA TYR A 9 0.04 -11.76 0.08
C TYR A 9 0.63 -12.99 0.79
N ILE A 10 1.77 -12.80 1.46
CA ILE A 10 2.50 -13.88 2.12
C ILE A 10 1.77 -14.34 3.38
N ASP A 11 1.82 -13.53 4.45
CA ASP A 11 1.23 -13.90 5.73
C ASP A 11 0.96 -12.65 6.57
N GLU A 12 0.83 -11.49 5.91
CA GLU A 12 0.62 -10.17 6.53
C GLU A 12 1.69 -9.81 7.56
N THR A 13 2.82 -10.52 7.57
CA THR A 13 3.98 -10.19 8.41
C THR A 13 5.31 -10.11 7.66
N ALA A 14 5.25 -10.28 6.33
CA ALA A 14 6.42 -10.21 5.46
C ALA A 14 7.12 -8.85 5.52
N PHE A 15 8.36 -8.80 5.02
CA PHE A 15 9.16 -7.59 5.00
C PHE A 15 10.15 -7.74 3.84
N VAL A 16 10.92 -6.68 3.60
CA VAL A 16 11.94 -6.64 2.55
C VAL A 16 13.11 -5.84 3.10
N GLN A 17 14.31 -6.14 2.62
CA GLN A 17 15.53 -5.49 3.06
C GLN A 17 16.56 -5.43 1.93
N ALA A 18 17.62 -4.64 2.12
CA ALA A 18 18.71 -4.51 1.16
C ALA A 18 19.38 -5.87 0.93
N GLU A 19 20.09 -5.99 -0.20
CA GLU A 19 20.72 -7.25 -0.60
C GLU A 19 21.79 -7.70 0.40
N GLN A 20 22.68 -6.79 0.80
CA GLN A 20 23.73 -7.09 1.77
C GLN A 20 24.38 -5.83 2.34
N GLY A 21 24.29 -4.70 1.61
CA GLY A 21 24.92 -3.45 2.03
C GLY A 21 24.51 -2.28 1.14
N LYS A 22 23.37 -2.39 0.46
CA LYS A 22 22.89 -1.37 -0.47
C LYS A 22 22.45 -0.12 0.27
N THR A 23 22.28 -0.23 1.60
CA THR A 23 21.82 0.86 2.47
C THR A 23 20.44 1.44 2.18
N ASN A 24 19.77 0.95 1.13
CA ASN A 24 18.45 1.42 0.72
C ASN A 24 17.70 0.32 -0.01
N LEU A 25 16.38 0.44 -0.08
CA LEU A 25 15.53 -0.47 -0.83
C LEU A 25 15.22 0.11 -2.21
N MET A 26 15.72 1.32 -2.50
CA MET A 26 15.57 1.93 -3.81
C MET A 26 16.28 1.10 -4.88
N PHE A 27 15.89 1.27 -6.14
CA PHE A 27 16.43 0.50 -7.25
C PHE A 27 17.39 1.24 -8.18
N SER A 28 18.35 0.51 -8.76
CA SER A 28 19.32 1.10 -9.67
C SER A 28 18.74 1.28 -11.07
N ASP A 29 17.77 0.43 -11.44
CA ASP A 29 17.12 0.50 -12.73
C ASP A 29 15.88 1.38 -12.75
N GLU A 30 15.66 2.09 -13.87
CA GLU A 30 14.53 2.99 -13.99
C GLU A 30 13.21 2.22 -14.07
N LYS A 31 13.26 0.97 -14.54
CA LYS A 31 12.07 0.13 -14.67
C LYS A 31 11.67 -0.44 -13.32
N GLN A 32 12.65 -0.77 -12.48
CA GLN A 32 12.39 -1.36 -11.18
C GLN A 32 11.95 -0.30 -10.18
N GLN A 33 12.52 0.90 -10.27
CA GLN A 33 12.20 1.97 -9.33
C GLN A 33 10.88 2.65 -9.67
N ALA A 34 10.62 2.90 -10.95
CA ALA A 34 9.40 3.59 -11.35
C ALA A 34 8.18 2.72 -11.14
N ARG A 35 8.29 1.41 -11.38
CA ARG A 35 7.17 0.50 -11.17
C ARG A 35 6.89 0.32 -9.67
N PHE A 36 7.91 0.48 -8.83
CA PHE A 36 7.69 0.38 -7.39
C PHE A 36 6.86 1.52 -6.83
N GLU A 37 7.05 2.73 -7.36
CA GLU A 37 6.31 3.90 -6.89
C GLU A 37 4.85 3.83 -7.35
N LEU A 38 4.59 3.19 -8.49
CA LEU A 38 3.23 3.00 -8.97
C LEU A 38 2.53 1.90 -8.18
N GLY A 39 3.25 0.83 -7.84
CA GLY A 39 2.67 -0.31 -7.16
C GLY A 39 2.19 0.04 -5.75
N VAL A 40 2.92 0.93 -5.06
CA VAL A 40 2.54 1.32 -3.71
C VAL A 40 1.32 2.23 -3.75
N SER A 41 1.19 3.02 -4.83
CA SER A 41 0.09 3.95 -4.96
C SER A 41 -1.25 3.22 -5.02
N MET A 42 -1.32 2.14 -5.82
CA MET A 42 -2.55 1.38 -5.99
C MET A 42 -2.95 0.64 -4.71
N VAL A 43 -2.02 0.45 -3.77
CA VAL A 43 -2.33 -0.28 -2.54
C VAL A 43 -3.03 0.64 -1.55
N ILE A 44 -2.71 1.94 -1.55
CA ILE A 44 -3.32 2.87 -0.62
C ILE A 44 -4.80 3.04 -0.92
N TYR A 45 -5.19 2.86 -2.19
CA TYR A 45 -6.57 3.00 -2.61
C TYR A 45 -7.47 1.82 -2.22
N LYS A 46 -6.86 0.70 -1.83
CA LYS A 46 -7.60 -0.47 -1.35
C LYS A 46 -8.08 -0.24 0.09
N TRP A 47 -7.47 0.69 0.80
CA TRP A 47 -7.68 0.83 2.23
C TRP A 47 -9.08 1.39 2.51
N ASP A 48 -9.85 0.64 3.29
CA ASP A 48 -11.19 1.02 3.68
C ASP A 48 -11.27 2.26 4.56
N ALA A 49 -10.38 2.37 5.56
CA ALA A 49 -10.44 3.49 6.50
C ALA A 49 -10.15 4.81 5.78
N LEU A 50 -9.39 4.77 4.69
CA LEU A 50 -9.11 5.96 3.90
C LEU A 50 -10.30 6.26 2.99
N ASP A 51 -10.89 5.21 2.42
CA ASP A 51 -12.03 5.34 1.50
C ASP A 51 -13.26 5.96 2.16
N VAL A 52 -13.52 5.62 3.42
CA VAL A 52 -14.64 6.19 4.15
C VAL A 52 -14.33 7.59 4.68
N ALA A 53 -13.05 7.93 4.84
CA ALA A 53 -12.67 9.24 5.37
C ALA A 53 -12.90 10.34 4.34
N VAL A 54 -12.74 10.00 3.05
CA VAL A 54 -12.96 10.95 1.96
C VAL A 54 -14.45 11.00 1.61
N GLU A 55 -15.20 9.94 1.89
CA GLU A 55 -16.63 9.89 1.58
C GLU A 55 -17.48 10.52 2.68
N ASN A 56 -17.10 10.34 3.95
CA ASN A 56 -17.80 10.96 5.06
C ASN A 56 -17.20 12.32 5.41
N SER A 57 -16.15 12.73 4.70
CA SER A 57 -15.51 14.03 4.88
C SER A 57 -15.13 14.28 6.34
N TRP A 58 -14.30 13.39 6.90
CA TRP A 58 -13.80 13.51 8.26
C TRP A 58 -12.85 14.71 8.42
N GLY A 59 -12.65 15.47 7.34
CA GLY A 59 -11.78 16.64 7.32
C GLY A 59 -12.29 17.67 6.33
N GLY A 60 -11.36 18.43 5.73
CA GLY A 60 -11.70 19.48 4.77
C GLY A 60 -12.11 18.90 3.42
N PRO A 61 -12.49 19.77 2.47
CA PRO A 61 -12.90 19.37 1.12
C PRO A 61 -11.72 18.80 0.33
N ASP A 62 -10.50 19.02 0.80
CA ASP A 62 -9.30 18.46 0.19
C ASP A 62 -9.06 16.99 0.55
N SER A 63 -10.05 16.34 1.16
CA SER A 63 -9.93 14.95 1.57
C SER A 63 -9.66 14.03 0.38
N ALA A 64 -10.08 14.44 -0.82
CA ALA A 64 -9.83 13.68 -2.04
C ALA A 64 -8.41 13.91 -2.56
N GLU A 65 -7.70 14.90 -2.03
CA GLU A 65 -6.34 15.22 -2.44
C GLU A 65 -5.31 14.77 -1.41
N LYS A 66 -5.69 14.71 -0.12
CA LYS A 66 -4.79 14.32 0.94
C LYS A 66 -4.43 12.83 0.86
N ARG A 67 -5.27 12.03 0.20
CA ARG A 67 -5.02 10.61 0.03
C ARG A 67 -3.86 10.37 -0.95
N ASP A 68 -3.50 11.37 -1.75
CA ASP A 68 -2.40 11.27 -2.70
C ASP A 68 -1.04 11.38 -2.03
N TRP A 69 -1.00 11.88 -0.79
CA TRP A 69 0.23 12.02 -0.02
C TRP A 69 0.53 10.79 0.83
N ILE A 70 -0.49 9.97 1.11
CA ILE A 70 -0.34 8.79 1.95
C ILE A 70 0.53 7.73 1.26
N THR A 71 0.62 7.74 -0.07
CA THR A 71 1.46 6.79 -0.79
C THR A 71 2.90 7.34 -0.83
N GLY A 72 3.05 8.66 -0.79
CA GLY A 72 4.37 9.27 -0.93
C GLY A 72 5.24 8.98 0.29
N ILE A 73 4.65 9.02 1.48
CA ILE A 73 5.37 8.79 2.73
C ILE A 73 5.68 7.31 2.93
N VAL A 74 4.94 6.42 2.26
CA VAL A 74 5.18 4.98 2.34
C VAL A 74 6.39 4.63 1.49
N VAL A 75 6.56 5.29 0.35
CA VAL A 75 7.73 5.08 -0.51
C VAL A 75 8.94 5.70 0.19
N ASP A 76 8.72 6.71 1.03
CA ASP A 76 9.79 7.36 1.76
C ASP A 76 10.49 6.50 2.81
N LEU A 77 9.90 5.35 3.15
CA LEU A 77 10.52 4.41 4.06
C LEU A 77 11.59 3.60 3.33
N PHE A 78 11.39 3.38 2.03
CA PHE A 78 12.27 2.56 1.22
C PHE A 78 13.55 3.26 0.77
N LYS A 79 13.56 4.60 0.87
CA LYS A 79 14.69 5.42 0.48
C LYS A 79 15.41 6.02 1.70
N ASN A 80 14.93 5.74 2.91
CA ASN A 80 15.56 6.24 4.13
C ASN A 80 15.94 5.13 5.10
N GLU A 81 15.67 3.87 4.75
CA GLU A 81 16.01 2.72 5.56
C GLU A 81 16.48 1.57 4.68
N LYS A 82 17.29 0.67 5.26
CA LYS A 82 17.81 -0.50 4.55
C LYS A 82 16.90 -1.70 4.73
N VAL A 83 15.73 -1.51 5.34
CA VAL A 83 14.74 -2.57 5.54
C VAL A 83 13.42 -1.92 5.93
N VAL A 84 12.31 -2.52 5.47
CA VAL A 84 10.96 -2.07 5.81
C VAL A 84 10.08 -3.31 5.94
N ASP A 85 9.15 -3.30 6.90
CA ASP A 85 8.25 -4.42 7.11
C ASP A 85 6.81 -3.94 7.19
N ALA A 86 5.85 -4.87 7.20
CA ALA A 86 4.45 -4.52 7.27
C ALA A 86 4.09 -3.95 8.66
N ALA A 87 5.01 -3.99 9.62
CA ALA A 87 4.73 -3.56 10.98
C ALA A 87 4.94 -2.06 11.18
N LEU A 88 5.99 -1.47 10.58
CA LEU A 88 6.20 -0.04 10.71
C LEU A 88 5.44 0.72 9.62
N ILE A 89 5.00 0.03 8.56
CA ILE A 89 4.14 0.65 7.56
C ILE A 89 2.75 0.86 8.15
N GLU A 90 2.30 -0.09 8.96
CA GLU A 90 1.00 -0.01 9.61
C GLU A 90 0.86 1.29 10.40
N GLU A 91 1.84 1.62 11.26
CA GLU A 91 1.73 2.82 12.08
C GLU A 91 1.91 4.08 11.23
N THR A 92 2.64 3.99 10.12
CA THR A 92 2.83 5.13 9.23
C THR A 92 1.54 5.46 8.47
N LEU A 93 0.75 4.44 8.14
CA LEU A 93 -0.55 4.63 7.49
C LEU A 93 -1.52 5.26 8.48
N LEU A 94 -1.55 4.75 9.72
CA LEU A 94 -2.44 5.23 10.76
C LEU A 94 -2.13 6.68 11.09
N TYR A 95 -0.87 6.96 11.47
CA TYR A 95 -0.47 8.31 11.85
C TYR A 95 -0.62 9.38 10.77
N ALA A 96 -0.56 8.97 9.50
CA ALA A 96 -0.66 9.92 8.40
C ALA A 96 -2.12 10.35 8.20
N MET A 97 -3.08 9.44 8.39
CA MET A 97 -4.48 9.81 8.21
C MET A 97 -5.05 10.39 9.51
N ILE A 98 -4.41 10.15 10.66
CA ILE A 98 -4.82 10.76 11.90
C ILE A 98 -4.49 12.25 11.86
N ASP A 99 -3.39 12.58 11.19
CA ASP A 99 -2.95 13.96 11.00
C ASP A 99 -3.74 14.74 9.95
N GLU A 100 -4.74 14.12 9.35
CA GLU A 100 -5.58 14.74 8.32
C GLU A 100 -7.06 14.41 8.50
N PHE A 101 -7.39 13.45 9.35
CA PHE A 101 -8.77 13.03 9.59
C PHE A 101 -9.11 12.78 11.06
N GLU A 102 -8.10 12.76 11.93
CA GLU A 102 -8.26 12.56 13.37
C GLU A 102 -9.07 11.31 13.70
N THR A 103 -9.00 10.29 12.85
CA THR A 103 -9.82 9.08 12.97
C THR A 103 -9.37 8.21 14.14
N ASN A 104 -8.10 8.31 14.55
CA ASN A 104 -7.55 7.45 15.60
C ASN A 104 -7.67 5.95 15.27
N VAL A 105 -7.98 5.65 14.00
CA VAL A 105 -8.28 4.31 13.52
C VAL A 105 -7.45 3.21 14.18
N GLU A 106 -8.16 2.15 14.58
CA GLU A 106 -7.58 1.02 15.31
C GLU A 106 -8.31 -0.29 14.96
N ASP A 107 -9.10 -0.27 13.89
CA ASP A 107 -9.83 -1.43 13.40
C ASP A 107 -8.98 -2.46 12.66
N ASP A 108 -7.65 -2.32 12.72
CA ASP A 108 -6.71 -3.21 12.05
C ASP A 108 -6.84 -3.28 10.53
N SER A 109 -7.51 -2.29 9.93
CA SER A 109 -7.75 -2.23 8.49
C SER A 109 -6.46 -1.95 7.71
N ALA A 110 -5.40 -1.48 8.37
CA ALA A 110 -4.15 -1.15 7.70
C ALA A 110 -3.20 -2.35 7.58
N LEU A 111 -3.52 -3.46 8.23
CA LEU A 111 -2.65 -4.64 8.22
C LEU A 111 -2.56 -5.26 6.82
N PRO A 112 -3.68 -5.55 6.14
CA PRO A 112 -3.65 -6.14 4.81
C PRO A 112 -3.15 -5.13 3.78
N ILE A 113 -3.15 -3.83 4.11
CA ILE A 113 -2.65 -2.79 3.23
C ILE A 113 -1.13 -2.71 3.34
N ALA A 114 -0.60 -2.94 4.54
CA ALA A 114 0.82 -2.81 4.79
C ALA A 114 1.62 -3.90 4.08
N VAL A 115 1.11 -5.13 4.07
CA VAL A 115 1.82 -6.22 3.41
C VAL A 115 1.72 -6.12 1.90
N GLU A 116 0.67 -5.48 1.38
CA GLU A 116 0.55 -5.30 -0.07
C GLU A 116 1.60 -4.33 -0.59
N VAL A 117 2.13 -3.46 0.27
CA VAL A 117 3.20 -2.55 -0.09
C VAL A 117 4.52 -3.34 -0.14
N ILE A 118 4.65 -4.39 0.69
CA ILE A 118 5.85 -5.21 0.72
C ILE A 118 5.94 -6.06 -0.54
N ASN A 119 4.78 -6.45 -1.11
CA ASN A 119 4.75 -7.28 -2.30
C ASN A 119 5.25 -6.54 -3.53
N ILE A 120 5.18 -5.20 -3.51
CA ILE A 120 5.60 -4.40 -4.65
C ILE A 120 7.11 -4.51 -4.85
N TYR A 121 7.87 -4.61 -3.75
CA TYR A 121 9.32 -4.65 -3.83
C TYR A 121 9.91 -5.95 -4.41
N ASN A 122 9.23 -7.07 -4.14
CA ASN A 122 9.69 -8.37 -4.59
C ASN A 122 9.33 -8.59 -6.07
N ASP A 123 8.14 -8.15 -6.48
CA ASP A 123 7.70 -8.35 -7.87
C ASP A 123 8.27 -7.37 -8.89
N CYS A 124 8.71 -6.18 -8.45
CA CYS A 124 9.40 -5.27 -9.35
C CYS A 124 10.85 -5.73 -9.53
N PHE A 125 11.33 -6.57 -8.61
CA PHE A 125 12.65 -7.19 -8.70
C PHE A 125 12.72 -8.49 -9.48
N ASN A 126 11.59 -9.21 -9.56
CA ASN A 126 11.48 -10.45 -10.30
C ASN A 126 11.17 -10.17 -11.77
N LEU A 127 10.99 -8.89 -12.10
CA LEU A 127 10.66 -8.42 -13.44
C LEU A 127 9.38 -9.01 -14.00
N ASN A 128 8.60 -9.71 -13.16
CA ASN A 128 7.34 -10.27 -13.60
C ASN A 128 6.29 -9.17 -13.67
N TYR A 129 6.48 -8.11 -12.88
CA TYR A 129 5.63 -6.94 -12.80
C TYR A 129 4.13 -7.21 -12.60
N ASN A 130 3.77 -8.44 -12.24
CA ASN A 130 2.37 -8.87 -12.24
C ASN A 130 1.54 -8.12 -11.19
N LYS A 131 2.18 -7.70 -10.09
CA LYS A 131 1.47 -7.07 -8.99
C LYS A 131 1.13 -5.62 -9.30
N VAL A 132 2.08 -4.86 -9.85
CA VAL A 132 1.84 -3.45 -10.16
C VAL A 132 1.02 -3.31 -11.45
N GLU A 133 1.17 -4.24 -12.39
CA GLU A 133 0.51 -4.12 -13.68
C GLU A 133 -0.98 -4.47 -13.60
N LYS A 134 -1.38 -5.33 -12.67
CA LYS A 134 -2.78 -5.70 -12.54
C LYS A 134 -3.52 -4.72 -11.64
N LEU A 135 -2.86 -4.25 -10.57
CA LEU A 135 -3.52 -3.34 -9.64
C LEU A 135 -3.79 -1.98 -10.28
N TYR A 136 -3.02 -1.62 -11.31
CA TYR A 136 -3.31 -0.41 -12.05
C TYR A 136 -4.61 -0.46 -12.86
N LEU A 137 -5.08 -1.68 -13.11
CA LEU A 137 -6.33 -1.93 -13.82
C LEU A 137 -7.47 -2.07 -12.82
N GLU A 138 -7.20 -2.74 -11.70
CA GLU A 138 -8.19 -2.93 -10.65
C GLU A 138 -8.41 -1.64 -9.87
N TRP A 139 -7.54 -0.64 -10.04
CA TRP A 139 -7.69 0.66 -9.43
C TRP A 139 -8.69 1.55 -10.17
N GLN A 140 -8.90 1.28 -11.46
CA GLN A 140 -9.78 2.08 -12.29
C GLN A 140 -11.23 1.95 -11.83
N GLU A 141 -11.56 0.83 -11.19
CA GLU A 141 -12.91 0.62 -10.67
C GLU A 141 -13.03 1.09 -9.22
N LYS A 142 -11.91 1.34 -8.54
CA LYS A 142 -11.96 1.87 -7.18
C LYS A 142 -12.49 3.30 -7.18
N GLN A 143 -12.52 3.93 -8.36
CA GLN A 143 -12.93 5.32 -8.48
C GLN A 143 -14.23 5.46 -9.27
N ARG A 144 -14.61 4.44 -10.05
CA ARG A 144 -15.84 4.51 -10.86
C ARG A 144 -17.07 4.15 -10.02
N THR A 145 -16.85 3.43 -8.91
CA THR A 145 -17.92 2.94 -8.06
C THR A 145 -17.55 2.83 -6.58
N LYS A 146 -16.33 3.28 -6.23
CA LYS A 146 -15.85 3.30 -4.85
C LYS A 146 -15.89 1.93 -4.17
N LYS A 147 -15.80 0.85 -4.96
CA LYS A 147 -15.84 -0.51 -4.45
C LYS A 147 -15.08 -1.46 -5.37
N SER A 148 -14.33 -2.39 -4.78
CA SER A 148 -13.57 -3.39 -5.52
C SER A 148 -13.13 -4.54 -4.62
N LYS A 149 -13.75 -4.68 -3.45
CA LYS A 149 -13.34 -5.64 -2.43
C LYS A 149 -13.50 -7.08 -2.91
N ARG A 150 -12.59 -7.95 -2.46
CA ARG A 150 -12.59 -9.37 -2.82
C ARG A 150 -12.06 -10.25 -1.68
N VAL A 151 -11.80 -9.66 -0.52
CA VAL A 151 -11.23 -10.38 0.63
C VAL A 151 -12.15 -11.44 1.22
N VAL A 152 -13.40 -11.52 0.73
CA VAL A 152 -14.33 -12.56 1.14
C VAL A 152 -13.91 -13.93 0.61
N HIS A 153 -12.98 -13.95 -0.36
CA HIS A 153 -12.46 -15.16 -0.96
C HIS A 153 -11.44 -15.90 -0.11
N ILE A 154 -11.47 -15.60 1.18
CA ILE A 154 -10.54 -16.13 2.15
C ILE A 154 -11.27 -16.44 3.46
N GLU A 155 -10.78 -17.41 4.21
CA GLU A 155 -11.38 -17.84 5.47
C GLU A 155 -10.32 -18.21 6.50
N GLY A 156 -9.04 -17.95 6.20
CA GLY A 156 -7.93 -18.25 7.08
C GLY A 156 -7.94 -17.33 8.31
#